data_6UDJ
#
_entry.id   6UDJ
#
_cell.length_a   1.00
_cell.length_b   1.00
_cell.length_c   1.00
_cell.angle_alpha   90.00
_cell.angle_beta   90.00
_cell.angle_gamma   90.00
#
_symmetry.space_group_name_H-M   'P 1'
#
loop_
_entity.id
_entity.type
_entity.pdbx_description
1 polymer '10-1074 Fab Heavy Chain'
2 polymer '1-18 Fab Light Chain'
3 polymer '10-1074 Fab Light Chain'
4 polymer '1-18 Fab Heavy Chain'
5 polymer 'Envelope glycoprotein gp41'
6 polymer 'Envelope glycoprotein gp120'
7 branched alpha-D-mannopyranose-(1-2)-alpha-D-mannopyranose-(1-2)-alpha-D-mannopyranose-(1-3)-[alpha-D-mannopyranose-(1-3)-[alpha-D-mannopyranose-(1-6)]alpha-D-mannopyranose-(1-6)]beta-D-mannopyranose-(1-4)-2-acetamido-2-deoxy-beta-D-glucopyranose-(1-4)-2-acetamido-2-deoxy-beta-D-glucopyranose
8 branched 2-acetamido-2-deoxy-beta-D-glucopyranose-(1-4)-2-acetamido-2-deoxy-beta-D-glucopyranose
9 branched alpha-D-mannopyranose-(1-3)-[alpha-D-mannopyranose-(1-6)]beta-D-mannopyranose-(1-4)-2-acetamido-2-deoxy-beta-D-glucopyranose-(1-4)-2-acetamido-2-deoxy-beta-D-glucopyranose
10 branched alpha-D-mannopyranose-(1-6)-beta-D-mannopyranose-(1-4)-2-acetamido-2-deoxy-beta-D-glucopyranose-(1-4)-2-acetamido-2-deoxy-beta-D-glucopyranose
11 branched alpha-D-mannopyranose-(1-3)-alpha-D-mannopyranose-(1-6)-[alpha-D-mannopyranose-(1-3)]beta-D-mannopyranose-(1-4)-2-acetamido-2-deoxy-beta-D-glucopyranose-(1-4)-2-acetamido-2-deoxy-beta-D-glucopyranose
12 branched beta-D-mannopyranose-(1-4)-2-acetamido-2-deoxy-beta-D-glucopyranose-(1-4)-2-acetamido-2-deoxy-beta-D-glucopyranose
13 non-polymer 2-acetamido-2-deoxy-beta-D-glucopyranose
14 water water
#
loop_
_entity_poly.entity_id
_entity_poly.type
_entity_poly.pdbx_seq_one_letter_code
_entity_poly.pdbx_strand_id
1 'polypeptide(L)'
;QVQLQESGPGLVKPSETLSVTCSVSGDSMNNYYWTWIRQSPGKGLEWIGYISDRESATYNPSLNSRVVISRDTSKNQLSL
KLNSVTPADTAVYYCATARRGQRIYGVVSFGEFFYYYSMDVWGKGTTVTVSSASTKGPSVFPLAPSSKSTSGGTAALGCL
VKDYFPEPVTVSWNSGALTSGVHTFPAVLQSSGLYSLSSVVTVPSSSLGTQTYICNVNHKPSNTKVDKRVEPKSCDKT
;
A,K,Q
2 'polypeptide(L)'
;MGWSCIILFLVATATGVAGEVVLTQSPAILSVSPGDRVILSCRASQGLDSSHLAWYRFKRGQIPTLVIFGTSNRARGTPD
RFSGSGSGADFTLTISRVEPEDFATYYCQRYGGTPITFGGGTTLDKKRTVAAPSVFIFPPSDEQLKSGTASVVCLLNNFY
PREAKVQWKVDNALQSGNSQESVTEQDSKDSTYSLSSTLTLSKADYEKHKVYACEVTHQGLSSPVTKSFNRGEC
;
E,O,I
3 'polypeptide(L)'
;SYVRPLSVALGETARISCGRQALGSRAVQWYQHRPGQAPILLIYNNQDRPSGIPERFSGTPDINFGTRATLTISGVEAGD
EADYYCHMWDSRSGFSWSFGGATRLTVLGQPKAAPSVTLFPPSSEELQANKATLVCLISDFYPGAVTVAWKADSSPVKAG
VETTTPSKQSNNKYAASSYLSLTPEQWKSHRSYSCQVTHEGSTVEKTVAPTECS
;
B,L,R
4 'polypeptide(L)'
;MGWSCIILFLVATATGAHSQGRLFQSGAEVKRPGASVRISCRADDDPYTDDDTFTKYWTHWIRQAPGQRPEWLGVISPHF
ARPIYSYKFRDRLTLTRDSSLTAVYLELKGLQPDDSGIYFCARDPFGDRAPHYNYHMDVWGGGTAVIVSSASTKGPSVFP
LAPSSKSTSGGTAALGCLVKDYFPEPVTVSWNSGALTSGVHTFPAVLQSSGLYSLSSVVTVPSSSLGTQTYICNVNHKPS
NTKVDKRVEPKSCDKTHTCPPCPAPELLGGPSVFLFPPKPKDTLMISRTPEVTCVVVDVSHEDPEVKFNWYVDGVEVHNA
KTKPREEQYNSTYRVVSVLTVLHQDWLNGKEYKCKVSNKALPAPIEKTISKAKGQPREPQVYTLPPSREEMTKNQVSLTC
LVKGFYPSDIAVEWESNGQPENNYKTTPPVLDSDGSFFLYSKLTVDKSRWQQGNVFSCSVMHEALHNHYTQKSLSLSPGK
;
D,N,H
5 'polypeptide(L)'
;AVGIGAVFLGFLGAAGSTMGAASMTLTVQARNLLSGIVQQQSNLLRAPEAQQHLLKLTVWGIKQLQARVLAVERYLRDQQ
LLGIWGCSGKLICCTNVPWNSSWSNRNLSEIWDNMTWLQWDKEISNYTQIIYGLLEESQNQQEKNEQDLLALD
;
C,M,F
6 'polypeptide(L)'
;NLWVTVYYGVPVWKDAETTLFCASDAKAYETEKHNVWATHACVPTDPNPQEIHLENVTEEFNMWKNNMVEQMHTDIISLW
DQSLKPCVKLTPLCVTLQCTNVTNNITDDMRGELKNCSFNMTTELRDKKQKVYSLFYRLDVVQINENQGNRSNNSNKEYR
LINCNTSAITQACPKVSFEPIPIHYCAPAGFAILKCKDKKFNGTGPCPSVSTVQCTHGIKPVVSTQLLLNGSLAEEEVMI
RSENITNNAKNILVQFNTPVQINCTRPNNNTRKSIRIGPGQAFYATGDIIGDIRQAHCNVSKATWNETLGKVVKQLRKHF
GNNTIIRFANSSGGDLEVTTHSFNCGGEFFYCNTSGLFNSTWISNTSVQGSNSTGSNDSITLPCRIKQIINMWQRIGQAM
YAPPIQGVIRCVSNITGLILTRDGGSTNSTTETFRPGGGDMRDNWRSELYKYKVVKIEPLGVAPTRCKRRVVGRRRRRR
;
G,J,P
#
# COMPACT_ATOMS: atom_id res chain seq x y z
N GLN A 1 80.93 -7.37 8.40
CA GLN A 1 80.87 -6.91 9.78
C GLN A 1 80.86 -5.39 9.84
N VAL A 2 80.02 -4.84 10.71
CA VAL A 2 79.89 -3.39 10.88
C VAL A 2 80.08 -3.07 12.35
N GLN A 3 81.01 -2.17 12.64
CA GLN A 3 81.33 -1.77 14.00
C GLN A 3 80.66 -0.44 14.31
N LEU A 4 79.89 -0.39 15.39
CA LEU A 4 79.29 0.85 15.85
C LEU A 4 79.85 1.17 17.22
N GLN A 5 80.33 2.39 17.39
CA GLN A 5 80.92 2.81 18.66
C GLN A 5 80.54 4.26 18.91
N GLU A 6 80.03 4.52 20.11
CA GLU A 6 79.50 5.84 20.40
C GLU A 6 80.57 6.76 20.98
N SER A 7 80.18 8.01 21.19
CA SER A 7 81.04 9.01 21.78
C SER A 7 80.18 10.11 22.38
N GLY A 8 80.60 10.66 23.51
CA GLY A 8 79.87 11.72 24.16
C GLY A 8 80.56 12.22 25.42
N PRO A 9 80.16 13.41 25.88
CA PRO A 9 80.74 13.92 27.14
C PRO A 9 80.27 13.17 28.36
N GLY A 10 78.98 12.84 28.45
CA GLY A 10 78.44 12.15 29.58
C GLY A 10 77.81 13.04 30.64
N LEU A 11 78.22 14.30 30.73
CA LEU A 11 77.79 15.21 31.78
C LEU A 11 77.55 16.58 31.15
N VAL A 12 76.30 16.90 30.83
CA VAL A 12 75.95 18.23 30.35
C VAL A 12 74.84 18.81 31.24
N LYS A 13 74.76 20.14 31.25
CA LYS A 13 73.84 20.89 32.08
C LYS A 13 72.53 21.14 31.35
N PRO A 14 71.42 21.29 32.09
CA PRO A 14 70.11 21.40 31.44
C PRO A 14 69.92 22.69 30.65
N SER A 15 68.89 22.65 29.80
CA SER A 15 68.42 23.75 28.95
C SER A 15 69.50 24.24 27.97
N GLU A 16 70.32 23.33 27.45
CA GLU A 16 71.18 23.60 26.30
C GLU A 16 71.15 22.38 25.39
N THR A 17 72.12 22.31 24.48
CA THR A 17 72.20 21.20 23.55
C THR A 17 72.89 20.01 24.20
N LEU A 18 72.60 18.83 23.66
CA LEU A 18 73.18 17.56 24.10
C LEU A 18 73.63 16.82 22.85
N SER A 19 74.92 16.59 22.73
CA SER A 19 75.49 15.97 21.55
C SER A 19 76.02 14.59 21.90
N VAL A 20 75.51 13.57 21.21
CA VAL A 20 76.09 12.24 21.23
C VAL A 20 76.40 11.87 19.78
N THR A 21 77.62 11.44 19.52
CA THR A 21 77.99 11.03 18.17
C THR A 21 78.21 9.52 18.11
N CYS A 22 78.22 9.01 16.87
CA CYS A 22 78.27 7.58 16.61
C CYS A 22 79.19 7.33 15.43
N SER A 23 80.33 6.70 15.69
CA SER A 23 81.32 6.43 14.67
C SER A 23 81.25 4.97 14.27
N VAL A 24 81.26 4.72 12.96
CA VAL A 24 81.15 3.39 12.40
C VAL A 24 82.49 3.00 11.79
N SER A 25 82.97 1.82 12.17
CA SER A 25 84.16 1.20 11.60
C SER A 25 83.74 -0.05 10.83
N GLY A 26 84.69 -0.59 10.08
CA GLY A 26 84.45 -1.79 9.31
C GLY A 26 84.14 -1.54 7.84
N ASP A 27 83.24 -0.60 7.56
CA ASP A 27 82.88 -0.24 6.18
C ASP A 27 82.19 1.11 6.19
N SER A 28 81.68 1.52 5.03
CA SER A 28 81.01 2.79 4.82
C SER A 28 79.51 2.64 5.02
N MET A 29 78.74 3.63 4.55
CA MET A 29 77.30 3.77 4.81
C MET A 29 76.45 3.19 3.67
N ASN A 30 76.89 2.03 3.15
CA ASN A 30 76.31 1.46 1.93
C ASN A 30 74.85 1.05 2.11
N ASN A 31 74.58 0.09 2.99
CA ASN A 31 73.32 -0.64 2.99
C ASN A 31 72.25 -0.06 3.89
N TYR A 32 72.58 0.91 4.73
CA TYR A 32 72.00 0.97 6.06
C TYR A 32 71.16 2.20 6.33
N TYR A 33 70.14 2.02 7.16
CA TYR A 33 69.51 3.13 7.86
C TYR A 33 70.20 3.31 9.20
N TRP A 34 70.13 4.51 9.76
CA TRP A 34 70.82 4.79 11.01
C TRP A 34 69.85 5.42 12.00
N THR A 35 69.74 4.84 13.18
CA THR A 35 68.72 5.24 14.13
C THR A 35 69.33 5.40 15.51
N TRP A 36 68.58 6.06 16.38
CA TRP A 36 69.01 6.33 17.75
C TRP A 36 67.97 5.87 18.74
N ILE A 37 68.42 5.23 19.82
CA ILE A 37 67.55 4.75 20.88
C ILE A 37 68.06 5.33 22.19
N ARG A 38 67.16 5.59 23.13
CA ARG A 38 67.56 5.95 24.48
C ARG A 38 66.78 5.11 25.49
N GLN A 39 67.40 4.90 26.64
CA GLN A 39 66.74 4.19 27.73
C GLN A 39 67.04 4.90 29.03
N SER A 40 66.07 5.49 29.58
CA SER A 40 66.01 6.17 30.85
C SER A 40 65.76 5.17 31.97
N PRO A 41 66.23 5.44 33.19
CA PRO A 41 65.92 4.53 34.30
C PRO A 41 64.47 4.66 34.73
N GLY A 42 63.87 3.52 35.06
CA GLY A 42 62.48 3.46 35.45
C GLY A 42 61.52 3.26 34.30
N LYS A 43 61.93 3.58 33.07
CA LYS A 43 61.11 3.37 31.89
C LYS A 43 61.85 2.44 30.93
N GLY A 44 61.14 2.02 29.88
CA GLY A 44 61.69 1.12 28.90
C GLY A 44 62.52 1.83 27.84
N LEU A 45 62.68 1.16 26.70
CA LEU A 45 63.39 1.73 25.58
C LEU A 45 62.54 2.81 24.91
N GLU A 46 63.18 3.58 24.04
CA GLU A 46 62.48 4.63 23.30
C GLU A 46 63.19 4.88 21.99
N TRP A 47 62.51 4.60 20.88
CA TRP A 47 62.98 4.97 19.56
C TRP A 47 62.80 6.46 19.41
N ILE A 48 63.83 7.18 18.98
CA ILE A 48 63.75 8.62 18.88
C ILE A 48 63.87 9.12 17.44
N GLY A 49 64.56 8.41 16.56
CA GLY A 49 64.60 8.85 15.18
C GLY A 49 65.55 8.01 14.36
N TYR A 50 65.53 8.29 13.06
CA TYR A 50 66.28 7.53 12.07
C TYR A 50 66.46 8.36 10.81
N ILE A 51 67.55 8.10 10.09
CA ILE A 51 67.88 8.73 8.82
C ILE A 51 68.46 7.67 7.89
N SER A 52 68.68 8.07 6.64
CA SER A 52 69.26 7.19 5.64
C SER A 52 70.08 8.03 4.67
N ASP A 53 70.40 7.46 3.50
CA ASP A 53 71.08 8.20 2.44
C ASP A 53 70.15 9.13 1.68
N ARG A 54 68.86 9.12 2.00
CA ARG A 54 67.96 10.18 1.56
C ARG A 54 68.25 11.50 2.27
N GLU A 55 68.93 11.44 3.42
CA GLU A 55 68.95 12.49 4.43
C GLU A 55 67.54 12.96 4.77
N SER A 56 66.65 12.00 4.97
CA SER A 56 65.27 12.24 5.38
C SER A 56 65.21 12.04 6.90
N ALA A 57 65.26 13.15 7.62
CA ALA A 57 65.22 13.07 9.09
C ALA A 57 63.79 12.90 9.59
N THR A 58 63.49 11.75 10.16
CA THR A 58 62.18 11.47 10.73
C THR A 58 62.35 11.25 12.23
N TYR A 59 61.54 11.95 13.02
CA TYR A 59 61.63 11.88 14.47
C TYR A 59 60.34 11.33 15.07
N ASN A 60 60.46 10.87 16.30
CA ASN A 60 59.31 10.50 17.10
C ASN A 60 58.43 11.71 17.35
N PRO A 61 57.11 11.60 17.16
CA PRO A 61 56.21 12.69 17.57
C PRO A 61 56.15 12.91 19.08
N SER A 62 56.64 11.97 19.89
CA SER A 62 56.76 12.14 21.33
C SER A 62 58.10 12.77 21.72
N LEU A 63 58.80 13.36 20.77
CA LEU A 63 60.13 13.89 21.00
C LEU A 63 60.18 15.40 20.76
N ASN A 64 59.03 16.04 20.54
CA ASN A 64 58.79 17.48 20.55
C ASN A 64 59.50 18.24 19.42
N SER A 65 60.18 17.53 18.50
CA SER A 65 60.96 18.09 17.38
C SER A 65 62.00 19.12 17.83
N ARG A 66 62.62 18.89 19.00
CA ARG A 66 63.77 19.66 19.45
C ARG A 66 65.08 19.00 19.08
N VAL A 67 65.06 18.01 18.20
CA VAL A 67 66.13 17.05 18.05
C VAL A 67 66.59 17.08 16.59
N VAL A 68 67.92 17.04 16.39
CA VAL A 68 68.53 16.98 15.08
C VAL A 68 69.33 15.69 15.01
N ILE A 69 69.16 14.95 13.92
CA ILE A 69 69.97 13.78 13.62
C ILE A 69 70.64 14.03 12.27
N SER A 70 71.96 13.93 12.24
CA SER A 70 72.72 14.32 11.05
C SER A 70 73.73 13.23 10.69
N ARG A 71 74.23 13.32 9.47
CA ARG A 71 75.20 12.35 8.96
C ARG A 71 76.05 13.00 7.89
N ASP A 72 77.32 12.61 7.82
CA ASP A 72 78.21 13.06 6.76
C ASP A 72 79.13 11.90 6.37
N THR A 73 79.24 11.64 5.07
CA THR A 73 80.09 10.57 4.58
C THR A 73 81.55 10.98 4.42
N SER A 74 81.88 12.26 4.68
CA SER A 74 83.27 12.66 4.67
C SER A 74 84.02 12.08 5.86
N LYS A 75 83.42 12.17 7.05
CA LYS A 75 84.06 11.65 8.26
C LYS A 75 83.50 10.29 8.64
N ASN A 76 82.45 9.82 7.93
CA ASN A 76 81.85 8.49 8.07
C ASN A 76 81.37 8.23 9.50
N GLN A 77 80.54 9.13 10.01
CA GLN A 77 79.97 9.02 11.35
C GLN A 77 78.73 9.89 11.41
N LEU A 78 77.78 9.52 12.27
CA LEU A 78 76.54 10.27 12.40
C LEU A 78 76.45 10.88 13.80
N SER A 79 75.45 11.75 13.97
CA SER A 79 75.43 12.59 15.15
C SER A 79 74.00 12.91 15.59
N LEU A 80 73.85 13.18 16.88
CA LEU A 80 72.58 13.41 17.53
C LEU A 80 72.72 14.62 18.44
N LYS A 81 71.88 15.64 18.22
CA LYS A 81 71.91 16.86 19.01
C LYS A 81 70.50 17.20 19.48
N LEU A 82 70.28 17.10 20.79
CA LEU A 82 68.99 17.36 21.41
C LEU A 82 69.00 18.72 22.08
N ASN A 83 68.11 19.60 21.63
CA ASN A 83 68.01 20.95 22.18
C ASN A 83 67.05 20.95 23.36
N SER A 84 67.30 21.89 24.29
CA SER A 84 66.45 22.20 25.45
C SER A 84 66.25 20.96 26.35
N VAL A 85 67.36 20.48 26.89
CA VAL A 85 67.34 19.26 27.70
C VAL A 85 66.93 19.58 29.13
N THR A 86 66.04 18.79 29.68
CA THR A 86 65.62 18.77 31.09
C THR A 86 66.36 17.67 31.83
N PRO A 87 66.41 17.73 33.17
CA PRO A 87 67.05 16.63 33.93
C PRO A 87 66.35 15.29 33.86
N ALA A 88 65.15 15.21 33.30
CA ALA A 88 64.47 13.93 33.11
C ALA A 88 64.99 13.15 31.91
N ASP A 89 65.97 13.68 31.19
CA ASP A 89 66.48 13.09 29.97
C ASP A 89 67.83 12.39 30.16
N THR A 90 68.16 12.00 31.38
CA THR A 90 69.36 11.21 31.61
C THR A 90 69.09 9.75 31.27
N ALA A 91 69.98 9.16 30.47
CA ALA A 91 69.67 7.88 29.85
C ALA A 91 70.93 7.25 29.28
N VAL A 92 70.82 5.99 28.89
CA VAL A 92 71.81 5.34 28.06
C VAL A 92 71.39 5.53 26.61
N TYR A 93 72.30 5.98 25.78
CA TYR A 93 72.01 6.35 24.39
C TYR A 93 72.69 5.33 23.49
N TYR A 94 71.88 4.55 22.79
CA TYR A 94 72.35 3.56 21.85
C TYR A 94 72.24 4.11 20.44
N CYS A 95 73.25 3.82 19.62
CA CYS A 95 73.23 4.08 18.20
C CYS A 95 73.07 2.74 17.51
N ALA A 96 72.08 2.64 16.63
CA ALA A 96 71.78 1.38 15.98
C ALA A 96 71.65 1.58 14.48
N THR A 97 71.79 0.50 13.73
CA THR A 97 71.50 0.54 12.31
C THR A 97 70.26 -0.30 12.03
N ALA A 98 69.48 0.18 11.06
CA ALA A 98 68.15 -0.34 10.79
C ALA A 98 68.04 -0.81 9.35
N ARG A 99 67.42 -1.99 9.20
CA ARG A 99 67.08 -2.57 7.92
C ARG A 99 65.61 -2.31 7.65
N ARG A 100 65.29 -1.95 6.41
CA ARG A 100 63.90 -1.75 6.01
C ARG A 100 63.40 -2.99 5.31
N GLY A 101 62.25 -3.49 5.74
CA GLY A 101 61.56 -4.54 5.02
C GLY A 101 60.20 -4.05 4.60
N GLN A 102 59.60 -4.64 3.58
CA GLN A 102 58.22 -4.32 3.22
C GLN A 102 57.35 -5.55 3.36
N ARG A 103 56.32 -5.42 4.18
CA ARG A 103 55.34 -6.45 4.40
C ARG A 103 54.21 -6.25 3.40
N ILE A 104 54.03 -7.22 2.50
CA ILE A 104 53.08 -7.13 1.42
C ILE A 104 51.90 -8.04 1.73
N TYR A 105 50.71 -7.46 1.79
CA TYR A 105 49.52 -8.21 2.09
C TYR A 105 48.50 -8.23 0.96
N GLY A 106 48.63 -7.36 -0.02
CA GLY A 106 47.69 -7.31 -1.14
C GLY A 106 48.37 -6.97 -2.42
N VAL A 107 47.71 -6.17 -3.25
CA VAL A 107 48.25 -5.77 -4.55
C VAL A 107 49.24 -4.63 -4.35
N VAL A 108 50.46 -4.79 -4.85
CA VAL A 108 51.45 -3.74 -4.68
C VAL A 108 51.20 -2.54 -5.59
N SER A 109 50.40 -2.68 -6.64
CA SER A 109 50.03 -1.53 -7.46
C SER A 109 49.08 -0.61 -6.72
N PHE A 110 48.30 -1.15 -5.78
CA PHE A 110 47.38 -0.35 -5.00
C PHE A 110 48.02 0.19 -3.73
N GLY A 111 49.30 -0.07 -3.53
CA GLY A 111 49.98 0.36 -2.32
C GLY A 111 49.65 -0.45 -1.10
N GLU A 112 49.36 -1.74 -1.28
CA GLU A 112 48.92 -2.58 -0.17
C GLU A 112 50.12 -3.32 0.42
N PHE A 113 50.94 -2.53 1.10
CA PHE A 113 52.10 -3.02 1.82
C PHE A 113 52.39 -2.00 2.91
N PHE A 114 53.36 -2.33 3.76
CA PHE A 114 53.92 -1.30 4.63
C PHE A 114 55.40 -1.55 4.83
N TYR A 115 56.10 -0.53 5.31
CA TYR A 115 57.51 -0.64 5.61
C TYR A 115 57.70 -0.79 7.11
N TYR A 116 58.66 -1.62 7.49
CA TYR A 116 59.00 -1.82 8.88
C TYR A 116 60.51 -1.83 9.03
N TYR A 117 60.98 -1.56 10.23
CA TYR A 117 62.42 -1.41 10.49
C TYR A 117 62.87 -2.40 11.54
N SER A 118 63.95 -3.10 11.23
CA SER A 118 64.58 -4.08 12.10
C SER A 118 65.94 -3.56 12.49
N MET A 119 66.14 -3.28 13.78
CA MET A 119 67.42 -2.81 14.29
C MET A 119 68.27 -4.02 14.64
N ASP A 120 69.19 -4.39 13.75
CA ASP A 120 69.91 -5.66 13.87
C ASP A 120 71.27 -5.53 14.56
N VAL A 121 72.08 -4.55 14.15
CA VAL A 121 73.40 -4.33 14.76
C VAL A 121 73.30 -3.06 15.60
N TRP A 122 73.69 -3.17 16.87
CA TRP A 122 73.52 -2.12 17.85
C TRP A 122 74.88 -1.63 18.36
N GLY A 123 74.81 -0.80 19.41
CA GLY A 123 75.98 -0.41 20.16
C GLY A 123 75.71 -0.52 21.65
N LYS A 124 76.75 -0.24 22.43
CA LYS A 124 76.64 -0.42 23.89
C LYS A 124 76.01 0.76 24.59
N GLY A 125 76.16 1.97 24.07
CA GLY A 125 75.46 3.11 24.60
C GLY A 125 76.35 4.01 25.45
N THR A 126 75.99 5.29 25.48
CA THR A 126 76.59 6.26 26.38
C THR A 126 75.71 6.41 27.61
N THR A 127 76.34 6.63 28.76
CA THR A 127 75.57 6.88 29.97
C THR A 127 75.60 8.38 30.20
N VAL A 128 74.62 9.07 29.64
CA VAL A 128 74.57 10.54 29.67
C VAL A 128 73.70 10.96 30.85
N THR A 129 74.30 11.74 31.73
CA THR A 129 73.61 12.31 32.88
C THR A 129 73.40 13.80 32.62
N VAL A 130 72.24 14.32 33.02
CA VAL A 130 71.94 15.74 32.89
C VAL A 130 71.59 16.29 34.27
N SER A 131 72.43 17.20 34.75
CA SER A 131 72.28 17.86 36.04
C SER A 131 73.20 19.06 36.06
N SER A 132 72.76 20.14 36.71
CA SER A 132 73.65 21.27 36.95
C SER A 132 74.61 21.00 38.10
N ALA A 133 74.25 20.11 39.03
CA ALA A 133 75.12 19.75 40.14
C ALA A 133 76.33 18.97 39.66
N GLN B 1 -27.22 -15.31 75.14
CA GLN B 1 -26.85 -14.00 75.64
C GLN B 1 -25.35 -13.91 75.93
N VAL B 2 -24.78 -12.72 75.75
CA VAL B 2 -23.40 -12.45 76.09
C VAL B 2 -23.36 -11.12 76.84
N GLN B 3 -22.87 -11.14 78.07
CA GLN B 3 -22.59 -9.94 78.84
C GLN B 3 -21.10 -9.66 78.72
N LEU B 4 -20.72 -8.40 78.70
CA LEU B 4 -19.30 -8.05 78.77
C LEU B 4 -19.14 -6.72 79.47
N GLN B 5 -18.16 -6.64 80.35
CA GLN B 5 -17.91 -5.48 81.17
C GLN B 5 -16.43 -5.17 81.15
N GLU B 6 -16.09 -3.91 80.93
CA GLU B 6 -14.69 -3.52 80.85
C GLU B 6 -14.12 -3.27 82.24
N SER B 7 -12.81 -3.07 82.28
CA SER B 7 -12.12 -2.71 83.50
C SER B 7 -10.82 -2.01 83.12
N GLY B 8 -10.41 -1.04 83.94
CA GLY B 8 -9.20 -0.32 83.68
C GLY B 8 -8.85 0.65 84.80
N PRO B 9 -7.59 1.10 84.84
CA PRO B 9 -7.22 2.08 85.87
C PRO B 9 -7.78 3.46 85.61
N GLY B 10 -7.64 3.98 84.39
CA GLY B 10 -8.05 5.33 84.07
C GLY B 10 -6.98 6.38 84.29
N LEU B 11 -5.94 6.03 85.04
CA LEU B 11 -4.88 6.97 85.42
C LEU B 11 -3.57 6.40 84.90
N VAL B 12 -3.08 6.94 83.79
CA VAL B 12 -1.85 6.47 83.16
C VAL B 12 -1.00 7.66 82.76
N LYS B 13 0.26 7.64 83.23
CA LYS B 13 1.30 8.59 82.89
C LYS B 13 1.78 8.33 81.46
N PRO B 14 2.14 9.37 80.71
CA PRO B 14 2.61 9.17 79.34
C PRO B 14 3.92 8.39 79.23
N SER B 15 4.19 7.96 78.00
CA SER B 15 5.41 7.23 77.60
C SER B 15 5.58 5.91 78.35
N GLU B 16 4.48 5.19 78.59
CA GLU B 16 4.52 3.84 79.11
C GLU B 16 3.39 3.04 78.47
N THR B 17 3.12 1.85 79.02
CA THR B 17 2.03 1.03 78.53
C THR B 17 0.71 1.44 79.18
N LEU B 18 -0.39 1.12 78.49
CA LEU B 18 -1.73 1.23 79.05
C LEU B 18 -2.44 -0.09 78.82
N SER B 19 -3.10 -0.59 79.86
CA SER B 19 -3.82 -1.85 79.84
C SER B 19 -5.28 -1.61 80.17
N VAL B 20 -6.16 -2.05 79.28
CA VAL B 20 -7.60 -2.14 79.53
C VAL B 20 -8.00 -3.59 79.33
N THR B 21 -8.82 -4.11 80.23
CA THR B 21 -9.26 -5.50 80.12
C THR B 21 -10.78 -5.56 79.97
N CYS B 22 -11.27 -6.74 79.58
CA CYS B 22 -12.67 -6.93 79.22
C CYS B 22 -13.09 -8.31 79.70
N SER B 23 -13.95 -8.36 80.71
CA SER B 23 -14.40 -9.62 81.26
C SER B 23 -15.78 -9.94 80.69
N VAL B 24 -15.90 -11.12 80.08
CA VAL B 24 -17.13 -11.56 79.46
C VAL B 24 -17.85 -12.54 80.38
N SER B 25 -19.11 -12.26 80.66
CA SER B 25 -19.97 -13.10 81.46
C SER B 25 -21.08 -13.67 80.59
N GLY B 26 -21.70 -14.73 81.08
CA GLY B 26 -22.82 -15.34 80.37
C GLY B 26 -22.46 -16.64 79.69
N ASP B 27 -21.33 -16.69 78.99
CA ASP B 27 -20.88 -17.91 78.31
C ASP B 27 -19.39 -17.80 78.02
N SER B 28 -18.87 -18.77 77.26
CA SER B 28 -17.47 -18.88 76.93
C SER B 28 -17.20 -18.20 75.58
N MET B 29 -16.06 -18.54 74.96
CA MET B 29 -15.56 -17.91 73.74
C MET B 29 -15.98 -18.69 72.49
N ASN B 30 -17.23 -19.17 72.49
CA ASN B 30 -17.70 -20.14 71.49
C ASN B 30 -17.68 -19.57 70.07
N ASN B 31 -18.48 -18.53 69.83
CA ASN B 31 -18.85 -18.15 68.47
C ASN B 31 -18.01 -17.01 67.90
N TYR B 32 -17.20 -16.35 68.72
CA TYR B 32 -17.02 -14.92 68.59
C TYR B 32 -15.61 -14.50 68.18
N TYR B 33 -15.54 -13.38 67.48
CA TYR B 33 -14.33 -12.60 67.36
C TYR B 33 -14.37 -11.49 68.40
N TRP B 34 -13.21 -10.98 68.77
CA TRP B 34 -13.15 -9.99 69.83
C TRP B 34 -12.35 -8.79 69.37
N THR B 35 -12.89 -7.59 69.58
CA THR B 35 -12.30 -6.38 69.01
C THR B 35 -12.35 -5.23 70.01
N TRP B 36 -11.53 -4.23 69.74
CA TRP B 36 -11.43 -3.06 70.60
C TRP B 36 -11.61 -1.79 69.78
N ILE B 37 -12.42 -0.85 70.29
CA ILE B 37 -12.73 0.38 69.58
C ILE B 37 -12.57 1.55 70.55
N ARG B 38 -11.70 2.49 70.23
CA ARG B 38 -11.53 3.68 71.05
C ARG B 38 -12.21 4.87 70.40
N GLN B 39 -12.58 5.85 71.23
CA GLN B 39 -13.17 7.09 70.74
C GLN B 39 -12.62 8.24 71.56
N SER B 40 -11.84 9.04 70.97
CA SER B 40 -11.26 10.25 71.50
C SER B 40 -12.23 11.41 71.33
N PRO B 41 -12.20 12.43 72.19
CA PRO B 41 -13.03 13.61 71.95
C PRO B 41 -12.51 14.42 70.78
N GLY B 42 -13.44 15.06 70.07
CA GLY B 42 -13.10 15.83 68.90
C GLY B 42 -13.02 15.04 67.61
N LYS B 43 -13.12 13.72 67.68
CA LYS B 43 -13.07 12.86 66.51
C LYS B 43 -14.02 11.68 66.72
N GLY B 44 -14.21 10.88 65.67
CA GLY B 44 -15.16 9.80 65.68
C GLY B 44 -14.60 8.53 66.29
N LEU B 45 -15.28 7.43 66.01
CA LEU B 45 -14.84 6.12 66.48
C LEU B 45 -13.59 5.68 65.74
N GLU B 46 -12.91 4.69 66.29
CA GLU B 46 -11.68 4.19 65.68
C GLU B 46 -11.52 2.72 66.00
N TRP B 47 -11.50 1.89 64.97
CA TRP B 47 -11.23 0.47 65.13
C TRP B 47 -9.73 0.28 65.29
N ILE B 48 -9.33 -0.42 66.35
CA ILE B 48 -7.92 -0.56 66.65
C ILE B 48 -7.41 -2.00 66.51
N GLY B 49 -8.28 -3.00 66.58
CA GLY B 49 -7.80 -4.36 66.35
C GLY B 49 -8.83 -5.37 66.81
N TYR B 50 -8.51 -6.63 66.50
CA TYR B 50 -9.40 -7.77 66.76
C TYR B 50 -8.57 -9.03 66.74
N ILE B 51 -9.00 -10.02 67.52
CA ILE B 51 -8.43 -11.36 67.52
C ILE B 51 -9.58 -12.37 67.54
N SER B 52 -9.22 -13.65 67.50
CA SER B 52 -10.18 -14.75 67.51
C SER B 52 -9.56 -15.90 68.30
N ASP B 53 -10.21 -17.07 68.22
CA ASP B 53 -9.72 -18.24 68.95
C ASP B 53 -8.48 -18.86 68.33
N ARG B 54 -8.13 -18.51 67.10
CA ARG B 54 -6.87 -18.98 66.54
C ARG B 54 -5.70 -18.10 66.98
N GLU B 55 -6.00 -17.02 67.71
CA GLU B 55 -5.02 -16.04 68.20
C GLU B 55 -4.21 -15.43 67.05
N SER B 56 -4.92 -14.94 66.05
CA SER B 56 -4.35 -14.17 64.96
C SER B 56 -4.53 -12.70 65.32
N ALA B 57 -3.44 -12.07 65.77
CA ALA B 57 -3.48 -10.67 66.18
C ALA B 57 -3.42 -9.77 64.95
N THR B 58 -4.54 -9.12 64.64
CA THR B 58 -4.60 -8.18 63.54
C THR B 58 -4.92 -6.80 64.09
N TYR B 59 -4.06 -5.83 63.79
CA TYR B 59 -4.22 -4.47 64.27
C TYR B 59 -4.47 -3.52 63.12
N ASN B 60 -5.03 -2.37 63.47
CA ASN B 60 -5.12 -1.26 62.54
C ASN B 60 -3.73 -0.81 62.15
N PRO B 61 -3.42 -0.68 60.86
CA PRO B 61 -2.14 -0.06 60.45
C PRO B 61 -2.04 1.41 60.78
N SER B 62 -3.14 2.07 61.13
CA SER B 62 -3.12 3.47 61.55
C SER B 62 -2.71 3.64 63.00
N LEU B 63 -2.57 2.55 63.75
CA LEU B 63 -2.14 2.66 65.14
C LEU B 63 -0.80 1.96 65.36
N ASN B 64 0.17 2.17 64.47
CA ASN B 64 1.61 2.14 64.72
C ASN B 64 2.18 0.78 65.09
N SER B 65 1.36 -0.27 65.23
CA SER B 65 1.72 -1.59 65.76
C SER B 65 2.43 -1.50 67.12
N ARG B 66 1.97 -0.60 67.99
CA ARG B 66 2.39 -0.56 69.38
C ARG B 66 1.42 -1.29 70.28
N VAL B 67 0.51 -2.06 69.70
CA VAL B 67 -0.65 -2.60 70.38
C VAL B 67 -0.47 -4.09 70.58
N VAL B 68 -0.95 -4.60 71.70
CA VAL B 68 -1.00 -6.03 71.97
C VAL B 68 -2.43 -6.34 72.44
N ILE B 69 -3.10 -7.22 71.71
CA ILE B 69 -4.43 -7.71 72.06
C ILE B 69 -4.29 -9.21 72.31
N SER B 70 -4.75 -9.66 73.47
CA SER B 70 -4.65 -11.07 73.81
C SER B 70 -5.89 -11.50 74.57
N ARG B 71 -6.03 -12.80 74.77
CA ARG B 71 -7.13 -13.34 75.55
C ARG B 71 -6.76 -14.73 76.04
N ASP B 72 -7.54 -15.21 77.01
CA ASP B 72 -7.35 -16.54 77.57
C ASP B 72 -8.70 -17.10 78.02
N THR B 73 -8.85 -18.42 77.82
CA THR B 73 -10.02 -19.15 78.29
C THR B 73 -9.86 -19.71 79.69
N SER B 74 -8.66 -19.62 80.27
CA SER B 74 -8.48 -19.97 81.68
C SER B 74 -9.18 -18.96 82.57
N LYS B 75 -8.90 -17.67 82.35
CA LYS B 75 -9.68 -16.60 82.97
C LYS B 75 -10.91 -16.26 82.16
N ASN B 76 -10.91 -16.63 80.86
CA ASN B 76 -11.99 -16.39 79.91
C ASN B 76 -12.29 -14.89 79.79
N GLN B 77 -11.26 -14.10 79.46
CA GLN B 77 -11.43 -12.66 79.35
C GLN B 77 -10.34 -12.08 78.45
N LEU B 78 -10.64 -10.90 77.89
CA LEU B 78 -9.87 -10.22 76.86
C LEU B 78 -8.99 -9.13 77.47
N SER B 79 -7.90 -8.79 76.79
CA SER B 79 -6.93 -7.86 77.31
C SER B 79 -6.29 -7.05 76.20
N LEU B 80 -5.99 -5.79 76.50
CA LEU B 80 -5.44 -4.82 75.58
C LEU B 80 -4.36 -4.04 76.30
N LYS B 81 -3.17 -3.92 75.69
CA LYS B 81 -2.14 -3.03 76.20
C LYS B 81 -1.38 -2.39 75.04
N LEU B 82 -1.32 -1.07 75.03
CA LEU B 82 -0.56 -0.33 74.03
C LEU B 82 0.67 0.29 74.66
N ASN B 83 1.75 0.37 73.88
CA ASN B 83 3.05 0.81 74.34
C ASN B 83 3.26 2.28 73.97
N SER B 84 3.99 2.99 74.85
CA SER B 84 4.42 4.38 74.65
C SER B 84 3.26 5.33 74.40
N VAL B 85 2.39 5.44 75.40
CA VAL B 85 1.16 6.21 75.28
C VAL B 85 1.49 7.70 75.33
N THR B 86 1.03 8.45 74.35
CA THR B 86 1.08 9.90 74.35
C THR B 86 -0.20 10.47 74.97
N PRO B 87 -0.18 11.74 75.42
CA PRO B 87 -1.42 12.34 75.95
C PRO B 87 -2.54 12.54 74.94
N ALA B 88 -2.28 12.37 73.65
CA ALA B 88 -3.32 12.43 72.63
C ALA B 88 -4.13 11.14 72.54
N ASP B 89 -3.80 10.14 73.36
CA ASP B 89 -4.45 8.83 73.33
C ASP B 89 -5.49 8.68 74.43
N THR B 90 -6.00 9.78 74.97
CA THR B 90 -7.08 9.70 75.93
C THR B 90 -8.41 9.56 75.20
N ALA B 91 -9.22 8.60 75.63
CA ALA B 91 -10.37 8.15 74.86
C ALA B 91 -11.23 7.25 75.74
N VAL B 92 -12.46 7.05 75.29
CA VAL B 92 -13.32 5.99 75.81
C VAL B 92 -12.97 4.71 75.07
N TYR B 93 -12.78 3.63 75.80
CA TYR B 93 -12.33 2.37 75.24
C TYR B 93 -13.45 1.34 75.36
N TYR B 94 -13.98 0.91 74.22
CA TYR B 94 -15.05 -0.05 74.14
C TYR B 94 -14.49 -1.41 73.76
N CYS B 95 -14.95 -2.44 74.46
CA CYS B 95 -14.72 -3.82 74.10
C CYS B 95 -15.94 -4.32 73.37
N ALA B 96 -15.74 -5.00 72.24
CA ALA B 96 -16.86 -5.42 71.42
C ALA B 96 -16.58 -6.81 70.89
N THR B 97 -17.65 -7.51 70.52
CA THR B 97 -17.51 -8.78 69.85
C THR B 97 -18.03 -8.68 68.42
N ALA B 98 -17.36 -9.38 67.53
CA ALA B 98 -17.57 -9.25 66.10
C ALA B 98 -17.94 -10.60 65.48
N ARG B 99 -18.93 -10.56 64.60
CA ARG B 99 -19.27 -11.68 63.74
C ARG B 99 -18.64 -11.47 62.38
N ARG B 100 -18.17 -12.55 61.78
CA ARG B 100 -17.61 -12.53 60.44
C ARG B 100 -18.67 -13.01 59.47
N GLY B 101 -18.85 -12.28 58.38
CA GLY B 101 -19.65 -12.73 57.27
C GLY B 101 -18.79 -12.75 56.03
N GLN B 102 -19.22 -13.56 55.06
CA GLN B 102 -18.61 -13.52 53.74
C GLN B 102 -19.62 -13.04 52.71
N ARG B 103 -19.23 -12.01 51.98
CA ARG B 103 -20.00 -11.44 50.89
C ARG B 103 -19.50 -12.09 49.61
N ILE B 104 -20.34 -12.91 49.00
CA ILE B 104 -19.99 -13.65 47.79
C ILE B 104 -20.60 -12.93 46.59
N TYR B 105 -19.75 -12.56 45.63
CA TYR B 105 -20.22 -11.88 44.44
C TYR B 105 -19.95 -12.65 43.15
N GLY B 106 -19.15 -13.70 43.19
CA GLY B 106 -18.90 -14.52 42.02
C GLY B 106 -18.66 -15.96 42.39
N VAL B 107 -17.70 -16.57 41.72
CA VAL B 107 -17.37 -17.98 41.92
C VAL B 107 -16.53 -18.11 43.18
N VAL B 108 -16.95 -18.95 44.12
CA VAL B 108 -16.20 -19.07 45.37
C VAL B 108 -14.93 -19.87 45.23
N SER B 109 -14.80 -20.73 44.22
CA SER B 109 -13.57 -21.44 44.01
C SER B 109 -12.51 -20.59 43.35
N PHE B 110 -12.87 -19.43 42.82
CA PHE B 110 -11.93 -18.44 42.34
C PHE B 110 -11.58 -17.42 43.40
N GLY B 111 -12.19 -17.51 44.57
CA GLY B 111 -11.94 -16.55 45.63
C GLY B 111 -12.69 -15.26 45.48
N GLU B 112 -13.88 -15.29 44.89
CA GLU B 112 -14.61 -14.08 44.57
C GLU B 112 -15.64 -13.80 45.66
N PHE B 113 -15.10 -13.54 46.85
CA PHE B 113 -15.85 -13.14 48.02
C PHE B 113 -14.95 -12.24 48.83
N PHE B 114 -15.51 -11.65 49.88
CA PHE B 114 -14.67 -11.04 50.90
C PHE B 114 -15.28 -11.26 52.27
N TYR B 115 -14.48 -11.04 53.30
CA TYR B 115 -14.93 -11.14 54.67
C TYR B 115 -15.14 -9.76 55.24
N TYR B 116 -16.22 -9.60 55.99
CA TYR B 116 -16.52 -8.37 56.68
C TYR B 116 -16.88 -8.71 58.12
N TYR B 117 -16.72 -7.73 59.01
CA TYR B 117 -16.97 -7.92 60.43
C TYR B 117 -18.05 -6.95 60.89
N SER B 118 -19.05 -7.47 61.58
CA SER B 118 -20.12 -6.67 62.16
C SER B 118 -20.04 -6.80 63.67
N MET B 119 -19.91 -5.67 64.35
CA MET B 119 -19.84 -5.62 65.80
C MET B 119 -21.24 -5.49 66.36
N ASP B 120 -21.77 -6.58 66.91
CA ASP B 120 -23.17 -6.61 67.33
C ASP B 120 -23.38 -6.35 68.82
N VAL B 121 -22.58 -6.96 69.69
CA VAL B 121 -22.69 -6.75 71.13
C VAL B 121 -21.47 -5.95 71.58
N TRP B 122 -21.73 -4.81 72.22
CA TRP B 122 -20.70 -3.87 72.65
C TRP B 122 -20.68 -3.79 74.18
N GLY B 123 -19.89 -2.83 74.69
CA GLY B 123 -19.88 -2.52 76.09
C GLY B 123 -19.85 -1.01 76.31
N LYS B 124 -19.82 -0.63 77.59
CA LYS B 124 -19.99 0.77 77.96
C LYS B 124 -18.75 1.62 77.70
N GLY B 125 -17.56 1.06 77.87
CA GLY B 125 -16.33 1.79 77.65
C GLY B 125 -15.72 2.30 78.95
N THR B 126 -14.40 2.26 79.00
CA THR B 126 -13.64 2.88 80.08
C THR B 126 -13.26 4.29 79.68
N THR B 127 -13.36 5.22 80.62
CA THR B 127 -12.94 6.60 80.37
C THR B 127 -11.52 6.72 80.89
N VAL B 128 -10.55 6.42 80.02
CA VAL B 128 -9.15 6.38 80.40
C VAL B 128 -8.52 7.71 80.00
N THR B 129 -8.04 8.45 80.99
CA THR B 129 -7.34 9.70 80.79
C THR B 129 -5.84 9.42 80.87
N VAL B 130 -5.08 10.02 79.97
CA VAL B 130 -3.62 9.95 80.02
C VAL B 130 -3.05 11.36 80.16
N SER B 131 -2.36 11.58 81.27
CA SER B 131 -1.74 12.86 81.59
C SER B 131 -0.72 12.62 82.69
N SER B 132 0.33 13.44 82.70
CA SER B 132 1.28 13.43 83.80
C SER B 132 0.81 14.26 84.99
N ALA B 133 -0.11 15.19 84.77
CA ALA B 133 -0.67 16.00 85.85
C ALA B 133 -1.62 15.17 86.71
N GLN C 1 -10.20 80.78 -7.26
CA GLN C 1 -9.06 81.02 -6.39
C GLN C 1 -9.45 80.87 -4.92
N VAL C 2 -8.53 80.35 -4.11
CA VAL C 2 -8.73 80.19 -2.67
C VAL C 2 -7.48 80.71 -1.97
N GLN C 3 -7.66 81.63 -1.04
CA GLN C 3 -6.58 82.23 -0.29
C GLN C 3 -6.55 81.65 1.11
N LEU C 4 -5.37 81.21 1.56
CA LEU C 4 -5.18 80.72 2.91
C LEU C 4 -4.14 81.58 3.58
N GLN C 5 -4.44 82.05 4.80
CA GLN C 5 -3.45 82.81 5.54
C GLN C 5 -3.59 82.46 7.01
N GLU C 6 -2.46 82.16 7.65
CA GLU C 6 -2.49 81.66 9.01
C GLU C 6 -2.42 82.81 10.01
N SER C 7 -2.47 82.44 11.28
CA SER C 7 -2.39 83.39 12.39
C SER C 7 -1.93 82.63 13.62
N GLY C 8 -1.13 83.30 14.45
CA GLY C 8 -0.65 82.69 15.67
C GLY C 8 0.13 83.66 16.54
N PRO C 9 0.30 83.32 17.82
CA PRO C 9 1.10 84.19 18.68
C PRO C 9 2.59 84.13 18.38
N GLY C 10 3.13 82.93 18.16
CA GLY C 10 4.53 82.75 17.92
C GLY C 10 5.34 82.36 19.14
N LEU C 11 4.88 82.74 20.34
CA LEU C 11 5.66 82.61 21.57
C LEU C 11 4.78 81.94 22.62
N VAL C 12 5.00 80.64 22.86
CA VAL C 12 4.31 79.93 23.93
C VAL C 12 5.34 79.26 24.82
N LYS C 13 4.91 78.91 26.03
CA LYS C 13 5.72 78.23 27.04
C LYS C 13 5.35 76.76 27.15
N PRO C 14 6.22 75.91 27.70
CA PRO C 14 5.91 74.47 27.77
C PRO C 14 4.72 74.13 28.66
N SER C 15 4.16 72.95 28.37
CA SER C 15 2.99 72.37 29.05
C SER C 15 1.79 73.32 29.05
N GLU C 16 1.42 73.81 27.87
CA GLU C 16 0.31 74.74 27.74
C GLU C 16 -0.54 74.33 26.53
N THR C 17 -1.55 75.13 26.26
CA THR C 17 -2.22 75.10 24.97
C THR C 17 -1.41 75.89 23.95
N LEU C 18 -1.60 75.54 22.68
CA LEU C 18 -1.04 76.30 21.58
C LEU C 18 -2.09 76.37 20.48
N SER C 19 -2.52 77.58 20.16
CA SER C 19 -3.56 77.81 19.17
C SER C 19 -2.94 78.47 17.94
N VAL C 20 -2.98 77.77 16.82
CA VAL C 20 -2.66 78.34 15.52
C VAL C 20 -3.92 78.29 14.68
N THR C 21 -4.33 79.42 14.16
CA THR C 21 -5.57 79.48 13.39
C THR C 21 -5.26 79.75 11.93
N CYS C 22 -6.29 79.55 11.10
CA CYS C 22 -6.13 79.59 9.64
C CYS C 22 -7.38 80.22 9.06
N SER C 23 -7.21 81.37 8.41
CA SER C 23 -8.32 82.12 7.85
C SER C 23 -8.33 81.98 6.34
N VAL C 24 -9.51 81.73 5.78
CA VAL C 24 -9.69 81.46 4.36
C VAL C 24 -10.37 82.66 3.74
N SER C 25 -9.74 83.24 2.72
CA SER C 25 -10.33 84.29 1.92
C SER C 25 -10.62 83.75 0.53
N GLY C 26 -11.52 84.43 -0.17
CA GLY C 26 -11.81 84.09 -1.55
C GLY C 26 -13.14 83.40 -1.75
N ASP C 27 -13.45 82.40 -0.92
CA ASP C 27 -14.71 81.66 -1.02
C ASP C 27 -14.98 80.94 0.29
N SER C 28 -16.05 80.15 0.32
CA SER C 28 -16.52 79.45 1.51
C SER C 28 -15.96 78.01 1.54
N MET C 29 -16.58 77.16 2.35
CA MET C 29 -16.16 75.80 2.69
C MET C 29 -16.74 74.76 1.75
N ASN C 30 -16.82 75.05 0.45
CA ASN C 30 -17.56 74.22 -0.50
C ASN C 30 -16.89 72.87 -0.72
N ASN C 31 -15.69 72.88 -1.29
CA ASN C 31 -15.16 71.70 -1.96
C ASN C 31 -14.19 70.88 -1.11
N TYR C 32 -13.75 71.41 0.02
CA TYR C 32 -12.39 71.19 0.47
C TYR C 32 -12.29 70.40 1.76
N TYR C 33 -11.21 69.63 1.87
CA TYR C 33 -10.73 69.11 3.13
C TYR C 33 -9.69 70.08 3.68
N TRP C 34 -9.53 70.10 4.99
CA TRP C 34 -8.63 71.06 5.60
C TRP C 34 -7.66 70.35 6.51
N THR C 35 -6.37 70.58 6.30
CA THR C 35 -5.32 69.82 6.97
C THR C 35 -4.24 70.75 7.50
N TRP C 36 -3.44 70.23 8.42
CA TRP C 36 -2.35 70.98 9.04
C TRP C 36 -1.06 70.18 8.91
N ILE C 37 0.04 70.87 8.64
CA ILE C 37 1.35 70.24 8.44
C ILE C 37 2.41 71.07 9.16
N ARG C 38 3.16 70.46 10.05
CA ARG C 38 4.24 71.16 10.72
C ARG C 38 5.60 70.66 10.21
N GLN C 39 6.59 71.52 10.34
CA GLN C 39 7.97 71.17 9.98
C GLN C 39 8.90 71.76 11.01
N SER C 40 9.50 70.95 11.77
CA SER C 40 10.51 71.24 12.78
C SER C 40 11.89 71.29 12.14
N PRO C 41 12.84 72.02 12.71
CA PRO C 41 14.21 71.98 12.18
C PRO C 41 14.88 70.65 12.51
N GLY C 42 15.73 70.20 11.58
CA GLY C 42 16.41 68.94 11.72
C GLY C 42 15.64 67.73 11.21
N LYS C 43 14.38 67.91 10.85
CA LYS C 43 13.55 66.83 10.35
C LYS C 43 12.68 67.35 9.21
N GLY C 44 11.99 66.44 8.55
CA GLY C 44 11.20 66.76 7.38
C GLY C 44 9.81 67.26 7.72
N LEU C 45 8.95 67.27 6.71
CA LEU C 45 7.56 67.63 6.89
C LEU C 45 6.83 66.56 7.69
N GLU C 46 5.67 66.93 8.23
CA GLU C 46 4.91 66.01 9.07
C GLU C 46 3.44 66.36 9.01
N TRP C 47 2.65 65.42 8.49
CA TRP C 47 1.20 65.55 8.49
C TRP C 47 0.68 65.30 9.89
N ILE C 48 -0.12 66.23 10.41
CA ILE C 48 -0.58 66.11 11.78
C ILE C 48 -2.08 65.89 11.88
N GLY C 49 -2.85 66.24 10.86
CA GLY C 49 -4.27 65.93 10.90
C GLY C 49 -5.03 66.68 9.83
N TYR C 50 -6.30 66.34 9.74
CA TYR C 50 -7.20 66.86 8.72
C TYR C 50 -8.63 66.65 9.17
N ILE C 51 -9.52 67.54 8.73
CA ILE C 51 -10.96 67.43 8.93
C ILE C 51 -11.66 67.86 7.64
N SER C 52 -12.99 67.78 7.66
CA SER C 52 -13.81 68.10 6.49
C SER C 52 -15.15 68.63 6.97
N ASP C 53 -16.13 68.65 6.08
CA ASP C 53 -17.50 68.99 6.42
C ASP C 53 -18.24 67.86 7.11
N ARG C 54 -17.63 66.67 7.19
CA ARG C 54 -18.12 65.61 8.06
C ARG C 54 -17.99 65.96 9.53
N GLU C 55 -17.11 66.92 9.85
CA GLU C 55 -16.55 67.13 11.20
C GLU C 55 -15.98 65.82 11.76
N SER C 56 -15.22 65.11 10.92
CA SER C 56 -14.47 63.93 11.35
C SER C 56 -13.09 64.42 11.77
N ALA C 57 -12.84 64.44 13.07
CA ALA C 57 -11.53 64.75 13.61
C ALA C 57 -10.65 63.51 13.46
N THR C 58 -9.86 63.49 12.39
CA THR C 58 -8.94 62.39 12.14
C THR C 58 -7.51 62.90 12.32
N TYR C 59 -6.78 62.30 13.24
CA TYR C 59 -5.46 62.77 13.62
C TYR C 59 -4.41 61.72 13.30
N ASN C 60 -3.18 62.19 13.21
CA ASN C 60 -2.03 61.30 13.11
C ASN C 60 -1.92 60.46 14.38
N PRO C 61 -1.83 59.13 14.26
CA PRO C 61 -1.58 58.30 15.45
C PRO C 61 -0.18 58.46 16.04
N SER C 62 0.72 59.17 15.37
CA SER C 62 2.06 59.42 15.88
C SER C 62 2.12 60.61 16.83
N LEU C 63 0.99 61.26 17.10
CA LEU C 63 0.99 62.48 17.90
C LEU C 63 0.02 62.44 19.06
N ASN C 64 -0.06 61.31 19.77
CA ASN C 64 -0.47 61.20 21.17
C ASN C 64 -1.93 61.57 21.45
N SER C 65 -2.70 61.92 20.43
CA SER C 65 -4.04 62.53 20.54
C SER C 65 -4.04 63.76 21.46
N ARG C 66 -2.99 64.58 21.35
CA ARG C 66 -2.90 65.84 22.08
C ARG C 66 -3.47 67.01 21.30
N VAL C 67 -3.80 66.82 20.03
CA VAL C 67 -4.18 67.91 19.15
C VAL C 67 -5.69 67.95 19.03
N VAL C 68 -6.20 69.12 18.64
CA VAL C 68 -7.62 69.34 18.37
C VAL C 68 -7.70 70.21 17.12
N ILE C 69 -8.43 69.76 16.10
CA ILE C 69 -8.60 70.50 14.86
C ILE C 69 -10.09 70.80 14.71
N SER C 70 -10.43 72.07 14.56
CA SER C 70 -11.83 72.45 14.49
C SER C 70 -12.05 73.43 13.34
N ARG C 71 -13.31 73.59 12.96
CA ARG C 71 -13.70 74.42 11.82
C ARG C 71 -15.07 75.02 12.10
N ASP C 72 -15.24 76.29 11.70
CA ASP C 72 -16.55 76.93 11.74
C ASP C 72 -16.68 77.87 10.54
N THR C 73 -17.83 77.79 9.87
CA THR C 73 -18.10 78.64 8.71
C THR C 73 -18.83 79.94 9.09
N SER C 74 -19.21 80.11 10.35
CA SER C 74 -19.69 81.41 10.80
C SER C 74 -18.56 82.44 10.77
N LYS C 75 -17.36 82.03 11.19
CA LYS C 75 -16.17 82.83 11.00
C LYS C 75 -15.45 82.49 9.71
N ASN C 76 -15.84 81.39 9.06
CA ASN C 76 -15.24 80.87 7.83
C ASN C 76 -13.74 80.63 7.99
N GLN C 77 -13.36 79.98 9.10
CA GLN C 77 -11.95 79.78 9.40
C GLN C 77 -11.79 78.57 10.32
N LEU C 78 -10.60 77.97 10.30
CA LEU C 78 -10.32 76.76 11.06
C LEU C 78 -9.20 76.99 12.06
N SER C 79 -8.98 76.00 12.92
CA SER C 79 -8.11 76.19 14.07
C SER C 79 -7.47 74.90 14.53
N LEU C 80 -6.30 75.03 15.16
CA LEU C 80 -5.52 73.93 15.70
C LEU C 80 -5.08 74.28 17.12
N LYS C 81 -5.34 73.37 18.05
CA LYS C 81 -4.93 73.54 19.44
C LYS C 81 -4.13 72.31 19.86
N LEU C 82 -2.84 72.50 20.09
CA LEU C 82 -1.98 71.43 20.56
C LEU C 82 -1.82 71.57 22.08
N ASN C 83 -2.08 70.48 22.79
CA ASN C 83 -2.02 70.46 24.24
C ASN C 83 -0.74 69.77 24.72
N SER C 84 -0.30 70.19 25.90
CA SER C 84 0.91 69.70 26.59
C SER C 84 2.16 69.86 25.72
N VAL C 85 2.42 71.10 25.31
CA VAL C 85 3.49 71.38 24.37
C VAL C 85 4.85 71.30 25.07
N THR C 86 5.82 70.72 24.38
CA THR C 86 7.21 70.53 24.74
C THR C 86 8.07 71.42 23.82
N PRO C 87 9.23 71.91 24.30
CA PRO C 87 10.13 72.67 23.40
C PRO C 87 10.67 71.90 22.20
N ALA C 88 10.52 70.59 22.15
CA ALA C 88 10.82 69.82 20.95
C ALA C 88 9.71 69.92 19.90
N ASP C 89 8.66 70.72 20.15
CA ASP C 89 7.55 70.88 19.24
C ASP C 89 7.54 72.26 18.59
N THR C 90 8.70 72.92 18.49
CA THR C 90 8.78 74.17 17.77
C THR C 90 9.00 73.90 16.28
N ALA C 91 8.24 74.61 15.44
CA ALA C 91 8.12 74.25 14.04
C ALA C 91 7.44 75.38 13.28
N VAL C 92 7.58 75.33 11.96
CA VAL C 92 6.74 76.12 11.06
C VAL C 92 5.44 75.36 10.89
N TYR C 93 4.32 76.07 10.91
CA TYR C 93 2.99 75.47 10.87
C TYR C 93 2.27 75.95 9.61
N TYR C 94 2.02 75.03 8.69
CA TYR C 94 1.32 75.32 7.45
C TYR C 94 -0.10 74.82 7.56
N CYS C 95 -1.02 75.62 7.04
CA CYS C 95 -2.42 75.26 6.87
C CYS C 95 -2.62 74.97 5.39
N ALA C 96 -3.05 73.76 5.07
CA ALA C 96 -3.22 73.36 3.70
C ALA C 96 -4.63 72.86 3.48
N THR C 97 -5.05 72.82 2.23
CA THR C 97 -6.31 72.20 1.89
C THR C 97 -6.05 70.99 1.00
N ALA C 98 -6.90 69.97 1.16
CA ALA C 98 -6.69 68.68 0.54
C ALA C 98 -7.91 68.28 -0.27
N ARG C 99 -7.65 67.76 -1.47
CA ARG C 99 -8.66 67.15 -2.31
C ARG C 99 -8.55 65.63 -2.15
N ARG C 100 -9.69 64.96 -2.13
CA ARG C 100 -9.74 63.52 -1.99
C ARG C 100 -9.94 62.88 -3.35
N GLY C 101 -9.11 61.89 -3.66
CA GLY C 101 -9.32 61.06 -4.82
C GLY C 101 -9.48 59.62 -4.39
N GLN C 102 -10.13 58.83 -5.23
CA GLN C 102 -10.21 57.40 -5.01
C GLN C 102 -9.49 56.66 -6.12
N ARG C 103 -8.55 55.83 -5.72
CA ARG C 103 -7.77 54.98 -6.59
C ARG C 103 -8.44 53.63 -6.66
N ILE C 104 -8.97 53.29 -7.82
CA ILE C 104 -9.76 52.08 -8.02
C ILE C 104 -8.91 51.05 -8.75
N TYR C 105 -8.74 49.89 -8.15
CA TYR C 105 -7.92 48.86 -8.75
C TYR C 105 -8.69 47.59 -9.10
N GLY C 106 -9.86 47.40 -8.55
CA GLY C 106 -10.66 46.21 -8.84
C GLY C 106 -12.11 46.55 -8.89
N VAL C 107 -12.94 45.67 -8.35
CA VAL C 107 -14.38 45.83 -8.34
C VAL C 107 -14.77 46.81 -7.24
N VAL C 108 -15.49 47.87 -7.58
CA VAL C 108 -15.89 48.83 -6.56
C VAL C 108 -17.00 48.31 -5.66
N SER C 109 -17.75 47.29 -6.08
CA SER C 109 -18.77 46.72 -5.21
C SER C 109 -18.15 45.93 -4.07
N PHE C 110 -16.95 45.42 -4.27
CA PHE C 110 -16.24 44.68 -3.24
C PHE C 110 -15.40 45.58 -2.37
N GLY C 111 -15.36 46.88 -2.66
CA GLY C 111 -14.54 47.81 -1.91
C GLY C 111 -13.10 47.83 -2.31
N GLU C 112 -12.80 47.53 -3.57
CA GLU C 112 -11.42 47.40 -4.03
C GLU C 112 -10.96 48.74 -4.61
N PHE C 113 -10.83 49.70 -3.71
CA PHE C 113 -10.31 51.03 -3.99
C PHE C 113 -9.70 51.54 -2.70
N PHE C 114 -9.04 52.69 -2.79
CA PHE C 114 -8.70 53.42 -1.57
C PHE C 114 -8.80 54.90 -1.81
N TYR C 115 -8.76 55.67 -0.73
CA TYR C 115 -8.81 57.12 -0.79
C TYR C 115 -7.42 57.68 -0.51
N TYR C 116 -7.09 58.76 -1.20
CA TYR C 116 -5.82 59.43 -1.02
C TYR C 116 -6.07 60.93 -1.06
N TYR C 117 -5.24 61.68 -0.36
CA TYR C 117 -5.41 63.12 -0.23
C TYR C 117 -4.24 63.84 -0.87
N SER C 118 -4.56 64.81 -1.72
CA SER C 118 -3.59 65.66 -2.37
C SER C 118 -3.72 67.06 -1.79
N MET C 119 -2.66 67.54 -1.15
CA MET C 119 -2.59 68.89 -0.61
C MET C 119 -2.16 69.84 -1.71
N ASP C 120 -3.11 70.58 -2.28
CA ASP C 120 -2.85 71.37 -3.48
C ASP C 120 -2.60 72.85 -3.23
N VAL C 121 -3.35 73.47 -2.33
CA VAL C 121 -3.17 74.88 -1.97
C VAL C 121 -2.72 74.95 -0.52
N TRP C 122 -1.59 75.60 -0.29
CA TRP C 122 -0.97 75.70 1.02
C TRP C 122 -0.98 77.14 1.52
N GLY C 123 -0.33 77.35 2.66
CA GLY C 123 -0.03 78.69 3.14
C GLY C 123 1.45 78.76 3.50
N LYS C 124 1.90 79.98 3.80
CA LYS C 124 3.32 80.19 4.03
C LYS C 124 3.80 79.70 5.38
N GLY C 125 2.93 79.63 6.38
CA GLY C 125 3.28 79.02 7.65
C GLY C 125 3.55 80.07 8.73
N THR C 126 3.33 79.65 9.97
CA THR C 126 3.70 80.42 11.15
C THR C 126 5.01 79.88 11.70
N THR C 127 5.83 80.77 12.26
CA THR C 127 7.05 80.33 12.92
C THR C 127 6.79 80.40 14.42
N VAL C 128 6.25 79.32 14.98
CA VAL C 128 5.88 79.27 16.38
C VAL C 128 7.05 78.66 17.14
N THR C 129 7.58 79.42 18.09
CA THR C 129 8.63 78.97 18.99
C THR C 129 8.01 78.62 20.32
N VAL C 130 8.41 77.49 20.90
CA VAL C 130 7.98 77.10 22.24
C VAL C 130 9.21 77.01 23.14
N SER C 131 9.25 77.89 24.13
CA SER C 131 10.34 77.98 25.09
C SER C 131 9.86 78.80 26.28
N SER C 132 10.39 78.48 27.45
CA SER C 132 10.11 79.27 28.64
C SER C 132 10.98 80.53 28.73
N ALA C 133 12.09 80.57 27.98
CA ALA C 133 12.95 81.75 27.95
C ALA C 133 12.30 82.89 27.20
N GLU D 20 30.54 13.85 -45.15
CA GLU D 20 29.67 14.68 -44.33
C GLU D 20 28.49 15.17 -45.14
N VAL D 21 27.29 15.06 -44.58
CA VAL D 21 26.08 15.49 -45.29
C VAL D 21 25.94 17.00 -45.13
N VAL D 22 25.91 17.70 -46.25
CA VAL D 22 25.61 19.12 -46.31
C VAL D 22 24.20 19.26 -46.87
N LEU D 23 23.38 20.08 -46.23
CA LEU D 23 22.05 20.38 -46.71
C LEU D 23 22.05 21.79 -47.30
N THR D 24 21.42 21.93 -48.46
CA THR D 24 21.37 23.21 -49.17
C THR D 24 19.92 23.61 -49.38
N GLN D 25 19.58 24.82 -48.97
CA GLN D 25 18.25 25.39 -49.16
C GLN D 25 18.37 26.53 -50.16
N SER D 26 17.74 26.37 -51.33
CA SER D 26 18.18 27.18 -52.47
C SER D 26 17.70 28.63 -52.50
N PRO D 27 16.39 28.98 -52.33
CA PRO D 27 16.11 30.41 -52.19
C PRO D 27 16.24 30.85 -50.74
N ALA D 28 17.29 31.61 -50.42
CA ALA D 28 17.56 31.95 -49.03
C ALA D 28 16.56 32.96 -48.50
N ILE D 29 15.97 33.75 -49.39
CA ILE D 29 14.85 34.62 -49.05
C ILE D 29 13.76 34.38 -50.08
N LEU D 30 12.55 34.11 -49.62
CA LEU D 30 11.39 33.94 -50.49
C LEU D 30 10.33 34.94 -50.07
N SER D 31 9.73 35.61 -51.04
CA SER D 31 8.71 36.61 -50.76
C SER D 31 7.36 36.15 -51.29
N VAL D 32 6.32 36.31 -50.47
CA VAL D 32 4.99 35.82 -50.78
C VAL D 32 3.96 36.73 -50.15
N SER D 33 2.77 36.62 -50.59
CA SER D 33 1.65 37.36 -50.06
C SER D 33 0.83 36.48 -49.12
N PRO D 34 0.18 37.05 -48.10
CA PRO D 34 -0.58 36.22 -47.16
C PRO D 34 -1.77 35.53 -47.82
N GLY D 35 -1.64 34.22 -48.01
CA GLY D 35 -2.69 33.41 -48.56
C GLY D 35 -2.33 32.63 -49.81
N ASP D 36 -1.05 32.46 -50.11
CA ASP D 36 -0.64 31.69 -51.27
C ASP D 36 0.13 30.45 -50.86
N ARG D 37 0.45 29.62 -51.84
CA ARG D 37 1.16 28.36 -51.64
C ARG D 37 2.66 28.60 -51.82
N VAL D 38 3.46 28.18 -50.86
CA VAL D 38 4.91 28.35 -50.89
C VAL D 38 5.55 26.97 -50.75
N ILE D 39 6.59 26.72 -51.54
CA ILE D 39 7.35 25.48 -51.47
C ILE D 39 8.79 25.83 -51.14
N LEU D 40 9.28 25.31 -50.01
CA LEU D 40 10.68 25.45 -49.62
C LEU D 40 11.38 24.13 -49.88
N SER D 41 12.62 24.19 -50.32
CA SER D 41 13.33 23.01 -50.75
C SER D 41 14.64 22.85 -49.99
N CYS D 42 14.96 21.61 -49.67
CA CYS D 42 16.23 21.20 -49.07
C CYS D 42 16.86 20.20 -50.02
N ARG D 43 18.14 20.39 -50.30
CA ARG D 43 18.89 19.49 -51.16
C ARG D 43 20.08 18.95 -50.38
N ALA D 44 20.16 17.63 -50.26
CA ALA D 44 21.22 16.98 -49.51
C ALA D 44 22.35 16.52 -50.43
N SER D 45 23.54 16.36 -49.84
CA SER D 45 24.70 15.92 -50.60
C SER D 45 24.65 14.44 -50.94
N GLN D 46 23.81 13.67 -50.27
CA GLN D 46 23.62 12.26 -50.56
C GLN D 46 22.32 11.81 -49.90
N GLY D 47 21.53 11.02 -50.62
CA GLY D 47 20.84 9.86 -50.07
C GLY D 47 20.32 9.82 -48.65
N LEU D 48 19.31 10.60 -48.31
CA LEU D 48 18.86 10.57 -46.93
C LEU D 48 17.89 9.42 -46.68
N ASP D 49 17.73 9.09 -45.41
CA ASP D 49 16.97 7.95 -44.93
C ASP D 49 15.48 8.17 -44.90
N SER D 50 15.03 9.42 -45.02
CA SER D 50 13.65 9.92 -45.10
C SER D 50 12.89 9.86 -43.80
N SER D 51 13.37 9.16 -42.78
CA SER D 51 12.88 9.36 -41.43
C SER D 51 13.83 10.26 -40.68
N HIS D 52 14.87 10.74 -41.34
CA HIS D 52 15.96 11.48 -40.74
C HIS D 52 15.97 12.94 -41.15
N LEU D 53 14.91 13.44 -41.77
CA LEU D 53 14.85 14.85 -42.16
C LEU D 53 13.69 15.54 -41.46
N ALA D 54 13.98 16.68 -40.85
CA ALA D 54 12.98 17.47 -40.14
C ALA D 54 13.09 18.93 -40.54
N TRP D 55 12.07 19.70 -40.20
CA TRP D 55 11.99 21.12 -40.47
C TRP D 55 11.70 21.87 -39.18
N TYR D 56 12.23 23.08 -39.07
CA TYR D 56 12.14 23.87 -37.86
C TYR D 56 11.87 25.32 -38.20
N ARG D 57 11.01 25.95 -37.41
CA ARG D 57 10.65 27.35 -37.59
C ARG D 57 11.41 28.19 -36.58
N PHE D 58 12.21 29.13 -37.07
CA PHE D 58 12.98 30.03 -36.24
C PHE D 58 12.53 31.46 -36.51
N LYS D 59 12.26 32.20 -35.45
CA LYS D 59 12.03 33.63 -35.55
C LYS D 59 12.70 34.28 -34.35
N ARG D 60 13.24 35.48 -34.56
CA ARG D 60 13.96 36.17 -33.50
C ARG D 60 13.01 36.56 -32.37
N GLY D 61 13.42 36.27 -31.14
CA GLY D 61 12.60 36.54 -29.98
C GLY D 61 11.57 35.49 -29.66
N GLN D 62 11.50 34.41 -30.44
CA GLN D 62 10.52 33.35 -30.23
C GLN D 62 11.24 32.03 -30.03
N ILE D 63 10.53 31.09 -29.42
CA ILE D 63 11.02 29.74 -29.18
C ILE D 63 11.10 29.02 -30.53
N PRO D 64 12.18 28.31 -30.84
CA PRO D 64 12.18 27.44 -32.01
C PRO D 64 11.14 26.33 -31.88
N THR D 65 10.67 25.85 -33.01
CA THR D 65 9.60 24.87 -32.97
C THR D 65 9.74 23.88 -34.11
N LEU D 66 9.45 22.63 -33.81
CA LEU D 66 9.38 21.57 -34.80
C LEU D 66 8.15 21.74 -35.66
N VAL D 67 8.33 21.67 -36.98
CA VAL D 67 7.22 21.74 -37.91
C VAL D 67 6.88 20.36 -38.43
N ILE D 68 7.84 19.71 -39.09
CA ILE D 68 7.65 18.44 -39.75
C ILE D 68 8.83 17.55 -39.38
N PHE D 69 8.56 16.33 -38.94
CA PHE D 69 9.61 15.35 -38.80
C PHE D 69 9.34 14.20 -39.76
N GLY D 70 10.37 13.37 -39.98
CA GLY D 70 10.24 12.17 -40.77
C GLY D 70 9.82 12.38 -42.20
N THR D 71 10.21 13.52 -42.78
CA THR D 71 9.98 14.06 -44.12
C THR D 71 8.54 14.50 -44.36
N SER D 72 7.58 13.89 -43.68
CA SER D 72 6.19 14.14 -44.00
C SER D 72 5.27 14.16 -42.79
N ASN D 73 5.75 13.82 -41.60
CA ASN D 73 4.89 13.70 -40.43
C ASN D 73 4.72 15.06 -39.80
N ARG D 74 3.50 15.41 -39.49
CA ARG D 74 3.22 16.68 -38.89
C ARG D 74 3.45 16.60 -37.39
N ALA D 75 3.97 17.69 -36.83
CA ALA D 75 4.16 17.77 -35.39
C ALA D 75 2.81 17.99 -34.69
N ARG D 76 2.84 18.04 -33.36
CA ARG D 76 1.60 18.12 -32.60
C ARG D 76 0.95 19.49 -32.71
N GLY D 77 1.73 20.55 -32.54
CA GLY D 77 1.16 21.87 -32.59
C GLY D 77 1.25 22.52 -33.96
N THR D 78 1.07 21.74 -35.02
CA THR D 78 1.28 22.21 -36.37
C THR D 78 0.01 22.09 -37.19
N PRO D 79 -0.46 23.17 -37.82
CA PRO D 79 -1.71 23.11 -38.57
C PRO D 79 -1.57 22.35 -39.87
N ASP D 80 -2.71 22.03 -40.47
CA ASP D 80 -2.79 21.23 -41.68
C ASP D 80 -2.33 21.96 -42.94
N ARG D 81 -1.99 23.25 -42.85
CA ARG D 81 -1.50 23.93 -44.03
C ARG D 81 -0.07 23.55 -44.37
N PHE D 82 0.66 22.96 -43.42
CA PHE D 82 2.01 22.49 -43.65
C PHE D 82 2.00 21.03 -44.06
N SER D 83 2.79 20.70 -45.07
CA SER D 83 3.07 19.30 -45.34
C SER D 83 4.49 19.20 -45.88
N GLY D 84 5.01 17.98 -45.89
CA GLY D 84 6.33 17.75 -46.42
C GLY D 84 6.34 16.51 -47.27
N SER D 85 7.27 16.49 -48.21
CA SER D 85 7.45 15.35 -49.09
C SER D 85 8.89 15.32 -49.56
N GLY D 86 9.26 14.24 -50.22
CA GLY D 86 10.57 14.14 -50.81
C GLY D 86 11.16 12.78 -50.59
N SER D 87 12.32 12.56 -51.22
CA SER D 87 13.04 11.31 -51.13
C SER D 87 14.44 11.56 -51.63
N GLY D 88 15.31 10.58 -51.41
CA GLY D 88 16.68 10.64 -51.89
C GLY D 88 17.46 11.79 -51.32
N ALA D 89 17.70 12.80 -52.14
CA ALA D 89 18.40 14.01 -51.70
C ALA D 89 17.54 15.25 -51.85
N ASP D 90 16.26 15.12 -52.17
CA ASP D 90 15.41 16.29 -52.42
C ASP D 90 14.19 16.24 -51.53
N PHE D 91 13.98 17.31 -50.76
CA PHE D 91 12.93 17.35 -49.76
C PHE D 91 12.26 18.71 -49.81
N THR D 92 10.96 18.76 -49.61
CA THR D 92 10.22 20.01 -49.68
C THR D 92 9.25 20.12 -48.53
N LEU D 93 9.14 21.35 -48.02
CA LEU D 93 8.13 21.74 -47.05
C LEU D 93 7.22 22.75 -47.74
N THR D 94 5.95 22.41 -47.89
CA THR D 94 5.02 23.30 -48.57
C THR D 94 3.91 23.76 -47.64
N ILE D 95 3.70 25.08 -47.64
CA ILE D 95 2.62 25.73 -46.92
C ILE D 95 1.52 26.07 -47.90
N SER D 96 0.31 25.62 -47.60
CA SER D 96 -0.81 25.80 -48.52
C SER D 96 -1.32 27.23 -48.51
N ARG D 97 -1.67 27.75 -47.34
CA ARG D 97 -2.19 29.10 -47.21
C ARG D 97 -1.36 29.86 -46.19
N VAL D 98 -0.47 30.72 -46.67
CA VAL D 98 0.48 31.43 -45.84
C VAL D 98 -0.25 32.44 -44.97
N GLU D 99 -0.09 32.30 -43.67
CA GLU D 99 -0.62 33.13 -42.59
C GLU D 99 0.45 34.09 -42.11
N PRO D 100 0.10 35.17 -41.40
CA PRO D 100 1.14 36.12 -40.96
C PRO D 100 2.06 35.58 -39.88
N GLU D 101 1.69 34.51 -39.19
CA GLU D 101 2.57 33.85 -38.25
C GLU D 101 3.62 32.98 -38.95
N ASP D 102 3.43 32.69 -40.23
CA ASP D 102 4.31 31.80 -40.97
C ASP D 102 5.45 32.54 -41.64
N PHE D 103 5.66 33.81 -41.29
CA PHE D 103 6.70 34.61 -41.91
C PHE D 103 7.94 34.56 -41.03
N ALA D 104 8.73 33.50 -41.22
CA ALA D 104 9.86 33.19 -40.37
C ALA D 104 10.91 32.47 -41.19
N THR D 105 12.02 32.13 -40.55
CA THR D 105 13.04 31.30 -41.17
C THR D 105 12.69 29.84 -40.95
N TYR D 106 12.93 29.02 -41.96
CA TYR D 106 12.68 27.59 -41.86
C TYR D 106 13.97 26.86 -42.21
N TYR D 107 14.38 25.95 -41.32
CA TYR D 107 15.60 25.18 -41.48
C TYR D 107 15.27 23.70 -41.65
N CYS D 108 15.99 23.02 -42.52
CA CYS D 108 15.95 21.57 -42.59
C CYS D 108 17.10 21.00 -41.77
N GLN D 109 16.90 19.81 -41.21
CA GLN D 109 17.86 19.20 -40.31
C GLN D 109 17.92 17.71 -40.59
N ARG D 110 19.15 17.17 -40.62
CA ARG D 110 19.40 15.79 -40.97
C ARG D 110 19.85 15.00 -39.74
N TYR D 111 19.23 13.84 -39.52
CA TYR D 111 19.70 12.88 -38.55
C TYR D 111 20.46 11.76 -39.26
N GLY D 112 21.11 10.92 -38.48
CA GLY D 112 21.78 9.75 -39.02
C GLY D 112 23.28 9.76 -38.95
N GLY D 113 23.89 10.68 -38.21
CA GLY D 113 25.31 10.69 -38.01
C GLY D 113 25.73 11.94 -37.29
N THR D 114 26.66 11.85 -36.38
CA THR D 114 27.03 13.10 -35.72
C THR D 114 28.25 13.69 -36.39
N PRO D 115 28.35 15.02 -36.57
CA PRO D 115 27.44 16.08 -36.09
C PRO D 115 26.14 16.19 -36.86
N ILE D 116 25.08 16.48 -36.11
CA ILE D 116 23.80 16.90 -36.68
C ILE D 116 24.03 18.18 -37.47
N THR D 117 23.50 18.23 -38.69
CA THR D 117 23.67 19.39 -39.54
C THR D 117 22.32 20.01 -39.87
N PHE D 118 22.31 21.33 -39.95
CA PHE D 118 21.17 22.12 -40.38
C PHE D 118 21.43 22.63 -41.80
N GLY D 119 20.45 23.30 -42.37
CA GLY D 119 20.48 23.52 -43.80
C GLY D 119 20.57 24.93 -44.35
N GLY D 120 20.96 25.91 -43.56
CA GLY D 120 21.07 27.26 -44.11
C GLY D 120 19.90 28.19 -43.93
N GLY D 121 18.70 27.75 -44.25
CA GLY D 121 17.52 28.52 -43.90
C GLY D 121 16.94 29.34 -45.03
N THR D 122 15.61 29.34 -45.14
CA THR D 122 14.87 30.18 -46.07
C THR D 122 13.92 31.05 -45.27
N THR D 123 14.17 32.37 -45.29
CA THR D 123 13.32 33.35 -44.62
C THR D 123 12.16 33.71 -45.53
N LEU D 124 10.98 33.92 -44.95
CA LEU D 124 9.81 34.38 -45.68
C LEU D 124 9.50 35.81 -45.25
N ASP D 125 9.32 36.70 -46.23
CA ASP D 125 8.85 38.06 -45.97
C ASP D 125 7.67 38.38 -46.88
N LYS D 126 6.87 39.37 -46.46
CA LYS D 126 5.65 39.71 -47.19
C LYS D 126 5.96 40.55 -48.43
N LYS D 127 5.15 40.33 -49.47
CA LYS D 127 5.19 41.16 -50.69
C LYS D 127 4.77 42.60 -50.41
N GLU E 20 -53.25 17.91 -0.82
CA GLU E 20 -52.62 17.25 0.32
C GLU E 20 -53.21 15.87 0.56
N VAL E 21 -52.35 14.88 0.72
CA VAL E 21 -52.81 13.52 0.94
C VAL E 21 -53.06 13.33 2.44
N VAL E 22 -54.28 12.91 2.78
CA VAL E 22 -54.66 12.59 4.14
C VAL E 22 -54.92 11.10 4.20
N LEU E 23 -54.33 10.42 5.17
CA LEU E 23 -54.55 9.00 5.37
C LEU E 23 -55.49 8.78 6.54
N THR E 24 -56.47 7.92 6.34
CA THR E 24 -57.46 7.62 7.37
C THR E 24 -57.39 6.14 7.72
N GLN E 25 -57.20 5.86 8.99
CA GLN E 25 -57.18 4.49 9.50
C GLN E 25 -58.48 4.24 10.25
N SER E 26 -59.24 3.24 9.80
CA SER E 26 -60.69 3.25 10.02
C SER E 26 -61.12 2.90 11.46
N PRO E 27 -60.72 1.78 12.08
CA PRO E 27 -61.00 1.69 13.52
C PRO E 27 -59.80 2.13 14.36
N ALA E 28 -60.03 3.13 15.21
CA ALA E 28 -58.92 3.70 15.97
C ALA E 28 -58.46 2.75 17.08
N ILE E 29 -59.41 2.04 17.69
CA ILE E 29 -59.10 0.96 18.63
C ILE E 29 -59.64 -0.32 18.01
N LEU E 30 -58.89 -1.41 18.14
CA LEU E 30 -59.34 -2.70 17.65
C LEU E 30 -58.96 -3.76 18.67
N SER E 31 -59.91 -4.64 18.99
CA SER E 31 -59.74 -5.62 20.06
C SER E 31 -59.70 -7.03 19.48
N VAL E 32 -58.77 -7.84 19.96
CA VAL E 32 -58.55 -9.17 19.40
C VAL E 32 -57.96 -10.06 20.47
N SER E 33 -58.02 -11.35 20.25
CA SER E 33 -57.41 -12.34 21.11
C SER E 33 -56.12 -12.86 20.49
N PRO E 34 -55.15 -13.27 21.32
CA PRO E 34 -53.87 -13.77 20.80
C PRO E 34 -54.03 -15.04 19.97
N GLY E 35 -53.79 -14.90 18.67
CA GLY E 35 -53.85 -16.02 17.76
C GLY E 35 -54.87 -15.87 16.65
N ASP E 36 -55.45 -14.67 16.52
CA ASP E 36 -56.49 -14.42 15.53
C ASP E 36 -55.89 -13.64 14.37
N ARG E 37 -56.64 -13.56 13.27
CA ARG E 37 -56.22 -12.79 12.10
C ARG E 37 -56.87 -11.41 12.16
N VAL E 38 -56.05 -10.37 12.00
CA VAL E 38 -56.50 -8.98 12.15
C VAL E 38 -56.18 -8.20 10.88
N ILE E 39 -57.15 -7.43 10.40
CA ILE E 39 -57.01 -6.53 9.27
C ILE E 39 -56.94 -5.11 9.81
N LEU E 40 -55.90 -4.37 9.44
CA LEU E 40 -55.83 -2.94 9.68
C LEU E 40 -55.88 -2.24 8.33
N SER E 41 -56.65 -1.17 8.24
CA SER E 41 -56.90 -0.52 6.97
C SER E 41 -56.42 0.93 7.00
N CYS E 42 -55.93 1.37 5.85
CA CYS E 42 -55.52 2.75 5.60
C CYS E 42 -56.24 3.19 4.34
N ARG E 43 -56.90 4.33 4.41
CA ARG E 43 -57.62 4.90 3.29
C ARG E 43 -57.00 6.25 2.96
N ALA E 44 -56.59 6.43 1.71
CA ALA E 44 -55.97 7.67 1.28
C ALA E 44 -56.97 8.55 0.54
N SER E 45 -56.68 9.85 0.53
CA SER E 45 -57.54 10.82 -0.13
C SER E 45 -57.42 10.77 -1.65
N GLN E 46 -56.34 10.19 -2.16
CA GLN E 46 -56.13 10.04 -3.60
C GLN E 46 -55.05 9.00 -3.83
N GLY E 47 -55.33 8.02 -4.68
CA GLY E 47 -54.38 7.47 -5.63
C GLY E 47 -52.90 7.31 -5.29
N LEU E 48 -52.55 6.40 -4.39
CA LEU E 48 -51.14 6.31 -4.02
C LEU E 48 -50.35 5.45 -5.01
N ASP E 49 -49.05 5.65 -5.00
CA ASP E 49 -48.11 5.02 -5.91
C ASP E 49 -47.82 3.57 -5.59
N SER E 50 -48.02 3.15 -4.33
CA SER E 50 -47.87 1.81 -3.76
C SER E 50 -46.42 1.38 -3.60
N SER E 51 -45.44 2.12 -4.10
CA SER E 51 -44.09 2.07 -3.55
C SER E 51 -43.96 3.06 -2.41
N HIS E 52 -45.01 3.81 -2.13
CA HIS E 52 -44.98 4.97 -1.27
C HIS E 52 -45.76 4.80 0.01
N LEU E 53 -46.20 3.59 0.36
CA LEU E 53 -46.95 3.40 1.59
C LEU E 53 -46.22 2.44 2.51
N ALA E 54 -46.06 2.84 3.77
CA ALA E 54 -45.38 2.03 4.75
C ALA E 54 -46.21 1.97 6.03
N TRP E 55 -45.87 1.01 6.88
CA TRP E 55 -46.50 0.77 8.17
C TRP E 55 -45.45 0.77 9.27
N TYR E 56 -45.82 1.31 10.44
CA TYR E 56 -44.90 1.51 11.54
C TYR E 56 -45.56 1.12 12.85
N ARG E 57 -44.80 0.45 13.70
CA ARG E 57 -45.26 -0.01 15.00
C ARG E 57 -44.76 0.93 16.08
N PHE E 58 -45.67 1.67 16.69
CA PHE E 58 -45.37 2.56 17.81
C PHE E 58 -45.95 1.97 19.08
N LYS E 59 -45.12 1.79 20.10
CA LYS E 59 -45.57 1.50 21.44
C LYS E 59 -44.81 2.39 22.40
N ARG E 60 -45.47 2.81 23.48
CA ARG E 60 -44.87 3.71 24.45
C ARG E 60 -43.70 3.05 25.16
N GLY E 61 -42.58 3.75 25.22
CA GLY E 61 -41.38 3.24 25.83
C GLY E 61 -40.51 2.37 24.96
N GLN E 62 -40.87 2.20 23.69
CA GLN E 62 -40.11 1.37 22.78
C GLN E 62 -39.74 2.17 21.54
N ILE E 63 -38.70 1.72 20.86
CA ILE E 63 -38.23 2.28 19.59
C ILE E 63 -39.30 2.01 18.53
N PRO E 64 -39.66 2.98 17.70
CA PRO E 64 -40.53 2.67 16.57
C PRO E 64 -39.85 1.76 15.56
N THR E 65 -40.64 1.01 14.83
CA THR E 65 -40.12 -0.02 13.95
C THR E 65 -40.87 0.01 12.63
N LEU E 66 -40.13 -0.03 11.53
CA LEU E 66 -40.72 -0.30 10.24
C LEU E 66 -41.27 -1.72 10.18
N VAL E 67 -42.55 -1.86 9.84
CA VAL E 67 -43.15 -3.17 9.67
C VAL E 67 -43.14 -3.56 8.20
N ILE E 68 -43.82 -2.79 7.38
CA ILE E 68 -44.00 -3.09 5.96
C ILE E 68 -43.68 -1.82 5.17
N PHE E 69 -42.86 -1.94 4.14
CA PHE E 69 -42.69 -0.84 3.20
C PHE E 69 -43.17 -1.29 1.83
N GLY E 70 -43.38 -0.32 0.94
CA GLY E 70 -43.71 -0.58 -0.45
C GLY E 70 -44.99 -1.34 -0.65
N THR E 71 -45.92 -1.20 0.30
CA THR E 71 -47.28 -1.74 0.41
C THR E 71 -47.30 -3.22 0.74
N SER E 72 -46.23 -3.95 0.43
CA SER E 72 -46.27 -5.39 0.65
C SER E 72 -44.95 -6.02 1.08
N ASN E 73 -43.88 -5.27 1.26
CA ASN E 73 -42.57 -5.83 1.54
C ASN E 73 -42.34 -5.86 3.04
N ARG E 74 -41.92 -7.00 3.56
CA ARG E 74 -41.56 -7.06 4.97
C ARG E 74 -40.19 -6.44 5.19
N ALA E 75 -40.00 -5.91 6.40
CA ALA E 75 -38.72 -5.37 6.82
C ALA E 75 -37.74 -6.50 7.12
N ARG E 76 -36.58 -6.16 7.65
CA ARG E 76 -35.59 -7.18 7.95
C ARG E 76 -35.99 -8.00 9.18
N GLY E 77 -36.27 -7.32 10.28
CA GLY E 77 -36.62 -8.03 11.49
C GLY E 77 -38.10 -8.23 11.69
N THR E 78 -38.81 -8.56 10.61
CA THR E 78 -40.26 -8.65 10.64
C THR E 78 -40.70 -10.08 10.34
N PRO E 79 -41.50 -10.69 11.21
CA PRO E 79 -41.91 -12.08 11.00
C PRO E 79 -42.96 -12.22 9.91
N ASP E 80 -43.15 -13.46 9.46
CA ASP E 80 -44.04 -13.77 8.35
C ASP E 80 -45.52 -13.68 8.70
N ARG E 81 -45.88 -13.40 9.95
CA ARG E 81 -47.29 -13.24 10.27
C ARG E 81 -47.85 -11.92 9.75
N PHE E 82 -46.99 -10.95 9.46
CA PHE E 82 -47.41 -9.68 8.89
C PHE E 82 -47.37 -9.75 7.38
N SER E 83 -48.38 -9.21 6.72
CA SER E 83 -48.26 -8.94 5.30
C SER E 83 -49.09 -7.71 4.99
N GLY E 84 -48.88 -7.16 3.81
CA GLY E 84 -49.61 -5.99 3.38
C GLY E 84 -50.08 -6.16 1.97
N SER E 85 -51.20 -5.50 1.66
CA SER E 85 -51.72 -5.51 0.30
C SER E 85 -52.43 -4.19 0.06
N GLY E 86 -52.80 -3.96 -1.18
CA GLY E 86 -53.63 -2.82 -1.50
C GLY E 86 -53.19 -2.14 -2.77
N SER E 87 -54.01 -1.19 -3.20
CA SER E 87 -53.77 -0.42 -4.40
C SER E 87 -54.65 0.81 -4.35
N GLY E 88 -54.37 1.77 -5.22
CA GLY E 88 -55.16 2.97 -5.33
C GLY E 88 -55.15 3.82 -4.08
N ALA E 89 -56.27 3.79 -3.34
CA ALA E 89 -56.37 4.47 -2.07
C ALA E 89 -56.70 3.54 -0.92
N ASP E 90 -56.60 2.22 -1.12
CA ASP E 90 -56.99 1.23 -0.12
C ASP E 90 -55.80 0.35 0.19
N PHE E 91 -55.41 0.31 1.47
CA PHE E 91 -54.21 -0.41 1.86
C PHE E 91 -54.47 -1.15 3.16
N THR E 92 -54.01 -2.39 3.26
CA THR E 92 -54.25 -3.20 4.44
C THR E 92 -52.96 -3.80 4.94
N LEU E 93 -52.83 -3.83 6.26
CA LEU E 93 -51.80 -4.59 6.97
C LEU E 93 -52.51 -5.67 7.75
N THR E 94 -52.24 -6.93 7.43
CA THR E 94 -52.89 -8.03 8.10
C THR E 94 -51.90 -8.87 8.89
N ILE E 95 -52.28 -9.17 10.12
CA ILE E 95 -51.51 -10.03 11.02
C ILE E 95 -52.22 -11.38 11.08
N SER E 96 -51.48 -12.44 10.73
CA SER E 96 -52.10 -13.76 10.66
C SER E 96 -52.39 -14.33 12.04
N ARG E 97 -51.40 -14.31 12.93
CA ARG E 97 -51.55 -14.82 14.29
C ARG E 97 -51.04 -13.78 15.27
N VAL E 98 -51.95 -13.15 16.01
CA VAL E 98 -51.60 -12.10 16.96
C VAL E 98 -50.82 -12.69 18.13
N GLU E 99 -49.67 -12.13 18.39
CA GLU E 99 -48.78 -12.43 19.49
C GLU E 99 -48.89 -11.34 20.54
N PRO E 100 -48.41 -11.56 21.78
CA PRO E 100 -48.55 -10.51 22.81
C PRO E 100 -47.70 -9.27 22.56
N GLU E 101 -46.69 -9.34 21.70
CA GLU E 101 -45.90 -8.16 21.38
C GLU E 101 -46.44 -7.38 20.20
N ASP E 102 -47.47 -7.89 19.52
CA ASP E 102 -48.14 -7.19 18.44
C ASP E 102 -49.26 -6.29 18.92
N PHE E 103 -49.32 -6.00 20.22
CA PHE E 103 -50.37 -5.17 20.77
C PHE E 103 -49.84 -3.75 20.92
N ALA E 104 -49.88 -3.01 19.82
CA ALA E 104 -49.29 -1.69 19.73
C ALA E 104 -50.13 -0.85 18.78
N THR E 105 -49.72 0.41 18.62
CA THR E 105 -50.34 1.28 17.63
C THR E 105 -49.63 1.10 16.30
N TYR E 106 -50.39 1.06 15.21
CA TYR E 106 -49.84 0.90 13.88
C TYR E 106 -50.24 2.08 13.02
N TYR E 107 -49.26 2.71 12.39
CA TYR E 107 -49.45 3.91 11.58
C TYR E 107 -49.06 3.61 10.13
N CYS E 108 -49.85 4.11 9.20
CA CYS E 108 -49.45 4.14 7.80
C CYS E 108 -48.90 5.51 7.49
N GLN E 109 -47.87 5.57 6.65
CA GLN E 109 -47.45 6.85 6.11
C GLN E 109 -47.13 6.76 4.63
N ARG E 110 -47.19 7.94 4.03
CA ARG E 110 -47.21 8.11 2.59
C ARG E 110 -46.00 8.93 2.16
N TYR E 111 -45.27 8.42 1.18
CA TYR E 111 -44.24 9.19 0.50
C TYR E 111 -44.79 9.77 -0.80
N GLY E 112 -43.99 10.62 -1.41
CA GLY E 112 -44.32 11.18 -2.70
C GLY E 112 -44.62 12.65 -2.70
N GLY E 113 -44.21 13.38 -1.68
CA GLY E 113 -44.42 14.80 -1.59
C GLY E 113 -44.20 15.29 -0.19
N THR E 114 -43.61 16.45 -0.03
CA THR E 114 -43.49 16.86 1.36
C THR E 114 -44.58 17.87 1.70
N PRO E 115 -45.16 17.85 2.91
CA PRO E 115 -44.81 17.05 4.10
C PRO E 115 -45.24 15.61 4.04
N ILE E 116 -44.36 14.75 4.55
CA ILE E 116 -44.71 13.37 4.83
C ILE E 116 -45.84 13.36 5.85
N THR E 117 -46.89 12.60 5.56
CA THR E 117 -48.04 12.52 6.44
C THR E 117 -48.22 11.11 6.96
N PHE E 118 -48.63 11.01 8.22
CA PHE E 118 -48.92 9.74 8.85
C PHE E 118 -50.44 9.54 8.91
N GLY E 119 -50.87 8.39 9.41
CA GLY E 119 -52.24 7.98 9.20
C GLY E 119 -53.18 7.90 10.39
N GLY E 120 -52.84 8.47 11.54
CA GLY E 120 -53.80 8.47 12.62
C GLY E 120 -53.63 7.36 13.63
N GLY E 121 -53.55 6.12 13.18
CA GLY E 121 -53.17 5.04 14.08
C GLY E 121 -54.32 4.15 14.50
N THR E 122 -54.07 2.84 14.47
CA THR E 122 -54.98 1.83 15.00
C THR E 122 -54.25 1.12 16.14
N THR E 123 -54.78 1.27 17.35
CA THR E 123 -54.21 0.62 18.52
C THR E 123 -54.87 -0.74 18.70
N LEU E 124 -54.07 -1.76 18.98
CA LEU E 124 -54.58 -3.09 19.30
C LEU E 124 -54.50 -3.31 20.81
N ASP E 125 -55.64 -3.68 21.41
CA ASP E 125 -55.65 -4.17 22.78
C ASP E 125 -56.20 -5.58 22.82
N LYS E 126 -55.87 -6.30 23.87
CA LYS E 126 -56.32 -7.69 23.98
C LYS E 126 -57.74 -7.75 24.57
N LYS E 127 -58.38 -8.89 24.36
CA LYS E 127 -59.77 -9.10 24.80
C LYS E 127 -59.87 -9.25 26.31
N GLU F 20 7.30 -52.12 18.76
CA GLU F 20 8.26 -51.13 18.27
C GLU F 20 9.11 -51.73 17.15
N VAL F 21 9.28 -50.98 16.07
CA VAL F 21 10.00 -51.46 14.89
C VAL F 21 11.50 -51.34 15.17
N VAL F 22 12.22 -52.45 14.97
CA VAL F 22 13.68 -52.48 15.02
C VAL F 22 14.16 -52.62 13.59
N LEU F 23 15.09 -51.75 13.17
CA LEU F 23 15.73 -51.89 11.88
C LEU F 23 17.10 -52.53 12.06
N THR F 24 17.46 -53.40 11.13
CA THR F 24 18.71 -54.14 11.20
C THR F 24 19.47 -53.95 9.90
N GLN F 25 20.67 -53.39 9.99
CA GLN F 25 21.56 -53.23 8.85
C GLN F 25 22.67 -54.29 8.96
N SER F 26 22.74 -55.18 7.97
CA SER F 26 23.36 -56.48 8.22
C SER F 26 24.90 -56.49 8.27
N PRO F 27 25.67 -55.95 7.28
CA PRO F 27 27.11 -55.83 7.57
C PRO F 27 27.47 -54.49 8.19
N ALA F 28 28.02 -54.52 9.40
CA ALA F 28 28.28 -53.26 10.10
C ALA F 28 29.47 -52.53 9.49
N ILE F 29 30.44 -53.27 8.98
CA ILE F 29 31.53 -52.72 8.18
C ILE F 29 31.45 -53.36 6.81
N LEU F 30 31.69 -52.58 5.76
CA LEU F 30 31.68 -53.10 4.41
C LEU F 30 32.79 -52.42 3.62
N SER F 31 33.79 -53.19 3.22
CA SER F 31 34.95 -52.68 2.51
C SER F 31 34.74 -52.78 1.01
N VAL F 32 35.10 -51.71 0.30
CA VAL F 32 34.86 -51.61 -1.13
C VAL F 32 35.99 -50.82 -1.76
N SER F 33 36.05 -50.86 -3.05
CA SER F 33 37.05 -50.16 -3.82
C SER F 33 36.43 -48.96 -4.53
N PRO F 34 37.19 -47.87 -4.65
CA PRO F 34 36.67 -46.64 -5.28
C PRO F 34 36.32 -46.86 -6.74
N GLY F 35 35.03 -46.81 -7.03
CA GLY F 35 34.51 -47.03 -8.36
C GLY F 35 33.68 -48.30 -8.54
N ASP F 36 33.44 -49.07 -7.49
CA ASP F 36 32.67 -50.29 -7.59
C ASP F 36 31.25 -50.04 -7.09
N ARG F 37 30.35 -50.95 -7.45
CA ARG F 37 28.97 -50.89 -7.03
C ARG F 37 28.82 -51.54 -5.66
N VAL F 38 28.17 -50.84 -4.73
CA VAL F 38 27.98 -51.36 -3.39
C VAL F 38 26.50 -51.31 -3.06
N ILE F 39 26.05 -52.24 -2.21
CA ILE F 39 24.65 -52.35 -1.83
C ILE F 39 24.59 -52.46 -0.31
N LEU F 40 23.83 -51.56 0.32
CA LEU F 40 23.61 -51.56 1.75
C LEU F 40 22.17 -52.00 1.98
N SER F 41 21.95 -52.81 3.02
CA SER F 41 20.63 -53.37 3.27
C SER F 41 20.14 -52.97 4.65
N CYS F 42 18.83 -52.75 4.74
CA CYS F 42 18.12 -52.50 5.98
C CYS F 42 17.00 -53.52 6.05
N ARG F 43 16.85 -54.16 7.21
CA ARG F 43 15.83 -55.17 7.44
C ARG F 43 14.99 -54.73 8.63
N ALA F 44 13.68 -54.62 8.42
CA ALA F 44 12.78 -54.18 9.47
C ALA F 44 12.11 -55.38 10.14
N SER F 45 11.62 -55.14 11.35
CA SER F 45 10.94 -56.18 12.12
C SER F 45 9.53 -56.45 11.60
N GLN F 46 8.97 -55.54 10.83
CA GLN F 46 7.64 -55.70 10.26
C GLN F 46 7.48 -54.69 9.12
N GLY F 47 6.90 -55.14 8.01
CA GLY F 47 5.92 -54.38 7.26
C GLY F 47 5.96 -52.87 7.19
N LEU F 48 6.95 -52.28 6.54
CA LEU F 48 7.01 -50.84 6.54
C LEU F 48 6.15 -50.25 5.42
N ASP F 49 5.83 -48.98 5.57
CA ASP F 49 4.91 -48.24 4.71
C ASP F 49 5.51 -47.82 3.38
N SER F 50 6.84 -47.85 3.26
CA SER F 50 7.67 -47.58 2.09
C SER F 50 7.77 -46.11 1.72
N SER F 51 6.94 -45.24 2.27
CA SER F 51 7.20 -43.80 2.25
C SER F 51 7.79 -43.38 3.58
N HIS F 52 8.05 -44.35 4.45
CA HIS F 52 8.49 -44.11 5.81
C HIS F 52 9.92 -44.55 6.06
N LEU F 53 10.68 -44.87 5.02
CA LEU F 53 12.07 -45.26 5.21
C LEU F 53 12.99 -44.28 4.50
N ALA F 54 14.00 -43.80 5.21
CA ALA F 54 14.97 -42.86 4.69
C ALA F 54 16.38 -43.36 5.02
N TRP F 55 17.36 -42.75 4.37
CA TRP F 55 18.78 -43.06 4.56
C TRP F 55 19.53 -41.77 4.86
N TYR F 56 20.53 -41.88 5.73
CA TYR F 56 21.30 -40.72 6.17
C TYR F 56 22.78 -41.05 6.18
N ARG F 57 23.58 -40.08 5.73
CA ARG F 57 25.03 -40.21 5.67
C ARG F 57 25.65 -39.49 6.86
N PHE F 58 26.23 -40.25 7.78
CA PHE F 58 26.92 -39.71 8.94
C PHE F 58 28.42 -39.90 8.76
N LYS F 59 29.17 -38.82 8.93
CA LYS F 59 30.62 -38.90 9.04
C LYS F 59 31.07 -37.94 10.13
N ARG F 60 32.06 -38.36 10.92
CA ARG F 60 32.53 -37.59 12.05
C ARG F 60 33.13 -36.27 11.59
N GLY F 61 32.73 -35.19 12.26
CA GLY F 61 33.15 -33.86 11.89
C GLY F 61 32.38 -33.22 10.76
N GLN F 62 31.32 -33.86 10.27
CA GLN F 62 30.53 -33.33 9.18
C GLN F 62 29.06 -33.28 9.58
N ILE F 63 28.31 -32.43 8.88
CA ILE F 63 26.86 -32.34 9.06
C ILE F 63 26.22 -33.62 8.51
N PRO F 64 25.27 -34.22 9.21
CA PRO F 64 24.55 -35.35 8.62
C PRO F 64 23.65 -34.89 7.49
N THR F 65 23.57 -35.71 6.46
CA THR F 65 22.79 -35.36 5.27
C THR F 65 21.83 -36.47 4.93
N LEU F 66 20.64 -36.07 4.52
CA LEU F 66 19.69 -37.00 3.94
C LEU F 66 20.15 -37.45 2.56
N VAL F 67 20.08 -38.75 2.31
CA VAL F 67 20.44 -39.31 1.01
C VAL F 67 19.18 -39.64 0.24
N ILE F 68 18.36 -40.53 0.78
CA ILE F 68 17.17 -41.05 0.12
C ILE F 68 16.02 -40.96 1.11
N PHE F 69 14.87 -40.44 0.67
CA PHE F 69 13.65 -40.53 1.45
C PHE F 69 12.61 -41.29 0.65
N GLY F 70 11.58 -41.78 1.34
CA GLY F 70 10.47 -42.48 0.71
C GLY F 70 10.86 -43.73 -0.01
N THR F 71 11.98 -44.34 0.43
CA THR F 71 12.70 -45.54 0.03
C THR F 71 13.30 -45.48 -1.37
N SER F 72 12.94 -44.50 -2.20
CA SER F 72 13.53 -44.42 -3.52
C SER F 72 13.75 -43.01 -4.06
N ASN F 73 13.41 -41.96 -3.31
CA ASN F 73 13.49 -40.60 -3.82
C ASN F 73 14.81 -39.99 -3.40
N ARG F 74 15.52 -39.40 -4.36
CA ARG F 74 16.79 -38.75 -4.05
C ARG F 74 16.52 -37.39 -3.42
N ALA F 75 17.39 -37.03 -2.48
CA ALA F 75 17.37 -35.70 -1.91
C ALA F 75 17.86 -34.68 -2.94
N ARG F 76 17.84 -33.40 -2.55
CA ARG F 76 18.17 -32.34 -3.48
C ARG F 76 19.67 -32.32 -3.80
N GLY F 77 20.51 -32.50 -2.79
CA GLY F 77 21.94 -32.49 -3.03
C GLY F 77 22.55 -33.86 -3.20
N THR F 78 21.82 -34.77 -3.83
CA THR F 78 22.24 -36.15 -3.94
C THR F 78 22.46 -36.52 -5.41
N PRO F 79 23.62 -37.05 -5.76
CA PRO F 79 23.90 -37.40 -7.16
C PRO F 79 23.16 -38.65 -7.60
N ASP F 80 23.21 -38.89 -8.91
CA ASP F 80 22.51 -40.01 -9.53
C ASP F 80 23.14 -41.37 -9.24
N ARG F 81 24.31 -41.41 -8.62
CA ARG F 81 24.91 -42.70 -8.31
C ARG F 81 24.24 -43.39 -7.14
N PHE F 82 23.47 -42.66 -6.35
CA PHE F 82 22.72 -43.23 -5.23
C PHE F 82 21.33 -43.62 -5.68
N SER F 83 20.86 -44.76 -5.22
CA SER F 83 19.51 -45.20 -5.54
C SER F 83 19.00 -46.04 -4.39
N GLY F 84 17.68 -46.13 -4.28
CA GLY F 84 17.08 -46.93 -3.24
C GLY F 84 15.92 -47.73 -3.79
N SER F 85 15.71 -48.89 -3.19
CA SER F 85 14.59 -49.75 -3.58
C SER F 85 14.18 -50.59 -2.39
N GLY F 86 13.05 -51.24 -2.53
CA GLY F 86 12.65 -52.17 -1.49
C GLY F 86 11.18 -52.11 -1.19
N SER F 87 10.74 -53.06 -0.37
CA SER F 87 9.35 -53.16 0.02
C SER F 87 9.28 -54.05 1.24
N GLY F 88 8.10 -54.04 1.88
CA GLY F 88 7.85 -54.89 3.03
C GLY F 88 8.76 -54.61 4.20
N ALA F 89 9.71 -55.52 4.42
CA ALA F 89 10.70 -55.35 5.47
C ALA F 89 12.12 -55.34 4.94
N ASP F 90 12.32 -55.20 3.63
CA ASP F 90 13.65 -55.25 3.05
C ASP F 90 13.88 -54.03 2.17
N PHE F 91 14.94 -53.28 2.46
CA PHE F 91 15.19 -52.02 1.80
C PHE F 91 16.68 -51.92 1.49
N THR F 92 17.02 -51.42 0.31
CA THR F 92 18.41 -51.33 -0.10
C THR F 92 18.73 -49.92 -0.59
N LEU F 93 19.95 -49.50 -0.26
CA LEU F 93 20.57 -48.30 -0.79
C LEU F 93 21.80 -48.71 -1.57
N THR F 94 21.78 -48.49 -2.88
CA THR F 94 22.88 -48.91 -3.72
C THR F 94 23.60 -47.70 -4.32
N ILE F 95 24.93 -47.77 -4.27
CA ILE F 95 25.79 -46.75 -4.86
C ILE F 95 26.44 -47.37 -6.10
N SER F 96 26.26 -46.72 -7.25
CA SER F 96 26.74 -47.27 -8.51
C SER F 96 28.26 -47.17 -8.62
N ARG F 97 28.81 -45.99 -8.39
CA ARG F 97 30.25 -45.77 -8.47
C ARG F 97 30.73 -45.10 -7.21
N VAL F 98 31.37 -45.85 -6.33
CA VAL F 98 31.80 -45.37 -5.03
C VAL F 98 32.93 -44.36 -5.22
N GLU F 99 32.70 -43.14 -4.79
CA GLU F 99 33.60 -42.01 -4.80
C GLU F 99 34.21 -41.83 -3.41
N PRO F 100 35.36 -41.16 -3.28
CA PRO F 100 36.05 -41.15 -1.98
C PRO F 100 35.37 -40.36 -0.88
N GLU F 101 34.36 -39.54 -1.20
CA GLU F 101 33.58 -38.91 -0.15
C GLU F 101 32.41 -39.77 0.31
N ASP F 102 32.17 -40.90 -0.35
CA ASP F 102 31.10 -41.81 0.04
C ASP F 102 31.54 -42.81 1.09
N PHE F 103 32.71 -42.62 1.68
CA PHE F 103 33.22 -43.54 2.69
C PHE F 103 32.81 -43.03 4.06
N ALA F 104 31.60 -43.41 4.47
CA ALA F 104 30.97 -42.90 5.67
C ALA F 104 30.01 -43.95 6.20
N THR F 105 29.40 -43.66 7.34
CA THR F 105 28.37 -44.51 7.91
C THR F 105 27.03 -44.14 7.30
N TYR F 106 26.21 -45.13 7.00
CA TYR F 106 24.88 -44.90 6.45
C TYR F 106 23.85 -45.56 7.35
N TYR F 107 22.86 -44.78 7.77
CA TYR F 107 21.80 -45.26 8.66
C TYR F 107 20.47 -45.25 7.94
N CYS F 108 19.68 -46.30 8.12
CA CYS F 108 18.29 -46.27 7.70
C CYS F 108 17.45 -45.77 8.86
N GLN F 109 16.32 -45.15 8.55
CA GLN F 109 15.48 -44.53 9.57
C GLN F 109 14.02 -44.72 9.19
N ARG F 110 13.22 -45.08 10.19
CA ARG F 110 11.84 -45.47 10.00
C ARG F 110 10.91 -44.44 10.61
N TYR F 111 9.98 -43.94 9.79
CA TYR F 111 8.87 -43.12 10.26
C TYR F 111 7.64 -43.99 10.45
N GLY F 112 6.61 -43.40 11.02
CA GLY F 112 5.33 -44.05 11.17
C GLY F 112 4.91 -44.33 12.59
N GLY F 113 5.67 -43.86 13.57
CA GLY F 113 5.33 -44.03 14.96
C GLY F 113 6.39 -43.40 15.84
N THR F 114 6.04 -43.06 17.08
CA THR F 114 7.17 -42.57 17.85
C THR F 114 7.52 -43.57 18.96
N PRO F 115 8.81 -43.80 19.28
CA PRO F 115 10.03 -43.12 18.83
C PRO F 115 10.48 -43.48 17.43
N ILE F 116 10.98 -42.45 16.75
CA ILE F 116 11.71 -42.65 15.50
C ILE F 116 12.95 -43.50 15.79
N THR F 117 13.13 -44.54 15.00
CA THR F 117 14.24 -45.46 15.22
C THR F 117 15.17 -45.48 14.02
N PHE F 118 16.45 -45.64 14.31
CA PHE F 118 17.51 -45.74 13.32
C PHE F 118 17.99 -47.18 13.23
N GLY F 119 18.87 -47.44 12.27
CA GLY F 119 19.14 -48.81 11.91
C GLY F 119 20.50 -49.40 12.22
N GLY F 120 21.28 -48.81 13.10
CA GLY F 120 22.53 -49.43 13.45
C GLY F 120 23.73 -48.95 12.65
N GLY F 121 23.63 -48.95 11.34
CA GLY F 121 24.65 -48.29 10.53
C GLY F 121 25.64 -49.25 9.87
N THR F 122 25.91 -48.99 8.60
CA THR F 122 26.95 -49.70 7.84
C THR F 122 28.02 -48.70 7.45
N THR F 123 29.22 -48.87 7.99
CA THR F 123 30.36 -48.02 7.69
C THR F 123 31.06 -48.55 6.45
N LEU F 124 31.47 -47.66 5.55
CA LEU F 124 32.23 -48.04 4.37
C LEU F 124 33.68 -47.59 4.53
N ASP F 125 34.61 -48.54 4.46
CA ASP F 125 36.03 -48.24 4.39
C ASP F 125 36.57 -48.71 3.04
N LYS F 126 37.72 -48.16 2.65
CA LYS F 126 38.27 -48.45 1.33
C LYS F 126 39.17 -49.68 1.35
N LYS F 127 39.29 -50.32 0.19
CA LYS F 127 40.14 -51.49 0.05
C LYS F 127 41.61 -51.11 -0.09
N VAL G 3 16.96 62.80 5.39
CA VAL G 3 17.23 63.59 4.20
C VAL G 3 18.26 62.89 3.33
N ARG G 4 17.93 62.72 2.06
CA ARG G 4 18.83 62.11 1.10
C ARG G 4 19.29 63.17 0.12
N PRO G 5 20.58 63.47 0.02
CA PRO G 5 21.04 64.43 -0.97
C PRO G 5 21.20 63.80 -2.34
N LEU G 6 21.05 64.64 -3.38
CA LEU G 6 21.23 64.23 -4.76
C LEU G 6 21.68 65.46 -5.53
N SER G 7 22.65 65.31 -6.43
CA SER G 7 23.21 66.45 -7.15
C SER G 7 23.25 66.13 -8.64
N VAL G 8 22.88 67.11 -9.47
CA VAL G 8 22.92 66.99 -10.92
C VAL G 8 23.30 68.36 -11.50
N ALA G 9 23.68 68.37 -12.78
CA ALA G 9 24.18 69.56 -13.45
C ALA G 9 23.09 70.24 -14.27
N LEU G 10 23.35 71.50 -14.63
CA LEU G 10 22.37 72.31 -15.33
C LEU G 10 22.09 71.78 -16.73
N GLY G 11 20.84 71.91 -17.17
CA GLY G 11 20.41 71.47 -18.48
C GLY G 11 20.17 69.97 -18.59
N GLU G 12 20.58 69.19 -17.59
CA GLU G 12 20.39 67.76 -17.60
C GLU G 12 19.03 67.42 -16.99
N THR G 13 18.81 66.14 -16.72
CA THR G 13 17.54 65.63 -16.23
C THR G 13 17.77 64.96 -14.89
N ALA G 14 17.01 65.38 -13.87
CA ALA G 14 17.09 64.76 -12.56
C ALA G 14 16.01 63.70 -12.41
N ARG G 15 16.33 62.65 -11.67
CA ARG G 15 15.44 61.51 -11.51
C ARG G 15 15.43 61.11 -10.04
N ILE G 16 14.43 61.58 -9.31
CA ILE G 16 14.31 61.27 -7.88
C ILE G 16 13.43 60.04 -7.73
N SER G 17 13.95 59.01 -7.08
CA SER G 17 13.18 57.81 -6.83
C SER G 17 12.47 57.92 -5.49
N CYS G 18 11.29 57.31 -5.43
CA CYS G 18 10.58 57.23 -4.15
C CYS G 18 11.31 56.27 -3.22
N GLY G 19 11.36 56.63 -1.94
CA GLY G 19 12.08 55.78 -0.99
C GLY G 19 11.29 54.56 -0.59
N ARG G 20 9.99 54.74 -0.33
CA ARG G 20 9.07 53.64 -0.13
C ARG G 20 8.67 53.09 -1.48
N GLN G 21 8.54 51.78 -1.59
CA GLN G 21 8.02 51.16 -2.80
C GLN G 21 6.67 50.53 -2.54
N ALA G 22 5.84 50.50 -3.57
CA ALA G 22 4.46 50.09 -3.42
C ALA G 22 4.32 48.58 -3.40
N LEU G 23 3.41 48.11 -2.57
CA LEU G 23 2.91 46.75 -2.60
C LEU G 23 1.47 46.87 -3.06
N GLY G 24 1.25 46.96 -4.35
CA GLY G 24 -0.08 47.14 -4.87
C GLY G 24 -0.19 48.39 -5.70
N SER G 25 -1.40 48.66 -6.16
CA SER G 25 -1.67 49.81 -7.02
C SER G 25 -1.50 51.10 -6.25
N ARG G 26 -0.71 52.01 -6.79
CA ARG G 26 -0.32 53.19 -6.03
C ARG G 26 -1.01 54.44 -6.54
N ALA G 27 -0.95 55.48 -5.72
CA ALA G 27 -1.30 56.86 -6.06
C ALA G 27 -0.21 57.70 -5.38
N VAL G 28 0.60 58.36 -6.19
CA VAL G 28 1.81 59.01 -5.70
C VAL G 28 1.68 60.51 -5.93
N GLN G 29 1.88 61.27 -4.86
CA GLN G 29 1.95 62.73 -4.90
C GLN G 29 3.40 63.15 -4.71
N TRP G 30 3.86 64.11 -5.49
CA TRP G 30 5.20 64.66 -5.38
C TRP G 30 5.11 66.10 -4.90
N TYR G 31 5.85 66.43 -3.86
CA TYR G 31 5.85 67.76 -3.28
C TYR G 31 7.23 68.38 -3.39
N GLN G 32 7.26 69.68 -3.66
CA GLN G 32 8.49 70.47 -3.71
C GLN G 32 8.48 71.46 -2.55
N HIS G 33 9.56 71.49 -1.78
CA HIS G 33 9.62 72.33 -0.60
C HIS G 33 10.95 73.08 -0.57
N ARG G 34 10.92 74.36 -0.90
CA ARG G 34 12.05 75.23 -0.65
C ARG G 34 12.02 75.72 0.81
N PRO G 35 13.18 75.91 1.43
CA PRO G 35 13.20 76.46 2.80
C PRO G 35 12.74 77.91 2.80
N GLY G 36 11.80 78.22 3.69
CA GLY G 36 11.19 79.54 3.77
C GLY G 36 9.97 79.71 2.90
N GLN G 37 9.85 78.92 1.84
CA GLN G 37 8.72 78.96 0.93
C GLN G 37 7.69 77.92 1.39
N ALA G 38 6.48 78.02 0.83
CA ALA G 38 5.44 77.04 1.07
C ALA G 38 5.63 75.82 0.18
N PRO G 39 5.20 74.63 0.63
CA PRO G 39 5.28 73.45 -0.23
C PRO G 39 4.35 73.54 -1.42
N ILE G 40 4.80 73.00 -2.55
CA ILE G 40 4.08 73.03 -3.81
C ILE G 40 3.83 71.60 -4.27
N LEU G 41 2.60 71.31 -4.69
CA LEU G 41 2.28 70.01 -5.27
C LEU G 41 2.62 70.03 -6.76
N LEU G 42 3.50 69.12 -7.18
CA LEU G 42 3.91 69.04 -8.57
C LEU G 42 3.15 67.97 -9.34
N ILE G 43 3.05 66.78 -8.76
CA ILE G 43 2.46 65.61 -9.40
C ILE G 43 1.47 65.02 -8.41
N TYR G 44 0.27 64.70 -8.88
CA TYR G 44 -0.67 63.87 -8.13
C TYR G 44 -1.17 62.78 -9.06
N ASN G 45 -1.68 61.69 -8.47
CA ASN G 45 -2.20 60.52 -9.19
C ASN G 45 -1.17 59.93 -10.14
N ASN G 46 0.08 59.87 -9.69
CA ASN G 46 1.26 59.31 -10.32
C ASN G 46 1.78 60.07 -11.53
N GLN G 47 0.95 60.84 -12.23
CA GLN G 47 1.48 61.53 -13.40
C GLN G 47 0.83 62.89 -13.63
N ASP G 48 -0.29 63.18 -12.99
CA ASP G 48 -1.07 64.36 -13.35
C ASP G 48 -0.44 65.62 -12.80
N ARG G 49 -0.31 66.63 -13.65
CA ARG G 49 0.18 67.94 -13.25
C ARG G 49 -0.99 68.88 -13.06
N PRO G 50 -1.06 69.60 -11.94
CA PRO G 50 -2.04 70.68 -11.83
C PRO G 50 -1.62 71.89 -12.64
N SER G 51 -2.53 72.85 -12.76
CA SER G 51 -2.22 74.07 -13.47
C SER G 51 -1.30 74.95 -12.64
N GLY G 52 -0.32 75.56 -13.31
CA GLY G 52 0.74 76.28 -12.62
C GLY G 52 2.02 75.51 -12.48
N ILE G 53 2.10 74.31 -13.02
CA ILE G 53 3.29 73.47 -12.95
C ILE G 53 3.81 73.29 -14.38
N PRO G 54 5.10 73.53 -14.63
CA PRO G 54 5.61 73.43 -16.00
C PRO G 54 5.65 71.98 -16.47
N GLU G 55 5.65 71.82 -17.79
CA GLU G 55 5.70 70.49 -18.41
C GLU G 55 7.14 69.98 -18.52
N ARG G 56 7.88 70.10 -17.41
CA ARG G 56 9.19 69.50 -17.23
C ARG G 56 9.18 68.46 -16.14
N PHE G 57 8.18 68.49 -15.27
CA PHE G 57 8.02 67.51 -14.21
C PHE G 57 7.16 66.36 -14.71
N SER G 58 7.63 65.15 -14.51
CA SER G 58 6.89 63.96 -14.91
C SER G 58 6.91 62.97 -13.78
N GLY G 59 5.84 62.22 -13.63
CA GLY G 59 5.86 61.07 -12.75
C GLY G 59 5.64 59.82 -13.56
N THR G 60 6.09 58.68 -13.07
CA THR G 60 5.89 57.43 -13.80
C THR G 60 4.47 56.95 -13.56
N PRO G 61 3.70 56.67 -14.61
CA PRO G 61 2.33 56.17 -14.42
C PRO G 61 2.30 54.76 -13.84
N ASP G 62 1.21 54.46 -13.14
CA ASP G 62 1.00 53.14 -12.55
C ASP G 62 0.31 52.25 -13.58
N ILE G 63 1.12 51.70 -14.47
CA ILE G 63 0.66 50.83 -15.54
C ILE G 63 1.49 49.56 -15.49
N ASN G 64 0.81 48.41 -15.36
CA ASN G 64 1.43 47.08 -15.39
C ASN G 64 2.46 46.91 -14.26
N PHE G 65 1.92 46.65 -13.06
CA PHE G 65 2.55 46.61 -11.73
C PHE G 65 4.00 46.16 -11.70
N GLY G 66 4.84 46.91 -10.99
CA GLY G 66 6.23 46.58 -10.86
C GLY G 66 7.13 47.79 -11.06
N THR G 67 6.57 48.85 -11.62
CA THR G 67 7.31 50.07 -11.88
C THR G 67 7.61 50.79 -10.58
N ARG G 68 8.69 51.54 -10.57
CA ARG G 68 9.04 52.38 -9.44
C ARG G 68 8.52 53.79 -9.68
N ALA G 69 8.21 54.49 -8.60
CA ALA G 69 7.71 55.85 -8.69
C ALA G 69 8.89 56.80 -8.71
N THR G 70 9.08 57.52 -9.82
CA THR G 70 10.17 58.48 -9.94
C THR G 70 9.62 59.80 -10.46
N LEU G 71 10.17 60.89 -9.92
CA LEU G 71 9.95 62.23 -10.46
C LEU G 71 11.08 62.56 -11.40
N THR G 72 10.72 62.97 -12.62
CA THR G 72 11.65 63.32 -13.68
C THR G 72 11.57 64.83 -13.89
N ILE G 73 12.68 65.52 -13.70
CA ILE G 73 12.78 66.96 -13.92
C ILE G 73 13.64 67.17 -15.16
N SER G 74 13.03 67.70 -16.21
CA SER G 74 13.68 67.88 -17.50
C SER G 74 14.21 69.30 -17.61
N GLY G 75 15.53 69.43 -17.78
CA GLY G 75 16.14 70.74 -17.90
C GLY G 75 16.14 71.49 -16.58
N VAL G 76 16.91 70.99 -15.62
CA VAL G 76 16.87 71.51 -14.25
C VAL G 76 17.48 72.91 -14.20
N GLU G 77 16.68 73.87 -13.73
CA GLU G 77 17.08 75.25 -13.61
C GLU G 77 17.93 75.42 -12.35
N ALA G 78 18.35 76.65 -12.10
CA ALA G 78 18.90 76.97 -10.79
C ALA G 78 17.82 77.00 -9.72
N GLY G 79 16.59 77.33 -10.09
CA GLY G 79 15.47 77.37 -9.16
C GLY G 79 14.90 76.02 -8.78
N ASP G 80 15.12 74.99 -9.59
CA ASP G 80 14.72 73.62 -9.24
C ASP G 80 15.70 73.06 -8.20
N GLU G 81 15.58 73.57 -6.99
CA GLU G 81 16.60 73.44 -5.94
C GLU G 81 15.85 73.47 -4.62
N ALA G 82 15.40 72.31 -4.17
CA ALA G 82 14.52 72.24 -3.01
C ALA G 82 14.59 70.83 -2.43
N ASP G 83 13.69 70.56 -1.50
CA ASP G 83 13.44 69.21 -1.02
C ASP G 83 12.30 68.62 -1.82
N TYR G 84 12.34 67.31 -2.02
CA TYR G 84 11.29 66.63 -2.78
C TYR G 84 10.74 65.48 -1.97
N TYR G 85 9.43 65.50 -1.77
CA TYR G 85 8.73 64.47 -1.00
C TYR G 85 7.90 63.61 -1.92
N CYS G 86 7.93 62.30 -1.69
CA CYS G 86 7.09 61.35 -2.41
C CYS G 86 6.08 60.81 -1.42
N HIS G 87 4.89 61.39 -1.41
CA HIS G 87 3.77 60.88 -0.64
C HIS G 87 3.17 59.69 -1.39
N MET G 88 3.51 58.49 -0.96
CA MET G 88 3.14 57.26 -1.65
C MET G 88 1.95 56.64 -0.93
N TRP G 89 0.88 56.36 -1.68
CA TRP G 89 -0.26 55.61 -1.19
C TRP G 89 -0.39 54.36 -2.03
N ASP G 90 -0.78 53.24 -1.41
CA ASP G 90 -1.05 52.04 -2.19
C ASP G 90 -2.13 51.21 -1.51
N SER G 91 -2.43 50.06 -2.12
CA SER G 91 -3.58 49.26 -1.76
C SER G 91 -3.37 48.44 -0.49
N ARG G 92 -2.13 48.11 -0.16
CA ARG G 92 -1.87 47.20 0.94
C ARG G 92 -1.11 47.85 2.09
N SER G 93 -1.16 49.17 2.22
CA SER G 93 -0.36 49.86 3.23
C SER G 93 -1.20 50.69 4.18
N GLY G 94 -2.50 50.80 3.94
CA GLY G 94 -3.31 51.63 4.81
C GLY G 94 -3.09 53.09 4.55
N PHE G 95 -3.50 53.90 5.53
CA PHE G 95 -3.36 55.34 5.43
C PHE G 95 -1.91 55.76 5.50
N SER G 96 -1.51 56.64 4.60
CA SER G 96 -0.12 57.07 4.50
C SER G 96 0.01 58.41 5.21
N TRP G 97 0.40 58.35 6.49
CA TRP G 97 0.60 59.55 7.29
C TRP G 97 1.95 60.19 7.06
N SER G 98 2.94 59.41 6.63
CA SER G 98 4.29 59.90 6.43
C SER G 98 4.45 60.50 5.05
N PHE G 99 5.14 61.62 4.97
CA PHE G 99 5.55 62.17 3.69
C PHE G 99 6.81 61.51 3.15
N GLY G 100 7.45 60.65 3.93
CA GLY G 100 8.67 60.02 3.54
C GLY G 100 9.88 60.91 3.77
N GLY G 101 11.05 60.36 3.51
CA GLY G 101 12.28 61.14 3.57
C GLY G 101 12.38 62.05 2.36
N ALA G 102 12.92 63.24 2.57
CA ALA G 102 13.05 64.19 1.48
C ALA G 102 14.27 63.87 0.63
N THR G 103 14.32 64.49 -0.54
CA THR G 103 15.48 64.40 -1.42
C THR G 103 15.91 65.82 -1.75
N ARG G 104 17.06 66.22 -1.24
CA ARG G 104 17.57 67.56 -1.46
C ARG G 104 18.30 67.58 -2.79
N LEU G 105 17.71 68.24 -3.78
CA LEU G 105 18.33 68.38 -5.08
C LEU G 105 19.35 69.51 -5.03
N THR G 106 20.50 69.29 -5.64
CA THR G 106 21.57 70.26 -5.72
C THR G 106 21.97 70.41 -7.18
N VAL G 107 21.82 71.57 -7.71
CA VAL G 107 22.22 71.81 -9.10
C VAL G 107 23.63 72.38 -9.10
N LEU G 108 24.43 71.94 -10.06
CA LEU G 108 25.87 72.16 -10.06
C LEU G 108 26.26 73.26 -11.04
N GLY G 109 26.40 74.48 -10.53
CA GLY G 109 26.84 75.60 -11.34
C GLY G 109 25.85 76.76 -11.37
N GLY H 21 6.41 19.91 -22.90
CA GLY H 21 5.93 21.24 -22.60
C GLY H 21 6.88 22.34 -23.02
N ARG H 22 7.81 22.69 -22.13
CA ARG H 22 8.86 23.63 -22.45
C ARG H 22 10.10 23.28 -21.66
N LEU H 23 11.19 23.96 -21.97
CA LEU H 23 12.44 23.81 -21.27
C LEU H 23 12.90 25.18 -20.79
N PHE H 24 13.49 25.22 -19.61
CA PHE H 24 13.80 26.44 -18.91
C PHE H 24 15.30 26.57 -18.80
N GLN H 25 15.87 27.57 -19.45
CA GLN H 25 17.30 27.77 -19.47
C GLN H 25 17.72 28.86 -18.49
N SER H 26 19.00 28.89 -18.19
CA SER H 26 19.56 29.90 -17.32
C SER H 26 19.75 31.21 -18.07
N GLY H 27 20.11 32.26 -17.34
CA GLY H 27 20.16 33.61 -17.88
C GLY H 27 21.37 33.88 -18.73
N ALA H 28 21.28 34.98 -19.47
CA ALA H 28 22.32 35.40 -20.40
C ALA H 28 23.64 35.72 -19.69
N GLU H 29 24.73 35.47 -20.39
CA GLU H 29 26.07 35.51 -19.81
C GLU H 29 26.99 36.41 -20.62
N VAL H 30 27.84 37.15 -19.92
CA VAL H 30 28.91 37.93 -20.52
C VAL H 30 30.21 37.41 -19.95
N LYS H 31 31.12 37.00 -20.82
CA LYS H 31 32.32 36.28 -20.42
C LYS H 31 33.54 36.89 -21.12
N ARG H 32 34.64 36.69 -20.54
CA ARG H 32 35.94 37.06 -21.04
C ARG H 32 36.47 35.98 -21.98
N PRO H 33 37.33 36.33 -22.93
CA PRO H 33 37.96 35.29 -23.76
C PRO H 33 38.92 34.44 -22.94
N GLY H 34 38.78 33.13 -23.08
CA GLY H 34 39.56 32.19 -22.29
C GLY H 34 38.84 31.65 -21.08
N ALA H 35 37.65 32.14 -20.78
CA ALA H 35 36.89 31.70 -19.61
C ALA H 35 35.99 30.53 -19.98
N SER H 36 35.10 30.14 -19.08
CA SER H 36 34.17 29.05 -19.30
C SER H 36 32.77 29.50 -18.92
N VAL H 37 31.78 28.97 -19.61
CA VAL H 37 30.38 29.28 -19.36
C VAL H 37 29.66 27.99 -18.99
N ARG H 38 28.68 28.09 -18.09
CA ARG H 38 27.89 26.95 -17.63
C ARG H 38 26.42 27.28 -17.75
N ILE H 39 25.72 26.60 -18.64
CA ILE H 39 24.31 26.81 -18.91
C ILE H 39 23.51 25.64 -18.37
N SER H 40 22.34 25.92 -17.80
CA SER H 40 21.44 24.92 -17.25
C SER H 40 20.22 24.75 -18.16
N CYS H 41 19.58 23.59 -18.06
CA CYS H 41 18.36 23.30 -18.79
C CYS H 41 17.49 22.41 -17.91
N ARG H 42 16.28 22.86 -17.64
CA ARG H 42 15.34 22.14 -16.80
C ARG H 42 14.02 22.02 -17.53
N ALA H 43 13.29 20.95 -17.26
CA ALA H 43 11.96 20.81 -17.82
C ALA H 43 10.88 21.35 -16.89
N ASP H 44 11.28 21.83 -15.72
CA ASP H 44 10.37 22.22 -14.66
C ASP H 44 11.15 23.13 -13.74
N ASP H 45 10.66 24.34 -13.53
CA ASP H 45 11.35 25.27 -12.65
C ASP H 45 11.12 24.96 -11.15
N ASP H 46 10.25 24.02 -10.84
CA ASP H 46 10.13 23.48 -9.48
C ASP H 46 11.41 22.77 -9.09
N PRO H 47 12.07 23.16 -7.99
CA PRO H 47 13.34 22.51 -7.64
C PRO H 47 13.19 21.10 -7.12
N TYR H 48 12.04 20.76 -6.57
CA TYR H 48 11.81 19.43 -6.01
C TYR H 48 10.84 18.63 -6.89
N THR H 49 10.95 18.86 -8.20
CA THR H 49 10.10 18.25 -9.19
C THR H 49 10.39 16.75 -9.35
N ASP H 50 9.46 16.07 -10.02
CA ASP H 50 9.52 14.63 -10.25
C ASP H 50 9.44 14.34 -11.74
N ASP H 51 9.98 15.24 -12.56
CA ASP H 51 9.58 15.38 -13.96
C ASP H 51 9.96 14.21 -14.85
N ASP H 52 11.19 13.71 -14.76
CA ASP H 52 11.77 12.55 -15.46
C ASP H 52 11.91 12.74 -16.96
N THR H 53 11.97 13.99 -17.44
CA THR H 53 12.27 14.27 -18.84
C THR H 53 13.67 13.78 -19.22
N PHE H 54 14.65 14.01 -18.37
CA PHE H 54 16.04 13.72 -18.67
C PHE H 54 16.40 12.28 -18.40
N THR H 55 15.47 11.47 -17.94
CA THR H 55 15.66 10.03 -17.94
C THR H 55 14.94 9.34 -19.06
N LYS H 56 14.08 10.03 -19.80
CA LYS H 56 13.39 9.47 -20.95
C LYS H 56 13.89 10.00 -22.28
N TYR H 57 14.45 11.20 -22.34
CA TYR H 57 14.77 11.85 -23.60
C TYR H 57 16.22 12.26 -23.64
N TRP H 58 16.70 12.45 -24.86
CA TRP H 58 18.01 13.01 -25.15
C TRP H 58 17.89 14.53 -25.23
N THR H 59 18.95 15.23 -24.84
CA THR H 59 18.94 16.68 -24.87
C THR H 59 20.08 17.15 -25.74
N HIS H 60 19.75 17.74 -26.88
CA HIS H 60 20.72 18.37 -27.76
C HIS H 60 21.02 19.77 -27.29
N TRP H 61 22.25 20.20 -27.55
CA TRP H 61 22.69 21.56 -27.29
C TRP H 61 23.11 22.17 -28.61
N ILE H 62 22.48 23.30 -28.96
CA ILE H 62 22.56 23.86 -30.31
C ILE H 62 22.76 25.36 -30.18
N ARG H 63 23.80 25.88 -30.79
CA ARG H 63 24.01 27.32 -30.75
C ARG H 63 23.75 27.93 -32.12
N GLN H 64 23.42 29.21 -32.10
CA GLN H 64 23.29 30.01 -33.31
C GLN H 64 24.01 31.33 -33.07
N ALA H 65 25.13 31.51 -33.76
CA ALA H 65 25.79 32.81 -33.82
C ALA H 65 25.00 33.72 -34.75
N PRO H 66 25.10 35.05 -34.57
CA PRO H 66 24.38 35.97 -35.47
C PRO H 66 24.92 35.92 -36.89
N GLY H 67 24.03 35.69 -37.84
CA GLY H 67 24.40 35.57 -39.23
C GLY H 67 24.77 34.18 -39.70
N GLN H 68 24.54 33.14 -38.91
CA GLN H 68 24.90 31.78 -39.29
C GLN H 68 23.73 30.83 -39.02
N ARG H 69 23.85 29.64 -39.57
CA ARG H 69 22.92 28.55 -39.35
C ARG H 69 23.14 27.95 -37.96
N PRO H 70 22.15 27.23 -37.42
CA PRO H 70 22.35 26.58 -36.12
C PRO H 70 23.42 25.51 -36.17
N GLU H 71 24.22 25.45 -35.12
CA GLU H 71 25.33 24.51 -35.01
C GLU H 71 25.12 23.60 -33.82
N TRP H 72 25.13 22.30 -34.06
CA TRP H 72 24.95 21.29 -33.03
C TRP H 72 26.26 21.11 -32.27
N LEU H 73 26.18 21.08 -30.95
CA LEU H 73 27.35 20.93 -30.10
C LEU H 73 27.48 19.54 -29.52
N GLY H 74 26.37 18.94 -29.14
CA GLY H 74 26.41 17.65 -28.49
C GLY H 74 25.01 17.26 -28.10
N VAL H 75 24.92 16.05 -27.57
CA VAL H 75 23.65 15.53 -27.08
C VAL H 75 23.96 14.68 -25.84
N ILE H 76 23.13 14.79 -24.83
CA ILE H 76 23.28 13.97 -23.65
C ILE H 76 22.15 12.94 -23.65
N SER H 77 22.48 11.73 -23.27
CA SER H 77 21.65 10.55 -23.31
C SER H 77 20.85 10.42 -22.03
N PRO H 78 19.61 9.92 -22.09
CA PRO H 78 18.85 9.66 -20.87
C PRO H 78 19.34 8.46 -20.08
N HIS H 79 20.28 7.70 -20.60
CA HIS H 79 20.47 6.35 -20.12
C HIS H 79 21.33 6.32 -18.87
N PHE H 80 22.53 6.88 -18.92
CA PHE H 80 23.19 7.26 -17.66
C PHE H 80 23.95 8.53 -17.87
N ALA H 81 23.30 9.50 -18.52
CA ALA H 81 23.84 10.84 -18.80
C ALA H 81 25.06 10.81 -19.70
N ARG H 82 25.14 9.82 -20.58
CA ARG H 82 26.29 9.63 -21.46
C ARG H 82 26.29 10.67 -22.59
N PRO H 83 27.37 11.41 -22.77
CA PRO H 83 27.38 12.45 -23.80
C PRO H 83 27.97 12.00 -25.13
N ILE H 84 27.39 12.52 -26.21
CA ILE H 84 27.98 12.44 -27.53
C ILE H 84 28.33 13.85 -27.95
N TYR H 85 29.59 14.07 -28.24
CA TYR H 85 30.09 15.40 -28.59
C TYR H 85 30.26 15.53 -30.09
N SER H 86 30.15 16.77 -30.56
CA SER H 86 30.66 17.11 -31.87
C SER H 86 32.18 17.14 -31.80
N TYR H 87 32.83 16.72 -32.88
CA TYR H 87 34.28 16.55 -32.85
C TYR H 87 35.01 17.89 -32.77
N LYS H 88 34.39 18.96 -33.25
CA LYS H 88 35.02 20.26 -33.18
C LYS H 88 34.92 20.90 -31.82
N PHE H 89 34.09 20.37 -30.93
CA PHE H 89 33.92 20.91 -29.58
C PHE H 89 34.39 19.93 -28.53
N ARG H 90 34.87 18.76 -28.93
CA ARG H 90 35.12 17.64 -28.02
C ARG H 90 36.17 17.91 -26.96
N ASP H 91 37.12 18.80 -27.21
CA ASP H 91 38.16 19.06 -26.22
C ASP H 91 37.80 20.14 -25.22
N ARG H 92 36.81 20.99 -25.51
CA ARG H 92 36.46 22.06 -24.58
C ARG H 92 34.97 22.09 -24.23
N LEU H 93 34.24 20.99 -24.41
CA LEU H 93 32.82 20.94 -24.05
C LEU H 93 32.59 19.80 -23.08
N THR H 94 31.76 20.05 -22.08
CA THR H 94 31.35 19.02 -21.14
C THR H 94 29.84 19.08 -21.03
N LEU H 95 29.19 17.93 -21.04
CA LEU H 95 27.75 17.82 -20.90
C LEU H 95 27.43 16.93 -19.71
N THR H 96 26.74 17.48 -18.73
CA THR H 96 26.44 16.69 -17.54
C THR H 96 24.96 16.73 -17.23
N ARG H 97 24.53 15.80 -16.40
CA ARG H 97 23.22 15.80 -15.76
C ARG H 97 23.48 15.80 -14.27
N ASP H 98 22.63 16.51 -13.50
CA ASP H 98 22.90 16.53 -12.08
C ASP H 98 22.38 15.27 -11.41
N SER H 99 22.78 15.09 -10.14
CA SER H 99 22.52 13.86 -9.42
C SER H 99 21.07 13.70 -9.02
N SER H 100 20.29 14.77 -9.03
CA SER H 100 18.85 14.69 -8.82
C SER H 100 18.11 14.23 -10.07
N LEU H 101 18.81 14.18 -11.21
CA LEU H 101 18.36 13.75 -12.54
C LEU H 101 17.34 14.69 -13.17
N THR H 102 17.27 15.94 -12.75
CA THR H 102 16.22 16.85 -13.20
C THR H 102 16.75 18.10 -13.89
N ALA H 103 18.05 18.21 -14.10
CA ALA H 103 18.61 19.30 -14.88
C ALA H 103 19.79 18.77 -15.69
N VAL H 104 20.04 19.38 -16.84
CA VAL H 104 21.24 19.07 -17.61
C VAL H 104 22.02 20.35 -17.83
N TYR H 105 23.34 20.21 -17.96
CA TYR H 105 24.25 21.34 -18.00
C TYR H 105 25.20 21.24 -19.18
N LEU H 106 25.43 22.37 -19.81
CA LEU H 106 26.49 22.56 -20.78
C LEU H 106 27.60 23.36 -20.11
N GLU H 107 28.84 22.96 -20.34
CA GLU H 107 29.99 23.72 -19.88
C GLU H 107 30.94 23.88 -21.05
N LEU H 108 31.13 25.10 -21.51
CA LEU H 108 32.01 25.39 -22.63
C LEU H 108 33.22 26.16 -22.10
N LYS H 109 34.38 25.53 -22.18
CA LYS H 109 35.64 26.12 -21.71
C LYS H 109 36.41 26.75 -22.86
N GLY H 110 37.36 27.61 -22.49
CA GLY H 110 38.28 28.23 -23.43
C GLY H 110 37.61 29.12 -24.43
N LEU H 111 36.78 30.04 -23.95
CA LEU H 111 35.87 30.79 -24.80
C LEU H 111 36.61 31.77 -25.69
N GLN H 112 36.06 31.99 -26.88
CA GLN H 112 36.60 32.88 -27.88
C GLN H 112 35.44 33.72 -28.40
N PRO H 113 35.73 34.85 -29.05
CA PRO H 113 34.64 35.67 -29.60
C PRO H 113 33.76 35.01 -30.66
N ASP H 114 34.20 33.91 -31.28
CA ASP H 114 33.33 33.16 -32.17
C ASP H 114 32.40 32.20 -31.44
N ASP H 115 32.50 32.11 -30.12
CA ASP H 115 31.58 31.32 -29.31
C ASP H 115 30.40 32.13 -28.82
N SER H 116 30.29 33.38 -29.22
CA SER H 116 29.13 34.19 -28.89
C SER H 116 27.93 33.73 -29.70
N GLY H 117 26.76 33.76 -29.09
CA GLY H 117 25.56 33.36 -29.78
C GLY H 117 24.47 32.96 -28.79
N ILE H 118 23.37 32.48 -29.34
CA ILE H 118 22.26 32.00 -28.53
C ILE H 118 22.35 30.48 -28.43
N TYR H 119 22.23 29.96 -27.23
CA TYR H 119 22.38 28.53 -26.98
C TYR H 119 21.04 27.94 -26.58
N PHE H 120 20.64 26.86 -27.23
CA PHE H 120 19.38 26.19 -26.99
C PHE H 120 19.64 24.78 -26.50
N CYS H 121 18.76 24.30 -25.65
CA CYS H 121 18.63 22.89 -25.38
C CYS H 121 17.35 22.42 -26.06
N ALA H 122 17.35 21.16 -26.49
CA ALA H 122 16.22 20.62 -27.22
C ALA H 122 16.02 19.19 -26.81
N ARG H 123 14.77 18.77 -26.73
CA ARG H 123 14.40 17.46 -26.24
C ARG H 123 14.10 16.54 -27.42
N ASP H 124 14.54 15.30 -27.35
CA ASP H 124 14.48 14.42 -28.52
C ASP H 124 14.33 12.98 -28.06
N PRO H 125 13.36 12.22 -28.57
CA PRO H 125 13.39 10.77 -28.35
C PRO H 125 14.60 10.11 -28.99
N PHE H 126 15.01 10.61 -30.15
CA PHE H 126 16.28 10.29 -30.81
C PHE H 126 16.35 8.82 -31.23
N GLY H 127 15.28 8.34 -31.83
CA GLY H 127 15.24 7.01 -32.41
C GLY H 127 15.27 5.89 -31.41
N ASP H 128 14.83 6.14 -30.17
CA ASP H 128 14.96 5.19 -29.10
C ASP H 128 13.65 4.76 -28.47
N ARG H 129 12.55 5.46 -28.70
CA ARG H 129 11.30 5.10 -28.07
C ARG H 129 10.59 3.99 -28.84
N ALA H 130 10.11 3.01 -28.10
CA ALA H 130 9.78 1.66 -28.52
C ALA H 130 8.70 1.45 -29.59
N PRO H 131 7.60 2.22 -29.69
CA PRO H 131 6.71 1.94 -30.81
C PRO H 131 7.27 2.39 -32.16
N HIS H 132 7.63 3.66 -32.32
CA HIS H 132 7.87 4.20 -33.65
C HIS H 132 9.32 4.55 -33.94
N TYR H 133 10.11 4.90 -32.92
CA TYR H 133 11.54 5.26 -33.04
C TYR H 133 11.75 6.44 -33.97
N ASN H 134 11.09 7.54 -33.65
CA ASN H 134 11.18 8.77 -34.42
C ASN H 134 12.33 9.63 -33.94
N TYR H 135 12.64 10.64 -34.74
CA TYR H 135 13.69 11.61 -34.43
C TYR H 135 13.09 12.98 -34.61
N HIS H 136 12.93 13.73 -33.51
CA HIS H 136 12.47 15.10 -33.62
C HIS H 136 12.84 15.87 -32.36
N MET H 137 13.47 17.02 -32.54
CA MET H 137 13.65 17.97 -31.44
C MET H 137 12.31 18.67 -31.24
N ASP H 138 11.46 18.06 -30.42
CA ASP H 138 10.07 18.49 -30.39
C ASP H 138 9.82 19.58 -29.37
N VAL H 139 10.58 19.62 -28.29
CA VAL H 139 10.44 20.64 -27.26
C VAL H 139 11.75 21.41 -27.21
N TRP H 140 11.72 22.68 -27.54
CA TRP H 140 12.91 23.52 -27.47
C TRP H 140 12.85 24.38 -26.23
N GLY H 141 14.01 24.84 -25.81
CA GLY H 141 14.00 25.76 -24.71
C GLY H 141 14.61 27.08 -25.06
N GLY H 142 13.83 28.15 -25.01
CA GLY H 142 14.30 29.48 -24.68
C GLY H 142 15.40 30.08 -25.51
N GLY H 143 16.59 30.02 -24.94
CA GLY H 143 17.79 30.50 -25.56
C GLY H 143 18.57 31.32 -24.55
N THR H 144 19.81 30.93 -24.32
CA THR H 144 20.71 31.67 -23.43
C THR H 144 21.68 32.43 -24.32
N ALA H 145 21.61 33.75 -24.27
CA ALA H 145 22.56 34.59 -24.99
C ALA H 145 23.90 34.55 -24.28
N VAL H 146 24.97 34.27 -25.00
CA VAL H 146 26.33 34.26 -24.46
C VAL H 146 27.16 35.22 -25.29
N ILE H 147 27.74 36.21 -24.63
CA ILE H 147 28.59 37.21 -25.27
C ILE H 147 29.99 37.00 -24.73
N VAL H 148 30.97 36.93 -25.63
CA VAL H 148 32.37 36.78 -25.27
C VAL H 148 33.13 37.97 -25.86
N SER H 149 33.55 38.90 -25.00
CA SER H 149 34.32 40.06 -25.43
C SER H 149 35.06 40.64 -24.23
N SER H 150 35.82 41.70 -24.49
CA SER H 150 36.52 42.44 -23.44
C SER H 150 36.16 43.92 -23.46
N VAL I 3 -17.30 15.07 61.00
CA VAL I 3 -18.69 15.05 61.44
C VAL I 3 -19.55 15.85 60.48
N ARG I 4 -20.67 15.27 60.07
CA ARG I 4 -21.63 15.90 59.19
C ARG I 4 -22.96 16.04 59.92
N PRO I 5 -23.45 17.25 60.16
CA PRO I 5 -24.76 17.40 60.80
C PRO I 5 -25.90 17.29 59.79
N LEU I 6 -27.03 16.81 60.29
CA LEU I 6 -28.25 16.72 59.49
C LEU I 6 -29.44 16.82 60.42
N SER I 7 -30.44 17.62 60.04
CA SER I 7 -31.57 17.93 60.91
C SER I 7 -32.88 17.53 60.22
N VAL I 8 -33.78 16.89 60.97
CA VAL I 8 -35.03 16.32 60.47
C VAL I 8 -36.13 16.56 61.52
N ALA I 9 -37.31 16.96 61.06
CA ALA I 9 -38.44 17.22 61.93
C ALA I 9 -39.08 15.92 62.42
N LEU I 10 -39.86 16.02 63.50
CA LEU I 10 -40.48 14.86 64.11
C LEU I 10 -41.53 14.24 63.19
N GLY I 11 -41.61 12.92 63.20
CA GLY I 11 -42.53 12.19 62.36
C GLY I 11 -42.15 12.11 60.89
N GLU I 12 -41.11 12.81 60.47
CA GLU I 12 -40.61 12.73 59.11
C GLU I 12 -39.74 11.49 58.96
N THR I 13 -39.08 11.37 57.81
CA THR I 13 -38.19 10.25 57.53
C THR I 13 -36.80 10.80 57.23
N ALA I 14 -35.83 10.40 58.02
CA ALA I 14 -34.45 10.79 57.81
C ALA I 14 -33.75 9.80 56.89
N ARG I 15 -32.84 10.32 56.06
CA ARG I 15 -32.16 9.50 55.06
C ARG I 15 -30.68 9.85 55.09
N ILE I 16 -29.91 9.07 55.84
CA ILE I 16 -28.48 9.30 55.98
C ILE I 16 -27.77 8.53 54.87
N SER I 17 -27.05 9.25 54.03
CA SER I 17 -26.27 8.65 52.96
C SER I 17 -24.90 8.25 53.48
N CYS I 18 -24.37 7.17 52.92
CA CYS I 18 -23.00 6.78 53.24
C CYS I 18 -22.04 7.77 52.61
N GLY I 19 -20.99 8.14 53.35
CA GLY I 19 -20.04 9.09 52.83
C GLY I 19 -19.11 8.49 51.80
N ARG I 20 -18.78 7.22 51.97
CA ARG I 20 -17.94 6.49 51.03
C ARG I 20 -18.82 5.84 49.96
N GLN I 21 -18.31 5.76 48.75
CA GLN I 21 -19.00 5.11 47.65
C GLN I 21 -18.38 3.73 47.42
N ALA I 22 -19.22 2.76 47.09
CA ALA I 22 -18.73 1.42 46.84
C ALA I 22 -18.27 1.28 45.41
N LEU I 23 -17.17 0.54 45.23
CA LEU I 23 -16.67 0.12 43.93
C LEU I 23 -16.78 -1.39 43.98
N GLY I 24 -17.90 -1.94 43.55
CA GLY I 24 -18.09 -3.36 43.65
C GLY I 24 -19.19 -3.71 44.61
N SER I 25 -19.40 -5.01 44.82
CA SER I 25 -20.45 -5.49 45.71
C SER I 25 -20.13 -5.13 47.15
N ARG I 26 -21.10 -4.56 47.85
CA ARG I 26 -20.83 -4.07 49.19
C ARG I 26 -21.49 -4.93 50.26
N ALA I 27 -21.03 -4.71 51.49
CA ALA I 27 -21.67 -5.16 52.72
C ALA I 27 -21.54 -3.98 53.67
N VAL I 28 -22.69 -3.41 54.03
CA VAL I 28 -22.73 -2.15 54.76
C VAL I 28 -23.33 -2.38 56.13
N GLN I 29 -22.60 -1.99 57.16
CA GLN I 29 -23.08 -1.99 58.54
C GLN I 29 -23.38 -0.56 58.95
N TRP I 30 -24.46 -0.36 59.69
CA TRP I 30 -24.86 0.95 60.18
C TRP I 30 -24.83 0.93 61.70
N TYR I 31 -24.15 1.92 62.28
CA TYR I 31 -24.00 2.00 63.73
C TYR I 31 -24.62 3.29 64.24
N GLN I 32 -25.27 3.19 65.40
CA GLN I 32 -25.83 4.33 66.11
C GLN I 32 -25.05 4.54 67.40
N HIS I 33 -24.54 5.75 67.60
CA HIS I 33 -23.71 6.05 68.76
C HIS I 33 -24.21 7.32 69.45
N ARG I 34 -24.90 7.14 70.56
CA ARG I 34 -25.21 8.27 71.43
C ARG I 34 -24.01 8.57 72.34
N PRO I 35 -23.79 9.84 72.68
CA PRO I 35 -22.68 10.17 73.60
C PRO I 35 -22.97 9.64 75.00
N GLY I 36 -21.98 8.96 75.57
CA GLY I 36 -22.11 8.35 76.87
C GLY I 36 -22.69 6.94 76.84
N GLN I 37 -23.34 6.58 75.74
CA GLN I 37 -23.97 5.27 75.58
C GLN I 37 -23.04 4.40 74.73
N ALA I 38 -23.33 3.11 74.69
CA ALA I 38 -22.61 2.17 73.85
C ALA I 38 -23.07 2.29 72.40
N PRO I 39 -22.19 2.00 71.45
CA PRO I 39 -22.64 1.94 70.04
C PRO I 39 -23.56 0.75 69.80
N ILE I 40 -24.52 0.95 68.91
CA ILE I 40 -25.57 -0.02 68.62
C ILE I 40 -25.53 -0.35 67.13
N LEU I 41 -25.51 -1.64 66.80
CA LEU I 41 -25.59 -2.07 65.41
C LEU I 41 -27.05 -2.07 64.98
N LEU I 42 -27.38 -1.26 63.97
CA LEU I 42 -28.75 -1.15 63.48
C LEU I 42 -29.00 -2.06 62.29
N ILE I 43 -28.10 -2.02 61.30
CA ILE I 43 -28.23 -2.71 60.03
C ILE I 43 -26.91 -3.40 59.75
N TYR I 44 -26.96 -4.66 59.33
CA TYR I 44 -25.79 -5.33 58.78
C TYR I 44 -26.20 -6.02 57.49
N ASN I 45 -25.20 -6.32 56.65
CA ASN I 45 -25.39 -6.97 55.34
C ASN I 45 -26.36 -6.17 54.46
N ASN I 46 -26.21 -4.85 54.49
CA ASN I 46 -26.88 -3.82 53.71
C ASN I 46 -28.36 -3.63 54.05
N GLN I 47 -29.01 -4.63 54.62
CA GLN I 47 -30.43 -4.50 54.92
C GLN I 47 -30.90 -5.25 56.16
N ASP I 48 -30.12 -6.17 56.72
CA ASP I 48 -30.63 -7.02 57.77
C ASP I 48 -30.59 -6.33 59.12
N ARG I 49 -31.72 -6.36 59.81
CA ARG I 49 -31.83 -5.87 61.17
C ARG I 49 -31.59 -7.00 62.16
N PRO I 50 -30.72 -6.84 63.13
CA PRO I 50 -30.69 -7.79 64.24
C PRO I 50 -31.91 -7.66 65.11
N SER I 51 -32.18 -8.71 65.89
CA SER I 51 -33.34 -8.72 66.77
C SER I 51 -33.11 -7.75 67.93
N GLY I 52 -34.13 -6.95 68.22
CA GLY I 52 -33.99 -5.85 69.15
C GLY I 52 -33.86 -4.50 68.49
N ILE I 53 -33.98 -4.43 67.17
CA ILE I 53 -33.92 -3.19 66.41
C ILE I 53 -35.30 -2.97 65.79
N PRO I 54 -35.90 -1.79 65.94
CA PRO I 54 -37.26 -1.61 65.44
C PRO I 54 -37.32 -1.57 63.93
N GLU I 55 -38.50 -1.89 63.39
CA GLU I 55 -38.72 -1.94 61.94
C GLU I 55 -39.01 -0.55 61.38
N ARG I 56 -38.21 0.42 61.78
CA ARG I 56 -38.18 1.77 61.23
C ARG I 56 -36.87 2.08 60.56
N PHE I 57 -35.83 1.30 60.84
CA PHE I 57 -34.54 1.45 60.20
C PHE I 57 -34.48 0.53 58.99
N SER I 58 -34.05 1.09 57.87
CA SER I 58 -33.90 0.32 56.65
C SER I 58 -32.55 0.65 56.03
N GLY I 59 -31.94 -0.33 55.38
CA GLY I 59 -30.80 -0.04 54.54
C GLY I 59 -31.18 -0.30 53.10
N THR I 60 -30.39 0.18 52.16
CA THR I 60 -30.67 -0.15 50.78
C THR I 60 -29.98 -1.46 50.42
N PRO I 61 -30.71 -2.43 49.87
CA PRO I 61 -30.08 -3.69 49.49
C PRO I 61 -29.14 -3.54 48.30
N ASP I 62 -28.10 -4.37 48.29
CA ASP I 62 -27.14 -4.39 47.20
C ASP I 62 -27.69 -5.30 46.10
N ILE I 63 -28.54 -4.70 45.27
CA ILE I 63 -29.16 -5.36 44.13
C ILE I 63 -28.98 -4.45 42.93
N ASN I 64 -28.38 -4.99 41.85
CA ASN I 64 -28.17 -4.28 40.58
C ASN I 64 -27.30 -3.03 40.78
N PHE I 65 -25.98 -3.30 40.85
CA PHE I 65 -24.88 -2.39 41.19
C PHE I 65 -25.06 -0.97 40.67
N GLY I 66 -24.84 -0.01 41.56
CA GLY I 66 -24.97 1.39 41.23
C GLY I 66 -25.74 2.15 42.30
N THR I 67 -26.37 1.43 43.21
CA THR I 67 -27.17 2.03 44.26
C THR I 67 -26.28 2.53 45.38
N ARG I 68 -26.65 3.66 45.95
CA ARG I 68 -25.95 4.20 47.11
C ARG I 68 -26.52 3.61 48.39
N ALA I 69 -25.68 3.50 49.40
CA ALA I 69 -26.07 2.94 50.68
C ALA I 69 -26.63 4.04 51.57
N THR I 70 -27.91 3.98 51.90
CA THR I 70 -28.54 4.95 52.79
C THR I 70 -29.27 4.23 53.90
N LEU I 71 -29.18 4.78 55.10
CA LEU I 71 -30.00 4.37 56.22
C LEU I 71 -31.25 5.24 56.24
N THR I 72 -32.41 4.59 56.33
CA THR I 72 -33.71 5.25 56.32
C THR I 72 -34.33 5.06 57.69
N ILE I 73 -34.68 6.16 58.35
CA ILE I 73 -35.35 6.15 59.65
C ILE I 73 -36.73 6.75 59.42
N SER I 74 -37.76 5.90 59.48
CA SER I 74 -39.13 6.34 59.29
C SER I 74 -39.77 6.63 60.63
N GLY I 75 -40.35 7.82 60.77
CA GLY I 75 -40.97 8.23 62.01
C GLY I 75 -39.95 8.45 63.10
N VAL I 76 -39.13 9.49 62.93
CA VAL I 76 -38.00 9.71 63.83
C VAL I 76 -38.51 10.18 65.19
N GLU I 77 -38.11 9.46 66.24
CA GLU I 77 -38.50 9.79 67.59
C GLU I 77 -37.64 10.94 68.11
N ALA I 78 -37.90 11.35 69.35
CA ALA I 78 -37.00 12.29 69.98
C ALA I 78 -35.68 11.63 70.35
N GLY I 79 -35.71 10.32 70.63
CA GLY I 79 -34.50 9.60 70.99
C GLY I 79 -33.61 9.21 69.83
N ASP I 80 -34.15 9.15 68.62
CA ASP I 80 -33.34 8.85 67.43
C ASP I 80 -32.55 10.08 66.98
N GLU I 81 -31.59 10.47 67.80
CA GLU I 81 -30.64 11.52 67.42
C GLU I 81 -29.33 11.12 68.10
N ALA I 82 -28.35 10.81 67.27
CA ALA I 82 -27.06 10.29 67.71
C ALA I 82 -26.07 10.56 66.61
N ASP I 83 -24.94 9.88 66.68
CA ASP I 83 -24.02 9.79 65.55
C ASP I 83 -24.36 8.53 64.77
N TYR I 84 -24.24 8.60 63.46
CA TYR I 84 -24.53 7.44 62.61
C TYR I 84 -23.32 7.15 61.75
N TYR I 85 -22.82 5.92 61.86
CA TYR I 85 -21.65 5.48 61.12
C TYR I 85 -22.06 4.49 60.04
N CYS I 86 -21.49 4.66 58.86
CA CYS I 86 -21.66 3.72 57.75
C CYS I 86 -20.34 2.99 57.57
N HIS I 87 -20.22 1.81 58.17
CA HIS I 87 -19.07 0.94 57.93
C HIS I 87 -19.27 0.24 56.59
N MET I 88 -18.55 0.69 55.58
CA MET I 88 -18.74 0.23 54.22
C MET I 88 -17.62 -0.74 53.84
N TRP I 89 -18.00 -1.96 53.47
CA TRP I 89 -17.06 -2.94 52.93
C TRP I 89 -17.43 -3.19 51.49
N ASP I 90 -16.44 -3.30 50.61
CA ASP I 90 -16.74 -3.72 49.26
C ASP I 90 -15.59 -4.56 48.72
N SER I 91 -15.75 -5.00 47.47
CA SER I 91 -14.88 -6.02 46.92
C SER I 91 -13.62 -5.47 46.29
N ARG I 92 -13.52 -4.15 46.11
CA ARG I 92 -12.34 -3.57 45.49
C ARG I 92 -11.60 -2.59 46.39
N SER I 93 -11.89 -2.57 47.69
CA SER I 93 -11.29 -1.60 48.58
C SER I 93 -10.47 -2.22 49.69
N GLY I 94 -10.40 -3.55 49.78
CA GLY I 94 -9.64 -4.17 50.82
C GLY I 94 -10.33 -4.10 52.17
N PHE I 95 -9.55 -4.30 53.22
CA PHE I 95 -10.07 -4.30 54.58
C PHE I 95 -10.45 -2.88 55.00
N SER I 96 -11.64 -2.75 55.56
CA SER I 96 -12.20 -1.46 55.91
C SER I 96 -11.95 -1.20 57.38
N TRP I 97 -10.85 -0.53 57.69
CA TRP I 97 -10.49 -0.19 59.06
C TRP I 97 -11.23 1.05 59.56
N SER I 98 -11.64 1.92 58.66
CA SER I 98 -12.29 3.16 59.03
C SER I 98 -13.78 2.96 59.18
N PHE I 99 -14.35 3.57 60.23
CA PHE I 99 -15.79 3.63 60.38
C PHE I 99 -16.42 4.74 59.56
N GLY I 100 -15.62 5.59 58.94
CA GLY I 100 -16.11 6.71 58.18
C GLY I 100 -16.44 7.91 59.06
N GLY I 101 -16.80 9.00 58.40
CA GLY I 101 -17.27 10.17 59.12
C GLY I 101 -18.68 9.93 59.64
N ALA I 102 -18.97 10.49 60.81
CA ALA I 102 -20.29 10.30 61.39
C ALA I 102 -21.28 11.28 60.78
N THR I 103 -22.55 11.02 61.03
CA THR I 103 -23.64 11.91 60.66
C THR I 103 -24.46 12.15 61.92
N ARG I 104 -24.32 13.35 62.48
CA ARG I 104 -25.04 13.71 63.69
C ARG I 104 -26.46 14.08 63.31
N LEU I 105 -27.40 13.23 63.69
CA LEU I 105 -28.81 13.55 63.48
C LEU I 105 -29.30 14.47 64.58
N THR I 106 -30.09 15.46 64.17
CA THR I 106 -30.79 16.36 65.06
C THR I 106 -32.26 16.27 64.73
N VAL I 107 -33.09 16.06 65.72
CA VAL I 107 -34.53 16.06 65.54
C VAL I 107 -35.06 17.41 65.98
N LEU I 108 -36.00 17.96 65.19
CA LEU I 108 -36.36 19.38 65.30
C LEU I 108 -37.75 19.53 65.89
N GLY I 109 -37.81 19.92 67.16
CA GLY I 109 -39.07 20.12 67.86
C GLY I 109 -39.15 19.32 69.15
N GLY J 21 -28.48 -0.09 12.32
CA GLY J 21 -28.57 -0.68 13.64
C GLY J 21 -29.49 0.07 14.59
N ARG J 22 -29.00 1.19 15.11
CA ARG J 22 -29.82 2.08 15.92
C ARG J 22 -29.29 3.50 15.75
N LEU J 23 -30.03 4.45 16.32
CA LEU J 23 -29.67 5.85 16.29
C LEU J 23 -29.71 6.41 17.69
N PHE J 24 -28.73 7.24 18.01
CA PHE J 24 -28.46 7.68 19.36
C PHE J 24 -28.76 9.17 19.46
N GLN J 25 -29.80 9.51 20.19
CA GLN J 25 -30.21 10.89 20.35
C GLN J 25 -29.74 11.46 21.68
N SER J 26 -29.75 12.79 21.77
CA SER J 26 -29.39 13.47 23.00
C SER J 26 -30.52 13.39 24.02
N GLY J 27 -30.28 13.97 25.19
CA GLY J 27 -31.17 13.79 26.32
C GLY J 27 -32.36 14.71 26.31
N ALA J 28 -33.32 14.38 27.17
CA ALA J 28 -34.57 15.11 27.27
C ALA J 28 -34.35 16.54 27.75
N GLU J 29 -35.18 17.45 27.25
CA GLU J 29 -34.99 18.88 27.38
C GLU J 29 -36.21 19.52 28.02
N VAL J 30 -35.97 20.50 28.88
CA VAL J 30 -37.02 21.35 29.44
C VAL J 30 -36.67 22.78 29.08
N LYS J 31 -37.59 23.47 28.43
CA LYS J 31 -37.33 24.76 27.82
C LYS J 31 -38.45 25.73 28.18
N ARG J 32 -38.14 26.96 28.07
CA ARG J 32 -39.02 28.10 28.25
C ARG J 32 -39.68 28.47 26.92
N PRO J 33 -40.87 29.06 26.94
CA PRO J 33 -41.48 29.52 25.68
C PRO J 33 -40.72 30.69 25.09
N GLY J 34 -40.41 30.58 23.80
CA GLY J 34 -39.59 31.54 23.11
C GLY J 34 -38.13 31.16 22.98
N ALA J 35 -37.72 30.05 23.56
CA ALA J 35 -36.33 29.61 23.51
C ALA J 35 -36.13 28.69 22.32
N SER J 36 -34.96 28.07 22.22
CA SER J 36 -34.66 27.13 21.16
C SER J 36 -34.10 25.84 21.75
N VAL J 37 -34.35 24.73 21.07
CA VAL J 37 -33.83 23.44 21.47
C VAL J 37 -32.96 22.91 20.34
N ARG J 38 -31.94 22.14 20.71
CA ARG J 38 -30.98 21.56 19.77
C ARG J 38 -30.78 20.09 20.11
N ILE J 39 -31.19 19.21 19.22
CA ILE J 39 -31.14 17.77 19.40
C ILE J 39 -30.10 17.18 18.47
N SER J 40 -29.36 16.19 18.94
CA SER J 40 -28.38 15.48 18.14
C SER J 40 -28.88 14.09 17.80
N CYS J 41 -28.32 13.53 16.72
CA CYS J 41 -28.61 12.17 16.29
C CYS J 41 -27.33 11.60 15.73
N ARG J 42 -26.90 10.46 16.27
CA ARG J 42 -25.69 9.77 15.85
C ARG J 42 -26.01 8.32 15.55
N ALA J 43 -25.26 7.72 14.63
CA ALA J 43 -25.40 6.31 14.37
C ALA J 43 -24.42 5.48 15.20
N ASP J 44 -23.46 6.13 15.82
CA ASP J 44 -22.44 5.48 16.62
C ASP J 44 -22.11 6.44 17.76
N ASP J 45 -22.13 5.93 18.99
CA ASP J 45 -21.79 6.78 20.12
C ASP J 45 -20.29 7.00 20.27
N ASP J 46 -19.47 6.27 19.53
CA ASP J 46 -18.04 6.52 19.43
C ASP J 46 -17.80 7.89 18.80
N PRO J 47 -17.12 8.82 19.49
CA PRO J 47 -16.92 10.16 18.91
C PRO J 47 -15.95 10.16 17.74
N TYR J 48 -15.08 9.18 17.64
CA TYR J 48 -14.07 9.13 16.60
C TYR J 48 -14.39 8.05 15.59
N THR J 49 -15.67 7.82 15.36
CA THR J 49 -16.15 6.76 14.49
C THR J 49 -15.99 7.14 13.02
N ASP J 50 -16.14 6.15 12.16
CA ASP J 50 -16.09 6.32 10.72
C ASP J 50 -17.30 5.68 10.07
N ASP J 51 -18.47 5.92 10.65
CA ASP J 51 -19.67 5.12 10.40
C ASP J 51 -20.21 5.24 8.98
N ASP J 52 -20.17 6.44 8.41
CA ASP J 52 -20.62 6.89 7.09
C ASP J 52 -22.12 6.75 6.86
N THR J 53 -22.90 6.47 7.89
CA THR J 53 -24.27 6.96 7.91
C THR J 53 -24.20 8.48 7.96
N PHE J 54 -25.20 9.12 7.35
CA PHE J 54 -25.41 10.53 7.07
C PHE J 54 -24.65 11.00 5.84
N THR J 55 -23.78 10.17 5.26
CA THR J 55 -23.33 10.40 3.91
C THR J 55 -23.95 9.43 2.93
N LYS J 56 -24.68 8.43 3.41
CA LYS J 56 -25.40 7.48 2.59
C LYS J 56 -26.91 7.61 2.67
N TYR J 57 -27.44 8.09 3.78
CA TYR J 57 -28.88 8.04 4.04
C TYR J 57 -29.41 9.42 4.32
N TRP J 58 -30.70 9.58 4.11
CA TRP J 58 -31.45 10.74 4.53
C TRP J 58 -31.90 10.55 5.97
N THR J 59 -31.95 11.63 6.72
CA THR J 59 -32.38 11.55 8.11
C THR J 59 -33.60 12.43 8.30
N HIS J 60 -34.72 11.79 8.60
CA HIS J 60 -35.98 12.45 8.91
C HIS J 60 -36.03 12.83 10.37
N TRP J 61 -36.76 13.90 10.65
CA TRP J 61 -37.04 14.36 12.00
C TRP J 61 -38.55 14.42 12.16
N ILE J 62 -39.06 13.74 13.19
CA ILE J 62 -40.49 13.44 13.33
C ILE J 62 -40.87 13.61 14.80
N ARG J 63 -41.84 14.46 15.07
CA ARG J 63 -42.26 14.60 16.46
C ARG J 63 -43.63 13.98 16.68
N GLN J 64 -43.89 13.63 17.94
CA GLN J 64 -45.19 13.15 18.36
C GLN J 64 -45.54 13.84 19.67
N ALA J 65 -46.50 14.75 19.61
CA ALA J 65 -47.09 15.32 20.81
C ALA J 65 -48.05 14.29 21.43
N PRO J 66 -48.30 14.38 22.74
CA PRO J 66 -49.25 13.43 23.37
C PRO J 66 -50.67 13.65 22.88
N GLY J 67 -51.32 12.57 22.46
CA GLY J 67 -52.64 12.63 21.88
C GLY J 67 -52.71 12.92 20.40
N GLN J 68 -51.59 12.87 19.69
CA GLN J 68 -51.54 13.20 18.28
C GLN J 68 -50.84 12.09 17.51
N ARG J 69 -51.05 12.11 16.20
CA ARG J 69 -50.30 11.29 15.26
C ARG J 69 -48.90 11.89 15.09
N PRO J 70 -47.94 11.12 14.56
CA PRO J 70 -46.62 11.70 14.29
C PRO J 70 -46.67 12.78 13.22
N GLU J 71 -45.85 13.80 13.41
CA GLU J 71 -45.77 14.94 12.51
C GLU J 71 -44.34 15.05 12.00
N TRP J 72 -44.19 15.15 10.70
CA TRP J 72 -42.89 15.18 10.04
C TRP J 72 -42.39 16.62 10.00
N LEU J 73 -41.14 16.82 10.39
CA LEU J 73 -40.60 18.17 10.53
C LEU J 73 -39.72 18.54 9.34
N GLY J 74 -38.91 17.60 8.90
CA GLY J 74 -37.97 17.86 7.84
C GLY J 74 -37.14 16.63 7.61
N VAL J 75 -36.32 16.70 6.59
CA VAL J 75 -35.38 15.63 6.26
C VAL J 75 -34.08 16.29 5.81
N ILE J 76 -32.97 15.68 6.15
CA ILE J 76 -31.67 16.17 5.73
C ILE J 76 -31.05 15.13 4.81
N SER J 77 -30.45 15.60 3.75
CA SER J 77 -29.91 14.79 2.67
C SER J 77 -28.52 14.26 3.03
N PRO J 78 -28.11 13.12 2.48
CA PRO J 78 -26.71 12.72 2.61
C PRO J 78 -25.77 13.46 1.69
N HIS J 79 -26.29 14.29 0.80
CA HIS J 79 -25.51 14.62 -0.37
C HIS J 79 -24.54 15.77 -0.11
N PHE J 80 -25.01 16.89 0.38
CA PHE J 80 -24.13 17.81 1.11
C PHE J 80 -24.91 18.43 2.24
N ALA J 81 -25.66 17.59 2.97
CA ALA J 81 -26.48 17.98 4.11
C ALA J 81 -27.56 19.00 3.74
N ARG J 82 -28.14 18.86 2.56
CA ARG J 82 -29.17 19.78 2.09
C ARG J 82 -30.50 19.47 2.77
N PRO J 83 -31.12 20.43 3.46
CA PRO J 83 -32.37 20.13 4.15
C PRO J 83 -33.63 20.44 3.35
N ILE J 84 -34.62 19.57 3.51
CA ILE J 84 -35.98 19.83 3.06
C ILE J 84 -36.83 20.04 4.29
N TYR J 85 -37.47 21.18 4.39
CA TYR J 85 -38.28 21.54 5.53
C TYR J 85 -39.76 21.35 5.22
N SER J 86 -40.52 21.06 6.27
CA SER J 86 -41.97 21.22 6.18
C SER J 86 -42.31 22.70 6.15
N TYR J 87 -43.38 23.04 5.44
CA TYR J 87 -43.70 24.46 5.23
C TYR J 87 -44.15 25.13 6.52
N LYS J 88 -44.77 24.38 7.43
CA LYS J 88 -45.20 24.96 8.68
C LYS J 88 -44.09 25.11 9.70
N PHE J 89 -42.90 24.58 9.43
CA PHE J 89 -41.76 24.72 10.33
C PHE J 89 -40.61 25.46 9.70
N ARG J 90 -40.77 25.98 8.48
CA ARG J 90 -39.63 26.45 7.70
C ARG J 90 -39.00 27.69 8.31
N ASP J 91 -39.80 28.55 8.94
CA ASP J 91 -39.27 29.80 9.45
C ASP J 91 -38.53 29.65 10.78
N ARG J 92 -38.64 28.51 11.47
CA ARG J 92 -37.96 28.37 12.75
C ARG J 92 -37.31 27.00 12.96
N LEU J 93 -37.03 26.25 11.90
CA LEU J 93 -36.31 25.00 12.01
C LEU J 93 -35.03 25.06 11.20
N THR J 94 -33.96 24.50 11.76
CA THR J 94 -32.69 24.39 11.04
C THR J 94 -32.21 22.96 11.21
N LEU J 95 -31.78 22.34 10.13
CA LEU J 95 -31.28 20.97 10.13
C LEU J 95 -29.83 21.00 9.66
N THR J 96 -28.94 20.47 10.49
CA THR J 96 -27.51 20.64 10.27
C THR J 96 -26.86 19.26 10.29
N ARG J 97 -25.77 19.10 9.58
CA ARG J 97 -24.87 17.99 9.81
C ARG J 97 -23.56 18.53 10.38
N ASP J 98 -22.97 17.76 11.29
CA ASP J 98 -21.65 18.00 11.82
C ASP J 98 -20.62 18.06 10.70
N SER J 99 -19.57 18.86 10.90
CA SER J 99 -18.48 18.94 9.94
C SER J 99 -17.63 17.67 9.90
N SER J 100 -17.71 16.82 10.92
CA SER J 100 -17.09 15.51 10.89
C SER J 100 -17.93 14.48 10.17
N LEU J 101 -19.14 14.85 9.74
CA LEU J 101 -20.09 14.08 8.94
C LEU J 101 -20.65 12.87 9.67
N THR J 102 -20.60 12.84 10.99
CA THR J 102 -21.00 11.67 11.76
C THR J 102 -22.13 11.96 12.74
N ALA J 103 -22.69 13.16 12.72
CA ALA J 103 -23.85 13.48 13.54
C ALA J 103 -24.73 14.46 12.79
N VAL J 104 -26.03 14.42 13.03
CA VAL J 104 -26.94 15.42 12.48
C VAL J 104 -27.68 16.09 13.64
N TYR J 105 -28.14 17.31 13.41
CA TYR J 105 -28.70 18.15 14.45
C TYR J 105 -30.00 18.78 13.99
N LEU J 106 -30.94 18.86 14.92
CA LEU J 106 -32.16 19.65 14.77
C LEU J 106 -32.07 20.86 15.67
N GLU J 107 -32.52 22.00 15.17
CA GLU J 107 -32.60 23.21 15.98
C GLU J 107 -33.98 23.82 15.75
N LEU J 108 -34.80 23.83 16.78
CA LEU J 108 -36.14 24.42 16.71
C LEU J 108 -36.17 25.67 17.57
N LYS J 109 -36.41 26.81 16.93
CA LYS J 109 -36.44 28.10 17.60
C LYS J 109 -37.86 28.56 17.86
N GLY J 110 -37.99 29.51 18.78
CA GLY J 110 -39.25 30.16 19.09
C GLY J 110 -40.28 29.21 19.65
N LEU J 111 -39.91 28.46 20.69
CA LEU J 111 -40.69 27.33 21.15
C LEU J 111 -41.98 27.78 21.82
N GLN J 112 -43.01 26.98 21.67
CA GLN J 112 -44.33 27.21 22.23
C GLN J 112 -44.75 25.92 22.93
N PRO J 113 -45.75 25.98 23.81
CA PRO J 113 -46.19 24.75 24.50
C PRO J 113 -46.73 23.64 23.61
N ASP J 114 -47.11 23.91 22.36
CA ASP J 114 -47.48 22.82 21.47
C ASP J 114 -46.28 22.21 20.75
N ASP J 115 -45.07 22.69 21.01
CA ASP J 115 -43.87 22.05 20.51
C ASP J 115 -43.38 20.94 21.43
N SER J 116 -44.05 20.72 22.55
CA SER J 116 -43.69 19.65 23.46
C SER J 116 -44.07 18.29 22.88
N GLY J 117 -43.17 17.34 23.01
CA GLY J 117 -43.44 16.00 22.53
C GLY J 117 -42.16 15.21 22.45
N ILE J 118 -42.28 13.99 21.96
CA ILE J 118 -41.13 13.13 21.73
C ILE J 118 -40.65 13.35 20.30
N TYR J 119 -39.36 13.63 20.14
CA TYR J 119 -38.76 13.90 18.84
C TYR J 119 -37.91 12.71 18.44
N PHE J 120 -38.09 12.25 17.21
CA PHE J 120 -37.37 11.11 16.67
C PHE J 120 -36.55 11.53 15.46
N CYS J 121 -35.40 10.89 15.31
CA CYS J 121 -34.68 10.87 14.06
C CYS J 121 -34.87 9.48 13.46
N ALA J 122 -34.96 9.44 12.14
CA ALA J 122 -35.17 8.18 11.44
C ALA J 122 -34.32 8.19 10.18
N ARG J 123 -33.90 7.03 9.75
CA ARG J 123 -32.94 6.90 8.67
C ARG J 123 -33.64 6.27 7.48
N ASP J 124 -33.37 6.79 6.29
CA ASP J 124 -34.16 6.42 5.11
C ASP J 124 -33.26 6.42 3.89
N PRO J 125 -33.33 5.39 3.03
CA PRO J 125 -32.71 5.54 1.70
C PRO J 125 -33.37 6.63 0.86
N PHE J 126 -34.70 6.77 0.98
CA PHE J 126 -35.49 7.86 0.40
C PHE J 126 -35.47 7.86 -1.12
N GLY J 127 -35.62 6.69 -1.71
CA GLY J 127 -35.75 6.57 -3.15
C GLY J 127 -34.49 6.87 -3.94
N ASP J 128 -33.34 6.72 -3.31
CA ASP J 128 -32.08 7.14 -3.90
C ASP J 128 -31.05 6.03 -4.05
N ARG J 129 -31.27 4.86 -3.48
CA ARG J 129 -30.27 3.81 -3.56
C ARG J 129 -30.45 2.96 -4.81
N ALA J 130 -29.36 2.82 -5.56
CA ALA J 130 -29.27 2.41 -6.95
C ALA J 130 -29.89 1.08 -7.39
N PRO J 131 -29.95 0.00 -6.60
CA PRO J 131 -30.67 -1.16 -7.13
C PRO J 131 -32.18 -0.98 -7.17
N HIS J 132 -32.84 -0.70 -6.04
CA HIS J 132 -34.28 -0.82 -5.94
C HIS J 132 -35.02 0.48 -5.70
N TYR J 133 -34.36 1.49 -5.13
CA TYR J 133 -34.92 2.83 -4.88
C TYR J 133 -36.18 2.78 -4.03
N ASN J 134 -36.05 2.19 -2.86
CA ASN J 134 -37.13 2.02 -1.91
C ASN J 134 -37.27 3.24 -1.01
N TYR J 135 -38.32 3.24 -0.22
CA TYR J 135 -38.60 4.29 0.74
C TYR J 135 -39.01 3.61 2.04
N HIS J 136 -38.19 3.75 3.07
CA HIS J 136 -38.56 3.25 4.39
C HIS J 136 -37.69 3.90 5.44
N MET J 137 -38.32 4.43 6.49
CA MET J 137 -37.62 4.80 7.71
C MET J 137 -37.33 3.50 8.46
N ASP J 138 -36.20 2.90 8.14
CA ASP J 138 -35.96 1.54 8.61
C ASP J 138 -35.24 1.51 9.96
N VAL J 139 -34.44 2.52 10.28
CA VAL J 139 -33.78 2.60 11.56
C VAL J 139 -34.26 3.87 12.24
N TRP J 140 -34.95 3.72 13.36
CA TRP J 140 -35.38 4.86 14.16
C TRP J 140 -34.49 4.99 15.36
N GLY J 141 -34.48 6.17 15.96
CA GLY J 141 -33.75 6.25 17.19
C GLY J 141 -34.57 6.79 18.32
N GLY J 142 -34.68 6.03 19.41
CA GLY J 142 -34.88 6.57 20.73
C GLY J 142 -36.07 7.46 20.96
N GLY J 143 -35.77 8.75 20.97
CA GLY J 143 -36.75 9.79 21.12
C GLY J 143 -36.32 10.71 22.23
N THR J 144 -36.15 11.97 21.92
CA THR J 144 -35.84 13.00 22.91
C THR J 144 -37.15 13.65 23.33
N ALA J 145 -37.47 13.55 24.61
CA ALA J 145 -38.65 14.24 25.15
C ALA J 145 -38.31 15.72 25.30
N VAL J 146 -39.14 16.58 24.74
CA VAL J 146 -38.97 18.02 24.84
C VAL J 146 -40.21 18.60 25.50
N ILE J 147 -40.02 19.28 26.62
CA ILE J 147 -41.11 19.92 27.36
C ILE J 147 -40.90 21.42 27.26
N VAL J 148 -41.94 22.14 26.90
CA VAL J 148 -41.92 23.60 26.87
C VAL J 148 -42.93 24.08 27.90
N SER J 149 -42.44 24.71 28.97
CA SER J 149 -43.28 25.22 30.04
C SER J 149 -42.64 26.46 30.64
N SER J 150 -43.42 27.18 31.42
CA SER J 150 -42.92 28.36 32.11
C SER J 150 -43.31 28.33 33.59
N VAL K 3 56.39 -2.42 32.79
CA VAL K 3 57.16 -3.65 32.80
C VAL K 3 56.34 -4.80 33.35
N ARG K 4 56.17 -5.84 32.56
CA ARG K 4 55.43 -7.01 32.98
C ARG K 4 56.41 -8.09 33.38
N PRO K 5 56.41 -8.55 34.63
CA PRO K 5 57.29 -9.67 35.00
C PRO K 5 56.69 -11.01 34.63
N LEU K 6 57.57 -11.98 34.39
CA LEU K 6 57.16 -13.35 34.09
C LEU K 6 58.30 -14.29 34.46
N SER K 7 57.99 -15.36 35.18
CA SER K 7 58.99 -16.29 35.67
C SER K 7 58.73 -17.69 35.17
N VAL K 8 59.79 -18.48 35.02
CA VAL K 8 59.70 -19.87 34.58
C VAL K 8 60.97 -20.60 35.04
N ALA K 9 60.91 -21.93 35.08
CA ALA K 9 61.97 -22.76 35.62
C ALA K 9 62.96 -23.18 34.53
N LEU K 10 64.09 -23.72 34.95
CA LEU K 10 65.13 -24.13 34.02
C LEU K 10 64.69 -25.34 33.22
N GLY K 11 65.09 -25.38 31.94
CA GLY K 11 64.71 -26.46 31.05
C GLY K 11 63.29 -26.39 30.54
N GLU K 12 62.51 -25.41 30.97
CA GLU K 12 61.14 -25.23 30.56
C GLU K 12 61.09 -24.49 29.22
N THR K 13 59.89 -24.11 28.80
CA THR K 13 59.68 -23.31 27.61
C THR K 13 58.91 -22.07 28.03
N ALA K 14 59.51 -20.90 27.81
CA ALA K 14 58.86 -19.63 28.08
C ALA K 14 58.12 -19.14 26.84
N ARG K 15 56.96 -18.54 27.06
CA ARG K 15 56.09 -18.09 25.98
C ARG K 15 55.66 -16.67 26.28
N ILE K 16 56.37 -15.70 25.73
CA ILE K 16 56.07 -14.29 25.95
C ILE K 16 55.11 -13.82 24.87
N SER K 17 53.95 -13.34 25.29
CA SER K 17 52.96 -12.82 24.36
C SER K 17 53.22 -11.34 24.11
N CYS K 18 52.89 -10.89 22.90
CA CYS K 18 52.94 -9.47 22.61
C CYS K 18 51.82 -8.77 23.34
N GLY K 19 52.11 -7.58 23.88
CA GLY K 19 51.08 -6.83 24.58
C GLY K 19 50.09 -6.18 23.65
N ARG K 20 50.58 -5.68 22.52
CA ARG K 20 49.73 -5.13 21.47
C ARG K 20 49.25 -6.28 20.58
N GLN K 21 47.99 -6.24 20.20
CA GLN K 21 47.45 -7.20 19.25
C GLN K 21 47.19 -6.48 17.94
N ALA K 22 47.41 -7.17 16.83
CA ALA K 22 47.37 -6.53 15.53
C ALA K 22 45.97 -6.56 14.92
N LEU K 23 45.64 -5.48 14.22
CA LEU K 23 44.50 -5.44 13.32
C LEU K 23 45.11 -5.38 11.92
N GLY K 24 45.36 -6.52 11.34
CA GLY K 24 45.96 -6.57 10.03
C GLY K 24 47.18 -7.46 10.03
N SER K 25 47.85 -7.50 8.88
CA SER K 25 49.01 -8.35 8.70
C SER K 25 50.20 -7.83 9.47
N ARG K 26 50.85 -8.72 10.23
CA ARG K 26 51.91 -8.36 11.15
C ARG K 26 53.27 -8.34 10.46
N ALA K 27 54.17 -7.55 11.05
CA ALA K 27 55.62 -7.75 10.96
C ALA K 27 56.13 -7.49 12.37
N VAL K 28 56.52 -8.55 13.06
CA VAL K 28 56.84 -8.49 14.48
C VAL K 28 58.32 -8.73 14.67
N GLN K 29 58.99 -7.80 15.34
CA GLN K 29 60.38 -7.92 15.75
C GLN K 29 60.43 -8.19 17.25
N TRP K 30 61.28 -9.12 17.66
CA TRP K 30 61.48 -9.45 19.07
C TRP K 30 62.91 -9.12 19.44
N TYR K 31 63.06 -8.25 20.44
CA TYR K 31 64.34 -7.77 20.93
C TYR K 31 64.60 -8.28 22.35
N GLN K 32 65.86 -8.56 22.64
CA GLN K 32 66.31 -8.98 23.96
C GLN K 32 67.25 -7.92 24.52
N HIS K 33 67.02 -7.52 25.77
CA HIS K 33 67.80 -6.44 26.38
C HIS K 33 68.15 -6.81 27.82
N ARG K 34 69.40 -7.23 28.03
CA ARG K 34 69.90 -7.36 29.38
C ARG K 34 70.32 -5.99 29.92
N PRO K 35 70.21 -5.76 31.22
CA PRO K 35 70.69 -4.49 31.79
C PRO K 35 72.21 -4.40 31.71
N GLY K 36 72.71 -3.28 31.19
CA GLY K 36 74.12 -3.07 30.98
C GLY K 36 74.62 -3.56 29.64
N GLN K 37 73.88 -4.43 28.96
CA GLN K 37 74.27 -4.96 27.67
C GLN K 37 73.64 -4.16 26.55
N ALA K 38 74.02 -4.49 25.33
CA ALA K 38 73.38 -3.96 24.13
C ALA K 38 72.10 -4.73 23.83
N PRO K 39 71.10 -4.07 23.25
CA PRO K 39 69.91 -4.81 22.80
C PRO K 39 70.24 -5.68 21.60
N ILE K 40 69.59 -6.85 21.56
CA ILE K 40 69.86 -7.89 20.57
C ILE K 40 68.57 -8.20 19.83
N LEU K 41 68.61 -8.13 18.50
CA LEU K 41 67.46 -8.54 17.70
C LEU K 41 67.38 -10.07 17.66
N LEU K 42 66.32 -10.62 18.24
CA LEU K 42 66.12 -12.06 18.24
C LEU K 42 65.32 -12.52 17.03
N ILE K 43 64.18 -11.88 16.76
CA ILE K 43 63.26 -12.33 15.72
C ILE K 43 62.90 -11.12 14.87
N TYR K 44 62.91 -11.28 13.55
CA TYR K 44 62.32 -10.29 12.67
C TYR K 44 61.40 -11.01 11.69
N ASN K 45 60.44 -10.23 11.13
CA ASN K 45 59.46 -10.72 10.14
C ASN K 45 58.68 -11.93 10.68
N ASN K 46 58.29 -11.84 11.94
CA ASN K 46 57.44 -12.76 12.72
C ASN K 46 58.07 -14.10 13.04
N GLN K 47 59.05 -14.55 12.27
CA GLN K 47 59.66 -15.85 12.52
C GLN K 47 61.13 -15.94 12.18
N ASP K 48 61.71 -15.01 11.43
CA ASP K 48 63.03 -15.20 10.88
C ASP K 48 64.11 -14.91 11.92
N ARG K 49 65.03 -15.86 12.07
CA ARG K 49 66.18 -15.72 12.94
C ARG K 49 67.35 -15.15 12.16
N PRO K 50 67.99 -14.09 12.63
CA PRO K 50 69.25 -13.66 12.03
C PRO K 50 70.36 -14.64 12.39
N SER K 51 71.44 -14.57 11.62
CA SER K 51 72.56 -15.47 11.85
C SER K 51 73.31 -15.05 13.11
N GLY K 52 73.53 -16.01 14.00
CA GLY K 52 74.07 -15.73 15.31
C GLY K 52 73.07 -15.85 16.44
N ILE K 53 71.88 -16.36 16.16
CA ILE K 53 70.84 -16.54 17.16
C ILE K 53 70.62 -18.04 17.33
N PRO K 54 70.55 -18.56 18.56
CA PRO K 54 70.34 -19.99 18.75
C PRO K 54 68.95 -20.40 18.30
N GLU K 55 68.84 -21.64 17.83
CA GLU K 55 67.58 -22.13 17.29
C GLU K 55 66.67 -22.66 18.40
N ARG K 56 66.56 -21.89 19.49
CA ARG K 56 65.62 -22.11 20.56
C ARG K 56 64.56 -21.03 20.60
N PHE K 57 64.81 -19.93 19.92
CA PHE K 57 63.86 -18.83 19.81
C PHE K 57 62.97 -19.06 18.60
N SER K 58 61.67 -18.93 18.81
CA SER K 58 60.70 -19.07 17.75
C SER K 58 59.74 -17.92 17.81
N GLY K 59 59.29 -17.45 16.66
CA GLY K 59 58.19 -16.52 16.65
C GLY K 59 56.99 -17.16 15.98
N THR K 60 55.81 -16.59 16.19
CA THR K 60 54.61 -17.09 15.54
C THR K 60 54.52 -16.54 14.12
N PRO K 61 54.48 -17.37 13.09
CA PRO K 61 54.31 -16.85 11.73
C PRO K 61 52.92 -16.27 11.51
N ASP K 62 52.86 -15.27 10.63
CA ASP K 62 51.62 -14.60 10.30
C ASP K 62 50.97 -15.35 9.15
N ILE K 63 50.25 -16.42 9.50
CA ILE K 63 49.54 -17.26 8.56
C ILE K 63 48.11 -17.41 9.06
N ASN K 64 47.13 -17.08 8.21
CA ASN K 64 45.69 -17.21 8.52
C ASN K 64 45.30 -16.35 9.73
N PHE K 65 45.13 -15.04 9.44
CA PHE K 65 44.92 -13.92 10.37
C PHE K 65 44.11 -14.27 11.60
N GLY K 66 44.61 -13.87 12.76
CA GLY K 66 43.97 -14.13 14.02
C GLY K 66 44.95 -14.65 15.06
N THR K 67 46.15 -15.00 14.62
CA THR K 67 47.17 -15.55 15.50
C THR K 67 47.76 -14.44 16.37
N ARG K 68 48.09 -14.79 17.60
CA ARG K 68 48.83 -13.89 18.47
C ARG K 68 50.32 -14.02 18.21
N ALA K 69 51.05 -12.94 18.49
CA ALA K 69 52.50 -12.94 18.33
C ALA K 69 53.12 -13.38 19.66
N THR K 70 53.80 -14.51 19.65
CA THR K 70 54.47 -15.02 20.83
C THR K 70 55.92 -15.37 20.51
N LEU K 71 56.81 -15.03 21.42
CA LEU K 71 58.18 -15.50 21.38
C LEU K 71 58.27 -16.75 22.25
N THR K 72 58.80 -17.82 21.67
CA THR K 72 58.95 -19.11 22.33
C THR K 72 60.43 -19.36 22.58
N ILE K 73 60.80 -19.53 23.84
CA ILE K 73 62.17 -19.86 24.23
C ILE K 73 62.14 -21.26 24.80
N SER K 74 62.69 -22.22 24.06
CA SER K 74 62.70 -23.62 24.47
C SER K 74 64.02 -23.94 25.17
N GLY K 75 63.93 -24.53 26.35
CA GLY K 75 65.11 -24.86 27.12
C GLY K 75 65.77 -23.61 27.66
N VAL K 76 65.06 -22.89 28.52
CA VAL K 76 65.52 -21.60 29.00
C VAL K 76 66.67 -21.79 30.00
N GLU K 77 67.79 -21.16 29.70
CA GLU K 77 69.00 -21.25 30.49
C GLU K 77 69.02 -20.13 31.51
N ALA K 78 70.13 -20.02 32.23
CA ALA K 78 70.29 -18.91 33.15
C ALA K 78 70.53 -17.58 32.44
N GLY K 79 71.20 -17.62 31.28
CA GLY K 79 71.46 -16.40 30.53
C GLY K 79 70.26 -15.79 29.86
N ASP K 80 69.23 -16.59 29.56
CA ASP K 80 68.00 -16.08 28.97
C ASP K 80 67.14 -15.43 30.03
N GLU K 81 67.60 -14.28 30.52
CA GLU K 81 66.95 -13.56 31.61
C GLU K 81 67.23 -12.09 31.35
N ALA K 82 66.27 -11.44 30.70
CA ALA K 82 66.45 -10.09 30.24
C ALA K 82 65.07 -9.46 30.09
N ASP K 83 65.05 -8.29 29.47
CA ASP K 83 63.79 -7.69 29.03
C ASP K 83 63.53 -8.13 27.60
N TYR K 84 62.26 -8.33 27.27
CA TYR K 84 61.89 -8.76 25.93
C TYR K 84 60.89 -7.77 25.36
N TYR K 85 61.22 -7.21 24.20
CA TYR K 85 60.39 -6.23 23.54
C TYR K 85 59.77 -6.83 22.30
N CYS K 86 58.48 -6.56 22.09
CA CYS K 86 57.75 -6.96 20.91
C CYS K 86 57.43 -5.71 20.11
N HIS K 87 58.31 -5.36 19.18
CA HIS K 87 58.06 -4.28 18.24
C HIS K 87 57.08 -4.79 17.18
N MET K 88 55.81 -4.41 17.32
CA MET K 88 54.74 -4.91 16.47
C MET K 88 54.42 -3.89 15.39
N TRP K 89 54.41 -4.33 14.14
CA TRP K 89 53.96 -3.51 13.02
C TRP K 89 52.77 -4.19 12.38
N ASP K 90 51.79 -3.41 11.91
CA ASP K 90 50.70 -4.00 11.14
C ASP K 90 50.17 -2.99 10.13
N SER K 91 49.19 -3.44 9.36
CA SER K 91 48.66 -2.69 8.23
C SER K 91 47.84 -1.48 8.66
N ARG K 92 47.13 -1.59 9.78
CA ARG K 92 46.15 -0.58 10.15
C ARG K 92 46.57 0.26 11.34
N SER K 93 47.85 0.35 11.64
CA SER K 93 48.30 1.07 12.82
C SER K 93 49.31 2.17 12.51
N GLY K 94 49.73 2.30 11.26
CA GLY K 94 50.68 3.34 10.94
C GLY K 94 52.08 2.97 11.41
N PHE K 95 52.93 4.00 11.49
CA PHE K 95 54.30 3.82 11.93
C PHE K 95 54.35 3.50 13.41
N SER K 96 55.11 2.47 13.76
CA SER K 96 55.17 1.97 15.12
C SER K 96 56.41 2.55 15.79
N TRP K 97 56.24 3.67 16.49
CA TRP K 97 57.34 4.32 17.19
C TRP K 97 57.62 3.68 18.54
N SER K 98 56.68 2.91 19.06
CA SER K 98 56.79 2.35 20.40
C SER K 98 57.30 0.93 20.38
N PHE K 99 58.26 0.65 21.24
CA PHE K 99 58.74 -0.72 21.42
C PHE K 99 57.81 -1.56 22.28
N GLY K 100 56.79 -0.95 22.88
CA GLY K 100 55.88 -1.66 23.75
C GLY K 100 56.44 -1.82 25.15
N GLY K 101 55.61 -2.37 26.02
CA GLY K 101 56.07 -2.70 27.35
C GLY K 101 56.95 -3.93 27.34
N ALA K 102 57.98 -3.92 28.18
CA ALA K 102 58.89 -5.04 28.24
C ALA K 102 58.29 -6.18 29.04
N THR K 103 58.87 -7.36 28.87
CA THR K 103 58.53 -8.53 29.67
C THR K 103 59.83 -9.03 30.29
N ARG K 104 59.94 -8.88 31.60
CA ARG K 104 61.14 -9.29 32.31
C ARG K 104 61.04 -10.77 32.63
N LEU K 105 61.84 -11.57 31.94
CA LEU K 105 61.90 -12.99 32.22
C LEU K 105 62.69 -13.22 33.49
N THR K 106 62.27 -14.22 34.25
CA THR K 106 62.96 -14.66 35.47
C THR K 106 63.14 -16.16 35.38
N VAL K 107 64.35 -16.62 35.67
CA VAL K 107 64.67 -18.04 35.63
C VAL K 107 64.77 -18.53 37.06
N LEU K 108 64.05 -19.61 37.37
CA LEU K 108 63.84 -20.07 38.74
C LEU K 108 64.81 -21.21 39.07
N GLY K 109 65.91 -20.88 39.73
CA GLY K 109 66.88 -21.87 40.14
C GLY K 109 68.27 -21.64 39.57
N GLY L 21 18.50 -24.55 4.46
CA GLY L 21 19.92 -24.46 4.16
C GLY L 21 20.78 -25.17 5.19
N ARG L 22 20.89 -24.55 6.37
CA ARG L 22 21.53 -25.19 7.51
C ARG L 22 20.85 -24.72 8.77
N LEU L 23 21.19 -25.35 9.87
CA LEU L 23 20.70 -24.99 11.18
C LEU L 23 21.88 -24.71 12.09
N PHE L 24 21.72 -23.73 12.96
CA PHE L 24 22.80 -23.17 13.76
C PHE L 24 22.54 -23.51 15.22
N GLN L 25 23.42 -24.29 15.81
CA GLN L 25 23.23 -24.75 17.17
C GLN L 25 24.11 -23.99 18.14
N SER L 26 23.89 -24.24 19.43
CA SER L 26 24.69 -23.66 20.49
C SER L 26 26.03 -24.39 20.62
N GLY L 27 26.88 -23.83 21.48
CA GLY L 27 28.20 -24.38 21.69
C GLY L 27 28.21 -25.55 22.64
N ALA L 28 29.34 -26.25 22.62
CA ALA L 28 29.54 -27.47 23.41
C ALA L 28 29.45 -27.18 24.91
N GLU L 29 28.99 -28.18 25.65
CA GLU L 29 28.59 -28.02 27.04
C GLU L 29 29.29 -29.06 27.90
N VAL L 30 29.72 -28.64 29.09
CA VAL L 30 30.24 -29.55 30.11
C VAL L 30 29.39 -29.35 31.35
N LYS L 31 28.76 -30.42 31.81
CA LYS L 31 27.78 -30.37 32.88
C LYS L 31 28.13 -31.41 33.93
N ARG L 32 27.65 -31.17 35.10
CA ARG L 32 27.72 -32.06 36.25
C ARG L 32 26.56 -33.05 36.20
N PRO L 33 26.72 -34.24 36.80
CA PRO L 33 25.58 -35.16 36.89
C PRO L 33 24.50 -34.61 37.81
N GLY L 34 23.26 -34.65 37.34
CA GLY L 34 22.14 -34.07 38.05
C GLY L 34 21.76 -32.68 37.61
N ALA L 35 22.51 -32.08 36.69
CA ALA L 35 22.25 -30.72 36.23
C ALA L 35 21.33 -30.76 35.02
N SER L 36 21.15 -29.62 34.36
CA SER L 36 20.32 -29.52 33.18
C SER L 36 21.07 -28.78 32.09
N VAL L 37 20.82 -29.15 30.84
CA VAL L 37 21.46 -28.53 29.70
C VAL L 37 20.39 -27.92 28.83
N ARG L 38 20.70 -26.79 28.21
CA ARG L 38 19.81 -26.07 27.32
C ARG L 38 20.53 -25.81 25.99
N ILE L 39 20.00 -26.36 24.91
CA ILE L 39 20.58 -26.22 23.58
C ILE L 39 19.62 -25.44 22.70
N SER L 40 20.15 -24.54 21.89
CA SER L 40 19.38 -23.74 20.96
C SER L 40 19.57 -24.24 19.52
N CYS L 41 18.60 -23.92 18.68
CA CYS L 41 18.64 -24.25 17.25
C CYS L 41 17.96 -23.12 16.50
N ARG L 42 18.68 -22.53 15.55
CA ARG L 42 18.19 -21.42 14.73
C ARG L 42 18.39 -21.76 13.27
N ALA L 43 17.56 -21.17 12.41
CA ALA L 43 17.75 -21.29 10.98
C ALA L 43 18.55 -20.14 10.39
N ASP L 44 18.82 -19.13 11.20
CA ASP L 44 19.48 -17.91 10.77
C ASP L 44 20.18 -17.33 11.98
N ASP L 45 21.45 -16.99 11.82
CA ASP L 45 22.18 -16.36 12.92
C ASP L 45 21.87 -14.88 13.08
N ASP L 46 21.09 -14.30 12.17
CA ASP L 46 20.53 -12.96 12.35
C ASP L 46 19.57 -12.96 13.53
N PRO L 47 19.78 -12.12 14.54
CA PRO L 47 18.84 -12.09 15.67
C PRO L 47 17.48 -11.51 15.31
N TYR L 48 17.41 -10.64 14.31
CA TYR L 48 16.18 -9.98 13.94
C TYR L 48 15.65 -10.49 12.60
N THR L 49 15.83 -11.78 12.36
CA THR L 49 15.42 -12.44 11.14
C THR L 49 13.91 -12.63 11.09
N ASP L 50 13.40 -12.94 9.90
CA ASP L 50 12.00 -13.25 9.68
C ASP L 50 11.87 -14.56 8.93
N ASP L 51 12.69 -15.54 9.31
CA ASP L 51 12.99 -16.72 8.51
C ASP L 51 11.78 -17.62 8.25
N ASP L 52 10.90 -17.76 9.24
CA ASP L 52 9.65 -18.53 9.31
C ASP L 52 9.84 -20.04 9.18
N THR L 53 11.07 -20.55 9.20
CA THR L 53 11.30 -21.88 9.72
C THR L 53 10.89 -21.86 11.19
N PHE L 54 10.39 -23.01 11.66
CA PHE L 54 9.76 -23.34 12.93
C PHE L 54 8.31 -22.90 12.98
N THR L 55 7.81 -22.19 11.98
CA THR L 55 6.37 -22.07 11.79
C THR L 55 5.89 -22.85 10.59
N LYS L 56 6.81 -23.43 9.81
CA LYS L 56 6.49 -24.29 8.68
C LYS L 56 6.90 -25.73 8.88
N TYR L 57 7.90 -26.00 9.71
CA TYR L 57 8.52 -27.32 9.77
C TYR L 57 8.57 -27.81 11.20
N TRP L 58 8.63 -29.12 11.32
CA TRP L 58 8.87 -29.79 12.59
C TRP L 58 10.37 -29.87 12.81
N THR L 59 10.78 -29.92 14.07
CA THR L 59 12.20 -29.99 14.41
C THR L 59 12.43 -31.17 15.34
N HIS L 60 13.15 -32.17 14.84
CA HIS L 60 13.56 -33.30 15.64
C HIS L 60 14.82 -32.99 16.41
N TRP L 61 14.95 -33.63 17.56
CA TRP L 61 16.14 -33.54 18.39
C TRP L 61 16.67 -34.96 18.53
N ILE L 62 17.91 -35.18 18.12
CA ILE L 62 18.48 -36.52 17.95
C ILE L 62 19.86 -36.52 18.56
N ARG L 63 20.12 -37.42 19.49
CA ARG L 63 21.46 -37.52 20.03
C ARG L 63 22.17 -38.77 19.53
N GLN L 64 23.49 -38.70 19.53
CA GLN L 64 24.34 -39.85 19.28
C GLN L 64 25.44 -39.87 20.34
N ALA L 65 25.41 -40.88 21.18
CA ALA L 65 26.51 -41.16 22.09
C ALA L 65 27.62 -41.88 21.33
N PRO L 66 28.87 -41.79 21.79
CA PRO L 66 29.97 -42.49 21.10
C PRO L 66 29.84 -44.00 21.21
N GLY L 67 29.79 -44.65 20.05
CA GLY L 67 29.63 -46.09 19.99
C GLY L 67 28.20 -46.59 19.89
N GLN L 68 27.23 -45.71 19.61
CA GLN L 68 25.84 -46.10 19.49
C GLN L 68 25.23 -45.49 18.23
N ARG L 69 24.06 -46.00 17.88
CA ARG L 69 23.25 -45.45 16.79
C ARG L 69 22.57 -44.16 17.26
N PRO L 70 22.10 -43.32 16.32
CA PRO L 70 21.38 -42.13 16.74
C PRO L 70 20.08 -42.44 17.45
N GLU L 71 19.79 -41.65 18.48
CA GLU L 71 18.63 -41.83 19.32
C GLU L 71 17.74 -40.60 19.24
N TRP L 72 16.47 -40.81 18.92
CA TRP L 72 15.51 -39.73 18.78
C TRP L 72 14.98 -39.34 20.15
N LEU L 73 14.96 -38.04 20.44
CA LEU L 73 14.51 -37.54 21.72
C LEU L 73 13.10 -36.99 21.66
N GLY L 74 12.78 -36.27 20.60
CA GLY L 74 11.50 -35.62 20.51
C GLY L 74 11.44 -34.83 19.23
N VAL L 75 10.28 -34.28 18.99
CA VAL L 75 10.06 -33.40 17.85
C VAL L 75 9.13 -32.29 18.31
N ILE L 76 9.41 -31.07 17.89
CA ILE L 76 8.54 -29.94 18.15
C ILE L 76 7.82 -29.60 16.85
N SER L 77 6.59 -29.19 16.97
CA SER L 77 5.68 -28.92 15.88
C SER L 77 5.77 -27.45 15.44
N PRO L 78 5.49 -27.16 14.16
CA PRO L 78 5.35 -25.77 13.77
C PRO L 78 4.04 -25.15 14.18
N HIS L 79 3.11 -25.92 14.72
CA HIS L 79 1.73 -25.47 14.68
C HIS L 79 1.41 -24.52 15.82
N PHE L 80 1.69 -24.91 17.05
CA PHE L 80 1.87 -23.90 18.10
C PHE L 80 2.93 -24.36 19.06
N ALA L 81 4.03 -24.89 18.51
CA ALA L 81 5.18 -25.45 19.25
C ALA L 81 4.80 -26.62 20.14
N ARG L 82 3.84 -27.44 19.70
CA ARG L 82 3.39 -28.58 20.48
C ARG L 82 4.44 -29.69 20.43
N PRO L 83 4.96 -30.15 21.56
CA PRO L 83 6.01 -31.15 21.50
C PRO L 83 5.49 -32.58 21.55
N ILE L 84 6.19 -33.46 20.86
CA ILE L 84 6.01 -34.90 20.97
C ILE L 84 7.30 -35.45 21.54
N TYR L 85 7.22 -36.09 22.69
CA TYR L 85 8.39 -36.62 23.37
C TYR L 85 8.51 -38.11 23.13
N SER L 86 9.74 -38.60 23.18
CA SER L 86 9.98 -40.01 23.36
C SER L 86 9.64 -40.39 24.79
N TYR L 87 9.11 -41.60 24.97
CA TYR L 87 8.59 -41.98 26.28
C TYR L 87 9.71 -42.19 27.29
N LYS L 88 10.90 -42.54 26.83
CA LYS L 88 12.02 -42.72 27.74
C LYS L 88 12.69 -41.40 28.14
N PHE L 89 12.22 -40.27 27.62
CA PHE L 89 12.75 -38.97 27.99
C PHE L 89 11.67 -38.02 28.48
N ARG L 90 10.43 -38.47 28.58
CA ARG L 90 9.29 -37.59 28.79
C ARG L 90 9.32 -36.89 30.14
N ASP L 91 9.89 -37.53 31.16
CA ASP L 91 9.92 -36.93 32.48
C ASP L 91 11.02 -35.90 32.67
N ARG L 92 12.03 -35.86 31.79
CA ARG L 92 13.13 -34.91 31.99
C ARG L 92 13.50 -34.16 30.72
N LEU L 93 12.66 -34.11 29.70
CA LEU L 93 12.92 -33.34 28.50
C LEU L 93 11.84 -32.29 28.32
N THR L 94 12.25 -31.09 27.92
CA THR L 94 11.32 -30.03 27.56
C THR L 94 11.75 -29.49 26.21
N LEU L 95 10.80 -29.30 25.31
CA LEU L 95 11.06 -28.72 24.00
C LEU L 95 10.23 -27.47 23.85
N THR L 96 10.88 -26.37 23.49
CA THR L 96 10.27 -25.05 23.56
C THR L 96 10.57 -24.32 22.27
N ARG L 97 9.68 -23.46 21.81
CA ARG L 97 10.00 -22.49 20.79
C ARG L 97 10.08 -21.11 21.43
N ASP L 98 11.00 -20.29 20.94
CA ASP L 98 11.11 -18.90 21.34
C ASP L 98 9.86 -18.12 20.96
N SER L 99 9.55 -17.11 21.77
CA SER L 99 8.35 -16.29 21.56
C SER L 99 8.44 -15.42 20.31
N SER L 100 9.64 -15.17 19.79
CA SER L 100 9.79 -14.52 18.50
C SER L 100 9.63 -15.49 17.34
N LEU L 101 9.41 -16.78 17.64
CA LEU L 101 9.12 -17.86 16.71
C LEU L 101 10.28 -18.20 15.79
N THR L 102 11.51 -17.89 16.20
CA THR L 102 12.66 -18.00 15.31
C THR L 102 13.78 -18.86 15.87
N ALA L 103 13.62 -19.42 17.05
CA ALA L 103 14.57 -20.40 17.57
C ALA L 103 13.80 -21.45 18.36
N VAL L 104 14.35 -22.67 18.40
CA VAL L 104 13.76 -23.72 19.23
C VAL L 104 14.82 -24.22 20.20
N TYR L 105 14.37 -24.73 21.34
CA TYR L 105 15.22 -25.06 22.47
C TYR L 105 14.93 -26.46 22.97
N LEU L 106 16.01 -27.18 23.26
CA LEU L 106 15.97 -28.42 24.01
C LEU L 106 16.44 -28.14 25.43
N GLU L 107 15.78 -28.73 26.40
CA GLU L 107 16.23 -28.65 27.78
C GLU L 107 16.15 -30.05 28.36
N LEU L 108 17.30 -30.61 28.71
CA LEU L 108 17.38 -31.94 29.29
C LEU L 108 17.80 -31.81 30.74
N LYS L 109 16.91 -32.15 31.66
CA LYS L 109 17.16 -32.09 33.09
C LYS L 109 17.64 -33.42 33.62
N GLY L 110 18.25 -33.37 34.81
CA GLY L 110 18.66 -34.55 35.56
C GLY L 110 19.71 -35.39 34.86
N LEU L 111 20.80 -34.76 34.46
CA LEU L 111 21.74 -35.39 33.55
C LEU L 111 22.55 -36.49 34.22
N GLN L 112 22.90 -37.50 33.46
CA GLN L 112 23.70 -38.64 33.87
C GLN L 112 24.80 -38.81 32.84
N PRO L 113 25.86 -39.56 33.15
CA PRO L 113 26.94 -39.76 32.16
C PRO L 113 26.53 -40.43 30.86
N ASP L 114 25.40 -41.16 30.82
CA ASP L 114 24.93 -41.71 29.57
C ASP L 114 24.23 -40.69 28.68
N ASP L 115 24.00 -39.48 29.18
CA ASP L 115 23.44 -38.40 28.37
C ASP L 115 24.50 -37.63 27.60
N SER L 116 25.76 -38.02 27.71
CA SER L 116 26.82 -37.39 26.93
C SER L 116 26.75 -37.83 25.49
N GLY L 117 27.04 -36.91 24.58
CA GLY L 117 27.02 -37.23 23.17
C GLY L 117 26.81 -35.96 22.36
N ILE L 118 26.69 -36.15 21.06
CA ILE L 118 26.43 -35.05 20.15
C ILE L 118 24.92 -34.95 19.95
N TYR L 119 24.41 -33.74 20.03
CA TYR L 119 22.97 -33.48 19.91
C TYR L 119 22.71 -32.69 18.64
N PHE L 120 21.81 -33.18 17.81
CA PHE L 120 21.46 -32.56 16.56
C PHE L 120 20.02 -32.09 16.60
N CYS L 121 19.77 -30.97 15.95
CA CYS L 121 18.43 -30.61 15.53
C CYS L 121 18.33 -30.90 14.05
N ALA L 122 17.15 -31.33 13.62
CA ALA L 122 16.92 -31.63 12.22
C ALA L 122 15.55 -31.10 11.85
N ARG L 123 15.41 -30.71 10.60
CA ARG L 123 14.20 -30.07 10.12
C ARG L 123 13.43 -31.04 9.24
N ASP L 124 12.11 -31.08 9.40
CA ASP L 124 11.32 -32.12 8.74
C ASP L 124 9.97 -31.55 8.36
N PRO L 125 9.48 -31.79 7.14
CA PRO L 125 8.06 -31.52 6.88
C PRO L 125 7.14 -32.41 7.68
N PHE L 126 7.55 -33.67 7.93
CA PHE L 126 6.88 -34.63 8.81
C PHE L 126 5.47 -34.96 8.34
N GLY L 127 5.33 -35.19 7.03
CA GLY L 127 4.09 -35.60 6.42
C GLY L 127 2.96 -34.61 6.50
N ASP L 128 3.25 -33.32 6.52
CA ASP L 128 2.23 -32.30 6.66
C ASP L 128 2.14 -31.31 5.51
N ARG L 129 3.09 -31.26 4.60
CA ARG L 129 3.01 -30.29 3.52
C ARG L 129 2.09 -30.79 2.41
N ALA L 130 1.26 -29.87 1.94
CA ALA L 130 0.04 -30.10 1.16
C ALA L 130 0.14 -30.85 -0.16
N PRO L 131 1.14 -30.69 -1.04
CA PRO L 131 1.12 -31.54 -2.24
C PRO L 131 1.48 -33.00 -1.98
N HIS L 132 2.65 -33.29 -1.39
CA HIS L 132 3.18 -34.65 -1.41
C HIS L 132 3.21 -35.36 -0.08
N TYR L 133 3.30 -34.62 1.04
CA TYR L 133 3.32 -35.16 2.41
C TYR L 133 4.46 -36.15 2.62
N ASN L 134 5.67 -35.71 2.35
CA ASN L 134 6.87 -36.52 2.51
C ASN L 134 7.37 -36.46 3.94
N TYR L 135 8.30 -37.35 4.25
CA TYR L 135 8.96 -37.43 5.55
C TYR L 135 10.46 -37.48 5.30
N HIS L 136 11.18 -36.44 5.68
CA HIS L 136 12.63 -36.48 5.61
C HIS L 136 13.21 -35.40 6.51
N MET L 137 14.18 -35.79 7.34
CA MET L 137 15.02 -34.82 8.02
C MET L 137 16.02 -34.29 7.00
N ASP L 138 15.62 -33.23 6.30
CA ASP L 138 16.35 -32.81 5.11
C ASP L 138 17.42 -31.77 5.41
N VAL L 139 17.27 -31.01 6.48
CA VAL L 139 18.27 -30.01 6.87
C VAL L 139 18.66 -30.31 8.30
N TRP L 140 19.89 -30.75 8.50
CA TRP L 140 20.40 -31.03 9.82
C TRP L 140 21.23 -29.84 10.29
N GLY L 141 21.41 -29.74 11.59
CA GLY L 141 22.29 -28.72 12.06
C GLY L 141 23.41 -29.27 12.90
N GLY L 142 24.65 -29.09 12.45
CA GLY L 142 25.79 -29.00 13.33
C GLY L 142 26.08 -30.14 14.27
N GLY L 143 25.70 -29.91 15.53
CA GLY L 143 25.83 -30.88 16.58
C GLY L 143 26.45 -30.21 17.77
N THR L 144 25.78 -30.24 18.90
CA THR L 144 26.31 -29.71 20.14
C THR L 144 26.83 -30.88 20.97
N ALA L 145 28.13 -30.88 21.25
CA ALA L 145 28.71 -31.90 22.10
C ALA L 145 28.36 -31.59 23.55
N VAL L 146 27.81 -32.58 24.25
CA VAL L 146 27.46 -32.44 25.65
C VAL L 146 28.21 -33.50 26.43
N ILE L 147 29.03 -33.08 27.39
CA ILE L 147 29.79 -33.98 28.24
C ILE L 147 29.23 -33.85 29.65
N VAL L 148 28.74 -34.94 30.20
CA VAL L 148 28.25 -34.99 31.57
C VAL L 148 29.27 -35.78 32.37
N SER L 149 30.02 -35.10 33.23
CA SER L 149 31.06 -35.74 34.01
C SER L 149 31.29 -34.95 35.29
N SER L 150 32.01 -35.56 36.23
CA SER L 150 32.33 -34.88 37.49
C SER L 150 33.78 -35.09 37.89
N PHE M 8 -28.59 -2.57 -46.96
CA PHE M 8 -27.92 -2.81 -45.68
C PHE M 8 -28.34 -1.79 -44.63
N LEU M 9 -29.04 -2.26 -43.61
CA LEU M 9 -29.52 -1.40 -42.54
C LEU M 9 -28.51 -1.22 -41.42
N GLY M 10 -27.67 -2.21 -41.18
CA GLY M 10 -26.67 -2.16 -40.13
C GLY M 10 -27.07 -3.02 -38.95
N PHE M 11 -26.28 -2.93 -37.89
CA PHE M 11 -26.48 -3.76 -36.71
C PHE M 11 -27.75 -3.35 -35.98
N LEU M 12 -28.65 -4.33 -35.78
CA LEU M 12 -30.01 -4.18 -35.26
C LEU M 12 -30.88 -3.27 -36.12
N GLY M 13 -30.55 -3.11 -37.40
CA GLY M 13 -31.31 -2.21 -38.25
C GLY M 13 -32.69 -2.72 -38.58
N ALA M 14 -32.88 -4.03 -38.60
CA ALA M 14 -34.17 -4.64 -38.89
C ALA M 14 -34.97 -4.93 -37.64
N ALA M 15 -34.69 -4.25 -36.54
CA ALA M 15 -35.39 -4.52 -35.29
C ALA M 15 -36.84 -4.06 -35.35
N GLY M 16 -37.12 -3.04 -36.16
CA GLY M 16 -38.48 -2.64 -36.42
C GLY M 16 -39.10 -3.27 -37.63
N SER M 17 -38.32 -4.00 -38.43
CA SER M 17 -38.83 -4.72 -39.57
C SER M 17 -39.62 -5.94 -39.12
N THR M 18 -40.38 -6.49 -40.06
CA THR M 18 -41.13 -7.71 -39.81
C THR M 18 -40.19 -8.89 -39.64
N MET M 19 -40.72 -9.97 -39.04
CA MET M 19 -39.89 -11.13 -38.73
C MET M 19 -39.34 -11.79 -39.98
N GLY M 20 -40.13 -11.81 -41.05
CA GLY M 20 -39.65 -12.33 -42.32
C GLY M 20 -38.59 -11.46 -42.96
N ALA M 21 -38.71 -10.15 -42.80
CA ALA M 21 -37.69 -9.24 -43.34
C ALA M 21 -36.46 -9.19 -42.45
N ALA M 22 -36.61 -9.42 -41.15
CA ALA M 22 -35.48 -9.45 -40.24
C ALA M 22 -34.73 -10.77 -40.28
N SER M 23 -35.35 -11.84 -40.79
CA SER M 23 -34.67 -13.12 -40.93
C SER M 23 -33.65 -13.15 -42.05
N MET M 24 -33.59 -12.11 -42.89
CA MET M 24 -32.56 -11.99 -43.91
C MET M 24 -31.39 -11.12 -43.48
N THR M 25 -31.27 -10.80 -42.19
CA THR M 25 -30.20 -9.97 -41.68
C THR M 25 -29.49 -10.63 -40.49
N LEU M 26 -29.58 -11.95 -40.38
CA LEU M 26 -29.15 -12.63 -39.16
C LEU M 26 -27.63 -12.61 -39.00
N THR M 27 -26.89 -12.60 -40.11
CA THR M 27 -25.43 -12.49 -40.04
C THR M 27 -24.99 -11.16 -39.46
N VAL M 28 -25.78 -10.11 -39.64
CA VAL M 28 -25.43 -8.77 -39.18
C VAL M 28 -25.46 -8.71 -37.66
N GLN M 29 -26.43 -9.38 -37.03
CA GLN M 29 -26.45 -9.46 -35.58
C GLN M 29 -25.49 -10.53 -35.07
N ALA M 30 -25.28 -11.60 -35.84
CA ALA M 30 -24.50 -12.73 -35.36
C ALA M 30 -23.01 -12.40 -35.23
N ARG M 31 -22.46 -11.66 -36.19
CA ARG M 31 -21.03 -11.37 -36.16
C ARG M 31 -20.66 -10.27 -35.18
N ASN M 32 -21.65 -9.56 -34.64
CA ASN M 32 -21.42 -8.49 -33.68
C ASN M 32 -21.52 -8.95 -32.23
N LEU M 33 -21.62 -10.26 -31.99
CA LEU M 33 -21.82 -10.76 -30.64
C LEU M 33 -20.53 -11.16 -29.95
N LEU M 34 -19.42 -11.14 -30.65
CA LEU M 34 -18.18 -11.65 -30.11
C LEU M 34 -17.11 -10.61 -29.93
N SER M 35 -17.07 -9.58 -30.75
CA SER M 35 -16.06 -8.55 -30.60
C SER M 35 -16.56 -7.19 -31.07
N THR M 58 -5.80 -0.96 -12.65
CA THR M 58 -6.32 0.31 -13.15
C THR M 58 -7.85 0.18 -13.19
N VAL M 59 -8.55 1.28 -12.88
CA VAL M 59 -10.02 1.31 -12.90
C VAL M 59 -10.56 0.88 -14.25
N TRP M 60 -9.95 1.34 -15.32
CA TRP M 60 -10.39 0.99 -16.65
C TRP M 60 -9.87 -0.37 -17.12
N GLY M 61 -8.80 -0.87 -16.53
CA GLY M 61 -8.19 -2.13 -16.89
C GLY M 61 -9.05 -3.37 -16.70
N ILE M 62 -9.50 -3.66 -15.48
CA ILE M 62 -10.29 -4.87 -15.28
C ILE M 62 -11.73 -4.69 -15.78
N LYS M 63 -12.18 -3.44 -15.90
CA LYS M 63 -13.44 -3.15 -16.59
C LYS M 63 -13.36 -3.53 -18.05
N GLN M 64 -12.22 -3.29 -18.68
CA GLN M 64 -11.99 -3.81 -20.00
C GLN M 64 -11.84 -5.33 -19.98
N LEU M 65 -11.25 -5.89 -18.92
CA LEU M 65 -10.89 -7.31 -18.94
C LEU M 65 -12.11 -8.23 -18.84
N GLN M 66 -12.84 -8.18 -17.72
CA GLN M 66 -13.79 -9.28 -17.52
C GLN M 66 -15.09 -9.12 -18.29
N ALA M 67 -15.30 -7.96 -18.92
CA ALA M 67 -16.30 -7.85 -19.98
C ALA M 67 -16.04 -8.84 -21.12
N ARG M 68 -14.78 -9.06 -21.46
CA ARG M 68 -14.42 -10.00 -22.52
C ARG M 68 -14.77 -11.44 -22.13
N VAL M 69 -14.53 -11.81 -20.87
CA VAL M 69 -14.87 -13.15 -20.42
C VAL M 69 -16.38 -13.34 -20.39
N LEU M 70 -17.12 -12.30 -20.03
CA LEU M 70 -18.58 -12.40 -20.07
C LEU M 70 -19.11 -12.53 -21.50
N ALA M 71 -18.51 -11.81 -22.45
CA ALA M 71 -18.92 -11.92 -23.84
C ALA M 71 -18.64 -13.31 -24.40
N VAL M 72 -17.49 -13.89 -24.04
CA VAL M 72 -17.15 -15.24 -24.48
C VAL M 72 -18.10 -16.27 -23.87
N GLU M 73 -18.46 -16.11 -22.59
CA GLU M 73 -19.36 -17.07 -21.96
C GLU M 73 -20.77 -16.99 -22.53
N ARG M 74 -21.26 -15.77 -22.77
CA ARG M 74 -22.58 -15.59 -23.36
C ARG M 74 -22.63 -16.08 -24.80
N TYR M 75 -21.51 -16.02 -25.52
CA TYR M 75 -21.49 -16.61 -26.85
C TYR M 75 -21.49 -18.12 -26.80
N LEU M 76 -20.71 -18.69 -25.89
CA LEU M 76 -20.50 -20.13 -25.89
C LEU M 76 -21.71 -20.89 -25.39
N ARG M 77 -22.50 -20.30 -24.49
CA ARG M 77 -23.71 -21.02 -24.07
C ARG M 77 -24.78 -21.03 -25.17
N ASP M 78 -24.82 -20.00 -26.01
CA ASP M 78 -25.72 -20.03 -27.16
C ASP M 78 -25.25 -21.05 -28.19
N GLN M 79 -23.95 -21.13 -28.44
CA GLN M 79 -23.45 -22.15 -29.35
C GLN M 79 -23.65 -23.56 -28.82
N GLN M 80 -23.58 -23.74 -27.49
CA GLN M 80 -23.87 -25.03 -26.91
C GLN M 80 -25.34 -25.39 -27.06
N LEU M 81 -26.24 -24.42 -26.90
CA LEU M 81 -27.65 -24.67 -27.13
C LEU M 81 -27.93 -25.05 -28.58
N LEU M 82 -27.25 -24.40 -29.52
CA LEU M 82 -27.47 -24.76 -30.92
C LEU M 82 -26.90 -26.14 -31.24
N GLY M 83 -25.78 -26.52 -30.64
CA GLY M 83 -25.24 -27.84 -30.87
C GLY M 83 -26.06 -28.94 -30.23
N ILE M 84 -26.66 -28.67 -29.07
CA ILE M 84 -27.55 -29.62 -28.42
C ILE M 84 -28.82 -29.87 -29.22
N TRP M 85 -29.36 -28.89 -29.93
CA TRP M 85 -30.58 -29.09 -30.70
C TRP M 85 -30.32 -29.55 -32.11
N GLY M 86 -29.06 -29.77 -32.49
CA GLY M 86 -28.74 -30.16 -33.84
C GLY M 86 -28.71 -29.04 -34.83
N CYS M 87 -28.39 -27.82 -34.38
CA CYS M 87 -28.44 -26.64 -35.22
C CYS M 87 -27.09 -25.94 -35.30
N SER M 88 -26.00 -26.66 -35.06
CA SER M 88 -24.69 -26.03 -35.02
C SER M 88 -24.19 -25.69 -36.41
N GLY M 89 -23.66 -24.49 -36.57
CA GLY M 89 -23.21 -24.02 -37.86
C GLY M 89 -24.32 -23.48 -38.73
N LYS M 90 -25.49 -23.25 -38.17
CA LYS M 90 -26.64 -22.78 -38.92
C LYS M 90 -27.20 -21.53 -38.28
N LEU M 91 -27.78 -20.67 -39.11
CA LEU M 91 -28.51 -19.50 -38.65
C LEU M 91 -30.01 -19.71 -38.66
N ILE M 92 -30.50 -20.45 -39.65
CA ILE M 92 -31.87 -20.95 -39.68
C ILE M 92 -31.80 -22.46 -39.62
N CYS M 93 -32.58 -23.06 -38.73
CA CYS M 93 -32.47 -24.50 -38.50
C CYS M 93 -33.87 -25.07 -38.30
N CYS M 94 -34.38 -25.73 -39.33
CA CYS M 94 -35.67 -26.41 -39.23
C CYS M 94 -35.51 -27.69 -38.43
N THR M 95 -36.52 -28.01 -37.62
CA THR M 95 -36.41 -29.11 -36.68
C THR M 95 -37.54 -30.12 -36.87
N ASN M 96 -37.69 -31.03 -35.91
CA ASN M 96 -38.74 -32.03 -35.93
C ASN M 96 -39.79 -31.83 -34.85
N VAL M 97 -39.59 -30.91 -33.92
CA VAL M 97 -40.54 -30.63 -32.84
C VAL M 97 -41.76 -29.94 -33.45
N PRO M 98 -42.96 -30.46 -33.23
CA PRO M 98 -44.15 -29.81 -33.78
C PRO M 98 -44.56 -28.60 -32.95
N TRP M 99 -45.08 -27.59 -33.64
CA TRP M 99 -45.49 -26.36 -32.98
C TRP M 99 -46.81 -26.57 -32.27
N ASN M 100 -46.78 -26.59 -30.95
CA ASN M 100 -47.98 -26.65 -30.14
C ASN M 100 -48.77 -25.36 -30.29
N SER M 101 -50.09 -25.50 -30.51
CA SER M 101 -50.95 -24.33 -30.61
C SER M 101 -51.25 -23.71 -29.26
N SER M 102 -50.88 -24.38 -28.16
CA SER M 102 -50.94 -23.82 -26.81
C SER M 102 -49.90 -22.74 -26.56
N TRP M 103 -49.01 -22.47 -27.52
CA TRP M 103 -48.00 -21.44 -27.40
C TRP M 103 -48.44 -20.14 -28.07
N SER M 104 -48.80 -20.22 -29.34
CA SER M 104 -49.40 -19.10 -30.06
C SER M 104 -50.19 -19.65 -31.23
N ASN M 105 -51.40 -19.14 -31.43
CA ASN M 105 -52.30 -19.68 -32.45
C ASN M 105 -52.41 -18.78 -33.68
N ARG M 106 -51.52 -17.80 -33.82
CA ARG M 106 -51.56 -16.93 -34.99
C ARG M 106 -51.06 -17.68 -36.22
N ASN M 107 -51.57 -17.29 -37.38
CA ASN M 107 -51.16 -17.97 -38.60
C ASN M 107 -49.89 -17.31 -39.14
N LEU M 108 -49.29 -17.94 -40.14
CA LEU M 108 -47.95 -17.58 -40.59
C LEU M 108 -47.90 -16.23 -41.27
N SER M 109 -48.97 -15.82 -41.94
CA SER M 109 -48.95 -14.56 -42.67
C SER M 109 -48.96 -13.36 -41.73
N GLU M 110 -49.58 -13.51 -40.55
CA GLU M 110 -49.59 -12.43 -39.58
C GLU M 110 -48.45 -12.54 -38.56
N ILE M 111 -47.69 -13.61 -38.59
CA ILE M 111 -46.47 -13.70 -37.80
C ILE M 111 -45.28 -13.17 -38.59
N TRP M 112 -45.14 -13.58 -39.84
CA TRP M 112 -43.95 -13.26 -40.60
C TRP M 112 -44.07 -11.96 -41.38
N ASP M 113 -45.24 -11.34 -41.41
CA ASP M 113 -45.41 -10.09 -42.12
C ASP M 113 -46.09 -9.00 -41.31
N ASN M 114 -46.46 -9.27 -40.06
CA ASN M 114 -47.02 -8.23 -39.21
C ASN M 114 -46.20 -8.00 -37.95
N MET M 115 -45.83 -9.06 -37.23
CA MET M 115 -45.08 -8.87 -36.00
C MET M 115 -43.63 -8.54 -36.29
N THR M 116 -42.99 -7.92 -35.31
CA THR M 116 -41.54 -7.83 -35.24
C THR M 116 -41.05 -8.90 -34.28
N TRP M 117 -39.73 -9.10 -34.25
CA TRP M 117 -39.17 -10.15 -33.39
C TRP M 117 -39.25 -9.78 -31.92
N LEU M 118 -39.24 -8.49 -31.59
CA LEU M 118 -39.38 -8.05 -30.21
C LEU M 118 -40.79 -8.31 -29.68
N GLN M 119 -41.81 -8.05 -30.50
CA GLN M 119 -43.19 -8.36 -30.13
C GLN M 119 -43.39 -9.86 -29.97
N TRP M 120 -42.80 -10.65 -30.86
CA TRP M 120 -42.94 -12.09 -30.80
C TRP M 120 -42.25 -12.67 -29.58
N ASP M 121 -41.10 -12.12 -29.23
CA ASP M 121 -40.40 -12.55 -28.02
C ASP M 121 -41.18 -12.19 -26.77
N LYS M 122 -41.85 -11.04 -26.77
CA LYS M 122 -42.74 -10.74 -25.66
C LYS M 122 -43.96 -11.67 -25.63
N GLU M 123 -44.42 -12.16 -26.77
CA GLU M 123 -45.56 -13.06 -26.75
C GLU M 123 -45.21 -14.46 -26.24
N ILE M 124 -44.11 -15.04 -26.67
CA ILE M 124 -43.85 -16.43 -26.31
C ILE M 124 -42.75 -16.56 -25.25
N SER M 125 -42.56 -15.53 -24.43
CA SER M 125 -41.50 -15.55 -23.42
C SER M 125 -41.71 -16.60 -22.34
N ASN M 126 -42.96 -16.93 -22.01
CA ASN M 126 -43.20 -17.85 -20.91
C ASN M 126 -43.37 -19.30 -21.37
N TYR M 127 -43.23 -19.56 -22.67
CA TYR M 127 -43.26 -20.92 -23.20
C TYR M 127 -41.90 -21.37 -23.73
N THR M 128 -40.83 -20.66 -23.39
CA THR M 128 -39.56 -20.84 -24.08
C THR M 128 -38.81 -22.07 -23.58
N GLN M 129 -38.76 -22.28 -22.27
CA GLN M 129 -37.95 -23.36 -21.70
C GLN M 129 -38.52 -24.74 -22.04
N ILE M 130 -39.83 -24.84 -22.22
CA ILE M 130 -40.38 -26.14 -22.61
C ILE M 130 -40.10 -26.42 -24.09
N ILE M 131 -40.07 -25.38 -24.93
CA ILE M 131 -39.64 -25.57 -26.33
C ILE M 131 -38.17 -25.98 -26.38
N TYR M 132 -37.35 -25.42 -25.49
CA TYR M 132 -35.94 -25.77 -25.45
C TYR M 132 -35.73 -27.22 -25.00
N GLY M 133 -36.50 -27.66 -24.01
CA GLY M 133 -36.45 -29.05 -23.60
C GLY M 133 -36.95 -30.02 -24.66
N LEU M 134 -37.96 -29.60 -25.42
CA LEU M 134 -38.45 -30.42 -26.52
C LEU M 134 -37.41 -30.58 -27.63
N LEU M 135 -36.68 -29.50 -27.94
CA LEU M 135 -35.61 -29.58 -28.94
C LEU M 135 -34.47 -30.46 -28.44
N GLU M 136 -34.18 -30.37 -27.15
CA GLU M 136 -33.11 -31.15 -26.54
C GLU M 136 -33.41 -32.65 -26.54
N GLU M 137 -34.67 -33.02 -26.33
CA GLU M 137 -35.00 -34.45 -26.37
C GLU M 137 -35.12 -34.96 -27.80
N SER M 138 -35.62 -34.11 -28.71
CA SER M 138 -35.80 -34.53 -30.09
C SER M 138 -34.46 -34.80 -30.78
N GLN M 139 -33.45 -33.97 -30.53
CA GLN M 139 -32.17 -34.21 -31.18
C GLN M 139 -31.46 -35.45 -30.63
N ASN M 140 -31.61 -35.73 -29.33
CA ASN M 140 -30.99 -36.93 -28.78
C ASN M 140 -31.65 -38.19 -29.32
N GLN M 141 -32.97 -38.13 -29.55
CA GLN M 141 -33.61 -39.28 -30.19
C GLN M 141 -33.18 -39.43 -31.65
N GLN M 142 -32.98 -38.34 -32.39
CA GLN M 142 -32.47 -38.50 -33.76
C GLN M 142 -31.03 -39.00 -33.76
N GLU M 143 -30.25 -38.66 -32.74
CA GLU M 143 -28.89 -39.19 -32.61
C GLU M 143 -28.89 -40.69 -32.41
N LYS M 144 -29.72 -41.18 -31.48
CA LYS M 144 -29.76 -42.61 -31.24
C LYS M 144 -30.38 -43.37 -32.42
N ASN M 145 -31.29 -42.73 -33.17
CA ASN M 145 -31.88 -43.40 -34.32
C ASN M 145 -30.89 -43.49 -35.48
N GLU M 146 -30.11 -42.44 -35.72
CA GLU M 146 -29.13 -42.54 -36.80
C GLU M 146 -27.94 -43.37 -36.38
N GLN M 147 -27.72 -43.56 -35.09
CA GLN M 147 -26.72 -44.52 -34.64
C GLN M 147 -27.19 -45.95 -34.86
N ASP M 148 -28.44 -46.24 -34.53
CA ASP M 148 -28.99 -47.57 -34.75
C ASP M 148 -29.16 -47.90 -36.23
N LEU M 149 -29.45 -46.90 -37.05
CA LEU M 149 -29.64 -47.12 -38.48
C LEU M 149 -28.32 -47.33 -39.21
N LEU M 150 -27.23 -46.79 -38.68
CA LEU M 150 -25.93 -46.96 -39.31
C LEU M 150 -25.25 -48.26 -38.94
N ALA M 151 -25.84 -49.05 -38.05
CA ALA M 151 -25.29 -50.34 -37.69
C ALA M 151 -25.70 -51.43 -38.66
N LEU M 152 -26.78 -51.21 -39.41
CA LEU M 152 -27.24 -52.14 -40.43
C LEU M 152 -26.37 -52.03 -41.68
N LEU N 2 -47.12 -27.38 -38.75
CA LEU N 2 -46.21 -26.35 -38.25
C LEU N 2 -45.21 -26.92 -37.27
N TRP N 3 -43.92 -26.74 -37.57
CA TRP N 3 -42.86 -27.20 -36.70
C TRP N 3 -42.09 -25.99 -36.19
N VAL N 4 -41.44 -26.16 -35.05
CA VAL N 4 -40.66 -25.05 -34.50
C VAL N 4 -39.39 -24.90 -35.33
N THR N 5 -38.86 -23.69 -35.36
CA THR N 5 -37.72 -23.36 -36.19
C THR N 5 -36.84 -22.42 -35.39
N VAL N 6 -35.55 -22.73 -35.35
CA VAL N 6 -34.59 -21.99 -34.55
C VAL N 6 -33.87 -20.98 -35.44
N TYR N 7 -33.96 -19.72 -35.06
CA TYR N 7 -33.25 -18.64 -35.71
C TYR N 7 -32.16 -18.13 -34.77
N TYR N 8 -30.98 -17.87 -35.32
CA TYR N 8 -29.87 -17.34 -34.53
C TYR N 8 -29.44 -16.01 -35.14
N GLY N 9 -29.55 -14.95 -34.36
CA GLY N 9 -29.20 -13.62 -34.82
C GLY N 9 -30.42 -12.76 -35.02
N VAL N 10 -31.45 -12.94 -34.21
CA VAL N 10 -32.65 -12.13 -34.35
C VAL N 10 -32.42 -10.79 -33.65
N PRO N 11 -32.98 -9.70 -34.13
CA PRO N 11 -32.81 -8.40 -33.45
C PRO N 11 -33.77 -8.26 -32.27
N VAL N 12 -33.36 -8.84 -31.14
CA VAL N 12 -34.15 -8.86 -29.91
C VAL N 12 -33.22 -8.45 -28.77
N TRP N 13 -33.68 -7.56 -27.91
CA TRP N 13 -32.93 -7.15 -26.73
C TRP N 13 -33.84 -7.16 -25.51
N LYS N 14 -33.20 -7.16 -24.35
CA LYS N 14 -33.86 -6.86 -23.09
C LYS N 14 -33.04 -5.85 -22.31
N ASP N 15 -33.62 -5.31 -21.25
CA ASP N 15 -32.93 -4.34 -20.42
C ASP N 15 -31.87 -5.04 -19.59
N ALA N 16 -30.72 -4.41 -19.43
CA ALA N 16 -29.62 -5.07 -18.75
C ALA N 16 -28.73 -4.05 -18.05
N GLU N 17 -27.94 -4.58 -17.12
CA GLU N 17 -26.86 -3.86 -16.47
C GLU N 17 -25.58 -4.61 -16.72
N THR N 18 -24.54 -3.90 -17.14
CA THR N 18 -23.26 -4.50 -17.43
C THR N 18 -22.20 -3.46 -17.16
N THR N 19 -20.97 -3.90 -17.04
CA THR N 19 -19.83 -3.00 -16.93
C THR N 19 -19.57 -2.39 -18.31
N LEU N 20 -19.59 -1.07 -18.37
CA LEU N 20 -19.19 -0.35 -19.55
C LEU N 20 -17.71 0.00 -19.43
N PHE N 21 -17.03 0.10 -20.55
CA PHE N 21 -15.64 0.51 -20.51
C PHE N 21 -15.49 1.88 -21.14
N CYS N 22 -14.33 2.47 -20.95
CA CYS N 22 -14.08 3.83 -21.40
C CYS N 22 -13.36 3.86 -22.72
N ALA N 23 -13.66 4.90 -23.48
CA ALA N 23 -12.92 5.26 -24.67
C ALA N 23 -12.67 6.75 -24.63
N SER N 24 -11.57 7.18 -25.23
CA SER N 24 -11.29 8.61 -25.29
C SER N 24 -10.54 8.92 -26.57
N ASP N 25 -11.02 9.92 -27.29
CA ASP N 25 -10.45 10.29 -28.59
C ASP N 25 -9.27 11.23 -28.43
N LYS N 33 0.70 15.01 -20.55
CA LYS N 33 0.26 15.31 -19.20
C LYS N 33 -0.86 14.39 -18.78
N HIS N 34 -0.77 13.86 -17.56
CA HIS N 34 -1.76 12.93 -17.04
C HIS N 34 -2.92 13.69 -16.40
N ASN N 35 -4.01 12.96 -16.22
CA ASN N 35 -5.28 13.53 -15.80
C ASN N 35 -5.80 12.73 -14.62
N VAL N 36 -6.73 13.32 -13.87
CA VAL N 36 -7.37 12.60 -12.78
C VAL N 36 -8.19 11.44 -13.33
N TRP N 37 -9.03 11.73 -14.30
CA TRP N 37 -9.66 10.69 -15.09
C TRP N 37 -8.66 10.17 -16.10
N ALA N 38 -8.18 8.95 -15.86
CA ALA N 38 -7.05 8.38 -16.59
C ALA N 38 -7.44 7.97 -18.00
N THR N 39 -7.68 8.95 -18.87
CA THR N 39 -8.16 8.67 -20.22
C THR N 39 -7.04 8.11 -21.10
N HIS N 40 -5.80 8.23 -20.67
CA HIS N 40 -4.68 7.60 -21.36
C HIS N 40 -4.71 6.09 -21.24
N ALA N 41 -5.41 5.55 -20.24
CA ALA N 41 -5.58 4.12 -20.07
C ALA N 41 -6.85 3.60 -20.76
N CYS N 42 -7.64 4.49 -21.33
CA CYS N 42 -8.86 4.11 -22.02
C CYS N 42 -8.52 3.57 -23.41
N VAL N 43 -9.56 3.22 -24.14
CA VAL N 43 -9.45 2.65 -25.48
C VAL N 43 -9.50 3.80 -26.47
N PRO N 44 -8.86 3.74 -27.64
CA PRO N 44 -9.15 4.73 -28.67
C PRO N 44 -10.59 4.61 -29.16
N THR N 45 -11.18 5.74 -29.53
CA THR N 45 -12.52 5.71 -30.08
C THR N 45 -12.47 5.27 -31.54
N ASP N 46 -13.66 5.13 -32.12
CA ASP N 46 -13.77 4.83 -33.54
C ASP N 46 -13.84 6.13 -34.33
N GLN N 50 -21.13 4.89 -37.32
CA GLN N 50 -21.12 4.34 -35.96
C GLN N 50 -22.53 4.25 -35.40
N GLU N 51 -23.39 5.18 -35.80
CA GLU N 51 -24.73 5.30 -35.28
C GLU N 51 -25.74 4.78 -36.31
N ILE N 52 -26.57 3.83 -35.90
CA ILE N 52 -27.52 3.18 -36.77
C ILE N 52 -28.92 3.54 -36.33
N HIS N 53 -29.68 4.20 -37.18
CA HIS N 53 -31.06 4.51 -36.87
C HIS N 53 -31.92 3.25 -36.90
N LEU N 54 -32.86 3.16 -35.98
CA LEU N 54 -33.70 1.99 -35.81
C LEU N 54 -35.13 2.40 -36.10
N GLU N 55 -35.56 2.25 -37.36
CA GLU N 55 -36.91 2.63 -37.75
C GLU N 55 -37.94 1.72 -37.10
N ASN N 56 -39.11 2.32 -36.81
CA ASN N 56 -40.28 1.68 -36.22
C ASN N 56 -40.06 1.16 -34.80
N VAL N 57 -39.02 1.59 -34.11
CA VAL N 57 -38.70 1.09 -32.78
C VAL N 57 -39.11 2.15 -31.76
N THR N 58 -39.97 1.77 -30.83
CA THR N 58 -40.33 2.62 -29.70
C THR N 58 -39.79 1.97 -28.43
N GLU N 59 -38.93 2.68 -27.73
CA GLU N 59 -38.19 2.12 -26.60
C GLU N 59 -38.50 2.91 -25.33
N GLU N 60 -38.61 2.20 -24.22
CA GLU N 60 -38.94 2.79 -22.92
C GLU N 60 -37.66 3.26 -22.24
N PHE N 61 -37.56 4.55 -21.93
CA PHE N 61 -36.40 5.09 -21.24
C PHE N 61 -36.78 5.60 -19.86
N ASN N 62 -35.80 5.59 -18.96
CA ASN N 62 -35.96 6.16 -17.63
C ASN N 62 -34.59 6.71 -17.23
N MET N 63 -34.45 8.03 -17.24
CA MET N 63 -33.19 8.65 -16.85
C MET N 63 -32.98 8.65 -15.35
N TRP N 64 -34.02 8.39 -14.56
CA TRP N 64 -33.91 8.41 -13.11
C TRP N 64 -33.50 7.08 -12.52
N LYS N 65 -33.70 5.98 -13.25
CA LYS N 65 -33.28 4.67 -12.81
C LYS N 65 -32.22 4.09 -13.73
N ASN N 66 -31.31 4.94 -14.21
CA ASN N 66 -30.33 4.53 -15.20
C ASN N 66 -29.06 4.03 -14.52
N ASN N 67 -28.66 2.79 -14.82
CA ASN N 67 -27.48 2.21 -14.19
C ASN N 67 -26.18 2.78 -14.74
N MET N 68 -26.21 3.38 -15.93
CA MET N 68 -25.06 4.08 -16.45
C MET N 68 -24.66 5.27 -15.60
N VAL N 69 -25.65 5.95 -15.01
CA VAL N 69 -25.38 7.07 -14.11
C VAL N 69 -24.66 6.58 -12.84
N GLU N 70 -25.11 5.45 -12.31
CA GLU N 70 -24.50 4.89 -11.11
C GLU N 70 -23.09 4.37 -11.38
N GLN N 71 -22.89 3.76 -12.54
CA GLN N 71 -21.55 3.29 -12.91
C GLN N 71 -20.61 4.47 -13.12
N MET N 72 -21.09 5.53 -13.79
CA MET N 72 -20.27 6.73 -13.98
C MET N 72 -19.90 7.39 -12.66
N HIS N 73 -20.82 7.40 -11.69
CA HIS N 73 -20.52 7.96 -10.37
C HIS N 73 -19.42 7.18 -9.67
N THR N 74 -19.57 5.85 -9.64
CA THR N 74 -18.56 4.97 -9.07
C THR N 74 -17.21 5.10 -9.78
N ASP N 75 -17.24 5.31 -11.10
CA ASP N 75 -15.99 5.45 -11.85
C ASP N 75 -15.29 6.76 -11.58
N ILE N 76 -16.04 7.86 -11.46
CA ILE N 76 -15.43 9.15 -11.16
C ILE N 76 -14.80 9.15 -9.77
N ILE N 77 -15.48 8.51 -8.81
CA ILE N 77 -14.93 8.44 -7.45
C ILE N 77 -13.70 7.54 -7.40
N SER N 78 -13.70 6.45 -8.16
CA SER N 78 -12.57 5.54 -8.14
C SER N 78 -11.38 6.12 -8.90
N LEU N 79 -11.61 6.86 -9.98
CA LEU N 79 -10.51 7.53 -10.66
C LEU N 79 -9.92 8.63 -9.80
N TRP N 80 -10.77 9.31 -9.03
CA TRP N 80 -10.30 10.35 -8.13
C TRP N 80 -9.41 9.78 -7.04
N ASP N 81 -9.83 8.70 -6.40
CA ASP N 81 -8.96 8.23 -5.33
C ASP N 81 -7.81 7.35 -5.82
N GLN N 82 -7.84 6.89 -7.07
CA GLN N 82 -6.66 6.25 -7.66
C GLN N 82 -5.64 7.28 -8.10
N SER N 83 -6.08 8.48 -8.48
CA SER N 83 -5.17 9.56 -8.85
C SER N 83 -4.42 10.13 -7.65
N LEU N 84 -4.83 9.80 -6.45
CA LEU N 84 -4.38 10.47 -5.26
C LEU N 84 -3.63 9.56 -4.30
N LYS N 85 -3.54 8.26 -4.62
CA LYS N 85 -2.72 7.34 -3.82
C LYS N 85 -1.22 7.67 -3.80
N PRO N 86 -0.51 7.88 -4.92
CA PRO N 86 0.94 8.02 -4.82
C PRO N 86 1.45 9.40 -4.42
N CYS N 87 0.61 10.31 -3.94
CA CYS N 87 1.07 11.66 -3.73
C CYS N 87 1.31 11.92 -2.24
N VAL N 88 1.76 13.12 -1.91
CA VAL N 88 2.36 13.39 -0.60
C VAL N 88 1.28 13.48 0.47
N LYS N 89 1.42 12.67 1.50
CA LYS N 89 0.56 12.72 2.67
C LYS N 89 1.01 13.85 3.56
N LEU N 90 0.10 14.80 3.84
CA LEU N 90 0.47 15.97 4.61
C LEU N 90 0.19 15.78 6.10
N THR N 91 0.59 14.64 6.63
CA THR N 91 0.56 14.39 8.07
C THR N 91 1.58 15.17 8.90
N PRO N 92 2.75 15.60 8.40
CA PRO N 92 3.51 16.61 9.16
C PRO N 92 2.87 17.99 9.25
N LEU N 93 1.96 18.37 8.34
CA LEU N 93 1.34 19.70 8.42
C LEU N 93 0.29 19.82 9.50
N CYS N 94 0.00 18.77 10.23
CA CYS N 94 -0.86 18.87 11.41
C CYS N 94 -0.03 19.32 12.60
N VAL N 95 0.24 20.62 12.62
CA VAL N 95 0.97 21.29 13.67
C VAL N 95 0.24 22.57 14.02
N THR N 96 0.72 23.23 15.06
CA THR N 96 0.23 24.54 15.44
C THR N 96 0.77 25.57 14.45
N LEU N 97 -0.09 26.46 14.00
CA LEU N 97 0.28 27.56 13.16
C LEU N 97 0.20 28.84 13.98
N GLN N 98 1.14 29.74 13.77
CA GLN N 98 1.07 31.10 14.32
C GLN N 98 0.67 32.00 13.17
N CYS N 99 -0.54 32.53 13.21
CA CYS N 99 -1.10 33.21 12.05
C CYS N 99 -1.39 34.68 12.33
N THR N 100 -0.96 35.53 11.42
CA THR N 100 -1.36 36.93 11.34
C THR N 100 -2.30 37.12 10.15
N ASN N 101 -2.89 38.30 10.08
CA ASN N 101 -3.64 38.67 8.89
C ASN N 101 -2.67 39.15 7.81
N VAL N 102 -3.07 39.01 6.56
CA VAL N 102 -2.20 39.44 5.47
C VAL N 102 -2.28 40.96 5.30
N THR N 103 -3.47 41.50 5.36
CA THR N 103 -3.66 42.96 5.35
C THR N 103 -3.20 43.56 6.67
N GLY N 112 -8.81 39.55 6.85
CA GLY N 112 -9.08 38.31 7.54
C GLY N 112 -9.38 37.11 6.66
N GLU N 113 -9.51 37.36 5.35
CA GLU N 113 -9.80 36.28 4.42
C GLU N 113 -8.57 35.44 4.12
N LEU N 114 -7.39 36.03 4.26
CA LEU N 114 -6.13 35.31 4.12
C LEU N 114 -5.36 35.41 5.43
N LYS N 115 -4.75 34.32 5.83
CA LYS N 115 -3.87 34.28 6.97
C LYS N 115 -2.45 33.99 6.53
N ASN N 116 -1.51 34.65 7.16
CA ASN N 116 -0.09 34.38 6.99
C ASN N 116 0.32 33.53 8.19
N CYS N 117 0.63 32.26 7.95
CA CYS N 117 0.82 31.31 9.03
C CYS N 117 2.22 30.74 9.01
N SER N 118 2.86 30.77 10.16
CA SER N 118 4.22 30.31 10.34
C SER N 118 4.21 29.05 11.19
N PHE N 119 5.11 28.12 10.88
CA PHE N 119 5.09 26.84 11.56
C PHE N 119 6.48 26.18 11.48
N ASN N 120 6.65 25.16 12.30
CA ASN N 120 7.82 24.31 12.26
C ASN N 120 7.51 23.06 11.46
N MET N 121 8.42 22.72 10.59
CA MET N 121 8.23 21.64 9.66
C MET N 121 9.43 20.72 9.72
N THR N 122 9.15 19.43 9.52
CA THR N 122 10.19 18.43 9.32
C THR N 122 11.01 18.74 8.07
N THR N 123 12.23 18.27 8.06
CA THR N 123 13.08 18.35 6.88
C THR N 123 13.36 16.93 6.41
N GLU N 124 14.25 16.81 5.42
CA GLU N 124 14.70 15.49 5.01
C GLU N 124 15.60 14.84 6.06
N LEU N 125 16.19 15.62 6.96
CA LEU N 125 16.90 15.08 8.12
C LEU N 125 15.95 14.98 9.29
N ARG N 126 15.87 13.80 9.89
CA ARG N 126 14.92 13.51 10.97
C ARG N 126 15.19 14.32 12.23
N ASP N 127 16.42 14.75 12.44
CA ASP N 127 16.79 15.49 13.64
C ASP N 127 16.75 17.00 13.46
N LYS N 128 16.37 17.51 12.29
CA LYS N 128 16.38 18.93 12.01
C LYS N 128 14.98 19.46 11.78
N LYS N 129 14.74 20.70 12.20
CA LYS N 129 13.48 21.37 11.97
C LYS N 129 13.68 22.60 11.08
N GLN N 130 12.56 23.18 10.68
CA GLN N 130 12.54 24.20 9.66
C GLN N 130 11.45 25.18 10.03
N LYS N 131 11.74 26.47 10.10
CA LYS N 131 10.69 27.44 10.32
C LYS N 131 10.28 28.01 8.97
N VAL N 132 9.04 27.73 8.56
CA VAL N 132 8.55 28.13 7.25
C VAL N 132 7.22 28.85 7.43
N TYR N 133 6.77 29.48 6.37
CA TYR N 133 5.44 30.08 6.39
C TYR N 133 4.70 29.74 5.11
N SER N 134 3.41 30.00 5.14
CA SER N 134 2.54 29.82 4.01
C SER N 134 1.34 30.73 4.20
N LEU N 135 0.70 31.11 3.10
CA LEU N 135 -0.58 31.80 3.14
C LEU N 135 -1.68 30.77 3.07
N PHE N 136 -2.57 30.78 4.05
CA PHE N 136 -3.72 29.89 4.04
C PHE N 136 -5.00 30.72 3.95
N TYR N 137 -6.00 30.16 3.32
CA TYR N 137 -7.32 30.79 3.38
C TYR N 137 -7.95 30.54 4.74
N ARG N 138 -8.80 31.48 5.14
CA ARG N 138 -9.51 31.40 6.41
C ARG N 138 -10.42 30.18 6.47
N LEU N 139 -10.96 29.76 5.33
CA LEU N 139 -11.82 28.58 5.27
C LEU N 139 -11.07 27.28 5.55
N ASP N 140 -9.74 27.29 5.49
CA ASP N 140 -8.94 26.09 5.69
C ASP N 140 -8.26 26.02 7.04
N VAL N 141 -8.49 26.97 7.93
CA VAL N 141 -7.85 26.97 9.24
C VAL N 141 -8.91 27.20 10.31
N VAL N 142 -8.67 26.62 11.47
CA VAL N 142 -9.52 26.80 12.64
C VAL N 142 -8.59 27.17 13.80
N GLN N 143 -9.00 28.12 14.63
CA GLN N 143 -8.12 28.50 15.72
C GLN N 143 -8.29 27.59 16.91
N ILE N 144 -7.22 27.49 17.68
CA ILE N 144 -7.13 26.69 18.88
C ILE N 144 -7.19 27.63 20.07
N ASN N 145 -8.15 27.41 20.96
CA ASN N 145 -8.19 28.17 22.20
C ASN N 145 -8.06 27.24 23.41
N ASN N 156 0.39 36.88 17.74
CA ASN N 156 -0.54 36.24 16.80
C ASN N 156 -1.22 35.02 17.41
N LYS N 157 -2.27 34.54 16.76
CA LYS N 157 -3.07 33.46 17.32
C LYS N 157 -2.60 32.11 16.78
N GLU N 158 -3.09 31.06 17.44
CA GLU N 158 -2.72 29.69 17.15
C GLU N 158 -3.84 29.03 16.36
N TYR N 159 -3.49 28.45 15.23
CA TYR N 159 -4.44 27.85 14.34
C TYR N 159 -3.99 26.44 14.01
N ARG N 160 -4.84 25.72 13.30
CA ARG N 160 -4.45 24.47 12.65
C ARG N 160 -5.32 24.31 11.42
N LEU N 161 -4.97 23.33 10.60
CA LEU N 161 -5.76 23.04 9.42
C LEU N 161 -7.11 22.45 9.81
N ILE N 162 -8.06 22.57 8.88
CA ILE N 162 -9.48 22.45 9.19
C ILE N 162 -9.88 20.98 9.44
N ASN N 163 -9.31 20.05 8.68
CA ASN N 163 -9.69 18.65 8.79
C ASN N 163 -8.61 17.83 9.44
N CYS N 164 -7.86 18.44 10.35
CA CYS N 164 -6.65 17.83 10.83
C CYS N 164 -6.93 16.82 11.94
N ASN N 165 -8.02 17.01 12.70
CA ASN N 165 -8.35 16.03 13.72
C ASN N 165 -9.06 14.81 13.14
N THR N 166 -9.81 14.95 12.07
CA THR N 166 -10.62 13.85 11.59
C THR N 166 -10.05 13.14 10.37
N SER N 167 -9.18 13.79 9.61
CA SER N 167 -8.86 13.30 8.28
C SER N 167 -7.37 13.17 8.10
N ALA N 168 -6.99 12.21 7.28
CA ALA N 168 -5.70 12.20 6.63
C ALA N 168 -5.81 13.05 5.38
N ILE N 169 -4.98 14.07 5.27
CA ILE N 169 -4.98 14.95 4.11
C ILE N 169 -3.86 14.53 3.17
N THR N 170 -4.19 14.34 1.91
CA THR N 170 -3.22 14.07 0.86
C THR N 170 -3.16 15.28 -0.06
N GLN N 171 -1.96 15.76 -0.33
CA GLN N 171 -1.78 16.82 -1.30
C GLN N 171 -2.00 16.29 -2.70
N ALA N 172 -2.83 16.98 -3.48
CA ALA N 172 -3.00 16.60 -4.88
C ALA N 172 -1.71 16.82 -5.63
N CYS N 173 -1.57 16.11 -6.61
CA CYS N 173 -0.28 15.99 -7.25
C CYS N 173 -0.19 17.08 -8.30
N PRO N 174 0.76 18.02 -8.21
CA PRO N 174 0.61 19.28 -8.95
C PRO N 174 0.81 19.18 -10.45
N LYS N 175 1.33 18.06 -10.96
CA LYS N 175 1.37 17.82 -12.39
C LYS N 175 0.15 17.08 -12.90
N VAL N 176 -0.76 16.66 -12.02
CA VAL N 176 -1.96 15.96 -12.43
C VAL N 176 -3.07 16.98 -12.65
N SER N 177 -3.67 16.96 -13.84
CA SER N 177 -4.63 17.97 -14.23
C SER N 177 -6.04 17.60 -13.84
N PHE N 178 -6.80 18.60 -13.39
CA PHE N 178 -8.19 18.45 -13.03
C PHE N 178 -9.14 18.79 -14.17
N GLU N 179 -8.62 19.18 -15.33
CA GLU N 179 -9.46 19.64 -16.43
C GLU N 179 -10.27 18.48 -17.01
N PRO N 180 -11.59 18.61 -17.12
CA PRO N 180 -12.44 17.48 -17.54
C PRO N 180 -12.20 17.13 -19.01
N ILE N 181 -11.89 15.86 -19.24
CA ILE N 181 -11.62 15.32 -20.57
C ILE N 181 -12.85 14.51 -20.99
N PRO N 182 -13.35 14.65 -22.22
CA PRO N 182 -14.51 13.87 -22.65
C PRO N 182 -14.21 12.38 -22.66
N ILE N 183 -15.04 11.62 -21.95
CA ILE N 183 -14.96 10.17 -21.98
C ILE N 183 -16.19 9.64 -22.68
N HIS N 184 -16.04 8.46 -23.25
CA HIS N 184 -17.09 7.76 -23.96
C HIS N 184 -17.30 6.43 -23.27
N TYR N 185 -18.54 6.02 -23.13
CA TYR N 185 -18.88 4.79 -22.43
C TYR N 185 -19.36 3.77 -23.45
N CYS N 186 -18.54 2.75 -23.70
CA CYS N 186 -18.86 1.73 -24.69
C CYS N 186 -19.29 0.44 -24.02
N ALA N 187 -20.29 -0.21 -24.61
CA ALA N 187 -20.82 -1.49 -24.17
C ALA N 187 -19.97 -2.63 -24.72
N PRO N 188 -19.82 -3.70 -23.96
CA PRO N 188 -19.11 -4.87 -24.49
C PRO N 188 -19.91 -5.65 -25.53
N ALA N 189 -19.34 -6.74 -26.04
CA ALA N 189 -19.99 -7.51 -27.09
C ALA N 189 -21.19 -8.27 -26.55
N GLY N 190 -22.28 -8.24 -27.30
CA GLY N 190 -23.53 -8.79 -26.84
C GLY N 190 -24.41 -7.79 -26.14
N PHE N 191 -23.95 -6.56 -25.98
CA PHE N 191 -24.70 -5.47 -25.40
C PHE N 191 -24.73 -4.33 -26.40
N ALA N 192 -25.75 -3.49 -26.29
CA ALA N 192 -25.93 -2.36 -27.18
C ALA N 192 -26.33 -1.15 -26.36
N ILE N 193 -26.09 0.03 -26.92
CA ILE N 193 -26.53 1.26 -26.30
C ILE N 193 -27.55 1.90 -27.22
N LEU N 194 -28.78 1.97 -26.75
CA LEU N 194 -29.84 2.66 -27.44
C LEU N 194 -29.82 4.13 -27.07
N LYS N 195 -30.05 4.97 -28.05
CA LYS N 195 -29.98 6.42 -27.91
C LYS N 195 -31.30 7.01 -28.35
N CYS N 196 -31.95 7.77 -27.48
CA CYS N 196 -33.18 8.45 -27.82
C CYS N 196 -32.85 9.71 -28.61
N LYS N 197 -33.48 9.87 -29.76
CA LYS N 197 -33.25 11.04 -30.61
C LYS N 197 -34.44 11.99 -30.60
N ASP N 198 -35.44 11.72 -29.78
CA ASP N 198 -36.55 12.63 -29.58
C ASP N 198 -36.05 13.92 -28.94
N LYS N 199 -36.19 15.03 -29.65
CA LYS N 199 -35.59 16.29 -29.22
C LYS N 199 -36.38 16.97 -28.12
N LYS N 200 -37.59 16.52 -27.84
CA LYS N 200 -38.40 17.00 -26.73
C LYS N 200 -38.72 15.88 -25.75
N PHE N 201 -37.69 15.11 -25.41
CA PHE N 201 -37.83 13.97 -24.51
C PHE N 201 -37.65 14.40 -23.06
N ASN N 202 -38.60 14.04 -22.20
CA ASN N 202 -38.54 14.43 -20.80
C ASN N 202 -37.84 13.39 -19.93
N GLY N 203 -37.21 12.40 -20.53
CA GLY N 203 -36.39 11.48 -19.81
C GLY N 203 -37.09 10.28 -19.21
N THR N 204 -38.42 10.19 -19.33
CA THR N 204 -39.12 9.02 -18.86
C THR N 204 -40.23 8.70 -19.85
N GLY N 205 -40.38 7.42 -20.18
CA GLY N 205 -41.47 6.99 -21.00
C GLY N 205 -41.02 6.47 -22.34
N PRO N 206 -41.96 6.29 -23.27
CA PRO N 206 -41.59 5.85 -24.61
C PRO N 206 -40.94 6.94 -25.42
N CYS N 207 -39.87 6.56 -26.12
CA CYS N 207 -39.19 7.39 -27.11
C CYS N 207 -39.37 6.70 -28.44
N PRO N 208 -39.89 7.39 -29.47
CA PRO N 208 -40.12 6.75 -30.77
C PRO N 208 -39.04 6.98 -31.81
N SER N 209 -37.95 7.67 -31.48
CA SER N 209 -36.86 7.95 -32.42
C SER N 209 -35.58 7.42 -31.81
N VAL N 210 -35.22 6.18 -32.15
CA VAL N 210 -34.16 5.44 -31.47
C VAL N 210 -33.02 5.15 -32.45
N SER N 211 -31.79 5.23 -31.94
CA SER N 211 -30.63 4.76 -32.66
C SER N 211 -29.86 3.79 -31.79
N THR N 212 -28.91 3.10 -32.41
CA THR N 212 -27.99 2.19 -31.75
C THR N 212 -26.60 2.76 -31.96
N VAL N 213 -25.85 2.92 -30.88
CA VAL N 213 -24.50 3.45 -30.97
C VAL N 213 -23.57 2.43 -30.33
N GLN N 214 -22.29 2.57 -30.65
CA GLN N 214 -21.28 1.74 -30.01
C GLN N 214 -20.88 2.31 -28.66
N CYS N 215 -20.57 3.60 -28.62
CA CYS N 215 -20.50 4.32 -27.37
C CYS N 215 -21.22 5.65 -27.44
N THR N 216 -21.34 6.26 -26.27
CA THR N 216 -21.95 7.55 -26.08
C THR N 216 -21.06 8.64 -26.68
N HIS N 217 -21.62 9.84 -26.76
CA HIS N 217 -20.82 11.01 -27.09
C HIS N 217 -19.82 11.29 -25.98
N GLY N 218 -18.90 12.21 -26.24
CA GLY N 218 -17.95 12.63 -25.24
C GLY N 218 -18.63 13.37 -24.11
N ILE N 219 -18.60 12.77 -22.93
CA ILE N 219 -19.22 13.31 -21.74
C ILE N 219 -18.12 13.82 -20.83
N LYS N 220 -18.08 15.11 -20.62
CA LYS N 220 -17.08 15.70 -19.75
C LYS N 220 -17.53 15.61 -18.30
N PRO N 221 -16.79 14.96 -17.43
CA PRO N 221 -17.19 14.87 -16.02
C PRO N 221 -16.92 16.17 -15.26
N VAL N 222 -17.81 17.13 -15.42
CA VAL N 222 -17.64 18.46 -14.83
C VAL N 222 -18.31 18.46 -13.47
N VAL N 223 -17.52 18.55 -12.41
CA VAL N 223 -18.05 18.54 -11.05
C VAL N 223 -18.50 19.94 -10.69
N SER N 224 -19.78 20.09 -10.36
CA SER N 224 -20.38 21.39 -10.23
C SER N 224 -21.63 21.24 -9.37
N THR N 225 -21.97 22.30 -8.66
CA THR N 225 -23.27 22.39 -8.00
C THR N 225 -23.99 23.63 -8.47
N GLN N 226 -25.32 23.55 -8.45
CA GLN N 226 -26.32 24.60 -8.67
C GLN N 226 -26.42 25.07 -10.11
N LEU N 227 -25.41 24.79 -10.93
CA LEU N 227 -25.30 25.27 -12.29
C LEU N 227 -24.56 24.20 -13.05
N LEU N 228 -25.13 23.77 -14.16
CA LEU N 228 -24.48 22.81 -15.04
C LEU N 228 -23.55 23.55 -15.97
N LEU N 229 -22.31 23.13 -16.05
CA LEU N 229 -21.31 23.86 -16.80
C LEU N 229 -20.77 23.01 -17.93
N ASN N 230 -20.60 23.65 -19.09
CA ASN N 230 -19.89 23.10 -20.24
C ASN N 230 -20.54 21.83 -20.77
N GLY N 231 -21.85 21.72 -20.62
CA GLY N 231 -22.59 20.57 -21.05
C GLY N 231 -23.19 20.74 -22.42
N SER N 232 -24.12 19.86 -22.74
CA SER N 232 -24.78 19.88 -24.04
C SER N 232 -26.13 20.57 -23.91
N LEU N 233 -26.47 21.35 -24.92
CA LEU N 233 -27.67 22.16 -24.90
C LEU N 233 -28.85 21.40 -25.48
N ALA N 234 -30.04 21.83 -25.09
CA ALA N 234 -31.24 21.28 -25.69
C ALA N 234 -31.42 21.86 -27.09
N GLU N 235 -32.13 21.11 -27.93
CA GLU N 235 -32.16 21.40 -29.35
C GLU N 235 -33.09 22.57 -29.67
N GLU N 236 -34.33 22.51 -29.18
CA GLU N 236 -35.33 23.48 -29.58
C GLU N 236 -35.69 24.47 -28.48
N GLU N 237 -36.09 23.99 -27.32
CA GLU N 237 -36.56 24.82 -26.23
C GLU N 237 -35.82 24.45 -24.95
N VAL N 238 -36.06 25.24 -23.90
CA VAL N 238 -35.58 24.89 -22.57
C VAL N 238 -36.31 23.64 -22.09
N MET N 239 -35.57 22.66 -21.61
CA MET N 239 -36.14 21.42 -21.13
C MET N 239 -36.22 21.42 -19.61
N ILE N 240 -37.37 21.03 -19.08
CA ILE N 240 -37.60 20.89 -17.65
C ILE N 240 -37.86 19.41 -17.41
N ARG N 241 -37.02 18.77 -16.60
CA ARG N 241 -37.11 17.33 -16.38
C ARG N 241 -37.08 17.03 -14.89
N SER N 242 -38.12 16.37 -14.41
CA SER N 242 -38.13 15.86 -13.05
C SER N 242 -38.58 14.41 -13.08
N GLU N 243 -38.24 13.67 -12.05
CA GLU N 243 -38.77 12.32 -11.91
C GLU N 243 -40.27 12.35 -11.66
N ASN N 244 -40.71 13.30 -10.85
CA ASN N 244 -42.14 13.59 -10.68
C ASN N 244 -42.23 15.05 -10.26
N ILE N 245 -42.75 15.89 -11.16
CA ILE N 245 -42.83 17.32 -10.91
C ILE N 245 -43.79 17.67 -9.78
N THR N 246 -44.67 16.77 -9.36
CA THR N 246 -45.55 17.01 -8.22
C THR N 246 -44.92 16.60 -6.89
N ASN N 247 -43.80 15.90 -6.92
CA ASN N 247 -43.04 15.56 -5.72
C ASN N 247 -41.95 16.60 -5.58
N ASN N 248 -42.08 17.49 -4.60
CA ASN N 248 -41.12 18.58 -4.45
C ASN N 248 -39.81 18.14 -3.81
N ALA N 249 -39.71 16.91 -3.33
CA ALA N 249 -38.42 16.36 -2.90
C ALA N 249 -37.55 15.91 -4.06
N LYS N 250 -38.08 15.90 -5.28
CA LYS N 250 -37.32 15.54 -6.45
C LYS N 250 -36.67 16.77 -7.07
N ASN N 251 -35.43 16.60 -7.50
CA ASN N 251 -34.72 17.69 -8.15
C ASN N 251 -35.27 17.95 -9.55
N ILE N 252 -35.17 19.18 -9.99
CA ILE N 252 -35.62 19.59 -11.30
C ILE N 252 -34.37 19.93 -12.12
N LEU N 253 -34.13 19.16 -13.17
CA LEU N 253 -33.02 19.44 -14.07
C LEU N 253 -33.51 20.33 -15.18
N VAL N 254 -32.82 21.41 -15.41
CA VAL N 254 -33.14 22.36 -16.46
C VAL N 254 -32.02 22.32 -17.46
N GLN N 255 -32.36 22.11 -18.73
CA GLN N 255 -31.39 22.15 -19.81
C GLN N 255 -31.69 23.37 -20.66
N PHE N 256 -30.71 24.24 -20.82
CA PHE N 256 -30.89 25.44 -21.63
C PHE N 256 -30.77 25.08 -23.11
N ASN N 257 -31.40 25.88 -23.96
CA ASN N 257 -31.17 25.70 -25.39
C ASN N 257 -30.03 26.58 -25.88
N THR N 258 -29.84 27.76 -25.29
CA THR N 258 -28.68 28.58 -25.55
C THR N 258 -27.88 28.78 -24.27
N PRO N 259 -26.56 28.77 -24.33
CA PRO N 259 -25.77 28.86 -23.10
C PRO N 259 -25.65 30.28 -22.58
N VAL N 260 -25.41 30.38 -21.28
CA VAL N 260 -25.09 31.66 -20.65
C VAL N 260 -23.65 31.59 -20.24
N GLN N 261 -22.80 32.41 -20.83
CA GLN N 261 -21.40 32.28 -20.49
C GLN N 261 -21.09 32.99 -19.17
N ILE N 262 -20.21 32.39 -18.40
CA ILE N 262 -19.85 32.88 -17.06
C ILE N 262 -18.34 33.00 -16.99
N ASN N 263 -17.86 34.16 -16.56
CA ASN N 263 -16.43 34.47 -16.54
C ASN N 263 -15.97 34.57 -15.11
N CYS N 264 -15.08 33.70 -14.70
CA CYS N 264 -14.64 33.65 -13.33
C CYS N 264 -13.15 33.95 -13.27
N THR N 265 -12.73 34.56 -12.17
CA THR N 265 -11.31 34.85 -11.99
C THR N 265 -10.94 34.79 -10.53
N ARG N 266 -9.70 34.37 -10.32
CA ARG N 266 -8.99 34.53 -9.06
C ARG N 266 -7.91 35.57 -9.35
N PRO N 267 -8.15 36.85 -9.07
CA PRO N 267 -7.28 37.91 -9.59
C PRO N 267 -5.92 38.02 -8.92
N ASN N 268 -5.71 37.41 -7.76
CA ASN N 268 -4.44 37.50 -7.07
C ASN N 268 -3.36 36.78 -7.84
N ASN N 269 -2.22 37.44 -8.01
CA ASN N 269 -1.04 36.86 -8.62
C ASN N 269 -0.33 36.06 -7.54
N ASN N 270 -0.52 34.74 -7.57
CA ASN N 270 -0.06 33.84 -6.54
C ASN N 270 1.33 33.31 -6.86
N THR N 271 2.17 33.21 -5.84
CA THR N 271 3.45 32.53 -5.97
C THR N 271 3.40 31.23 -5.20
N ARG N 272 3.83 30.16 -5.85
CA ARG N 272 3.91 28.87 -5.23
C ARG N 272 5.33 28.67 -4.71
N LYS N 273 5.45 28.08 -3.53
CA LYS N 273 6.72 27.83 -2.89
C LYS N 273 6.82 26.35 -2.60
N SER N 274 7.99 25.75 -2.79
CA SER N 274 8.17 24.35 -2.48
C SER N 274 8.90 24.22 -1.17
N ILE N 275 8.40 23.35 -0.29
CA ILE N 275 9.00 23.07 1.01
C ILE N 275 9.35 21.60 1.02
N ARG N 276 10.61 21.26 1.25
CA ARG N 276 11.03 19.88 1.38
C ARG N 276 10.71 19.42 2.80
N ILE N 277 9.73 18.53 2.94
CA ILE N 277 9.22 18.15 4.25
C ILE N 277 9.65 16.75 4.65
N GLY N 278 10.28 16.01 3.75
CA GLY N 278 10.77 14.69 4.00
C GLY N 278 11.61 14.26 2.83
N PRO N 279 12.16 13.05 2.86
CA PRO N 279 12.93 12.57 1.69
C PRO N 279 12.07 12.33 0.45
N GLY N 280 12.24 13.19 -0.53
CA GLY N 280 11.42 13.15 -1.72
C GLY N 280 10.01 13.69 -1.58
N GLN N 281 9.72 14.46 -0.54
CA GLN N 281 8.36 14.92 -0.27
C GLN N 281 8.35 16.44 -0.27
N ALA N 282 7.54 17.03 -1.13
CA ALA N 282 7.46 18.49 -1.25
C ALA N 282 6.03 18.92 -0.97
N PHE N 283 5.88 19.78 0.02
CA PHE N 283 4.64 20.50 0.24
C PHE N 283 4.69 21.79 -0.57
N TYR N 284 3.59 22.15 -1.20
CA TYR N 284 3.51 23.36 -2.00
C TYR N 284 2.71 24.41 -1.24
N ALA N 285 3.38 25.47 -0.85
CA ALA N 285 2.84 26.58 -0.09
C ALA N 285 2.50 27.75 -1.01
N THR N 286 1.75 28.68 -0.47
CA THR N 286 1.55 29.97 -1.10
C THR N 286 2.57 30.95 -0.52
N GLY N 287 3.30 31.61 -1.39
CA GLY N 287 4.36 32.52 -0.96
C GLY N 287 3.82 33.92 -0.81
N ASP N 288 4.09 34.79 -1.76
CA ASP N 288 3.63 36.16 -1.71
C ASP N 288 2.48 36.34 -2.70
N ILE N 289 1.58 37.26 -2.40
CA ILE N 289 0.73 37.84 -3.42
C ILE N 289 1.49 39.01 -4.01
N ILE N 290 1.61 39.04 -5.33
CA ILE N 290 2.31 40.11 -6.02
C ILE N 290 1.24 41.06 -6.55
N GLY N 291 1.24 42.30 -6.03
CA GLY N 291 0.28 43.30 -6.42
C GLY N 291 -0.86 43.37 -5.42
N ASP N 292 -2.04 43.67 -5.92
CA ASP N 292 -3.23 43.86 -5.10
C ASP N 292 -3.81 42.56 -4.59
N ILE N 293 -4.38 42.63 -3.39
CA ILE N 293 -5.24 41.56 -2.87
C ILE N 293 -6.65 41.86 -3.34
N ARG N 294 -7.27 40.92 -4.05
CA ARG N 294 -8.62 41.09 -4.55
C ARG N 294 -9.43 39.82 -4.33
N GLN N 295 -10.73 39.91 -4.56
CA GLN N 295 -11.62 38.78 -4.39
C GLN N 295 -11.80 38.03 -5.69
N ALA N 296 -11.88 36.71 -5.59
CA ALA N 296 -12.31 35.90 -6.71
C ALA N 296 -13.79 36.16 -7.00
N HIS N 297 -14.15 36.16 -8.27
CA HIS N 297 -15.53 36.45 -8.61
C HIS N 297 -15.88 35.84 -9.95
N CYS N 298 -17.18 35.76 -10.20
CA CYS N 298 -17.73 35.32 -11.47
C CYS N 298 -18.66 36.39 -12.01
N ASN N 299 -18.71 36.52 -13.33
CA ASN N 299 -19.55 37.50 -14.00
C ASN N 299 -20.49 36.79 -14.96
N VAL N 300 -21.75 37.17 -14.89
CA VAL N 300 -22.78 36.72 -15.81
C VAL N 300 -23.35 37.97 -16.48
N SER N 301 -23.66 37.88 -17.76
CA SER N 301 -24.41 38.97 -18.39
C SER N 301 -25.80 39.06 -17.79
N LYS N 302 -26.17 40.26 -17.34
CA LYS N 302 -27.43 40.46 -16.65
C LYS N 302 -28.64 40.27 -17.58
N ALA N 303 -28.52 40.77 -18.81
CA ALA N 303 -29.62 40.65 -19.76
C ALA N 303 -29.76 39.22 -20.28
N THR N 304 -28.63 38.55 -20.53
CA THR N 304 -28.65 37.17 -20.98
C THR N 304 -29.21 36.25 -19.91
N TRP N 305 -28.85 36.50 -18.65
CA TRP N 305 -29.39 35.71 -17.55
C TRP N 305 -30.88 35.96 -17.38
N ASN N 306 -31.34 37.20 -17.57
CA ASN N 306 -32.76 37.49 -17.43
C ASN N 306 -33.58 36.90 -18.57
N GLU N 307 -33.04 36.88 -19.78
CA GLU N 307 -33.68 36.19 -20.90
C GLU N 307 -33.81 34.68 -20.64
N THR N 308 -32.75 34.06 -20.14
CA THR N 308 -32.79 32.64 -19.85
C THR N 308 -33.74 32.33 -18.70
N LEU N 309 -33.83 33.23 -17.72
CA LEU N 309 -34.78 32.99 -16.64
C LEU N 309 -36.21 33.16 -17.08
N GLY N 310 -36.46 34.03 -18.06
CA GLY N 310 -37.80 34.12 -18.62
C GLY N 310 -38.18 32.89 -19.41
N LYS N 311 -37.23 32.31 -20.14
CA LYS N 311 -37.49 31.07 -20.86
C LYS N 311 -37.73 29.90 -19.91
N VAL N 312 -36.98 29.86 -18.80
CA VAL N 312 -37.19 28.85 -17.78
C VAL N 312 -38.55 29.00 -17.12
N VAL N 313 -38.97 30.24 -16.84
CA VAL N 313 -40.29 30.49 -16.24
C VAL N 313 -41.40 30.09 -17.21
N LYS N 314 -41.23 30.37 -18.50
CA LYS N 314 -42.22 29.98 -19.50
C LYS N 314 -42.35 28.46 -19.61
N GLN N 315 -41.23 27.73 -19.59
CA GLN N 315 -41.33 26.28 -19.61
C GLN N 315 -41.80 25.70 -18.29
N LEU N 316 -41.65 26.45 -17.21
CA LEU N 316 -41.99 25.97 -15.89
C LEU N 316 -43.44 26.23 -15.54
N ARG N 317 -44.07 27.19 -16.23
CA ARG N 317 -45.50 27.44 -16.08
C ARG N 317 -46.37 26.36 -16.71
N LYS N 318 -45.81 25.51 -17.56
CA LYS N 318 -46.59 24.43 -18.17
C LYS N 318 -46.91 23.32 -17.18
N HIS N 319 -46.26 23.28 -16.01
CA HIS N 319 -46.52 22.28 -15.00
C HIS N 319 -47.22 22.82 -13.78
N PHE N 320 -47.35 24.13 -13.63
CA PHE N 320 -47.83 24.71 -12.39
C PHE N 320 -48.93 25.73 -12.60
N GLY N 321 -49.38 25.94 -13.82
CA GLY N 321 -50.44 26.92 -14.02
C GLY N 321 -49.92 28.22 -14.60
N ASN N 322 -50.77 28.87 -15.39
CA ASN N 322 -50.41 30.15 -16.00
C ASN N 322 -50.49 31.30 -15.02
N ASN N 323 -51.38 31.23 -14.03
CA ASN N 323 -51.53 32.28 -13.04
C ASN N 323 -50.70 32.04 -11.79
N THR N 324 -49.73 31.13 -11.85
CA THR N 324 -48.84 30.87 -10.73
C THR N 324 -47.71 31.90 -10.73
N ILE N 325 -47.46 32.49 -9.57
CA ILE N 325 -46.29 33.34 -9.38
C ILE N 325 -45.07 32.44 -9.24
N ILE N 326 -44.05 32.68 -10.04
CA ILE N 326 -42.82 31.90 -10.00
C ILE N 326 -41.77 32.71 -9.29
N ARG N 327 -41.32 32.24 -8.14
CA ARG N 327 -40.29 32.95 -7.38
C ARG N 327 -38.98 32.17 -7.42
N PHE N 328 -37.88 32.88 -7.58
CA PHE N 328 -36.54 32.35 -7.42
C PHE N 328 -35.92 32.96 -6.19
N ALA N 329 -35.55 32.11 -5.24
CA ALA N 329 -34.87 32.47 -4.00
C ALA N 329 -33.57 31.68 -3.91
N ASN N 330 -32.74 32.03 -2.94
CA ASN N 330 -31.42 31.42 -2.88
C ASN N 330 -31.48 30.11 -2.11
N SER N 331 -30.32 29.50 -1.90
CA SER N 331 -30.25 28.13 -1.42
C SER N 331 -30.73 28.00 0.03
N SER N 332 -31.36 26.85 0.30
CA SER N 332 -32.07 26.62 1.55
C SER N 332 -31.15 26.25 2.71
N GLY N 333 -29.96 25.78 2.44
CA GLY N 333 -29.04 25.41 3.49
C GLY N 333 -28.16 24.27 3.03
N GLY N 334 -27.32 23.82 3.95
CA GLY N 334 -26.45 22.70 3.70
C GLY N 334 -24.99 23.02 3.90
N ASP N 335 -24.11 22.16 3.39
CA ASP N 335 -22.68 22.44 3.32
C ASP N 335 -22.41 23.55 2.31
N LEU N 336 -21.20 24.10 2.33
CA LEU N 336 -20.82 25.22 1.48
C LEU N 336 -20.83 24.86 -0.01
N GLU N 337 -20.59 23.60 -0.35
CA GLU N 337 -20.64 23.14 -1.73
C GLU N 337 -22.02 23.33 -2.35
N VAL N 338 -23.08 23.20 -1.57
CA VAL N 338 -24.42 23.25 -2.13
C VAL N 338 -25.10 24.59 -1.87
N THR N 339 -24.66 25.37 -0.89
CA THR N 339 -25.19 26.72 -0.71
C THR N 339 -24.57 27.71 -1.66
N THR N 340 -23.51 27.32 -2.37
CA THR N 340 -22.84 28.14 -3.35
C THR N 340 -22.83 27.41 -4.69
N HIS N 341 -22.53 28.14 -5.74
CA HIS N 341 -22.13 27.52 -6.99
C HIS N 341 -20.68 27.09 -6.81
N SER N 342 -20.47 25.80 -6.73
CA SER N 342 -19.16 25.24 -6.43
C SER N 342 -18.59 24.62 -7.68
N PHE N 343 -17.35 24.93 -7.98
CA PHE N 343 -16.72 24.37 -9.18
C PHE N 343 -15.21 24.44 -9.05
N ASN N 344 -14.56 23.83 -10.00
CA ASN N 344 -13.11 23.80 -10.10
C ASN N 344 -12.80 24.29 -11.50
N CYS N 345 -11.93 25.30 -11.60
CA CYS N 345 -11.29 25.55 -12.87
C CYS N 345 -9.97 26.25 -12.64
N GLY N 346 -8.95 25.80 -13.37
CA GLY N 346 -7.59 26.21 -13.18
C GLY N 346 -6.86 25.46 -12.11
N GLY N 347 -7.53 24.56 -11.39
CA GLY N 347 -6.96 23.89 -10.25
C GLY N 347 -7.39 24.44 -8.91
N GLU N 348 -8.02 25.61 -8.86
CA GLU N 348 -8.55 26.15 -7.62
C GLU N 348 -10.03 25.80 -7.50
N PHE N 349 -10.48 25.70 -6.27
CA PHE N 349 -11.85 25.32 -5.98
C PHE N 349 -12.62 26.53 -5.47
N PHE N 350 -13.65 26.89 -6.21
CA PHE N 350 -14.42 28.12 -6.11
C PHE N 350 -15.79 27.83 -5.51
N TYR N 351 -16.25 28.76 -4.69
CA TYR N 351 -17.51 28.67 -3.95
C TYR N 351 -18.17 30.04 -4.07
N CYS N 352 -19.09 30.18 -5.01
CA CYS N 352 -19.59 31.48 -5.42
C CYS N 352 -21.01 31.70 -4.94
N ASN N 353 -21.23 32.81 -4.24
CA ASN N 353 -22.55 33.24 -3.82
C ASN N 353 -23.39 33.57 -5.04
N THR N 354 -24.48 32.83 -5.24
CA THR N 354 -25.41 33.02 -6.35
C THR N 354 -26.71 33.69 -5.92
N SER N 355 -26.68 34.53 -4.88
CA SER N 355 -27.83 35.32 -4.52
C SER N 355 -28.22 36.33 -5.60
N GLY N 356 -27.25 36.80 -6.39
CA GLY N 356 -27.54 37.68 -7.49
C GLY N 356 -28.23 37.03 -8.65
N LEU N 357 -28.13 35.71 -8.77
CA LEU N 357 -28.76 34.98 -9.85
C LEU N 357 -30.17 34.53 -9.54
N PHE N 358 -30.47 34.18 -8.29
CA PHE N 358 -31.77 33.63 -7.92
C PHE N 358 -32.42 34.57 -6.94
N ASN N 359 -32.98 35.65 -7.46
CA ASN N 359 -33.59 36.67 -6.63
C ASN N 359 -34.63 37.39 -7.49
N SER N 360 -35.81 36.79 -7.62
CA SER N 360 -36.73 37.35 -8.60
C SER N 360 -38.12 36.77 -8.42
N THR N 361 -39.11 37.53 -8.90
CA THR N 361 -40.51 37.15 -8.83
C THR N 361 -41.11 37.40 -10.20
N TRP N 362 -41.82 36.42 -10.73
CA TRP N 362 -42.33 36.44 -12.09
C TRP N 362 -43.83 36.21 -12.01
N ILE N 363 -44.60 37.22 -12.39
CA ILE N 363 -46.05 37.15 -12.40
C ILE N 363 -46.50 36.91 -13.84
N SER N 364 -47.79 36.66 -13.99
CA SER N 364 -48.38 36.49 -15.33
C SER N 364 -48.75 37.83 -15.94
N ASN N 377 -24.82 45.01 -21.68
CA ASN N 377 -23.62 45.64 -21.16
C ASN N 377 -23.36 45.29 -19.69
N ASP N 378 -24.40 45.38 -18.87
CA ASP N 378 -24.22 45.32 -17.43
C ASP N 378 -24.11 43.87 -16.97
N SER N 379 -23.36 43.69 -15.89
CA SER N 379 -22.98 42.37 -15.42
C SER N 379 -23.54 42.13 -14.03
N ILE N 380 -23.87 40.87 -13.75
CA ILE N 380 -24.07 40.38 -12.41
C ILE N 380 -22.74 39.84 -11.92
N THR N 381 -22.27 40.33 -10.78
CA THR N 381 -20.97 39.97 -10.25
C THR N 381 -21.17 39.19 -8.95
N LEU N 382 -20.74 37.93 -8.96
CA LEU N 382 -20.94 37.01 -7.87
C LEU N 382 -19.62 36.80 -7.14
N PRO N 383 -19.53 37.10 -5.85
CA PRO N 383 -18.28 36.88 -5.14
C PRO N 383 -18.04 35.42 -4.85
N CYS N 384 -16.79 35.01 -4.94
CA CYS N 384 -16.38 33.63 -4.74
C CYS N 384 -15.34 33.54 -3.64
N ARG N 385 -15.38 32.44 -2.90
CA ARG N 385 -14.32 32.07 -1.99
C ARG N 385 -13.55 30.89 -2.57
N ILE N 386 -12.34 30.69 -2.06
CA ILE N 386 -11.48 29.61 -2.50
C ILE N 386 -11.23 28.71 -1.31
N LYS N 387 -11.34 27.40 -1.52
CA LYS N 387 -10.84 26.45 -0.54
C LYS N 387 -9.67 25.68 -1.13
N GLN N 388 -8.78 25.22 -0.25
CA GLN N 388 -7.71 24.34 -0.64
C GLN N 388 -7.80 22.96 -0.05
N ILE N 389 -8.47 22.81 1.09
CA ILE N 389 -8.67 21.50 1.69
C ILE N 389 -10.08 21.05 1.29
N ILE N 390 -10.13 20.09 0.39
CA ILE N 390 -11.36 19.70 -0.29
C ILE N 390 -11.72 18.30 0.18
N ASN N 391 -12.98 18.02 0.38
CA ASN N 391 -13.51 16.65 0.65
C ASN N 391 -14.70 16.45 -0.30
N MET N 392 -14.42 16.27 -1.57
CA MET N 392 -15.42 16.18 -2.67
C MET N 392 -16.40 15.01 -2.55
N TRP N 393 -15.99 13.84 -2.14
CA TRP N 393 -16.92 12.68 -2.13
C TRP N 393 -17.42 12.33 -0.74
N GLN N 394 -17.19 13.15 0.26
CA GLN N 394 -17.61 13.07 1.66
C GLN N 394 -17.12 11.81 2.35
N ARG N 395 -15.91 11.41 2.02
CA ARG N 395 -15.30 10.27 2.65
C ARG N 395 -14.93 10.61 4.09
N ILE N 396 -15.34 9.75 5.02
CA ILE N 396 -15.06 9.98 6.43
C ILE N 396 -13.57 9.75 6.66
N GLY N 397 -12.85 10.80 7.03
CA GLY N 397 -11.45 10.66 7.36
C GLY N 397 -10.49 10.80 6.21
N GLN N 398 -10.91 11.34 5.08
CA GLN N 398 -10.01 11.62 3.98
C GLN N 398 -10.23 13.06 3.53
N ALA N 399 -9.15 13.74 3.20
CA ALA N 399 -9.26 15.06 2.58
C ALA N 399 -8.11 15.27 1.63
N MET N 400 -8.33 16.18 0.69
CA MET N 400 -7.35 16.51 -0.33
C MET N 400 -6.93 17.96 -0.17
N TYR N 401 -5.64 18.21 -0.24
CA TYR N 401 -5.08 19.55 -0.32
C TYR N 401 -4.78 19.85 -1.78
N ALA N 402 -5.48 20.84 -2.33
CA ALA N 402 -5.20 21.34 -3.65
C ALA N 402 -3.99 22.26 -3.59
N PRO N 403 -2.89 21.95 -4.30
CA PRO N 403 -1.73 22.83 -4.24
C PRO N 403 -1.99 24.13 -4.98
N PRO N 404 -1.36 25.23 -4.56
CA PRO N 404 -1.64 26.54 -5.15
C PRO N 404 -1.22 26.65 -6.61
N ILE N 405 -1.96 27.46 -7.35
CA ILE N 405 -1.70 27.71 -8.76
C ILE N 405 -0.94 29.01 -8.89
N GLN N 406 0.21 28.97 -9.55
CA GLN N 406 1.03 30.14 -9.79
C GLN N 406 0.34 31.07 -10.77
N GLY N 407 0.32 32.36 -10.46
CA GLY N 407 -0.24 33.35 -11.35
C GLY N 407 -1.69 33.66 -11.12
N VAL N 408 -2.33 34.18 -12.15
CA VAL N 408 -3.72 34.63 -12.14
C VAL N 408 -4.55 33.62 -12.90
N ILE N 409 -5.71 33.27 -12.35
CA ILE N 409 -6.64 32.33 -12.97
C ILE N 409 -7.80 33.09 -13.59
N ARG N 410 -8.07 32.84 -14.86
CA ARG N 410 -9.30 33.26 -15.52
C ARG N 410 -9.94 32.06 -16.19
N CYS N 411 -11.24 32.15 -16.40
CA CYS N 411 -12.04 30.98 -16.73
C CYS N 411 -13.30 31.45 -17.43
N VAL N 412 -13.59 30.88 -18.59
CA VAL N 412 -14.80 31.21 -19.32
C VAL N 412 -15.56 29.92 -19.55
N SER N 413 -16.73 29.79 -18.97
CA SER N 413 -17.53 28.59 -19.07
C SER N 413 -18.88 28.92 -19.69
N ASN N 414 -19.63 27.86 -19.99
CA ASN N 414 -21.03 27.95 -20.38
C ASN N 414 -21.90 27.38 -19.29
N ILE N 415 -22.79 28.18 -18.71
CA ILE N 415 -23.93 27.65 -17.98
C ILE N 415 -24.87 27.04 -19.01
N THR N 416 -25.02 25.72 -18.96
CA THR N 416 -25.89 24.98 -19.86
C THR N 416 -27.13 24.45 -19.17
N GLY N 417 -27.23 24.56 -17.86
CA GLY N 417 -28.40 24.06 -17.17
C GLY N 417 -28.39 24.41 -15.71
N LEU N 418 -29.44 23.96 -15.03
CA LEU N 418 -29.65 24.24 -13.62
C LEU N 418 -30.15 22.99 -12.92
N ILE N 419 -29.89 22.95 -11.62
CA ILE N 419 -30.55 22.02 -10.72
C ILE N 419 -31.35 22.88 -9.76
N LEU N 420 -32.65 22.64 -9.70
CA LEU N 420 -33.56 23.41 -8.88
C LEU N 420 -34.30 22.50 -7.91
N THR N 421 -34.81 23.10 -6.85
CA THR N 421 -35.67 22.45 -5.88
C THR N 421 -36.86 23.35 -5.67
N ARG N 422 -38.04 22.76 -5.58
CA ARG N 422 -39.24 23.50 -5.26
C ARG N 422 -39.53 23.39 -3.77
N ASP N 423 -39.89 24.51 -3.16
CA ASP N 423 -40.33 24.51 -1.78
C ASP N 423 -41.67 23.81 -1.65
N GLY N 424 -41.88 23.16 -0.51
CA GLY N 424 -43.15 22.56 -0.21
C GLY N 424 -44.18 23.64 0.07
N GLY N 425 -45.26 23.65 -0.67
CA GLY N 425 -46.27 24.67 -0.49
C GLY N 425 -47.36 24.25 0.46
N SER N 426 -48.15 25.22 0.86
CA SER N 426 -49.24 25.04 1.81
C SER N 426 -50.55 24.64 1.15
N THR N 427 -50.53 24.32 -0.15
CA THR N 427 -51.58 23.82 -1.07
C THR N 427 -52.72 24.83 -1.30
N ASN N 428 -52.71 25.94 -0.58
CA ASN N 428 -53.57 27.08 -0.85
C ASN N 428 -52.78 28.23 -1.46
N SER N 429 -51.69 27.92 -2.16
CA SER N 429 -50.71 28.91 -2.56
C SER N 429 -50.66 29.04 -4.07
N THR N 430 -50.59 30.28 -4.55
CA THR N 430 -50.41 30.57 -5.96
C THR N 430 -48.97 30.92 -6.29
N THR N 431 -48.04 30.66 -5.37
CA THR N 431 -46.62 30.93 -5.58
C THR N 431 -45.84 29.64 -5.44
N GLU N 432 -45.02 29.34 -6.44
CA GLU N 432 -44.02 28.28 -6.34
C GLU N 432 -42.64 28.92 -6.25
N THR N 433 -41.91 28.60 -5.20
CA THR N 433 -40.54 29.09 -4.99
C THR N 433 -39.55 28.02 -5.43
N PHE N 434 -38.59 28.40 -6.25
CA PHE N 434 -37.54 27.51 -6.71
C PHE N 434 -36.19 28.00 -6.21
N ARG N 435 -35.37 27.08 -5.73
CA ARG N 435 -34.07 27.35 -5.14
C ARG N 435 -33.02 26.51 -5.83
N PRO N 436 -31.78 26.99 -5.93
CA PRO N 436 -30.73 26.18 -6.56
C PRO N 436 -30.36 24.99 -5.69
N GLY N 437 -30.49 23.81 -6.27
CA GLY N 437 -30.21 22.56 -5.59
C GLY N 437 -28.88 21.99 -6.00
N GLY N 438 -28.77 20.67 -5.89
CA GLY N 438 -27.58 19.96 -6.31
C GLY N 438 -26.91 19.24 -5.16
N GLY N 439 -25.65 18.91 -5.35
CA GLY N 439 -24.90 18.23 -4.33
C GLY N 439 -24.76 16.76 -4.62
N ASP N 440 -25.76 16.19 -5.27
CA ASP N 440 -25.68 14.85 -5.80
C ASP N 440 -25.12 14.94 -7.22
N MET N 441 -23.89 14.45 -7.41
CA MET N 441 -23.25 14.49 -8.72
C MET N 441 -23.88 13.54 -9.74
N ARG N 442 -24.70 12.60 -9.28
CA ARG N 442 -25.47 11.76 -10.18
C ARG N 442 -26.48 12.57 -10.99
N ASP N 443 -26.87 13.75 -10.51
CA ASP N 443 -27.70 14.64 -11.30
C ASP N 443 -26.87 15.41 -12.34
N ASN N 444 -25.58 15.59 -12.08
CA ASN N 444 -24.72 16.20 -13.08
C ASN N 444 -24.51 15.26 -14.24
N TRP N 445 -24.42 13.97 -13.96
CA TRP N 445 -24.14 13.05 -15.06
C TRP N 445 -25.42 12.45 -15.62
N ARG N 446 -26.52 12.59 -14.89
CA ARG N 446 -27.83 12.30 -15.43
C ARG N 446 -28.21 13.28 -16.54
N SER N 447 -27.66 14.48 -16.52
CA SER N 447 -27.99 15.50 -17.52
C SER N 447 -27.25 15.28 -18.83
N GLU N 448 -26.37 14.28 -18.90
CA GLU N 448 -25.69 13.92 -20.13
C GLU N 448 -25.97 12.49 -20.58
N LEU N 449 -26.52 11.66 -19.70
CA LEU N 449 -26.76 10.25 -19.98
C LEU N 449 -28.24 9.94 -20.02
N TYR N 450 -29.10 10.96 -20.09
CA TYR N 450 -30.53 10.76 -20.01
C TYR N 450 -31.07 10.06 -21.26
N LYS N 451 -30.48 10.32 -22.41
CA LYS N 451 -30.91 9.77 -23.68
C LYS N 451 -30.35 8.38 -23.95
N TYR N 452 -29.55 7.82 -23.07
CA TYR N 452 -28.84 6.59 -23.34
C TYR N 452 -29.41 5.45 -22.52
N LYS N 453 -29.17 4.24 -23.00
CA LYS N 453 -29.72 3.05 -22.38
C LYS N 453 -28.86 1.87 -22.77
N VAL N 454 -28.65 0.94 -21.86
CA VAL N 454 -27.91 -0.29 -22.17
C VAL N 454 -28.92 -1.42 -22.28
N VAL N 455 -28.82 -2.21 -23.35
CA VAL N 455 -29.63 -3.39 -23.55
C VAL N 455 -28.73 -4.59 -23.84
N LYS N 456 -29.26 -5.77 -23.57
CA LYS N 456 -28.60 -7.04 -23.82
C LYS N 456 -29.23 -7.68 -25.04
N ILE N 457 -28.41 -8.04 -26.02
CA ILE N 457 -28.90 -8.66 -27.25
C ILE N 457 -29.24 -10.11 -26.97
N GLU N 458 -30.44 -10.52 -27.35
CA GLU N 458 -30.94 -11.88 -27.20
C GLU N 458 -31.08 -12.51 -28.58
N PRO N 459 -30.01 -13.12 -29.12
CA PRO N 459 -29.99 -13.46 -30.54
C PRO N 459 -30.68 -14.75 -30.93
N LEU N 460 -31.26 -15.48 -30.00
CA LEU N 460 -31.75 -16.82 -30.28
C LEU N 460 -33.28 -16.82 -30.21
N GLY N 461 -33.93 -17.04 -31.34
CA GLY N 461 -35.38 -17.02 -31.39
C GLY N 461 -35.93 -18.34 -31.92
N VAL N 462 -37.18 -18.61 -31.59
CA VAL N 462 -37.90 -19.76 -32.11
C VAL N 462 -39.23 -19.30 -32.67
N ALA N 463 -39.67 -19.94 -33.74
CA ALA N 463 -40.89 -19.50 -34.42
C ALA N 463 -41.48 -20.68 -35.19
N PRO N 464 -42.79 -20.71 -35.40
CA PRO N 464 -43.38 -21.77 -36.23
C PRO N 464 -43.15 -21.53 -37.72
N THR N 465 -42.80 -22.60 -38.43
CA THR N 465 -42.63 -22.54 -39.88
C THR N 465 -43.13 -23.86 -40.43
N ARG N 466 -43.33 -23.92 -41.75
CA ARG N 466 -43.71 -25.16 -42.42
C ARG N 466 -42.52 -26.08 -42.71
N CYS N 467 -41.32 -25.71 -42.29
CA CYS N 467 -40.15 -26.58 -42.35
C CYS N 467 -40.32 -27.84 -41.53
N LYS N 468 -39.57 -28.87 -41.91
CA LYS N 468 -39.34 -30.04 -41.08
C LYS N 468 -37.94 -30.54 -41.38
N ARG N 469 -37.23 -30.97 -40.34
CA ARG N 469 -35.91 -31.55 -40.54
C ARG N 469 -36.03 -32.89 -41.23
N ARG N 470 -35.31 -33.06 -42.33
CA ARG N 470 -35.39 -34.30 -43.11
C ARG N 470 -34.50 -35.38 -42.52
N PHE O 8 -35.69 -39.20 -15.13
CA PHE O 8 -34.63 -38.21 -15.02
C PHE O 8 -33.88 -38.37 -13.70
N LEU O 9 -32.56 -38.53 -13.80
CA LEU O 9 -31.73 -38.71 -12.62
C LEU O 9 -30.98 -37.44 -12.21
N GLY O 10 -30.62 -36.59 -13.16
CA GLY O 10 -29.86 -35.39 -12.88
C GLY O 10 -28.43 -35.52 -13.35
N PHE O 11 -27.63 -34.51 -12.98
CA PHE O 11 -26.23 -34.45 -13.39
C PHE O 11 -25.42 -35.56 -12.74
N LEU O 12 -24.79 -36.38 -13.58
CA LEU O 12 -24.05 -37.60 -13.25
C LEU O 12 -24.91 -38.67 -12.60
N GLY O 13 -26.24 -38.63 -12.78
CA GLY O 13 -27.10 -39.63 -12.19
C GLY O 13 -26.93 -41.02 -12.75
N ALA O 14 -26.45 -41.13 -13.99
CA ALA O 14 -26.21 -42.41 -14.62
C ALA O 14 -24.76 -42.85 -14.52
N ALA O 15 -24.00 -42.32 -13.55
CA ALA O 15 -22.60 -42.69 -13.41
C ALA O 15 -22.44 -44.14 -12.97
N GLY O 16 -23.40 -44.67 -12.23
CA GLY O 16 -23.38 -46.07 -11.88
C GLY O 16 -24.17 -46.96 -12.81
N SER O 17 -24.86 -46.37 -13.78
CA SER O 17 -25.58 -47.11 -14.79
C SER O 17 -24.61 -47.76 -15.77
N THR O 18 -25.12 -48.72 -16.53
CA THR O 18 -24.34 -49.32 -17.59
C THR O 18 -24.13 -48.32 -18.72
N MET O 19 -23.14 -48.61 -19.58
CA MET O 19 -22.75 -47.67 -20.63
C MET O 19 -23.88 -47.43 -21.62
N GLY O 20 -24.68 -48.46 -21.90
CA GLY O 20 -25.82 -48.30 -22.77
C GLY O 20 -26.93 -47.49 -22.15
N ALA O 21 -27.11 -47.62 -20.84
CA ALA O 21 -28.11 -46.81 -20.15
C ALA O 21 -27.63 -45.39 -19.89
N ALA O 22 -26.31 -45.22 -19.72
CA ALA O 22 -25.75 -43.90 -19.52
C ALA O 22 -25.61 -43.10 -20.79
N SER O 23 -25.56 -43.76 -21.95
CA SER O 23 -25.43 -43.05 -23.21
C SER O 23 -26.72 -42.41 -23.69
N MET O 24 -27.82 -42.54 -22.94
CA MET O 24 -29.04 -41.79 -23.20
C MET O 24 -29.20 -40.61 -22.27
N THR O 25 -28.15 -40.18 -21.60
CA THR O 25 -28.20 -39.05 -20.68
C THR O 25 -27.09 -38.04 -20.98
N LEU O 26 -26.59 -38.02 -22.22
CA LEU O 26 -25.38 -37.25 -22.51
C LEU O 26 -25.62 -35.75 -22.53
N THR O 27 -26.84 -35.30 -22.83
CA THR O 27 -27.16 -33.88 -22.74
C THR O 27 -27.09 -33.37 -21.31
N VAL O 28 -27.39 -34.24 -20.35
CA VAL O 28 -27.47 -33.85 -18.94
C VAL O 28 -26.09 -33.49 -18.41
N GLN O 29 -25.06 -34.22 -18.84
CA GLN O 29 -23.70 -33.84 -18.50
C GLN O 29 -23.18 -32.77 -19.42
N ALA O 30 -23.63 -32.74 -20.68
CA ALA O 30 -23.06 -31.82 -21.66
C ALA O 30 -23.43 -30.37 -21.36
N ARG O 31 -24.67 -30.12 -20.93
CA ARG O 31 -25.09 -28.76 -20.66
C ARG O 31 -24.60 -28.22 -19.32
N ASN O 32 -23.93 -29.04 -18.52
CA ASN O 32 -23.39 -28.63 -17.23
C ASN O 32 -21.90 -28.32 -17.26
N LEU O 33 -21.29 -28.32 -18.43
CA LEU O 33 -19.84 -28.17 -18.53
C LEU O 33 -19.41 -26.72 -18.74
N LEU O 34 -20.36 -25.83 -18.91
CA LEU O 34 -20.04 -24.46 -19.28
C LEU O 34 -20.44 -23.44 -18.23
N SER O 35 -21.48 -23.70 -17.46
CA SER O 35 -21.89 -22.75 -16.44
C SER O 35 -22.55 -23.44 -15.26
N THR O 58 -10.53 -8.73 -4.66
CA THR O 58 -10.52 -9.30 -3.31
C THR O 58 -10.18 -10.78 -3.37
N VAL O 59 -10.23 -11.45 -2.21
CA VAL O 59 -9.88 -12.86 -2.12
C VAL O 59 -10.85 -13.72 -2.93
N TRP O 60 -12.12 -13.37 -2.90
CA TRP O 60 -13.13 -14.14 -3.62
C TRP O 60 -13.30 -13.68 -5.07
N GLY O 61 -12.84 -12.47 -5.42
CA GLY O 61 -12.92 -11.94 -6.77
C GLY O 61 -12.22 -12.71 -7.89
N ILE O 62 -10.90 -12.86 -7.83
CA ILE O 62 -10.23 -13.55 -8.94
C ILE O 62 -10.33 -15.08 -8.76
N LYS O 63 -10.63 -15.55 -7.55
CA LYS O 63 -11.06 -16.94 -7.37
C LYS O 63 -12.36 -17.22 -8.11
N GLN O 64 -13.26 -16.24 -8.13
CA GLN O 64 -14.41 -16.34 -9.02
C GLN O 64 -14.00 -16.19 -10.49
N LEU O 65 -13.03 -15.32 -10.78
CA LEU O 65 -12.79 -14.94 -12.17
C LEU O 65 -12.11 -16.04 -12.97
N GLN O 66 -10.91 -16.47 -12.58
CA GLN O 66 -10.12 -17.29 -13.50
C GLN O 66 -10.57 -18.75 -13.53
N ALA O 67 -11.44 -19.15 -12.59
CA ALA O 67 -12.22 -20.37 -12.75
C ALA O 67 -13.03 -20.35 -14.04
N ARG O 68 -13.61 -19.20 -14.40
CA ARG O 68 -14.42 -19.10 -15.60
C ARG O 68 -13.59 -19.25 -16.87
N VAL O 69 -12.39 -18.67 -16.89
CA VAL O 69 -11.49 -18.82 -18.03
C VAL O 69 -11.04 -20.27 -18.17
N LEU O 70 -10.80 -20.95 -17.05
CA LEU O 70 -10.42 -22.36 -17.11
C LEU O 70 -11.57 -23.23 -17.63
N ALA O 71 -12.81 -22.93 -17.21
CA ALA O 71 -13.95 -23.71 -17.70
C ALA O 71 -14.18 -23.48 -19.19
N VAL O 72 -14.00 -22.24 -19.65
CA VAL O 72 -14.15 -21.93 -21.07
C VAL O 72 -13.11 -22.66 -21.91
N GLU O 73 -11.85 -22.67 -21.47
CA GLU O 73 -10.83 -23.28 -22.31
C GLU O 73 -10.86 -24.81 -22.22
N ARG O 74 -11.32 -25.35 -21.09
CA ARG O 74 -11.56 -26.78 -20.99
C ARG O 74 -12.74 -27.24 -21.86
N TYR O 75 -13.73 -26.37 -22.06
CA TYR O 75 -14.80 -26.70 -22.99
C TYR O 75 -14.32 -26.62 -24.43
N LEU O 76 -13.56 -25.58 -24.77
CA LEU O 76 -13.17 -25.37 -26.15
C LEU O 76 -12.17 -26.39 -26.64
N ARG O 77 -11.37 -26.98 -25.74
CA ARG O 77 -10.45 -28.02 -26.18
C ARG O 77 -11.17 -29.29 -26.62
N ASP O 78 -12.22 -29.67 -25.88
CA ASP O 78 -13.05 -30.81 -26.28
C ASP O 78 -13.80 -30.51 -27.57
N GLN O 79 -14.28 -29.28 -27.74
CA GLN O 79 -14.96 -28.93 -28.99
C GLN O 79 -14.01 -28.96 -30.17
N GLN O 80 -12.74 -28.59 -29.96
CA GLN O 80 -11.75 -28.69 -31.01
C GLN O 80 -11.45 -30.14 -31.38
N LEU O 81 -11.39 -31.02 -30.38
CA LEU O 81 -11.18 -32.44 -30.66
C LEU O 81 -12.32 -33.04 -31.47
N LEU O 82 -13.56 -32.75 -31.07
CA LEU O 82 -14.72 -33.23 -31.81
C LEU O 82 -14.78 -32.64 -33.20
N GLY O 83 -14.37 -31.38 -33.36
CA GLY O 83 -14.37 -30.78 -34.69
C GLY O 83 -13.35 -31.38 -35.62
N ILE O 84 -12.15 -31.69 -35.12
CA ILE O 84 -11.14 -32.28 -35.99
C ILE O 84 -11.31 -33.78 -36.14
N TRP O 85 -12.23 -34.42 -35.42
CA TRP O 85 -12.60 -35.79 -35.76
C TRP O 85 -13.81 -35.85 -36.68
N GLY O 86 -14.36 -34.71 -37.09
CA GLY O 86 -15.59 -34.71 -37.85
C GLY O 86 -16.83 -35.03 -37.03
N CYS O 87 -16.84 -34.67 -35.75
CA CYS O 87 -17.92 -35.02 -34.85
C CYS O 87 -18.55 -33.79 -34.20
N SER O 88 -18.44 -32.63 -34.84
CA SER O 88 -18.89 -31.39 -34.24
C SER O 88 -20.41 -31.27 -34.31
N GLY O 89 -21.00 -30.80 -33.22
CA GLY O 89 -22.44 -30.73 -33.11
C GLY O 89 -23.11 -32.05 -32.85
N LYS O 90 -22.36 -33.07 -32.44
CA LYS O 90 -22.91 -34.39 -32.19
C LYS O 90 -22.53 -34.82 -30.79
N LEU O 91 -23.40 -35.63 -30.19
CA LEU O 91 -23.09 -36.30 -28.94
C LEU O 91 -22.60 -37.72 -29.16
N ILE O 92 -23.27 -38.47 -30.03
CA ILE O 92 -22.82 -39.77 -30.50
C ILE O 92 -22.36 -39.58 -31.93
N CYS O 93 -21.17 -40.05 -32.24
CA CYS O 93 -20.58 -39.84 -33.56
C CYS O 93 -19.91 -41.13 -33.98
N CYS O 94 -20.53 -41.85 -34.91
CA CYS O 94 -19.95 -43.06 -35.47
C CYS O 94 -18.88 -42.69 -36.48
N THR O 95 -17.76 -43.39 -36.44
CA THR O 95 -16.57 -43.02 -37.21
C THR O 95 -16.24 -44.10 -38.24
N ASN O 96 -15.05 -43.98 -38.84
CA ASN O 96 -14.55 -44.96 -39.79
C ASN O 96 -13.37 -45.76 -39.26
N VAL O 97 -12.82 -45.38 -38.11
CA VAL O 97 -11.68 -46.05 -37.51
C VAL O 97 -12.12 -47.42 -37.00
N PRO O 98 -11.43 -48.49 -37.37
CA PRO O 98 -11.83 -49.81 -36.88
C PRO O 98 -11.32 -50.05 -35.47
N TRP O 99 -12.10 -50.77 -34.69
CA TRP O 99 -11.74 -51.06 -33.31
C TRP O 99 -10.68 -52.15 -33.27
N ASN O 100 -9.44 -51.75 -32.97
CA ASN O 100 -8.36 -52.69 -32.74
C ASN O 100 -8.65 -53.52 -31.50
N SER O 101 -8.63 -54.85 -31.66
CA SER O 101 -8.92 -55.75 -30.55
C SER O 101 -7.81 -55.82 -29.52
N SER O 102 -6.63 -55.26 -29.82
CA SER O 102 -5.57 -55.11 -28.83
C SER O 102 -5.85 -54.00 -27.82
N TRP O 103 -6.95 -53.27 -27.97
CA TRP O 103 -7.36 -52.28 -26.98
C TRP O 103 -8.25 -52.91 -25.91
N SER O 104 -9.30 -53.61 -26.34
CA SER O 104 -10.15 -54.38 -25.44
C SER O 104 -10.84 -55.45 -26.27
N ASN O 105 -10.80 -56.68 -25.80
CA ASN O 105 -11.32 -57.81 -26.56
C ASN O 105 -12.74 -58.20 -26.17
N ARG O 106 -13.40 -57.40 -25.35
CA ARG O 106 -14.73 -57.73 -24.89
C ARG O 106 -15.75 -57.50 -25.99
N ASN O 107 -16.83 -58.27 -25.96
CA ASN O 107 -17.87 -58.11 -26.96
C ASN O 107 -18.84 -57.03 -26.52
N LEU O 108 -19.79 -56.69 -27.39
CA LEU O 108 -20.66 -55.55 -27.19
C LEU O 108 -21.66 -55.76 -26.07
N SER O 109 -22.09 -57.00 -25.84
CA SER O 109 -23.10 -57.27 -24.84
C SER O 109 -22.57 -57.10 -23.43
N GLU O 110 -21.28 -57.35 -23.21
CA GLU O 110 -20.74 -57.17 -21.87
C GLU O 110 -20.19 -55.78 -21.65
N ILE O 111 -19.89 -55.05 -22.72
CA ILE O 111 -19.48 -53.66 -22.60
C ILE O 111 -20.68 -52.76 -22.36
N TRP O 112 -21.73 -52.93 -23.13
CA TRP O 112 -22.85 -52.00 -23.08
C TRP O 112 -23.92 -52.36 -22.08
N ASP O 113 -23.84 -53.56 -21.47
CA ASP O 113 -24.84 -53.95 -20.51
C ASP O 113 -24.29 -54.40 -19.17
N ASN O 114 -22.97 -54.44 -18.99
CA ASN O 114 -22.41 -54.74 -17.69
C ASN O 114 -21.53 -53.62 -17.16
N MET O 115 -20.64 -53.09 -17.98
CA MET O 115 -19.70 -52.10 -17.49
C MET O 115 -20.36 -50.73 -17.38
N THR O 116 -19.85 -49.92 -16.47
CA THR O 116 -20.14 -48.50 -16.43
C THR O 116 -19.03 -47.76 -17.16
N TRP O 117 -19.25 -46.46 -17.39
CA TRP O 117 -18.28 -45.68 -18.15
C TRP O 117 -16.99 -45.42 -17.38
N LEU O 118 -17.07 -45.40 -16.04
CA LEU O 118 -15.87 -45.19 -15.24
C LEU O 118 -14.95 -46.42 -15.29
N GLN O 119 -15.53 -47.62 -15.22
CA GLN O 119 -14.74 -48.84 -15.39
C GLN O 119 -14.15 -48.95 -16.78
N TRP O 120 -14.92 -48.56 -17.79
CA TRP O 120 -14.45 -48.60 -19.17
C TRP O 120 -13.31 -47.62 -19.40
N ASP O 121 -13.39 -46.45 -18.79
CA ASP O 121 -12.32 -45.46 -18.89
C ASP O 121 -11.05 -45.95 -18.22
N LYS O 122 -11.19 -46.55 -17.03
CA LYS O 122 -10.01 -47.13 -16.39
C LYS O 122 -9.46 -48.33 -17.15
N GLU O 123 -10.28 -48.98 -17.97
CA GLU O 123 -9.74 -50.04 -18.82
C GLU O 123 -8.92 -49.47 -19.97
N ILE O 124 -9.48 -48.57 -20.75
CA ILE O 124 -8.83 -48.17 -22.00
C ILE O 124 -8.08 -46.85 -21.86
N SER O 125 -7.73 -46.44 -20.64
CA SER O 125 -7.00 -45.20 -20.44
C SER O 125 -5.62 -45.16 -21.11
N ASN O 126 -5.00 -46.29 -21.40
CA ASN O 126 -3.65 -46.27 -21.96
C ASN O 126 -3.62 -46.54 -23.46
N TYR O 127 -4.75 -46.41 -24.16
CA TYR O 127 -4.80 -46.49 -25.61
C TYR O 127 -5.42 -45.24 -26.22
N THR O 128 -5.67 -44.22 -25.40
CA THR O 128 -6.54 -43.11 -25.75
C THR O 128 -5.90 -42.19 -26.77
N GLN O 129 -4.62 -41.84 -26.59
CA GLN O 129 -3.95 -40.96 -27.55
C GLN O 129 -3.74 -41.64 -28.90
N ILE O 130 -3.59 -42.97 -28.89
CA ILE O 130 -3.54 -43.74 -30.13
C ILE O 130 -4.85 -43.63 -30.89
N ILE O 131 -5.97 -43.86 -30.18
CA ILE O 131 -7.28 -43.77 -30.80
C ILE O 131 -7.56 -42.34 -31.28
N TYR O 132 -7.08 -41.35 -30.55
CA TYR O 132 -7.31 -39.95 -30.91
C TYR O 132 -6.55 -39.57 -32.18
N GLY O 133 -5.29 -39.99 -32.28
CA GLY O 133 -4.53 -39.75 -33.51
C GLY O 133 -5.08 -40.49 -34.70
N LEU O 134 -5.62 -41.69 -34.49
CA LEU O 134 -6.28 -42.42 -35.57
C LEU O 134 -7.53 -41.68 -36.07
N LEU O 135 -8.32 -41.13 -35.14
CA LEU O 135 -9.52 -40.37 -35.52
C LEU O 135 -9.17 -39.10 -36.28
N GLU O 136 -8.10 -38.43 -35.86
CA GLU O 136 -7.64 -37.22 -36.54
C GLU O 136 -7.18 -37.50 -37.96
N GLU O 137 -6.37 -38.56 -38.13
CA GLU O 137 -5.88 -38.98 -39.44
C GLU O 137 -7.02 -39.38 -40.36
N SER O 138 -7.96 -40.18 -39.86
CA SER O 138 -9.07 -40.65 -40.68
C SER O 138 -9.97 -39.50 -41.12
N GLN O 139 -10.16 -38.49 -40.25
CA GLN O 139 -11.00 -37.37 -40.64
C GLN O 139 -10.33 -36.50 -41.70
N ASN O 140 -9.03 -36.23 -41.58
CA ASN O 140 -8.42 -35.37 -42.60
C ASN O 140 -8.30 -36.10 -43.95
N GLN O 141 -8.10 -37.42 -43.91
CA GLN O 141 -8.10 -38.18 -45.15
C GLN O 141 -9.46 -38.17 -45.82
N GLN O 142 -10.53 -38.39 -45.02
CA GLN O 142 -11.88 -38.39 -45.57
C GLN O 142 -12.29 -36.99 -46.04
N GLU O 143 -11.72 -35.96 -45.43
CA GLU O 143 -11.99 -34.58 -45.82
C GLU O 143 -11.42 -34.29 -47.21
N LYS O 144 -10.15 -34.63 -47.42
CA LYS O 144 -9.60 -34.37 -48.75
C LYS O 144 -10.10 -35.36 -49.79
N ASN O 145 -10.56 -36.55 -49.39
CA ASN O 145 -11.23 -37.45 -50.33
C ASN O 145 -12.55 -36.86 -50.82
N GLU O 146 -13.34 -36.28 -49.91
CA GLU O 146 -14.57 -35.62 -50.33
C GLU O 146 -14.28 -34.36 -51.15
N GLN O 147 -13.17 -33.69 -50.85
CA GLN O 147 -12.74 -32.53 -51.64
C GLN O 147 -12.37 -32.92 -53.06
N ASP O 148 -11.66 -34.05 -53.23
CA ASP O 148 -11.30 -34.50 -54.56
C ASP O 148 -12.49 -35.10 -55.30
N LEU O 149 -13.47 -35.60 -54.55
CA LEU O 149 -14.67 -36.16 -55.17
C LEU O 149 -15.62 -35.06 -55.64
N LEU O 150 -15.64 -33.91 -54.96
CA LEU O 150 -16.50 -32.82 -55.39
C LEU O 150 -15.95 -32.05 -56.58
N ALA O 151 -14.75 -32.39 -57.07
CA ALA O 151 -14.18 -31.74 -58.23
C ALA O 151 -14.66 -32.36 -59.54
N LEU O 152 -15.27 -33.55 -59.47
CA LEU O 152 -15.85 -34.21 -60.63
C LEU O 152 -17.08 -33.45 -61.10
N LEU P 2 -16.38 -54.06 -35.81
CA LEU P 2 -16.44 -53.10 -34.72
C LEU P 2 -15.66 -51.84 -35.04
N TRP P 3 -16.32 -50.70 -34.95
CA TRP P 3 -15.68 -49.43 -35.21
C TRP P 3 -15.67 -48.59 -33.94
N VAL P 4 -14.81 -47.58 -33.95
CA VAL P 4 -14.72 -46.63 -32.86
C VAL P 4 -15.87 -45.65 -32.95
N THR P 5 -16.54 -45.40 -31.84
CA THR P 5 -17.62 -44.43 -31.76
C THR P 5 -17.28 -43.45 -30.64
N VAL P 6 -17.45 -42.17 -30.92
CA VAL P 6 -17.12 -41.11 -29.99
C VAL P 6 -18.39 -40.65 -29.29
N TYR P 7 -18.35 -40.63 -27.96
CA TYR P 7 -19.43 -40.15 -27.13
C TYR P 7 -19.00 -38.88 -26.43
N TYR P 8 -19.91 -37.92 -26.31
CA TYR P 8 -19.63 -36.67 -25.62
C TYR P 8 -20.67 -36.44 -24.54
N GLY P 9 -20.23 -36.39 -23.29
CA GLY P 9 -21.12 -36.21 -22.18
C GLY P 9 -21.28 -37.47 -21.37
N VAL P 10 -20.22 -38.27 -21.25
CA VAL P 10 -20.30 -39.50 -20.48
C VAL P 10 -20.05 -39.17 -19.01
N PRO P 11 -20.66 -39.88 -18.08
CA PRO P 11 -20.39 -39.62 -16.65
C PRO P 11 -19.10 -40.29 -16.19
N VAL P 12 -17.98 -39.61 -16.43
CA VAL P 12 -16.64 -40.05 -16.05
C VAL P 12 -15.98 -38.88 -15.35
N TRP P 13 -15.27 -39.14 -14.26
CA TRP P 13 -14.48 -38.13 -13.58
C TRP P 13 -13.11 -38.68 -13.21
N LYS P 14 -12.19 -37.75 -12.96
CA LYS P 14 -10.94 -38.04 -12.28
C LYS P 14 -10.85 -37.20 -11.01
N ASP P 15 -9.89 -37.53 -10.16
CA ASP P 15 -9.63 -36.70 -9.00
C ASP P 15 -8.91 -35.44 -9.44
N ALA P 16 -9.23 -34.30 -8.82
CA ALA P 16 -8.68 -33.05 -9.29
C ALA P 16 -8.50 -32.07 -8.16
N GLU P 17 -7.61 -31.12 -8.40
CA GLU P 17 -7.45 -29.93 -7.57
C GLU P 17 -7.76 -28.72 -8.43
N THR P 18 -8.67 -27.89 -7.95
CA THR P 18 -9.05 -26.67 -8.65
C THR P 18 -9.33 -25.61 -7.60
N THR P 19 -9.47 -24.37 -8.04
CA THR P 19 -9.90 -23.30 -7.15
C THR P 19 -11.41 -23.39 -6.96
N LEU P 20 -11.84 -23.40 -5.71
CA LEU P 20 -13.25 -23.34 -5.38
C LEU P 20 -13.62 -21.92 -5.03
N PHE P 21 -14.88 -21.57 -5.23
CA PHE P 21 -15.31 -20.24 -4.87
C PHE P 21 -16.32 -20.30 -3.75
N CYS P 22 -16.56 -19.16 -3.13
CA CYS P 22 -17.43 -19.04 -1.97
C CYS P 22 -18.86 -18.73 -2.37
N ALA P 23 -19.78 -19.19 -1.53
CA ALA P 23 -21.18 -18.80 -1.62
C ALA P 23 -21.68 -18.57 -0.20
N SER P 24 -22.64 -17.66 -0.07
CA SER P 24 -23.24 -17.35 1.22
C SER P 24 -24.69 -16.96 1.01
N ASP P 25 -25.57 -17.48 1.85
CA ASP P 25 -26.98 -17.15 1.78
C ASP P 25 -27.47 -16.38 3.00
N LYS P 33 -23.47 -4.94 8.26
CA LYS P 33 -22.22 -5.07 8.98
C LYS P 33 -21.28 -6.06 8.29
N HIS P 34 -20.04 -5.65 8.09
CA HIS P 34 -19.05 -6.49 7.42
C HIS P 34 -18.41 -7.46 8.40
N ASN P 35 -17.77 -8.47 7.82
CA ASN P 35 -17.21 -9.58 8.56
C ASN P 35 -15.76 -9.74 8.16
N VAL P 36 -15.01 -10.49 8.98
CA VAL P 36 -13.63 -10.80 8.63
C VAL P 36 -13.59 -11.69 7.41
N TRP P 37 -14.44 -12.70 7.39
CA TRP P 37 -14.66 -13.45 6.17
C TRP P 37 -15.67 -12.72 5.32
N ALA P 38 -15.20 -12.19 4.19
CA ALA P 38 -15.97 -11.28 3.36
C ALA P 38 -17.07 -11.98 2.61
N THR P 39 -18.13 -12.39 3.31
CA THR P 39 -19.21 -13.14 2.69
C THR P 39 -20.09 -12.26 1.82
N HIS P 40 -20.01 -10.94 2.01
CA HIS P 40 -20.74 -10.01 1.15
C HIS P 40 -20.20 -10.02 -0.27
N ALA P 41 -18.96 -10.43 -0.47
CA ALA P 41 -18.36 -10.54 -1.79
C ALA P 41 -18.57 -11.92 -2.41
N CYS P 42 -19.16 -12.85 -1.68
CA CYS P 42 -19.41 -14.18 -2.21
C CYS P 42 -20.64 -14.17 -3.12
N VAL P 43 -20.86 -15.30 -3.77
CA VAL P 43 -22.02 -15.48 -4.64
C VAL P 43 -23.23 -15.81 -3.79
N PRO P 44 -24.45 -15.46 -4.18
CA PRO P 44 -25.63 -16.01 -3.51
C PRO P 44 -25.70 -17.53 -3.68
N THR P 45 -26.25 -18.20 -2.66
CA THR P 45 -26.37 -19.64 -2.69
C THR P 45 -27.70 -20.04 -3.32
N ASP P 46 -27.68 -21.04 -4.18
CA ASP P 46 -28.88 -21.56 -4.83
C ASP P 46 -29.85 -22.17 -3.82
N GLN P 50 -30.68 -30.02 -5.93
CA GLN P 50 -29.33 -29.52 -5.71
C GLN P 50 -28.40 -30.69 -5.48
N GLU P 51 -28.82 -31.63 -4.65
CA GLU P 51 -28.05 -32.83 -4.35
C GLU P 51 -28.62 -34.00 -5.13
N ILE P 52 -27.76 -34.69 -5.88
CA ILE P 52 -28.16 -35.79 -6.73
C ILE P 52 -27.51 -37.06 -6.19
N HIS P 53 -28.32 -38.03 -5.79
CA HIS P 53 -27.79 -39.31 -5.35
C HIS P 53 -27.23 -40.08 -6.54
N LEU P 54 -26.16 -40.82 -6.30
CA LEU P 54 -25.43 -41.52 -7.36
C LEU P 54 -25.44 -43.00 -7.03
N GLU P 55 -26.42 -43.73 -7.55
CA GLU P 55 -26.55 -45.15 -7.29
C GLU P 55 -25.42 -45.92 -7.93
N ASN P 56 -24.99 -46.99 -7.25
CA ASN P 56 -23.95 -47.95 -7.66
C ASN P 56 -22.56 -47.35 -7.75
N VAL P 57 -22.33 -46.16 -7.23
CA VAL P 57 -21.03 -45.51 -7.28
C VAL P 57 -20.33 -45.72 -5.94
N THR P 58 -19.11 -46.24 -6.00
CA THR P 58 -18.25 -46.39 -4.82
C THR P 58 -16.97 -45.60 -5.08
N GLU P 59 -16.72 -44.61 -4.24
CA GLU P 59 -15.67 -43.64 -4.48
C GLU P 59 -14.68 -43.62 -3.32
N GLU P 60 -13.40 -43.48 -3.63
CA GLU P 60 -12.35 -43.42 -2.60
C GLU P 60 -12.26 -42.01 -2.03
N PHE P 61 -12.34 -41.89 -0.71
CA PHE P 61 -12.13 -40.62 -0.05
C PHE P 61 -10.89 -40.69 0.84
N ASN P 62 -10.21 -39.57 0.99
CA ASN P 62 -9.11 -39.42 1.93
C ASN P 62 -9.26 -38.03 2.53
N MET P 63 -9.76 -37.97 3.76
CA MET P 63 -9.92 -36.70 4.45
C MET P 63 -8.58 -36.12 4.91
N TRP P 64 -7.51 -36.89 4.89
CA TRP P 64 -6.22 -36.43 5.37
C TRP P 64 -5.36 -35.81 4.27
N LYS P 65 -5.60 -36.17 3.01
CA LYS P 65 -4.95 -35.51 1.88
C LYS P 65 -5.96 -34.75 1.03
N ASN P 66 -6.85 -34.01 1.65
CA ASN P 66 -7.91 -33.32 0.92
C ASN P 66 -7.49 -31.89 0.59
N ASN P 67 -7.51 -31.55 -0.70
CA ASN P 67 -7.04 -30.24 -1.13
C ASN P 67 -8.01 -29.12 -0.78
N MET P 68 -9.28 -29.44 -0.55
CA MET P 68 -10.24 -28.45 -0.10
C MET P 68 -9.89 -27.91 1.28
N VAL P 69 -9.26 -28.74 2.11
CA VAL P 69 -8.82 -28.30 3.43
C VAL P 69 -7.66 -27.31 3.32
N GLU P 70 -6.71 -27.59 2.43
CA GLU P 70 -5.58 -26.69 2.24
C GLU P 70 -6.01 -25.37 1.61
N GLN P 71 -6.97 -25.43 0.69
CA GLN P 71 -7.48 -24.19 0.11
C GLN P 71 -8.27 -23.39 1.12
N MET P 72 -9.07 -24.06 1.96
CA MET P 72 -9.81 -23.37 3.02
C MET P 72 -8.87 -22.71 4.02
N HIS P 73 -7.75 -23.36 4.35
CA HIS P 73 -6.73 -22.75 5.21
C HIS P 73 -6.18 -21.46 4.62
N THR P 74 -5.76 -21.52 3.35
CA THR P 74 -5.24 -20.35 2.65
C THR P 74 -6.29 -19.24 2.55
N ASP P 75 -7.56 -19.61 2.38
CA ASP P 75 -8.62 -18.61 2.26
C ASP P 75 -8.91 -17.92 3.58
N ILE P 76 -8.93 -18.67 4.69
CA ILE P 76 -9.18 -18.06 5.99
C ILE P 76 -8.05 -17.11 6.36
N ILE P 77 -6.80 -17.48 6.03
CA ILE P 77 -5.68 -16.59 6.35
C ILE P 77 -5.70 -15.35 5.48
N SER P 78 -6.06 -15.48 4.20
CA SER P 78 -6.10 -14.32 3.33
C SER P 78 -7.26 -13.38 3.64
N LEU P 79 -8.41 -13.92 4.06
CA LEU P 79 -9.51 -13.06 4.47
C LEU P 79 -9.18 -12.32 5.76
N TRP P 80 -8.46 -13.00 6.65
CA TRP P 80 -8.06 -12.40 7.91
C TRP P 80 -7.10 -11.24 7.69
N ASP P 81 -6.14 -11.41 6.79
CA ASP P 81 -5.23 -10.29 6.63
C ASP P 81 -5.68 -9.27 5.59
N GLN P 82 -6.73 -9.53 4.80
CA GLN P 82 -7.30 -8.40 4.07
C GLN P 82 -8.31 -7.64 4.89
N SER P 83 -8.84 -8.23 5.97
CA SER P 83 -9.71 -7.49 6.86
C SER P 83 -8.97 -6.50 7.74
N LEU P 84 -7.65 -6.57 7.74
CA LEU P 84 -6.81 -5.92 8.72
C LEU P 84 -5.85 -4.92 8.11
N LYS P 85 -5.76 -4.87 6.78
CA LYS P 85 -4.96 -3.84 6.11
C LYS P 85 -5.49 -2.41 6.25
N PRO P 86 -6.78 -2.11 6.13
CA PRO P 86 -7.19 -0.70 6.26
C PRO P 86 -7.29 -0.16 7.68
N CYS P 87 -6.74 -0.82 8.69
CA CYS P 87 -7.05 -0.43 10.05
C CYS P 87 -5.81 0.19 10.70
N VAL P 88 -5.98 0.62 11.96
CA VAL P 88 -5.05 1.54 12.59
C VAL P 88 -3.79 0.81 13.00
N LYS P 89 -2.65 1.28 12.51
CA LYS P 89 -1.36 0.73 12.89
C LYS P 89 -0.94 1.32 14.22
N LEU P 90 -0.69 0.45 15.20
CA LEU P 90 -0.41 0.91 16.56
C LEU P 90 1.08 1.03 16.82
N THR P 91 1.80 1.64 15.91
CA THR P 91 3.21 1.91 16.17
C THR P 91 3.49 3.05 17.17
N PRO P 92 2.64 4.08 17.35
CA PRO P 92 2.81 4.94 18.53
C PRO P 92 2.60 4.25 19.87
N LEU P 93 1.81 3.18 19.96
CA LEU P 93 1.60 2.45 21.23
C LEU P 93 2.85 1.73 21.72
N CYS P 94 3.91 1.66 20.93
CA CYS P 94 5.20 1.15 21.37
C CYS P 94 5.99 2.23 22.08
N VAL P 95 5.63 2.45 23.33
CA VAL P 95 6.27 3.39 24.22
C VAL P 95 6.42 2.74 25.59
N THR P 96 7.07 3.45 26.48
CA THR P 96 7.20 3.01 27.86
C THR P 96 5.90 3.27 28.59
N LEU P 97 5.41 2.27 29.29
CA LEU P 97 4.21 2.36 30.09
C LEU P 97 4.62 2.42 31.55
N GLN P 98 3.97 3.27 32.33
CA GLN P 98 4.11 3.24 33.79
C GLN P 98 2.89 2.54 34.34
N CYS P 99 3.06 1.36 34.90
CA CYS P 99 1.93 0.51 35.23
C CYS P 99 1.87 0.21 36.72
N THR P 100 0.67 0.32 37.28
CA THR P 100 0.34 -0.16 38.61
C THR P 100 -0.61 -1.35 38.49
N ASN P 101 -0.87 -2.00 39.61
CA ASN P 101 -1.91 -3.02 39.67
C ASN P 101 -3.27 -2.37 39.79
N VAL P 102 -4.28 -3.01 39.20
CA VAL P 102 -5.62 -2.47 39.26
C VAL P 102 -6.21 -2.66 40.65
N THR P 103 -6.02 -3.85 41.21
CA THR P 103 -6.41 -4.09 42.59
C THR P 103 -5.41 -3.45 43.54
N GLY P 112 -2.79 -8.03 39.97
CA GLY P 112 -1.87 -8.82 39.17
C GLY P 112 -2.29 -9.04 37.72
N GLU P 113 -3.49 -9.57 37.53
CA GLU P 113 -3.94 -9.94 36.19
C GLU P 113 -4.26 -8.74 35.31
N LEU P 114 -4.63 -7.62 35.91
CA LEU P 114 -4.90 -6.39 35.17
C LEU P 114 -3.92 -5.32 35.62
N LYS P 115 -3.31 -4.65 34.66
CA LYS P 115 -2.43 -3.53 34.92
C LYS P 115 -3.11 -2.24 34.48
N ASN P 116 -2.89 -1.20 35.24
CA ASN P 116 -3.34 0.14 34.92
C ASN P 116 -2.10 0.87 34.43
N CYS P 117 -2.03 1.12 33.14
CA CYS P 117 -0.80 1.61 32.54
C CYS P 117 -1.04 3.01 31.99
N SER P 118 -0.12 3.91 32.28
CA SER P 118 -0.21 5.29 31.86
C SER P 118 0.95 5.58 30.92
N PHE P 119 0.70 6.40 29.91
CA PHE P 119 1.71 6.61 28.88
C PHE P 119 1.49 7.95 28.22
N ASN P 120 2.49 8.36 27.46
CA ASN P 120 2.41 9.53 26.61
C ASN P 120 2.12 9.08 25.19
N MET P 121 1.30 9.84 24.52
CA MET P 121 0.78 9.41 23.25
C MET P 121 0.70 10.62 22.33
N THR P 122 0.96 10.36 21.06
CA THR P 122 0.80 11.35 20.01
C THR P 122 -0.66 11.80 19.93
N THR P 123 -0.85 13.04 19.53
CA THR P 123 -2.17 13.58 19.26
C THR P 123 -2.32 13.78 17.76
N GLU P 124 -3.44 14.39 17.36
CA GLU P 124 -3.57 14.78 15.97
C GLU P 124 -2.63 15.93 15.60
N LEU P 125 -2.19 16.73 16.55
CA LEU P 125 -1.14 17.71 16.32
C LEU P 125 0.22 17.09 16.57
N ARG P 126 1.12 17.28 15.61
CA ARG P 126 2.43 16.62 15.63
C ARG P 126 3.33 17.12 16.74
N ASP P 127 3.12 18.34 17.23
CA ASP P 127 3.98 18.93 18.25
C ASP P 127 3.39 18.83 19.65
N LYS P 128 2.26 18.16 19.83
CA LYS P 128 1.61 18.05 21.12
C LYS P 128 1.60 16.59 21.59
N LYS P 129 1.65 16.40 22.89
CA LYS P 129 1.58 15.08 23.51
C LYS P 129 0.37 14.99 24.42
N GLN P 130 0.13 13.78 24.91
CA GLN P 130 -1.11 13.45 25.59
C GLN P 130 -0.82 12.39 26.64
N LYS P 131 -1.10 12.67 27.90
CA LYS P 131 -0.95 11.66 28.94
C LYS P 131 -2.27 10.92 29.08
N VAL P 132 -2.28 9.65 28.69
CA VAL P 132 -3.48 8.85 28.71
C VAL P 132 -3.19 7.56 29.49
N TYR P 133 -4.24 6.85 29.85
CA TYR P 133 -4.08 5.57 30.49
C TYR P 133 -4.98 4.54 29.85
N SER P 134 -4.69 3.29 30.13
CA SER P 134 -5.46 2.16 29.64
C SER P 134 -5.27 1.01 30.62
N LEU P 135 -6.27 0.15 30.70
CA LEU P 135 -6.10 -1.13 31.38
C LEU P 135 -5.56 -2.14 30.38
N PHE P 136 -4.56 -2.88 30.77
CA PHE P 136 -4.01 -3.94 29.95
C PHE P 136 -4.02 -5.24 30.72
N TYR P 137 -4.12 -6.34 30.01
CA TYR P 137 -3.93 -7.62 30.67
C TYR P 137 -2.44 -7.88 30.83
N ARG P 138 -2.12 -8.70 31.83
CA ARG P 138 -0.73 -9.03 32.15
C ARG P 138 -0.08 -9.83 31.04
N LEU P 139 -0.85 -10.63 30.30
CA LEU P 139 -0.35 -11.38 29.15
C LEU P 139 0.08 -10.49 28.00
N ASP P 140 -0.31 -9.21 27.98
CA ASP P 140 0.00 -8.32 26.88
C ASP P 140 1.14 -7.35 27.15
N VAL P 141 1.68 -7.33 28.36
CA VAL P 141 2.76 -6.42 28.70
C VAL P 141 3.91 -7.21 29.30
N VAL P 142 5.11 -6.73 29.03
CA VAL P 142 6.33 -7.28 29.61
C VAL P 142 7.07 -6.12 30.27
N GLN P 143 7.63 -6.36 31.46
CA GLN P 143 8.30 -5.27 32.13
C GLN P 143 9.71 -5.08 31.59
N ILE P 144 10.15 -3.83 31.64
CA ILE P 144 11.46 -3.40 31.19
C ILE P 144 12.32 -3.20 32.43
N ASN P 145 13.46 -3.88 32.48
CA ASN P 145 14.43 -3.63 33.55
C ASN P 145 15.77 -3.21 32.96
N ASN P 156 5.95 3.43 40.13
CA ASN P 156 5.49 2.20 39.49
C ASN P 156 6.56 1.63 38.57
N LYS P 157 6.25 0.50 37.94
CA LYS P 157 7.23 -0.14 37.08
C LYS P 157 7.00 0.22 35.62
N GLU P 158 8.03 -0.03 34.82
CA GLU P 158 8.02 0.31 33.41
C GLU P 158 7.77 -0.94 32.58
N TYR P 159 6.87 -0.81 31.61
CA TYR P 159 6.41 -1.93 30.82
C TYR P 159 6.39 -1.53 29.36
N ARG P 160 6.19 -2.51 28.51
CA ARG P 160 5.82 -2.27 27.13
C ARG P 160 4.90 -3.38 26.68
N LEU P 161 4.31 -3.21 25.52
CA LEU P 161 3.51 -4.25 24.92
C LEU P 161 4.38 -5.44 24.53
N ILE P 162 3.77 -6.61 24.45
CA ILE P 162 4.50 -7.88 24.44
C ILE P 162 5.21 -8.11 23.10
N ASN P 163 4.57 -7.77 21.99
CA ASN P 163 5.15 -8.04 20.69
C ASN P 163 5.73 -6.78 20.05
N CYS P 164 6.19 -5.86 20.86
CA CYS P 164 6.57 -4.55 20.38
C CYS P 164 7.97 -4.56 19.76
N ASN P 165 8.86 -5.43 20.22
CA ASN P 165 10.18 -5.46 19.62
C ASN P 165 10.20 -6.24 18.31
N THR P 166 9.31 -7.21 18.12
CA THR P 166 9.38 -8.06 16.95
C THR P 166 8.32 -7.79 15.91
N SER P 167 7.21 -7.16 16.27
CA SER P 167 6.05 -7.16 15.40
C SER P 167 5.50 -5.77 15.23
N ALA P 168 5.06 -5.48 14.02
CA ALA P 168 4.13 -4.40 13.77
C ALA P 168 2.74 -4.87 14.19
N ILE P 169 2.09 -4.11 15.05
CA ILE P 169 0.77 -4.45 15.58
C ILE P 169 -0.28 -3.57 14.91
N THR P 170 -1.32 -4.20 14.38
CA THR P 170 -2.45 -3.49 13.79
C THR P 170 -3.66 -3.71 14.68
N GLN P 171 -4.38 -2.63 14.97
CA GLN P 171 -5.61 -2.74 15.74
C GLN P 171 -6.73 -3.24 14.84
N ALA P 172 -7.44 -4.26 15.31
CA ALA P 172 -8.59 -4.76 14.56
C ALA P 172 -9.69 -3.71 14.53
N CYS P 173 -10.38 -3.70 13.51
CA CYS P 173 -11.27 -2.61 13.20
C CYS P 173 -12.58 -2.86 13.94
N PRO P 174 -12.99 -1.97 14.86
CA PRO P 174 -14.01 -2.37 15.85
C PRO P 174 -15.41 -2.57 15.30
N LYS P 175 -15.67 -2.17 14.07
CA LYS P 175 -16.94 -2.48 13.43
C LYS P 175 -16.90 -3.76 12.60
N VAL P 176 -15.78 -4.45 12.58
CA VAL P 176 -15.66 -5.68 11.82
C VAL P 176 -15.85 -6.86 12.77
N SER P 177 -16.72 -7.78 12.41
CA SER P 177 -17.14 -8.83 13.31
C SER P 177 -16.32 -10.09 13.09
N PHE P 178 -15.98 -10.76 14.18
CA PHE P 178 -15.28 -12.02 14.16
C PHE P 178 -16.23 -13.21 14.18
N GLU P 179 -17.54 -12.97 14.19
CA GLU P 179 -18.51 -14.05 14.29
C GLU P 179 -18.50 -14.91 13.04
N PRO P 180 -18.32 -16.22 13.16
CA PRO P 180 -18.21 -17.08 11.98
C PRO P 180 -19.53 -17.20 11.23
N ILE P 181 -19.49 -16.84 9.95
CA ILE P 181 -20.64 -16.92 9.06
C ILE P 181 -20.47 -18.18 8.20
N PRO P 182 -21.52 -18.98 8.00
CA PRO P 182 -21.38 -20.18 7.17
C PRO P 182 -21.03 -19.84 5.73
N ILE P 183 -19.96 -20.44 5.24
CA ILE P 183 -19.59 -20.30 3.84
C ILE P 183 -19.72 -21.65 3.17
N HIS P 184 -19.98 -21.59 1.87
CA HIS P 184 -20.19 -22.77 1.03
C HIS P 184 -19.10 -22.75 -0.02
N TYR P 185 -18.53 -23.89 -0.31
CA TYR P 185 -17.46 -24.00 -1.29
C TYR P 185 -17.99 -24.68 -2.53
N CYS P 186 -18.12 -23.92 -3.62
CA CYS P 186 -18.67 -24.43 -4.87
C CYS P 186 -17.58 -24.64 -5.90
N ALA P 187 -17.69 -25.72 -6.64
CA ALA P 187 -16.78 -26.06 -7.71
C ALA P 187 -17.18 -25.37 -9.00
N PRO P 188 -16.23 -24.96 -9.82
CA PRO P 188 -16.57 -24.36 -11.11
C PRO P 188 -17.11 -25.36 -12.12
N ALA P 189 -17.44 -24.88 -13.31
CA ALA P 189 -18.01 -25.72 -14.35
C ALA P 189 -16.97 -26.70 -14.88
N GLY P 190 -17.40 -27.93 -15.11
CA GLY P 190 -16.48 -28.99 -15.45
C GLY P 190 -15.93 -29.72 -14.26
N PHE P 191 -16.22 -29.26 -13.05
CA PHE P 191 -15.83 -29.91 -11.81
C PHE P 191 -17.09 -30.21 -11.02
N ALA P 192 -17.00 -31.26 -10.21
CA ALA P 192 -18.10 -31.64 -9.35
C ALA P 192 -17.57 -31.87 -7.95
N ILE P 193 -18.47 -31.82 -6.98
CA ILE P 193 -18.16 -32.14 -5.61
C ILE P 193 -18.93 -33.39 -5.24
N LEU P 194 -18.21 -34.47 -5.01
CA LEU P 194 -18.80 -35.68 -4.51
C LEU P 194 -18.87 -35.61 -2.99
N LYS P 195 -19.96 -36.16 -2.45
CA LYS P 195 -20.28 -36.10 -1.03
C LYS P 195 -20.55 -37.51 -0.55
N CYS P 196 -19.79 -37.95 0.46
CA CYS P 196 -19.99 -39.27 1.05
C CYS P 196 -21.15 -39.21 2.03
N LYS P 197 -22.10 -40.12 1.89
CA LYS P 197 -23.28 -40.17 2.74
C LYS P 197 -23.26 -41.37 3.68
N ASP P 198 -22.17 -42.12 3.70
CA ASP P 198 -21.97 -43.19 4.66
C ASP P 198 -21.88 -42.61 6.06
N LYS P 199 -22.82 -42.99 6.93
CA LYS P 199 -22.88 -42.43 8.27
C LYS P 199 -21.87 -43.04 9.22
N LYS P 200 -21.17 -44.10 8.81
CA LYS P 200 -20.08 -44.70 9.57
C LYS P 200 -18.78 -44.60 8.81
N PHE P 201 -18.52 -43.43 8.24
CA PHE P 201 -17.33 -43.24 7.42
C PHE P 201 -16.17 -42.74 8.28
N ASN P 202 -15.05 -43.44 8.23
CA ASN P 202 -13.88 -43.03 9.00
C ASN P 202 -12.96 -42.10 8.23
N GLY P 203 -13.39 -41.62 7.07
CA GLY P 203 -12.68 -40.61 6.34
C GLY P 203 -11.59 -41.10 5.42
N THR P 204 -11.33 -42.40 5.35
CA THR P 204 -10.38 -42.91 4.37
C THR P 204 -10.90 -44.22 3.82
N GLY P 205 -10.80 -44.41 2.51
CA GLY P 205 -11.20 -45.63 1.89
C GLY P 205 -12.43 -45.47 1.04
N PRO P 206 -13.02 -46.59 0.61
CA PRO P 206 -14.22 -46.53 -0.22
C PRO P 206 -15.46 -46.14 0.57
N CYS P 207 -16.21 -45.21 0.00
CA CYS P 207 -17.55 -44.85 0.45
C CYS P 207 -18.51 -45.38 -0.59
N PRO P 208 -19.50 -46.19 -0.23
CA PRO P 208 -20.44 -46.73 -1.20
C PRO P 208 -21.76 -45.98 -1.30
N SER P 209 -21.88 -44.81 -0.69
CA SER P 209 -23.11 -44.02 -0.68
C SER P 209 -22.70 -42.59 -1.04
N VAL P 210 -22.81 -42.23 -2.32
CA VAL P 210 -22.23 -41.01 -2.86
C VAL P 210 -23.34 -40.13 -3.44
N SER P 211 -23.18 -38.82 -3.31
CA SER P 211 -23.99 -37.85 -4.00
C SER P 211 -23.10 -36.83 -4.71
N THR P 212 -23.72 -36.07 -5.59
CA THR P 212 -23.09 -34.94 -6.25
C THR P 212 -23.80 -33.69 -5.80
N VAL P 213 -23.03 -32.70 -5.36
CA VAL P 213 -23.58 -31.42 -4.96
C VAL P 213 -22.89 -30.34 -5.76
N GLN P 214 -23.52 -29.18 -5.81
CA GLN P 214 -22.86 -28.02 -6.41
C GLN P 214 -21.91 -27.37 -5.42
N CYS P 215 -22.36 -27.15 -4.20
CA CYS P 215 -21.48 -26.80 -3.11
C CYS P 215 -21.80 -27.55 -1.84
N THR P 216 -20.88 -27.41 -0.90
CA THR P 216 -20.95 -27.98 0.43
C THR P 216 -22.05 -27.30 1.22
N HIS P 217 -22.38 -27.88 2.36
CA HIS P 217 -23.21 -27.22 3.35
C HIS P 217 -22.50 -25.98 3.91
N GLY P 218 -23.23 -25.19 4.67
CA GLY P 218 -22.63 -24.05 5.32
C GLY P 218 -21.62 -24.47 6.37
N ILE P 219 -20.38 -24.09 6.16
CA ILE P 219 -19.27 -24.43 7.05
C ILE P 219 -18.87 -23.15 7.76
N LYS P 220 -19.01 -23.15 9.07
CA LYS P 220 -18.61 -22.01 9.87
C LYS P 220 -17.13 -22.09 10.19
N PRO P 221 -16.34 -21.13 9.81
CA PRO P 221 -14.90 -21.17 10.12
C PRO P 221 -14.60 -20.79 11.57
N VAL P 222 -14.89 -21.71 12.48
CA VAL P 222 -14.70 -21.51 13.91
C VAL P 222 -13.24 -21.83 14.24
N VAL P 223 -12.51 -20.84 14.74
CA VAL P 223 -11.11 -21.01 15.08
C VAL P 223 -11.03 -21.35 16.56
N SER P 224 -10.69 -22.60 16.87
CA SER P 224 -10.52 -22.99 18.25
C SER P 224 -9.51 -24.11 18.33
N THR P 225 -8.95 -24.30 19.52
CA THR P 225 -8.09 -25.43 19.79
C THR P 225 -8.74 -26.29 20.86
N GLN P 226 -8.34 -27.56 20.87
CA GLN P 226 -8.60 -28.61 21.86
C GLN P 226 -10.03 -29.12 21.88
N LEU P 227 -10.96 -28.38 21.28
CA LEU P 227 -12.38 -28.63 21.38
C LEU P 227 -12.99 -28.05 20.11
N LEU P 228 -13.69 -28.88 19.36
CA LEU P 228 -14.40 -28.41 18.19
C LEU P 228 -15.71 -27.77 18.63
N LEU P 229 -15.96 -26.57 18.14
CA LEU P 229 -17.09 -25.78 18.61
C LEU P 229 -18.04 -25.53 17.46
N ASN P 230 -19.34 -25.68 17.76
CA ASN P 230 -20.45 -25.26 16.91
C ASN P 230 -20.44 -25.98 15.57
N GLY P 231 -19.95 -27.21 15.56
CA GLY P 231 -19.79 -27.98 14.36
C GLY P 231 -20.97 -28.89 14.10
N SER P 232 -20.76 -29.83 13.20
CA SER P 232 -21.80 -30.78 12.86
C SER P 232 -21.59 -32.08 13.62
N LEU P 233 -22.68 -32.67 14.06
CA LEU P 233 -22.65 -33.88 14.87
C LEU P 233 -22.67 -35.12 14.00
N ALA P 234 -22.04 -36.17 14.48
CA ALA P 234 -22.18 -37.47 13.85
C ALA P 234 -23.60 -38.00 14.04
N GLU P 235 -24.02 -38.85 13.10
CA GLU P 235 -25.42 -39.24 13.06
C GLU P 235 -25.77 -40.25 14.14
N GLU P 236 -25.02 -41.34 14.23
CA GLU P 236 -25.41 -42.45 15.08
C GLU P 236 -24.61 -42.55 16.37
N GLU P 237 -23.29 -42.57 16.28
CA GLU P 237 -22.43 -42.77 17.45
C GLU P 237 -21.28 -41.79 17.39
N VAL P 238 -20.40 -41.86 18.38
CA VAL P 238 -19.19 -41.06 18.39
C VAL P 238 -18.24 -41.59 17.34
N MET P 239 -17.68 -40.71 16.53
CA MET P 239 -16.77 -41.09 15.46
C MET P 239 -15.34 -40.77 15.87
N ILE P 240 -14.46 -41.76 15.74
CA ILE P 240 -13.04 -41.62 16.02
C ILE P 240 -12.32 -41.74 14.69
N ARG P 241 -11.56 -40.72 14.30
CA ARG P 241 -10.92 -40.67 13.00
C ARG P 241 -9.47 -40.29 13.13
N SER P 242 -8.57 -41.16 12.72
CA SER P 242 -7.16 -40.86 12.61
C SER P 242 -6.70 -41.22 11.22
N GLU P 243 -5.63 -40.57 10.78
CA GLU P 243 -4.97 -40.98 9.55
C GLU P 243 -4.38 -42.38 9.68
N ASN P 244 -3.85 -42.69 10.86
CA ASN P 244 -3.40 -44.03 11.21
C ASN P 244 -3.42 -44.09 12.73
N ILE P 245 -4.35 -44.87 13.29
CA ILE P 245 -4.53 -44.93 14.73
C ILE P 245 -3.33 -45.59 15.42
N THR P 246 -2.51 -46.35 14.71
CA THR P 246 -1.31 -46.92 15.30
C THR P 246 -0.15 -45.93 15.31
N ASN P 247 -0.24 -44.85 14.56
CA ASN P 247 0.75 -43.78 14.59
C ASN P 247 0.31 -42.75 15.61
N ASN P 248 1.04 -42.65 16.71
CA ASN P 248 0.67 -41.73 17.77
C ASN P 248 1.08 -40.29 17.50
N ALA P 249 1.81 -40.02 16.43
CA ALA P 249 2.07 -38.65 16.02
C ALA P 249 0.92 -38.05 15.23
N LYS P 250 -0.06 -38.85 14.83
CA LYS P 250 -1.22 -38.37 14.12
C LYS P 250 -2.31 -37.96 15.10
N ASN P 251 -2.97 -36.86 14.79
CA ASN P 251 -4.06 -36.40 15.63
C ASN P 251 -5.28 -37.30 15.48
N ILE P 252 -6.05 -37.39 16.55
CA ILE P 252 -7.31 -38.12 16.55
C ILE P 252 -8.41 -37.07 16.57
N LEU P 253 -9.25 -37.07 15.54
CA LEU P 253 -10.42 -36.20 15.52
C LEU P 253 -11.60 -37.01 16.05
N VAL P 254 -12.26 -36.48 17.06
CA VAL P 254 -13.43 -37.09 17.66
C VAL P 254 -14.63 -36.24 17.28
N GLN P 255 -15.67 -36.88 16.79
CA GLN P 255 -16.93 -36.21 16.48
C GLN P 255 -18.00 -36.76 17.40
N PHE P 256 -18.67 -35.87 18.12
CA PHE P 256 -19.73 -36.28 19.03
C PHE P 256 -21.02 -36.50 18.23
N ASN P 257 -21.92 -37.29 18.81
CA ASN P 257 -23.25 -37.39 18.22
C ASN P 257 -24.26 -36.49 18.91
N THR P 258 -24.09 -36.20 20.19
CA THR P 258 -24.86 -35.22 20.91
C THR P 258 -23.93 -34.12 21.40
N PRO P 259 -24.35 -32.86 21.37
CA PRO P 259 -23.44 -31.78 21.76
C PRO P 259 -23.38 -31.59 23.26
N VAL P 260 -22.23 -31.12 23.71
CA VAL P 260 -22.07 -30.71 25.11
C VAL P 260 -22.01 -29.20 25.11
N GLN P 261 -22.98 -28.55 25.70
CA GLN P 261 -22.95 -27.10 25.61
C GLN P 261 -22.03 -26.52 26.68
N ILE P 262 -21.37 -25.43 26.33
CA ILE P 262 -20.36 -24.80 27.16
C ILE P 262 -20.70 -23.31 27.25
N ASN P 263 -20.77 -22.79 28.47
CA ASN P 263 -21.20 -21.41 28.70
C ASN P 263 -20.03 -20.60 29.20
N CYS P 264 -19.57 -19.65 28.40
CA CYS P 264 -18.41 -18.86 28.76
C CYS P 264 -18.82 -17.42 29.03
N THR P 265 -18.05 -16.75 29.87
CA THR P 265 -18.32 -15.36 30.20
C THR P 265 -17.03 -14.64 30.55
N ARG P 266 -17.01 -13.36 30.19
CA ARG P 266 -16.10 -12.38 30.78
C ARG P 266 -16.94 -11.47 31.65
N PRO P 267 -16.95 -11.68 32.97
CA PRO P 267 -17.93 -11.01 33.83
C PRO P 267 -17.69 -9.53 34.06
N ASN P 268 -16.49 -9.02 33.79
CA ASN P 268 -16.20 -7.61 34.01
C ASN P 268 -17.01 -6.74 33.06
N ASN P 269 -17.63 -5.70 33.62
CA ASN P 269 -18.31 -4.69 32.82
C ASN P 269 -17.27 -3.71 32.31
N ASN P 270 -16.87 -3.89 31.07
CA ASN P 270 -15.77 -3.16 30.48
C ASN P 270 -16.23 -1.83 29.89
N THR P 271 -15.40 -0.82 30.04
CA THR P 271 -15.61 0.49 29.45
C THR P 271 -14.57 0.69 28.35
N ARG P 272 -15.02 1.02 27.16
CA ARG P 272 -14.13 1.32 26.06
C ARG P 272 -13.93 2.84 25.96
N LYS P 273 -12.70 3.25 25.67
CA LYS P 273 -12.34 4.64 25.61
C LYS P 273 -11.58 4.91 24.32
N SER P 274 -11.99 5.93 23.58
CA SER P 274 -11.34 6.25 22.32
C SER P 274 -10.29 7.32 22.55
N ILE P 275 -9.10 7.11 22.00
CA ILE P 275 -7.99 8.06 22.07
C ILE P 275 -7.67 8.45 20.64
N ARG P 276 -7.54 9.75 20.40
CA ARG P 276 -7.13 10.24 19.09
C ARG P 276 -5.61 10.26 19.04
N ILE P 277 -5.02 9.32 18.31
CA ILE P 277 -3.57 9.17 18.31
C ILE P 277 -2.91 9.77 17.08
N GLY P 278 -3.68 10.21 16.10
CA GLY P 278 -3.16 10.78 14.88
C GLY P 278 -4.33 11.35 14.10
N PRO P 279 -4.05 11.97 12.96
CA PRO P 279 -5.15 12.50 12.14
C PRO P 279 -6.02 11.41 11.52
N GLY P 280 -7.23 11.27 12.03
CA GLY P 280 -8.11 10.21 11.64
C GLY P 280 -7.91 8.87 12.33
N GLN P 281 -7.02 8.76 13.30
CA GLN P 281 -6.66 7.47 13.90
C GLN P 281 -7.08 7.42 15.36
N ALA P 282 -7.84 6.39 15.72
CA ALA P 282 -8.36 6.22 17.07
C ALA P 282 -7.90 4.90 17.64
N PHE P 283 -7.23 4.96 18.77
CA PHE P 283 -6.88 3.78 19.55
C PHE P 283 -8.00 3.50 20.55
N TYR P 284 -8.33 2.25 20.74
CA TYR P 284 -9.39 1.86 21.65
C TYR P 284 -8.78 1.23 22.89
N ALA P 285 -8.94 1.92 24.01
CA ALA P 285 -8.41 1.57 25.30
C ALA P 285 -9.52 0.99 26.16
N THR P 286 -9.12 0.32 27.23
CA THR P 286 -10.03 -0.04 28.29
C THR P 286 -10.02 1.06 29.33
N GLY P 287 -11.19 1.49 29.73
CA GLY P 287 -11.29 2.60 30.66
C GLY P 287 -11.39 2.09 32.08
N ASP P 288 -12.58 2.05 32.62
CA ASP P 288 -12.81 1.54 33.96
C ASP P 288 -13.46 0.17 33.88
N ILE P 289 -13.35 -0.59 34.95
CA ILE P 289 -14.27 -1.69 35.21
C ILE P 289 -15.35 -1.14 36.12
N ILE P 290 -16.60 -1.45 35.82
CA ILE P 290 -17.73 -0.97 36.60
C ILE P 290 -18.26 -2.15 37.40
N GLY P 291 -18.12 -2.08 38.71
CA GLY P 291 -18.50 -3.18 39.57
C GLY P 291 -17.31 -4.03 39.95
N ASP P 292 -17.51 -5.32 40.10
CA ASP P 292 -16.50 -6.24 40.58
C ASP P 292 -15.50 -6.62 39.50
N ILE P 293 -14.29 -6.96 39.95
CA ILE P 293 -13.28 -7.60 39.12
C ILE P 293 -13.43 -9.11 39.32
N ARG P 294 -13.79 -9.82 38.26
CA ARG P 294 -13.96 -11.26 38.32
C ARG P 294 -13.19 -11.91 37.18
N GLN P 295 -12.99 -13.21 37.29
CA GLN P 295 -12.28 -13.99 36.28
C GLN P 295 -13.23 -14.49 35.21
N ALA P 296 -12.74 -14.48 33.97
CA ALA P 296 -13.47 -15.09 32.87
C ALA P 296 -13.44 -16.61 33.01
N HIS P 297 -14.53 -17.26 32.62
CA HIS P 297 -14.61 -18.70 32.83
C HIS P 297 -15.64 -19.33 31.92
N CYS P 298 -15.53 -20.63 31.79
CA CYS P 298 -16.46 -21.45 31.02
C CYS P 298 -17.03 -22.51 31.93
N ASN P 299 -18.28 -22.88 31.71
CA ASN P 299 -18.95 -23.94 32.45
C ASN P 299 -19.36 -25.04 31.51
N VAL P 300 -19.16 -26.27 31.97
CA VAL P 300 -19.61 -27.48 31.28
C VAL P 300 -20.43 -28.25 32.29
N SER P 301 -21.52 -28.88 31.84
CA SER P 301 -22.23 -29.81 32.71
C SER P 301 -21.35 -31.00 33.03
N LYS P 302 -21.24 -31.33 34.32
CA LYS P 302 -20.32 -32.37 34.76
C LYS P 302 -20.79 -33.76 34.35
N ALA P 303 -22.09 -34.02 34.49
CA ALA P 303 -22.64 -35.31 34.13
C ALA P 303 -22.68 -35.51 32.63
N THR P 304 -23.00 -34.46 31.88
CA THR P 304 -23.00 -34.54 30.43
C THR P 304 -21.61 -34.77 29.88
N TRP P 305 -20.62 -34.09 30.46
CA TRP P 305 -19.25 -34.30 30.03
C TRP P 305 -18.76 -35.70 30.36
N ASN P 306 -19.14 -36.22 31.53
CA ASN P 306 -18.72 -37.56 31.90
C ASN P 306 -19.36 -38.63 31.02
N GLU P 307 -20.62 -38.42 30.64
CA GLU P 307 -21.29 -39.36 29.75
C GLU P 307 -20.70 -39.34 28.34
N THR P 308 -20.34 -38.15 27.85
CA THR P 308 -19.68 -38.04 26.56
C THR P 308 -18.29 -38.67 26.59
N LEU P 309 -17.57 -38.52 27.71
CA LEU P 309 -16.28 -39.18 27.82
C LEU P 309 -16.41 -40.69 27.87
N GLY P 310 -17.48 -41.22 28.45
CA GLY P 310 -17.73 -42.65 28.39
C GLY P 310 -17.98 -43.13 26.98
N LYS P 311 -18.72 -42.34 26.19
CA LYS P 311 -18.96 -42.72 24.79
C LYS P 311 -17.68 -42.67 23.97
N VAL P 312 -16.82 -41.69 24.24
CA VAL P 312 -15.53 -41.59 23.57
C VAL P 312 -14.63 -42.76 23.95
N VAL P 313 -14.62 -43.13 25.24
CA VAL P 313 -13.82 -44.26 25.72
C VAL P 313 -14.30 -45.57 25.09
N LYS P 314 -15.61 -45.74 24.95
CA LYS P 314 -16.14 -46.95 24.34
C LYS P 314 -15.81 -47.02 22.85
N GLN P 315 -15.87 -45.90 22.14
CA GLN P 315 -15.43 -45.93 20.74
C GLN P 315 -13.92 -46.01 20.61
N LEU P 316 -13.19 -45.70 21.66
CA LEU P 316 -11.74 -45.73 21.69
C LEU P 316 -11.20 -47.11 22.04
N ARG P 317 -11.98 -47.93 22.74
CA ARG P 317 -11.57 -49.29 23.06
C ARG P 317 -11.64 -50.23 21.87
N LYS P 318 -12.34 -49.85 20.81
CA LYS P 318 -12.39 -50.68 19.60
C LYS P 318 -11.08 -50.66 18.83
N HIS P 319 -10.21 -49.68 19.07
CA HIS P 319 -8.94 -49.59 18.38
C HIS P 319 -7.76 -49.99 19.24
N PHE P 320 -7.95 -50.13 20.54
CA PHE P 320 -6.83 -50.34 21.44
C PHE P 320 -6.99 -51.52 22.39
N GLY P 321 -8.14 -52.18 22.39
CA GLY P 321 -8.33 -53.34 23.24
C GLY P 321 -9.36 -53.08 24.32
N ASN P 322 -10.06 -54.15 24.69
CA ASN P 322 -11.10 -54.04 25.71
C ASN P 322 -10.52 -53.93 27.11
N ASN P 323 -9.39 -54.56 27.38
CA ASN P 323 -8.78 -54.52 28.70
C ASN P 323 -7.74 -53.42 28.83
N THR P 324 -7.76 -52.43 27.94
CA THR P 324 -6.86 -51.30 28.01
C THR P 324 -7.43 -50.25 28.97
N ILE P 325 -6.57 -49.71 29.82
CA ILE P 325 -6.90 -48.56 30.63
C ILE P 325 -6.79 -47.31 29.78
N ILE P 326 -7.86 -46.52 29.72
CA ILE P 326 -7.88 -45.30 28.92
C ILE P 326 -7.74 -44.12 29.86
N ARG P 327 -6.69 -43.34 29.70
CA ARG P 327 -6.44 -42.20 30.57
C ARG P 327 -6.54 -40.90 29.76
N PHE P 328 -7.17 -39.90 30.35
CA PHE P 328 -7.15 -38.55 29.83
C PHE P 328 -6.36 -37.69 30.80
N ALA P 329 -5.30 -37.07 30.31
CA ALA P 329 -4.49 -36.13 31.05
C ALA P 329 -4.49 -34.81 30.30
N ASN P 330 -3.89 -33.80 30.89
CA ASN P 330 -3.97 -32.47 30.28
C ASN P 330 -2.88 -32.30 29.24
N SER P 331 -2.78 -31.11 28.68
CA SER P 331 -1.98 -30.86 27.50
C SER P 331 -0.48 -30.96 27.78
N SER P 332 0.26 -31.36 26.75
CA SER P 332 1.66 -31.74 26.87
C SER P 332 2.61 -30.56 26.84
N GLY P 333 2.20 -29.43 26.30
CA GLY P 333 3.07 -28.27 26.23
C GLY P 333 2.79 -27.51 24.94
N GLY P 334 3.56 -26.44 24.77
CA GLY P 334 3.45 -25.60 23.60
C GLY P 334 3.13 -24.16 23.93
N ASP P 335 2.65 -23.43 22.94
CA ASP P 335 2.12 -22.08 23.16
C ASP P 335 0.83 -22.15 23.96
N LEU P 336 0.43 -21.00 24.50
CA LEU P 336 -0.81 -20.87 25.27
C LEU P 336 -2.05 -21.23 24.46
N GLU P 337 -2.02 -21.00 23.14
CA GLU P 337 -3.13 -21.37 22.27
C GLU P 337 -3.40 -22.87 22.29
N VAL P 338 -2.38 -23.69 22.49
CA VAL P 338 -2.56 -25.13 22.40
C VAL P 338 -2.53 -25.82 23.76
N THR P 339 -2.02 -25.16 24.81
CA THR P 339 -2.14 -25.71 26.15
C THR P 339 -3.47 -25.38 26.81
N THR P 340 -4.28 -24.55 26.19
CA THR P 340 -5.59 -24.18 26.68
C THR P 340 -6.62 -24.42 25.58
N HIS P 341 -7.88 -24.42 25.96
CA HIS P 341 -8.95 -24.29 24.98
C HIS P 341 -8.99 -22.82 24.59
N SER P 342 -8.55 -22.52 23.39
CA SER P 342 -8.45 -21.17 22.90
C SER P 342 -9.59 -20.94 21.94
N PHE P 343 -10.22 -19.77 22.02
CA PHE P 343 -11.34 -19.47 21.13
C PHE P 343 -11.63 -17.98 21.17
N ASN P 344 -12.57 -17.57 20.33
CA ASN P 344 -13.04 -16.21 20.25
C ASN P 344 -14.49 -16.17 20.69
N CYS P 345 -14.81 -15.32 21.65
CA CYS P 345 -16.18 -15.16 22.11
C CYS P 345 -16.50 -13.67 22.17
N GLY P 346 -17.40 -13.24 21.30
CA GLY P 346 -17.89 -11.88 21.29
C GLY P 346 -16.87 -10.82 20.96
N GLY P 347 -15.76 -11.19 20.32
CA GLY P 347 -14.67 -10.28 20.09
C GLY P 347 -13.50 -10.44 21.03
N GLU P 348 -13.67 -11.07 22.19
CA GLU P 348 -12.53 -11.28 23.06
C GLU P 348 -11.96 -12.67 22.88
N PHE P 349 -10.66 -12.79 23.12
CA PHE P 349 -9.93 -14.02 22.87
C PHE P 349 -9.63 -14.69 24.21
N PHE P 350 -10.16 -15.89 24.36
CA PHE P 350 -10.23 -16.66 25.59
C PHE P 350 -9.24 -17.82 25.53
N TYR P 351 -8.61 -18.09 26.66
CA TYR P 351 -7.60 -19.13 26.83
C TYR P 351 -7.94 -19.85 28.12
N CYS P 352 -8.68 -20.95 28.01
CA CYS P 352 -9.29 -21.60 29.15
C CYS P 352 -8.54 -22.86 29.55
N ASN P 353 -8.19 -22.96 30.83
CA ASN P 353 -7.56 -24.15 31.38
C ASN P 353 -8.58 -25.27 31.42
N THR P 354 -8.32 -26.34 30.67
CA THR P 354 -9.21 -27.51 30.57
C THR P 354 -8.68 -28.69 31.36
N SER P 355 -7.97 -28.45 32.47
CA SER P 355 -7.45 -29.56 33.26
C SER P 355 -8.57 -30.29 33.99
N GLY P 356 -9.69 -29.63 34.25
CA GLY P 356 -10.84 -30.30 34.84
C GLY P 356 -11.63 -31.11 33.85
N LEU P 357 -11.37 -30.96 32.56
CA LEU P 357 -12.03 -31.76 31.53
C LEU P 357 -11.27 -33.04 31.21
N PHE P 358 -9.94 -33.02 31.28
CA PHE P 358 -9.13 -34.17 30.91
C PHE P 358 -8.32 -34.57 32.12
N ASN P 359 -8.96 -35.28 33.04
CA ASN P 359 -8.33 -35.70 34.29
C ASN P 359 -9.06 -36.97 34.72
N SER P 360 -8.67 -38.10 34.16
CA SER P 360 -9.62 -39.20 34.21
C SER P 360 -8.95 -40.49 33.84
N THR P 361 -9.41 -41.58 34.45
CA THR P 361 -8.88 -42.91 34.21
C THR P 361 -10.05 -43.87 34.10
N TRP P 362 -10.08 -44.66 33.05
CA TRP P 362 -11.21 -45.48 32.68
C TRP P 362 -10.72 -46.92 32.56
N ILE P 363 -11.13 -47.77 33.48
CA ILE P 363 -10.76 -49.18 33.47
C ILE P 363 -11.92 -49.99 32.89
N SER P 364 -11.64 -51.23 32.54
CA SER P 364 -12.67 -52.13 32.04
C SER P 364 -13.50 -52.72 33.17
N ASN P 377 -26.98 -31.18 37.58
CA ASN P 377 -26.97 -29.89 38.26
C ASN P 377 -25.55 -29.31 38.35
N ASP P 378 -24.58 -30.16 38.68
CA ASP P 378 -23.26 -29.69 39.04
C ASP P 378 -22.45 -29.37 37.78
N SER P 379 -21.45 -28.53 37.94
CA SER P 379 -20.76 -27.93 36.82
C SER P 379 -19.25 -28.06 36.99
N ILE P 380 -18.56 -28.21 35.86
CA ILE P 380 -17.12 -28.03 35.79
C ILE P 380 -16.87 -26.60 35.35
N THR P 381 -16.08 -25.88 36.14
CA THR P 381 -15.79 -24.47 35.89
C THR P 381 -14.33 -24.34 35.51
N LEU P 382 -14.10 -23.86 34.29
CA LEU P 382 -12.78 -23.77 33.72
C LEU P 382 -12.36 -22.31 33.70
N PRO P 383 -11.30 -21.93 34.39
CA PRO P 383 -10.87 -20.52 34.36
C PRO P 383 -10.21 -20.16 33.04
N CYS P 384 -10.51 -18.96 32.55
CA CYS P 384 -9.97 -18.48 31.30
C CYS P 384 -9.17 -17.21 31.52
N ARG P 385 -8.24 -16.97 30.61
CA ARG P 385 -7.49 -15.74 30.55
C ARG P 385 -7.78 -15.05 29.23
N ILE P 386 -7.79 -13.73 29.25
CA ILE P 386 -8.09 -12.93 28.06
C ILE P 386 -6.76 -12.44 27.51
N LYS P 387 -6.65 -12.42 26.20
CA LYS P 387 -5.57 -11.72 25.53
C LYS P 387 -6.13 -10.69 24.56
N GLN P 388 -5.38 -9.62 24.34
CA GLN P 388 -5.71 -8.64 23.32
C GLN P 388 -4.71 -8.56 22.20
N ILE P 389 -3.46 -8.94 22.44
CA ILE P 389 -2.45 -8.97 21.40
C ILE P 389 -2.39 -10.42 20.91
N ILE P 390 -2.85 -10.63 19.69
CA ILE P 390 -3.08 -11.95 19.12
C ILE P 390 -2.16 -12.09 17.93
N ASN P 391 -1.53 -13.24 17.79
CA ASN P 391 -0.91 -13.59 16.52
C ASN P 391 -1.40 -14.99 16.16
N MET P 392 -2.57 -15.05 15.59
CA MET P 392 -3.32 -16.27 15.20
C MET P 392 -2.65 -17.16 14.15
N TRP P 393 -2.04 -16.62 13.11
CA TRP P 393 -1.52 -17.48 12.01
C TRP P 393 0.00 -17.61 12.07
N GLN P 394 0.59 -17.25 13.17
CA GLN P 394 2.01 -17.27 13.55
C GLN P 394 2.91 -16.58 12.54
N ARG P 395 2.46 -15.43 12.05
CA ARG P 395 3.24 -14.67 11.11
C ARG P 395 4.40 -13.98 11.82
N ILE P 396 5.59 -14.08 11.24
CA ILE P 396 6.75 -13.44 11.87
C ILE P 396 6.65 -11.94 11.67
N GLY P 397 6.59 -11.20 12.76
CA GLY P 397 6.60 -9.76 12.68
C GLY P 397 5.26 -9.11 12.47
N GLN P 398 4.17 -9.82 12.64
CA GLN P 398 2.84 -9.23 12.55
C GLN P 398 2.06 -9.62 13.79
N ALA P 399 1.31 -8.66 14.33
CA ALA P 399 0.41 -8.99 15.42
C ALA P 399 -0.83 -8.12 15.33
N MET P 400 -1.90 -8.59 15.96
CA MET P 400 -3.19 -7.90 15.95
C MET P 400 -3.54 -7.51 17.37
N TYR P 401 -4.07 -6.30 17.54
CA TYR P 401 -4.66 -5.85 18.78
C TYR P 401 -6.18 -5.95 18.65
N ALA P 402 -6.78 -6.78 19.47
CA ALA P 402 -8.22 -6.85 19.55
C ALA P 402 -8.75 -5.72 20.44
N PRO P 403 -9.56 -4.80 19.90
CA PRO P 403 -10.06 -3.71 20.72
C PRO P 403 -11.02 -4.22 21.78
N PRO P 404 -11.14 -3.52 22.92
CA PRO P 404 -11.97 -4.02 24.02
C PRO P 404 -13.45 -3.98 23.68
N ILE P 405 -14.17 -4.97 24.18
CA ILE P 405 -15.60 -5.08 24.00
C ILE P 405 -16.30 -4.45 25.19
N GLN P 406 -17.10 -3.43 24.93
CA GLN P 406 -17.81 -2.70 25.98
C GLN P 406 -18.91 -3.58 26.58
N GLY P 407 -18.92 -3.70 27.89
CA GLY P 407 -19.95 -4.42 28.59
C GLY P 407 -19.50 -5.77 29.10
N VAL P 408 -20.45 -6.68 29.19
CA VAL P 408 -20.26 -8.03 29.74
C VAL P 408 -20.46 -9.01 28.60
N ILE P 409 -19.63 -10.04 28.53
CA ILE P 409 -19.67 -11.01 27.45
C ILE P 409 -20.14 -12.35 27.99
N ARG P 410 -21.13 -12.93 27.30
CA ARG P 410 -21.56 -14.31 27.52
C ARG P 410 -21.72 -14.98 26.17
N CYS P 411 -21.31 -16.23 26.06
CA CYS P 411 -21.60 -17.03 24.87
C CYS P 411 -21.93 -18.44 25.30
N VAL P 412 -22.85 -19.08 24.58
CA VAL P 412 -23.19 -20.48 24.77
C VAL P 412 -22.85 -21.19 23.46
N SER P 413 -21.95 -22.17 23.53
CA SER P 413 -21.54 -22.91 22.35
C SER P 413 -21.82 -24.39 22.54
N ASN P 414 -21.66 -25.14 21.46
CA ASN P 414 -21.70 -26.59 21.49
C ASN P 414 -20.30 -27.11 21.28
N ILE P 415 -19.76 -27.82 22.26
CA ILE P 415 -18.66 -28.74 22.02
C ILE P 415 -19.22 -29.88 21.19
N THR P 416 -18.77 -29.99 19.95
CA THR P 416 -19.19 -31.01 19.03
C THR P 416 -18.11 -32.03 18.74
N GLY P 417 -16.90 -31.85 19.26
CA GLY P 417 -15.86 -32.84 19.06
C GLY P 417 -14.57 -32.42 19.72
N LEU P 418 -13.56 -33.26 19.52
CA LEU P 418 -12.26 -33.10 20.16
C LEU P 418 -11.13 -33.34 19.18
N ILE P 419 -9.95 -32.82 19.53
CA ILE P 419 -8.70 -33.23 18.93
C ILE P 419 -7.85 -33.80 20.07
N LEU P 420 -7.55 -35.08 19.97
CA LEU P 420 -6.71 -35.76 20.94
C LEU P 420 -5.38 -36.15 20.31
N THR P 421 -4.39 -36.35 21.16
CA THR P 421 -3.10 -36.90 20.78
C THR P 421 -2.80 -38.02 21.76
N ARG P 422 -2.33 -39.15 21.27
CA ARG P 422 -1.97 -40.25 22.15
C ARG P 422 -0.50 -40.18 22.50
N ASP P 423 -0.19 -40.45 23.76
CA ASP P 423 1.19 -40.56 24.21
C ASP P 423 1.84 -41.82 23.64
N GLY P 424 3.15 -41.75 23.45
CA GLY P 424 3.89 -42.93 23.05
C GLY P 424 4.12 -43.85 24.22
N GLY P 425 3.84 -45.13 24.03
CA GLY P 425 3.96 -46.09 25.11
C GLY P 425 5.24 -46.91 25.04
N SER P 426 5.45 -47.67 26.10
CA SER P 426 6.62 -48.53 26.25
C SER P 426 6.46 -49.87 25.56
N THR P 427 5.34 -50.09 24.87
CA THR P 427 4.83 -51.26 24.13
C THR P 427 4.52 -52.46 25.02
N ASN P 428 4.87 -52.42 26.30
CA ASN P 428 4.43 -53.43 27.25
C ASN P 428 3.35 -52.87 28.18
N SER P 429 2.76 -51.74 27.82
CA SER P 429 1.84 -51.01 28.68
C SER P 429 0.39 -51.29 28.29
N THR P 430 -0.45 -51.40 29.31
CA THR P 430 -1.89 -51.57 29.12
C THR P 430 -2.64 -50.26 29.31
N THR P 431 -1.94 -49.13 29.28
CA THR P 431 -2.55 -47.81 29.43
C THR P 431 -2.25 -46.96 28.21
N GLU P 432 -3.29 -46.37 27.63
CA GLU P 432 -3.15 -45.34 26.61
C GLU P 432 -3.61 -44.02 27.19
N THR P 433 -2.73 -43.04 27.21
CA THR P 433 -3.04 -41.69 27.66
C THR P 433 -3.35 -40.82 26.45
N PHE P 434 -4.45 -40.09 26.51
CA PHE P 434 -4.83 -39.16 25.45
C PHE P 434 -4.84 -37.76 26.03
N ARG P 435 -4.32 -36.80 25.27
CA ARG P 435 -4.19 -35.43 25.69
C ARG P 435 -4.86 -34.52 24.68
N PRO P 436 -5.44 -33.40 25.11
CA PRO P 436 -6.04 -32.48 24.15
C PRO P 436 -4.99 -31.84 23.24
N GLY P 437 -5.21 -31.97 21.94
CA GLY P 437 -4.25 -31.49 20.97
C GLY P 437 -4.78 -30.30 20.20
N GLY P 438 -4.31 -30.12 18.97
CA GLY P 438 -4.77 -29.04 18.12
C GLY P 438 -3.65 -28.11 17.75
N GLY P 439 -4.02 -26.91 17.34
CA GLY P 439 -3.04 -25.94 16.92
C GLY P 439 -2.98 -25.81 15.43
N ASP P 440 -3.12 -26.92 14.74
CA ASP P 440 -3.29 -26.92 13.30
C ASP P 440 -4.76 -26.78 12.99
N MET P 441 -5.15 -25.62 12.46
CA MET P 441 -6.55 -25.35 12.13
C MET P 441 -7.06 -26.14 10.94
N ARG P 442 -6.15 -26.76 10.18
CA ARG P 442 -6.55 -27.70 9.14
C ARG P 442 -7.29 -28.90 9.70
N ASP P 443 -7.09 -29.23 10.97
CA ASP P 443 -7.88 -30.27 11.60
C ASP P 443 -9.26 -29.77 12.01
N ASN P 444 -9.41 -28.46 12.26
CA ASN P 444 -10.73 -27.89 12.50
C ASN P 444 -11.57 -27.92 11.25
N TRP P 445 -10.95 -27.65 10.10
CA TRP P 445 -11.75 -27.57 8.89
C TRP P 445 -11.84 -28.91 8.19
N ARG P 446 -10.90 -29.79 8.48
CA ARG P 446 -10.99 -31.18 8.08
C ARG P 446 -12.16 -31.89 8.74
N SER P 447 -12.57 -31.46 9.94
CA SER P 447 -13.69 -32.08 10.63
C SER P 447 -15.04 -31.70 10.03
N GLU P 448 -15.07 -30.76 9.09
CA GLU P 448 -16.29 -30.42 8.37
C GLU P 448 -16.23 -30.77 6.90
N LEU P 449 -15.05 -30.94 6.33
CA LEU P 449 -14.84 -31.19 4.92
C LEU P 449 -14.44 -32.63 4.64
N TYR P 450 -14.60 -33.51 5.63
CA TYR P 450 -14.13 -34.89 5.51
C TYR P 450 -14.96 -35.69 4.51
N LYS P 451 -16.22 -35.35 4.34
CA LYS P 451 -17.13 -36.07 3.47
C LYS P 451 -17.13 -35.54 2.04
N TYR P 452 -16.29 -34.59 1.70
CA TYR P 452 -16.35 -33.92 0.42
C TYR P 452 -15.13 -34.25 -0.41
N LYS P 453 -15.28 -34.08 -1.72
CA LYS P 453 -14.22 -34.40 -2.66
C LYS P 453 -14.46 -33.61 -3.93
N VAL P 454 -13.41 -33.12 -4.55
CA VAL P 454 -13.52 -32.43 -5.83
C VAL P 454 -13.06 -33.37 -6.93
N VAL P 455 -13.87 -33.50 -7.99
CA VAL P 455 -13.54 -34.30 -9.15
C VAL P 455 -13.67 -33.46 -10.40
N LYS P 456 -12.96 -33.88 -11.44
CA LYS P 456 -12.96 -33.23 -12.75
C LYS P 456 -13.73 -34.09 -13.72
N ILE P 457 -14.76 -33.52 -14.34
CA ILE P 457 -15.59 -34.27 -15.28
C ILE P 457 -14.85 -34.43 -16.59
N GLU P 458 -14.72 -35.67 -17.04
CA GLU P 458 -14.10 -36.03 -18.31
C GLU P 458 -15.16 -36.51 -19.27
N PRO P 459 -15.77 -35.65 -20.06
CA PRO P 459 -17.01 -36.00 -20.76
C PRO P 459 -16.82 -36.70 -22.10
N LEU P 460 -15.61 -36.91 -22.56
CA LEU P 460 -15.36 -37.41 -23.91
C LEU P 460 -14.90 -38.86 -23.83
N GLY P 461 -15.73 -39.78 -24.30
CA GLY P 461 -15.40 -41.19 -24.28
C GLY P 461 -15.38 -41.79 -25.67
N VAL P 462 -14.71 -42.93 -25.79
CA VAL P 462 -14.66 -43.70 -27.03
C VAL P 462 -14.98 -45.15 -26.72
N ALA P 463 -15.68 -45.82 -27.63
CA ALA P 463 -16.11 -47.19 -27.36
C ALA P 463 -16.32 -47.92 -28.68
N PRO P 464 -16.22 -49.25 -28.68
CA PRO P 464 -16.57 -50.00 -29.90
C PRO P 464 -18.07 -50.14 -30.07
N THR P 465 -18.54 -49.90 -31.29
CA THR P 465 -19.94 -50.06 -31.64
C THR P 465 -19.97 -50.68 -33.02
N ARG P 466 -21.15 -51.16 -33.44
CA ARG P 466 -21.33 -51.67 -34.80
C ARG P 466 -21.66 -50.58 -35.81
N CYS P 467 -21.58 -49.31 -35.42
CA CYS P 467 -21.71 -48.19 -36.35
C CYS P 467 -20.58 -48.14 -37.35
N LYS P 468 -20.77 -47.30 -38.36
CA LYS P 468 -19.74 -46.92 -39.31
C LYS P 468 -20.20 -45.62 -39.94
N ARG P 469 -19.26 -44.69 -40.09
CA ARG P 469 -19.57 -43.42 -40.73
C ARG P 469 -19.80 -43.63 -42.22
N ARG P 470 -20.95 -43.18 -42.71
CA ARG P 470 -21.29 -43.33 -44.12
C ARG P 470 -20.62 -42.27 -44.98
N PHE Q 8 6.01 -36.61 -40.72
CA PHE Q 8 5.58 -35.57 -39.79
C PHE Q 8 6.65 -34.51 -39.61
N LEU Q 9 6.30 -33.25 -39.88
CA LEU Q 9 7.22 -32.15 -39.76
C LEU Q 9 7.09 -31.39 -38.45
N GLY Q 10 5.89 -31.30 -37.90
CA GLY Q 10 5.63 -30.56 -36.68
C GLY Q 10 4.86 -29.29 -36.96
N PHE Q 11 4.70 -28.49 -35.90
CA PHE Q 11 3.95 -27.24 -36.00
C PHE Q 11 4.68 -26.24 -36.88
N LEU Q 12 3.98 -25.77 -37.92
CA LEU Q 12 4.46 -24.90 -38.99
C LEU Q 12 5.58 -25.52 -39.82
N GLY Q 13 5.70 -26.85 -39.83
CA GLY Q 13 6.77 -27.49 -40.58
C GLY Q 13 6.60 -27.40 -42.08
N ALA Q 14 5.35 -27.32 -42.54
CA ALA Q 14 5.05 -27.18 -43.96
C ALA Q 14 4.94 -25.74 -44.40
N ALA Q 15 5.54 -24.81 -43.67
CA ALA Q 15 5.47 -23.40 -44.03
C ALA Q 15 6.27 -23.10 -45.28
N GLY Q 16 7.33 -23.86 -45.52
CA GLY Q 16 8.07 -23.75 -46.76
C GLY Q 16 7.65 -24.71 -47.84
N SER Q 17 6.72 -25.61 -47.55
CA SER Q 17 6.18 -26.53 -48.53
C SER Q 17 5.22 -25.80 -49.45
N THR Q 18 4.91 -26.44 -50.58
CA THR Q 18 3.92 -25.90 -51.50
C THR Q 18 2.53 -25.97 -50.87
N MET Q 19 1.60 -25.19 -51.44
CA MET Q 19 0.26 -25.06 -50.88
C MET Q 19 -0.48 -26.39 -50.89
N GLY Q 20 -0.28 -27.19 -51.93
CA GLY Q 20 -0.87 -28.52 -51.97
C GLY Q 20 -0.25 -29.47 -50.98
N ALA Q 21 1.05 -29.35 -50.75
CA ALA Q 21 1.72 -30.17 -49.76
C ALA Q 21 1.44 -29.70 -48.34
N ALA Q 22 1.25 -28.40 -48.15
CA ALA Q 22 0.92 -27.87 -46.84
C ALA Q 22 -0.53 -28.11 -46.45
N SER Q 23 -1.41 -28.30 -47.43
CA SER Q 23 -2.82 -28.55 -47.16
C SER Q 23 -3.10 -29.93 -46.57
N MET Q 24 -2.11 -30.81 -46.51
CA MET Q 24 -2.24 -32.08 -45.82
C MET Q 24 -1.71 -32.06 -44.40
N THR Q 25 -1.42 -30.88 -43.84
CA THR Q 25 -0.92 -30.76 -42.49
C THR Q 25 -1.76 -29.81 -41.64
N LEU Q 26 -3.03 -29.60 -42.01
CA LEU Q 26 -3.81 -28.52 -41.43
C LEU Q 26 -4.20 -28.79 -39.98
N THR Q 27 -4.33 -30.08 -39.61
CA THR Q 27 -4.61 -30.43 -38.22
C THR Q 27 -3.47 -30.05 -37.30
N VAL Q 28 -2.23 -30.08 -37.81
CA VAL Q 28 -1.06 -29.82 -36.99
C VAL Q 28 -1.02 -28.36 -36.55
N GLN Q 29 -1.37 -27.44 -37.45
CA GLN Q 29 -1.49 -26.05 -37.07
C GLN Q 29 -2.79 -25.79 -36.32
N ALA Q 30 -3.84 -26.55 -36.62
CA ALA Q 30 -5.14 -26.29 -36.03
C ALA Q 30 -5.18 -26.62 -34.54
N ARG Q 31 -4.57 -27.72 -34.14
CA ARG Q 31 -4.63 -28.14 -32.74
C ARG Q 31 -3.71 -27.34 -31.84
N ASN Q 32 -2.84 -26.49 -32.39
CA ASN Q 32 -1.91 -25.69 -31.62
C ASN Q 32 -2.37 -24.26 -31.43
N LEU Q 33 -3.62 -23.95 -31.78
CA LEU Q 33 -4.12 -22.59 -31.72
C LEU Q 33 -4.82 -22.28 -30.41
N LEU Q 34 -5.02 -23.27 -29.57
CA LEU Q 34 -5.83 -23.11 -28.38
C LEU Q 34 -5.06 -23.27 -27.09
N SER Q 35 -3.99 -24.06 -27.08
CA SER Q 35 -3.19 -24.19 -25.87
C SER Q 35 -1.72 -24.41 -26.19
N THR Q 58 0.92 -10.50 -9.13
CA THR Q 58 2.29 -10.86 -9.52
C THR Q 58 2.51 -10.38 -10.96
N VAL Q 59 3.74 -9.94 -11.27
CA VAL Q 59 4.11 -9.53 -12.62
C VAL Q 59 3.88 -10.67 -13.62
N TRP Q 60 4.25 -11.88 -13.24
CA TRP Q 60 4.06 -13.03 -14.09
C TRP Q 60 2.66 -13.62 -14.03
N GLY Q 61 1.79 -13.09 -13.16
CA GLY Q 61 0.44 -13.60 -13.01
C GLY Q 61 -0.55 -13.15 -14.07
N ILE Q 62 -0.76 -11.84 -14.23
CA ILE Q 62 -1.74 -11.39 -15.21
C ILE Q 62 -1.21 -11.48 -16.63
N LYS Q 63 0.12 -11.57 -16.79
CA LYS Q 63 0.72 -11.91 -18.07
C LYS Q 63 0.32 -13.30 -18.52
N GLN Q 64 0.31 -14.25 -17.59
CA GLN Q 64 -0.22 -15.56 -17.88
C GLN Q 64 -1.75 -15.52 -18.02
N LEU Q 65 -2.42 -14.60 -17.34
CA LEU Q 65 -3.88 -14.63 -17.34
C LEU Q 65 -4.47 -14.14 -18.66
N GLN Q 66 -4.24 -12.88 -19.05
CA GLN Q 66 -5.08 -12.36 -20.13
C GLN Q 66 -4.54 -12.71 -21.52
N ALA Q 67 -3.34 -13.31 -21.59
CA ALA Q 67 -2.95 -14.06 -22.78
C ALA Q 67 -3.94 -15.19 -23.10
N ARG Q 68 -4.49 -15.83 -22.08
CA ARG Q 68 -5.43 -16.92 -22.30
C ARG Q 68 -6.75 -16.42 -22.87
N VAL Q 69 -7.22 -15.27 -22.40
CA VAL Q 69 -8.41 -14.66 -22.96
C VAL Q 69 -8.17 -14.21 -24.39
N LEU Q 70 -6.96 -13.74 -24.69
CA LEU Q 70 -6.57 -13.41 -26.05
C LEU Q 70 -6.66 -14.61 -26.97
N ALA Q 71 -6.11 -15.75 -26.53
CA ALA Q 71 -6.12 -16.96 -27.35
C ALA Q 71 -7.53 -17.47 -27.57
N VAL Q 72 -8.38 -17.38 -26.54
CA VAL Q 72 -9.76 -17.86 -26.66
C VAL Q 72 -10.57 -17.02 -27.63
N GLU Q 73 -10.45 -15.68 -27.55
CA GLU Q 73 -11.29 -14.90 -28.45
C GLU Q 73 -10.74 -14.87 -29.86
N ARG Q 74 -9.42 -15.01 -30.03
CA ARG Q 74 -8.87 -15.18 -31.37
C ARG Q 74 -9.28 -16.51 -32.00
N TYR Q 75 -9.44 -17.56 -31.19
CA TYR Q 75 -9.96 -18.82 -31.71
C TYR Q 75 -11.44 -18.70 -32.08
N LEU Q 76 -12.23 -18.05 -31.23
CA LEU Q 76 -13.68 -18.03 -31.44
C LEU Q 76 -14.08 -17.14 -32.59
N ARG Q 77 -13.30 -16.11 -32.91
CA ARG Q 77 -13.64 -15.30 -34.08
C ARG Q 77 -13.42 -16.07 -35.38
N ASP Q 78 -12.38 -16.88 -35.46
CA ASP Q 78 -12.17 -17.73 -36.63
C ASP Q 78 -13.24 -18.81 -36.74
N GLN Q 79 -13.65 -19.38 -35.61
CA GLN Q 79 -14.72 -20.37 -35.64
C GLN Q 79 -16.06 -19.75 -36.04
N GLN Q 80 -16.31 -18.50 -35.64
CA GLN Q 80 -17.53 -17.81 -36.07
C GLN Q 80 -17.50 -17.50 -37.56
N LEU Q 81 -16.32 -17.16 -38.09
CA LEU Q 81 -16.17 -16.95 -39.52
C LEU Q 81 -16.43 -18.23 -40.30
N LEU Q 82 -15.94 -19.36 -39.80
CA LEU Q 82 -16.23 -20.62 -40.48
C LEU Q 82 -17.69 -20.99 -40.36
N GLY Q 83 -18.33 -20.64 -39.25
CA GLY Q 83 -19.74 -20.96 -39.07
C GLY Q 83 -20.66 -20.20 -39.99
N ILE Q 84 -20.39 -18.90 -40.20
CA ILE Q 84 -21.28 -18.13 -41.08
C ILE Q 84 -20.98 -18.32 -42.56
N TRP Q 85 -19.98 -19.15 -42.91
CA TRP Q 85 -19.77 -19.52 -44.30
C TRP Q 85 -20.23 -20.94 -44.59
N GLY Q 86 -20.80 -21.63 -43.62
CA GLY Q 86 -21.15 -23.02 -43.81
C GLY Q 86 -19.97 -23.95 -43.82
N CYS Q 87 -18.95 -23.67 -43.02
CA CYS Q 87 -17.71 -24.42 -43.01
C CYS Q 87 -17.35 -24.88 -41.61
N SER Q 88 -18.31 -24.93 -40.70
CA SER Q 88 -18.03 -25.28 -39.32
C SER Q 88 -17.76 -26.77 -39.19
N GLY Q 89 -16.73 -27.10 -38.41
CA GLY Q 89 -16.33 -28.49 -38.27
C GLY Q 89 -15.53 -29.02 -39.43
N LYS Q 90 -15.10 -28.16 -40.35
CA LYS Q 90 -14.33 -28.59 -41.50
C LYS Q 90 -12.98 -27.89 -41.50
N LEU Q 91 -12.00 -28.56 -42.09
CA LEU Q 91 -10.69 -27.98 -42.35
C LEU Q 91 -10.54 -27.51 -43.77
N ILE Q 92 -11.08 -28.27 -44.72
CA ILE Q 92 -11.21 -27.85 -46.11
C ILE Q 92 -12.69 -27.74 -46.40
N CYS Q 93 -13.09 -26.63 -47.03
CA CYS Q 93 -14.51 -26.37 -47.24
C CYS Q 93 -14.70 -25.76 -48.62
N CYS Q 94 -15.20 -26.57 -49.55
CA CYS Q 94 -15.54 -26.08 -50.89
C CYS Q 94 -16.84 -25.29 -50.83
N THR Q 95 -16.89 -24.18 -51.53
CA THR Q 95 -18.00 -23.24 -51.43
C THR Q 95 -18.71 -23.13 -52.79
N ASN Q 96 -19.60 -22.16 -52.89
CA ASN Q 96 -20.30 -21.86 -54.13
C ASN Q 96 -19.88 -20.55 -54.75
N VAL Q 97 -19.08 -19.74 -54.07
CA VAL Q 97 -18.60 -18.46 -54.57
C VAL Q 97 -17.59 -18.73 -55.68
N PRO Q 98 -17.74 -18.10 -56.85
CA PRO Q 98 -16.79 -18.36 -57.94
C PRO Q 98 -15.54 -17.51 -57.80
N TRP Q 99 -14.43 -18.03 -58.31
CA TRP Q 99 -13.15 -17.33 -58.19
C TRP Q 99 -13.05 -16.25 -59.26
N ASN Q 100 -13.14 -15.00 -58.82
CA ASN Q 100 -12.92 -13.86 -59.71
C ASN Q 100 -11.46 -13.79 -60.12
N SER Q 101 -11.22 -13.58 -61.42
CA SER Q 101 -9.86 -13.37 -61.91
C SER Q 101 -9.33 -11.98 -61.62
N SER Q 102 -10.17 -11.09 -61.09
CA SER Q 102 -9.74 -9.81 -60.54
C SER Q 102 -8.96 -9.97 -59.23
N TRP Q 103 -8.89 -11.17 -58.68
CA TRP Q 103 -8.14 -11.47 -57.46
C TRP Q 103 -6.77 -12.05 -57.78
N SER Q 104 -6.73 -13.16 -58.52
CA SER Q 104 -5.48 -13.71 -59.02
C SER Q 104 -5.79 -14.54 -60.25
N ASN Q 105 -4.99 -14.37 -61.30
CA ASN Q 105 -5.21 -15.09 -62.55
C ASN Q 105 -4.23 -16.23 -62.76
N ARG Q 106 -3.50 -16.64 -61.72
CA ARG Q 106 -2.61 -17.79 -61.83
C ARG Q 106 -3.43 -19.07 -61.99
N ASN Q 107 -2.90 -19.99 -62.79
CA ASN Q 107 -3.66 -21.21 -62.98
C ASN Q 107 -3.39 -22.19 -61.84
N LEU Q 108 -4.09 -23.31 -61.87
CA LEU Q 108 -4.20 -24.19 -60.71
C LEU Q 108 -2.91 -24.95 -60.45
N SER Q 109 -2.13 -25.22 -61.49
CA SER Q 109 -0.92 -26.01 -61.34
C SER Q 109 0.19 -25.20 -60.70
N GLU Q 110 0.26 -23.90 -60.99
CA GLU Q 110 1.34 -23.08 -60.46
C GLU Q 110 1.02 -22.47 -59.11
N ILE Q 111 -0.22 -22.61 -58.63
CA ILE Q 111 -0.58 -22.20 -57.29
C ILE Q 111 -0.30 -23.31 -56.29
N TRP Q 112 -0.75 -24.52 -56.59
CA TRP Q 112 -0.68 -25.62 -55.65
C TRP Q 112 0.63 -26.39 -55.72
N ASP Q 113 1.50 -26.06 -56.66
CA ASP Q 113 2.77 -26.76 -56.77
C ASP Q 113 3.98 -25.85 -56.83
N ASN Q 114 3.81 -24.54 -56.90
CA ASN Q 114 4.93 -23.62 -56.83
C ASN Q 114 4.87 -22.71 -55.61
N MET Q 115 3.73 -22.09 -55.35
CA MET Q 115 3.62 -21.13 -54.27
C MET Q 115 3.55 -21.82 -52.93
N THR Q 116 3.98 -21.10 -51.90
CA THR Q 116 3.71 -21.45 -50.51
C THR Q 116 2.53 -20.61 -50.05
N TRP Q 117 2.02 -20.92 -48.85
CA TRP Q 117 0.85 -20.21 -48.35
C TRP Q 117 1.18 -18.78 -47.94
N LEU Q 118 2.43 -18.51 -47.55
CA LEU Q 118 2.82 -17.16 -47.18
C LEU Q 118 2.88 -16.24 -48.39
N GLN Q 119 3.42 -16.74 -49.51
CA GLN Q 119 3.43 -15.97 -50.76
C GLN Q 119 2.02 -15.73 -51.27
N TRP Q 120 1.15 -16.74 -51.15
CA TRP Q 120 -0.23 -16.60 -51.59
C TRP Q 120 -0.99 -15.60 -50.75
N ASP Q 121 -0.72 -15.58 -49.44
CA ASP Q 121 -1.34 -14.61 -48.56
C ASP Q 121 -0.90 -13.19 -48.90
N LYS Q 122 0.40 -13.00 -49.15
CA LYS Q 122 0.87 -11.70 -49.58
C LYS Q 122 0.35 -11.30 -50.96
N GLU Q 123 0.00 -12.26 -51.80
CA GLU Q 123 -0.62 -11.93 -53.08
C GLU Q 123 -2.05 -11.43 -52.89
N ILE Q 124 -2.90 -12.20 -52.22
CA ILE Q 124 -4.32 -11.86 -52.21
C ILE Q 124 -4.75 -11.19 -50.90
N SER Q 125 -3.82 -10.58 -50.17
CA SER Q 125 -4.16 -9.88 -48.93
C SER Q 125 -5.15 -8.72 -49.10
N ASN Q 126 -5.23 -8.12 -50.29
CA ASN Q 126 -6.11 -6.97 -50.45
C ASN Q 126 -7.43 -7.30 -51.14
N TYR Q 127 -7.78 -8.58 -51.25
CA TYR Q 127 -9.08 -9.02 -51.74
C TYR Q 127 -9.82 -9.86 -50.70
N THR Q 128 -9.25 -9.98 -49.51
CA THR Q 128 -9.73 -10.93 -48.51
C THR Q 128 -11.09 -10.53 -47.95
N GLN Q 129 -11.30 -9.24 -47.68
CA GLN Q 129 -12.55 -8.80 -47.07
C GLN Q 129 -13.73 -8.92 -48.03
N ILE Q 130 -13.49 -8.73 -49.34
CA ILE Q 130 -14.61 -8.89 -50.26
C ILE Q 130 -14.86 -10.37 -50.56
N ILE Q 131 -13.82 -11.21 -50.51
CA ILE Q 131 -14.06 -12.66 -50.60
C ILE Q 131 -14.86 -13.15 -49.39
N TYR Q 132 -14.56 -12.60 -48.20
CA TYR Q 132 -15.26 -12.97 -46.98
C TYR Q 132 -16.72 -12.54 -47.02
N GLY Q 133 -16.98 -11.33 -47.51
CA GLY Q 133 -18.35 -10.87 -47.67
C GLY Q 133 -19.12 -11.69 -48.69
N LEU Q 134 -18.46 -12.15 -49.75
CA LEU Q 134 -19.13 -13.01 -50.72
C LEU Q 134 -19.49 -14.37 -50.12
N LEU Q 135 -18.61 -14.94 -49.30
CA LEU Q 135 -18.91 -16.20 -48.63
C LEU Q 135 -20.08 -16.04 -47.65
N GLU Q 136 -20.11 -14.91 -46.95
CA GLU Q 136 -21.18 -14.66 -45.99
C GLU Q 136 -22.53 -14.40 -46.68
N GLU Q 137 -22.50 -13.81 -47.88
CA GLU Q 137 -23.73 -13.69 -48.68
C GLU Q 137 -24.22 -15.05 -49.13
N SER Q 138 -23.31 -15.86 -49.69
CA SER Q 138 -23.67 -17.13 -50.31
C SER Q 138 -24.25 -18.11 -49.31
N GLN Q 139 -23.69 -18.15 -48.09
CA GLN Q 139 -24.19 -19.12 -47.12
C GLN Q 139 -25.58 -18.78 -46.61
N ASN Q 140 -25.87 -17.50 -46.40
CA ASN Q 140 -27.20 -17.12 -45.94
C ASN Q 140 -28.24 -17.34 -47.03
N GLN Q 141 -27.85 -17.14 -48.30
CA GLN Q 141 -28.75 -17.45 -49.40
C GLN Q 141 -29.05 -18.94 -49.47
N GLN Q 142 -28.03 -19.79 -49.33
CA GLN Q 142 -28.26 -21.23 -49.33
C GLN Q 142 -29.06 -21.69 -48.11
N GLU Q 143 -28.88 -21.02 -46.96
CA GLU Q 143 -29.67 -21.34 -45.77
C GLU Q 143 -31.15 -21.12 -46.00
N LYS Q 144 -31.52 -19.95 -46.50
CA LYS Q 144 -32.96 -19.75 -46.66
C LYS Q 144 -33.52 -20.46 -47.89
N ASN Q 145 -32.69 -20.77 -48.89
CA ASN Q 145 -33.15 -21.62 -49.98
C ASN Q 145 -33.43 -23.06 -49.52
N GLU Q 146 -32.55 -23.60 -48.68
CA GLU Q 146 -32.77 -24.93 -48.11
C GLU Q 146 -33.96 -24.94 -47.16
N GLN Q 147 -34.17 -23.85 -46.43
CA GLN Q 147 -35.35 -23.68 -45.61
C GLN Q 147 -36.63 -23.62 -46.45
N ASP Q 148 -36.57 -23.00 -47.63
CA ASP Q 148 -37.75 -22.90 -48.47
C ASP Q 148 -38.08 -24.22 -49.15
N LEU Q 149 -37.06 -24.98 -49.57
CA LEU Q 149 -37.37 -26.25 -50.22
C LEU Q 149 -37.61 -27.36 -49.21
N LEU Q 150 -37.30 -27.14 -47.93
CA LEU Q 150 -37.72 -28.09 -46.90
C LEU Q 150 -39.18 -27.93 -46.51
N ALA Q 151 -39.86 -26.89 -46.99
CA ALA Q 151 -41.27 -26.69 -46.71
C ALA Q 151 -42.16 -27.40 -47.72
N LEU Q 152 -41.58 -27.95 -48.78
CA LEU Q 152 -42.31 -28.73 -49.77
C LEU Q 152 -42.70 -30.08 -49.19
N LEU R 2 -13.51 -22.61 -61.47
CA LEU R 2 -12.75 -22.28 -60.27
C LEU R 2 -13.61 -21.62 -59.22
N TRP R 3 -13.74 -22.28 -58.07
CA TRP R 3 -14.51 -21.75 -56.96
C TRP R 3 -13.58 -21.51 -55.78
N VAL R 4 -14.05 -20.66 -54.88
CA VAL R 4 -13.36 -20.37 -53.64
C VAL R 4 -13.50 -21.56 -52.69
N THR R 5 -12.39 -21.99 -52.14
CA THR R 5 -12.37 -23.00 -51.10
C THR R 5 -11.63 -22.46 -49.89
N VAL R 6 -12.17 -22.78 -48.72
CA VAL R 6 -11.70 -22.25 -47.44
C VAL R 6 -10.87 -23.32 -46.76
N TYR R 7 -9.66 -22.95 -46.36
CA TYR R 7 -8.76 -23.81 -45.62
C TYR R 7 -8.58 -23.26 -44.22
N TYR R 8 -8.54 -24.15 -43.24
CA TYR R 8 -8.34 -23.76 -41.86
C TYR R 8 -7.12 -24.50 -41.31
N GLY R 9 -6.11 -23.75 -40.93
CA GLY R 9 -4.90 -24.34 -40.40
C GLY R 9 -3.75 -24.26 -41.37
N VAL R 10 -3.67 -23.18 -42.12
CA VAL R 10 -2.58 -23.01 -43.08
C VAL R 10 -1.37 -22.44 -42.35
N PRO R 11 -0.16 -22.76 -42.75
CA PRO R 11 1.02 -22.15 -42.11
C PRO R 11 1.33 -20.75 -42.64
N VAL R 12 0.61 -19.77 -42.10
CA VAL R 12 0.74 -18.36 -42.44
C VAL R 12 0.89 -17.57 -41.14
N TRP R 13 1.87 -16.68 -41.09
CA TRP R 13 2.03 -15.78 -39.97
C TRP R 13 2.20 -14.35 -40.44
N LYS R 14 2.02 -13.43 -39.51
CA LYS R 14 2.38 -12.04 -39.67
C LYS R 14 3.16 -11.59 -38.44
N ASP R 15 3.85 -10.47 -38.55
CA ASP R 15 4.60 -9.94 -37.42
C ASP R 15 3.64 -9.37 -36.39
N ALA R 16 3.92 -9.60 -35.12
CA ALA R 16 2.98 -9.16 -34.10
C ALA R 16 3.69 -8.86 -32.80
N GLU R 17 3.00 -8.10 -31.96
CA GLU R 17 3.39 -7.82 -30.59
C GLU R 17 2.35 -8.39 -29.66
N THR R 18 2.79 -9.12 -28.65
CA THR R 18 1.90 -9.73 -27.68
C THR R 18 2.66 -9.84 -26.36
N THR R 19 1.94 -10.09 -25.29
CA THR R 19 2.57 -10.34 -24.00
C THR R 19 3.11 -11.76 -23.97
N LEU R 20 4.40 -11.89 -23.72
CA LEU R 20 5.04 -13.17 -23.49
C LEU R 20 5.04 -13.48 -22.01
N PHE R 21 5.00 -14.76 -21.68
CA PHE R 21 5.05 -15.13 -20.27
C PHE R 21 6.35 -15.87 -19.98
N CYS R 22 6.64 -16.00 -18.69
CA CYS R 22 7.90 -16.56 -18.26
C CYS R 22 7.78 -18.04 -17.94
N ALA R 23 8.87 -18.75 -18.20
CA ALA R 23 9.06 -20.12 -17.76
C ALA R 23 10.45 -20.23 -17.17
N SER R 24 10.62 -21.14 -16.24
CA SER R 24 11.93 -21.36 -15.65
C SER R 24 12.06 -22.80 -15.21
N ASP R 25 13.17 -23.43 -15.59
CA ASP R 25 13.41 -24.82 -15.27
C ASP R 25 14.14 -24.98 -13.94
N LYS R 33 14.75 -20.52 -1.57
CA LYS R 33 15.27 -19.16 -1.57
C LYS R 33 14.71 -18.36 -2.73
N HIS R 34 14.15 -17.21 -2.41
CA HIS R 34 13.50 -16.37 -3.40
C HIS R 34 14.51 -15.46 -4.08
N ASN R 35 14.12 -14.97 -5.24
CA ASN R 35 14.96 -14.20 -6.12
C ASN R 35 14.25 -12.89 -6.44
N VAL R 36 15.03 -11.92 -6.94
CA VAL R 36 14.42 -10.66 -7.38
C VAL R 36 13.51 -10.91 -8.58
N TRP R 37 14.01 -11.61 -9.57
CA TRP R 37 13.17 -12.12 -10.63
C TRP R 37 12.42 -13.34 -10.11
N ALA R 38 11.11 -13.18 -9.94
CA ALA R 38 10.29 -14.17 -9.26
C ALA R 38 10.06 -15.40 -10.13
N THR R 39 11.10 -16.19 -10.35
CA THR R 39 11.01 -17.33 -11.26
C THR R 39 10.21 -18.47 -10.65
N HIS R 40 10.00 -18.44 -9.33
CA HIS R 40 9.10 -19.37 -8.67
C HIS R 40 7.64 -19.18 -9.09
N ALA R 41 7.28 -17.99 -9.57
CA ALA R 41 5.94 -17.72 -10.07
C ALA R 41 5.79 -18.03 -11.55
N CYS R 42 6.90 -18.31 -12.24
CA CYS R 42 6.86 -18.67 -13.64
C CYS R 42 6.34 -20.09 -13.79
N VAL R 43 5.99 -20.46 -15.02
CA VAL R 43 5.50 -21.82 -15.26
C VAL R 43 6.71 -22.73 -15.41
N PRO R 44 6.56 -24.05 -15.29
CA PRO R 44 7.69 -24.93 -15.62
C PRO R 44 7.94 -24.97 -17.12
N THR R 45 9.18 -25.25 -17.48
CA THR R 45 9.52 -25.40 -18.90
C THR R 45 9.13 -26.79 -19.39
N ASP R 46 9.21 -26.97 -20.70
CA ASP R 46 9.01 -28.29 -21.28
C ASP R 46 10.34 -29.02 -21.31
N GLN R 50 11.40 -29.82 -29.09
CA GLN R 50 10.36 -28.81 -29.08
C GLN R 50 10.73 -27.68 -30.03
N GLU R 51 11.81 -27.89 -30.77
CA GLU R 51 12.31 -26.93 -31.74
C GLU R 51 12.16 -27.52 -33.13
N ILE R 52 11.40 -26.86 -33.98
CA ILE R 52 11.01 -27.38 -35.29
C ILE R 52 11.71 -26.57 -36.37
N HIS R 53 12.55 -27.22 -37.16
CA HIS R 53 13.22 -26.54 -38.26
C HIS R 53 12.24 -26.29 -39.39
N LEU R 54 12.34 -25.13 -40.02
CA LEU R 54 11.39 -24.70 -41.05
C LEU R 54 12.14 -24.55 -42.36
N GLU R 55 12.11 -25.59 -43.19
CA GLU R 55 12.80 -25.57 -44.47
C GLU R 55 12.17 -24.57 -45.43
N ASN R 56 13.01 -23.99 -46.27
CA ASN R 56 12.66 -23.06 -47.36
C ASN R 56 12.08 -21.75 -46.89
N VAL R 57 12.18 -21.41 -45.60
CA VAL R 57 11.62 -20.18 -45.05
C VAL R 57 12.74 -19.17 -44.90
N THR R 58 12.56 -17.99 -45.48
CA THR R 58 13.43 -16.84 -45.30
C THR R 58 12.62 -15.76 -44.59
N GLU R 59 13.04 -15.37 -43.40
CA GLU R 59 12.28 -14.46 -42.56
C GLU R 59 13.09 -13.22 -42.25
N GLU R 60 12.45 -12.06 -42.25
CA GLU R 60 13.13 -10.79 -41.96
C GLU R 60 13.20 -10.57 -40.47
N PHE R 61 14.40 -10.31 -39.95
CA PHE R 61 14.59 -10.00 -38.54
C PHE R 61 15.13 -8.58 -38.40
N ASN R 62 14.80 -7.96 -37.27
CA ASN R 62 15.40 -6.68 -36.90
C ASN R 62 15.58 -6.73 -35.39
N MET R 63 16.82 -6.90 -34.94
CA MET R 63 17.11 -6.94 -33.52
C MET R 63 17.05 -5.57 -32.86
N TRP R 64 16.96 -4.50 -33.63
CA TRP R 64 16.95 -3.15 -33.10
C TRP R 64 15.54 -2.60 -32.90
N LYS R 65 14.53 -3.21 -33.52
CA LYS R 65 13.13 -2.86 -33.25
C LYS R 65 12.37 -4.07 -32.73
N ASN R 66 12.97 -4.83 -31.81
CA ASN R 66 12.38 -6.06 -31.33
C ASN R 66 11.56 -5.80 -30.07
N ASN R 67 10.26 -6.10 -30.12
CA ASN R 67 9.36 -5.81 -29.01
C ASN R 67 9.60 -6.73 -27.81
N MET R 68 10.23 -7.88 -28.03
CA MET R 68 10.62 -8.75 -26.93
C MET R 68 11.66 -8.08 -26.03
N VAL R 69 12.53 -7.26 -26.60
CA VAL R 69 13.53 -6.52 -25.83
C VAL R 69 12.85 -5.48 -24.94
N GLU R 70 11.84 -4.80 -25.47
CA GLU R 70 11.12 -3.79 -24.69
C GLU R 70 10.28 -4.43 -23.60
N GLN R 71 9.64 -5.57 -23.89
CA GLN R 71 8.90 -6.27 -22.87
C GLN R 71 9.83 -6.81 -21.78
N MET R 72 11.00 -7.33 -22.17
CA MET R 72 11.98 -7.80 -21.19
C MET R 72 12.47 -6.67 -20.29
N HIS R 73 12.69 -5.48 -20.85
CA HIS R 73 13.09 -4.32 -20.05
C HIS R 73 12.03 -3.94 -19.02
N THR R 74 10.79 -3.80 -19.49
CA THR R 74 9.65 -3.49 -18.61
C THR R 74 9.47 -4.56 -17.54
N ASP R 75 9.71 -5.83 -17.88
CA ASP R 75 9.56 -6.92 -16.93
C ASP R 75 10.63 -6.91 -15.86
N ILE R 76 11.89 -6.66 -16.24
CA ILE R 76 12.98 -6.63 -15.27
C ILE R 76 12.79 -5.47 -14.29
N ILE R 77 12.32 -4.32 -14.79
CA ILE R 77 12.10 -3.19 -13.90
C ILE R 77 10.91 -3.45 -12.97
N SER R 78 9.85 -4.09 -13.47
CA SER R 78 8.71 -4.39 -12.62
C SER R 78 9.01 -5.47 -11.59
N LEU R 79 9.83 -6.46 -11.93
CA LEU R 79 10.21 -7.46 -10.94
C LEU R 79 11.10 -6.86 -9.87
N TRP R 80 12.01 -5.97 -10.27
CA TRP R 80 12.89 -5.30 -9.33
C TRP R 80 12.10 -4.45 -8.34
N ASP R 81 11.12 -3.69 -8.82
CA ASP R 81 10.42 -2.90 -7.83
C ASP R 81 9.28 -3.64 -7.15
N GLN R 82 8.92 -4.82 -7.63
CA GLN R 82 8.01 -5.69 -6.88
C GLN R 82 8.72 -6.35 -5.70
N SER R 83 9.99 -6.72 -5.86
CA SER R 83 10.65 -7.37 -4.72
C SER R 83 11.15 -6.38 -3.67
N LEU R 84 10.97 -5.08 -3.87
CA LEU R 84 11.36 -4.05 -2.92
C LEU R 84 10.21 -3.48 -2.12
N LYS R 85 8.96 -3.83 -2.44
CA LYS R 85 7.82 -3.29 -1.70
C LYS R 85 7.72 -3.75 -0.25
N PRO R 86 7.86 -5.04 0.10
CA PRO R 86 7.67 -5.42 1.50
C PRO R 86 8.84 -5.13 2.43
N CYS R 87 9.89 -4.45 2.00
CA CYS R 87 11.11 -4.39 2.78
C CYS R 87 11.24 -3.05 3.48
N VAL R 88 12.28 -2.94 4.30
CA VAL R 88 12.38 -1.88 5.31
C VAL R 88 12.67 -0.54 4.65
N LYS R 89 11.81 0.43 4.91
CA LYS R 89 12.00 1.80 4.46
C LYS R 89 12.95 2.52 5.39
N LEU R 90 14.04 3.05 4.85
CA LEU R 90 15.08 3.63 5.69
C LEU R 90 14.89 5.13 5.86
N THR R 91 13.69 5.54 6.22
CA THR R 91 13.37 6.92 6.54
C THR R 91 14.09 7.42 7.81
N PRO R 92 14.21 6.65 8.91
CA PRO R 92 15.02 7.16 10.03
C PRO R 92 16.52 7.23 9.77
N LEU R 93 17.05 6.54 8.77
CA LEU R 93 18.48 6.65 8.44
C LEU R 93 18.87 8.00 7.86
N CYS R 94 17.91 8.85 7.51
CA CYS R 94 18.21 10.19 7.03
C CYS R 94 18.32 11.12 8.23
N VAL R 95 19.48 11.05 8.86
CA VAL R 95 19.87 11.88 9.98
C VAL R 95 21.28 12.39 9.75
N THR R 96 21.75 13.20 10.68
CA THR R 96 23.12 13.65 10.68
C THR R 96 24.03 12.55 11.18
N LEU R 97 25.12 12.32 10.47
CA LEU R 97 26.15 11.36 10.86
C LEU R 97 27.37 12.14 11.31
N GLN R 98 28.07 11.63 12.32
CA GLN R 98 29.37 12.13 12.72
C GLN R 98 30.39 11.11 12.24
N CYS R 99 31.24 11.47 11.30
CA CYS R 99 32.07 10.47 10.62
C CYS R 99 33.55 10.79 10.74
N THR R 100 34.33 9.74 11.01
CA THR R 100 35.78 9.75 10.95
C THR R 100 36.23 8.84 9.81
N ASN R 101 37.53 8.88 9.52
CA ASN R 101 38.11 7.94 8.60
C ASN R 101 38.40 6.63 9.31
N VAL R 102 38.28 5.52 8.58
CA VAL R 102 38.54 4.21 9.18
C VAL R 102 40.04 4.00 9.37
N THR R 103 40.83 4.41 8.40
CA THR R 103 42.28 4.41 8.53
C THR R 103 42.74 5.46 9.53
N GLY R 112 40.03 7.41 3.85
CA GLY R 112 39.19 8.24 3.02
C GLY R 112 38.03 7.53 2.34
N GLU R 113 38.28 6.30 1.87
CA GLU R 113 37.28 5.57 1.09
C GLU R 113 36.20 4.98 1.99
N LEU R 114 36.54 4.66 3.22
CA LEU R 114 35.58 4.15 4.19
C LEU R 114 35.45 5.15 5.33
N LYS R 115 34.22 5.47 5.69
CA LYS R 115 33.91 6.36 6.79
C LYS R 115 33.28 5.56 7.92
N ASN R 116 33.74 5.81 9.12
CA ASN R 116 33.12 5.29 10.33
C ASN R 116 32.16 6.37 10.80
N CYS R 117 30.86 6.09 10.72
CA CYS R 117 29.85 7.10 10.97
C CYS R 117 28.97 6.69 12.14
N SER R 118 28.83 7.60 13.09
CA SER R 118 28.06 7.40 14.29
C SER R 118 26.81 8.26 14.22
N PHE R 119 25.69 7.75 14.72
CA PHE R 119 24.44 8.47 14.58
C PHE R 119 23.48 8.03 15.67
N ASN R 120 22.41 8.80 15.81
CA ASN R 120 21.31 8.45 16.69
C ASN R 120 20.20 7.83 15.88
N MET R 121 19.58 6.82 16.44
CA MET R 121 18.65 6.00 15.71
C MET R 121 17.44 5.71 16.59
N THR R 122 16.29 5.60 15.97
CA THR R 122 15.07 5.16 16.62
C THR R 122 15.22 3.72 17.08
N THR R 123 14.45 3.37 18.10
CA THR R 123 14.36 1.99 18.58
C THR R 123 12.94 1.51 18.37
N GLU R 124 12.64 0.33 18.89
CA GLU R 124 11.27 -0.14 18.87
C GLU R 124 10.38 0.63 19.83
N LEU R 125 10.95 1.27 20.86
CA LEU R 125 10.20 2.17 21.72
C LEU R 125 10.31 3.58 21.17
N ARG R 126 9.16 4.24 21.02
CA ARG R 126 9.09 5.52 20.33
C ARG R 126 9.73 6.66 21.10
N ASP R 127 9.96 6.50 22.40
CA ASP R 127 10.53 7.55 23.22
C ASP R 127 12.00 7.36 23.52
N LYS R 128 12.63 6.31 22.98
CA LYS R 128 14.02 5.99 23.27
C LYS R 128 14.87 6.11 22.01
N LYS R 129 16.08 6.61 22.17
CA LYS R 129 17.04 6.72 21.08
C LYS R 129 18.20 5.77 21.33
N GLN R 130 19.07 5.68 20.34
CA GLN R 130 20.10 4.65 20.28
C GLN R 130 21.31 5.23 19.57
N LYS R 131 22.46 5.27 20.22
CA LYS R 131 23.67 5.70 19.53
C LYS R 131 24.35 4.49 18.92
N VAL R 132 24.35 4.43 17.60
CA VAL R 132 24.91 3.30 16.87
C VAL R 132 25.94 3.82 15.89
N TYR R 133 26.69 2.91 15.30
CA TYR R 133 27.61 3.29 14.25
C TYR R 133 27.53 2.28 13.11
N SER R 134 28.11 2.67 11.99
CA SER R 134 28.18 1.84 10.81
C SER R 134 29.36 2.34 9.97
N LEU R 135 29.94 1.43 9.21
CA LEU R 135 30.91 1.82 8.19
C LEU R 135 30.15 2.08 6.90
N PHE R 136 30.34 3.27 6.34
CA PHE R 136 29.77 3.61 5.06
C PHE R 136 30.88 3.83 4.05
N TYR R 137 30.58 3.56 2.80
CA TYR R 137 31.49 3.98 1.76
C TYR R 137 31.34 5.48 1.50
N ARG R 138 32.43 6.07 1.02
CA ARG R 138 32.48 7.49 0.75
C ARG R 138 31.51 7.90 -0.34
N LEU R 139 31.28 7.03 -1.31
CA LEU R 139 30.32 7.27 -2.39
C LEU R 139 28.89 7.34 -1.90
N ASP R 140 28.60 6.90 -0.67
CA ASP R 140 27.25 6.90 -0.15
C ASP R 140 26.96 8.05 0.81
N VAL R 141 27.95 8.84 1.18
CA VAL R 141 27.73 9.94 2.11
C VAL R 141 28.17 11.25 1.47
N VAL R 142 27.51 12.32 1.87
CA VAL R 142 27.85 13.68 1.44
C VAL R 142 27.93 14.54 2.70
N GLN R 143 28.95 15.39 2.77
CA GLN R 143 29.11 16.15 3.99
C GLN R 143 28.24 17.39 3.97
N ILE R 144 27.82 17.77 5.17
CA ILE R 144 26.98 18.93 5.40
C ILE R 144 27.87 20.06 5.88
N ASN R 145 27.80 21.20 5.23
CA ASN R 145 28.56 22.37 5.66
C ASN R 145 27.63 23.52 6.03
N ASN R 156 34.97 15.39 14.54
CA ASN R 156 34.66 14.77 13.26
C ASN R 156 33.63 15.57 12.47
N LYS R 157 33.51 15.29 11.18
CA LYS R 157 32.66 16.08 10.32
C LYS R 157 31.26 15.49 10.26
N GLU R 158 30.34 16.31 9.75
CA GLU R 158 28.93 15.97 9.69
C GLU R 158 28.57 15.55 8.27
N TYR R 159 27.87 14.42 8.17
CA TYR R 159 27.55 13.83 6.89
C TYR R 159 26.07 13.46 6.87
N ARG R 160 25.62 13.05 5.70
CA ARG R 160 24.33 12.40 5.55
C ARG R 160 24.43 11.48 4.35
N LEU R 161 23.43 10.63 4.19
CA LEU R 161 23.44 9.73 3.05
C LEU R 161 23.19 10.50 1.76
N ILE R 162 23.60 9.90 0.65
CA ILE R 162 23.76 10.62 -0.62
C ILE R 162 22.42 11.01 -1.24
N ASN R 163 21.37 10.23 -1.01
CA ASN R 163 20.10 10.50 -1.69
C ASN R 163 18.99 10.83 -0.69
N CYS R 164 19.35 11.36 0.47
CA CYS R 164 18.36 11.63 1.49
C CYS R 164 17.48 12.82 1.16
N ASN R 165 17.97 13.80 0.42
CA ASN R 165 17.10 14.93 0.12
C ASN R 165 16.14 14.63 -1.02
N THR R 166 16.53 13.79 -1.98
CA THR R 166 15.70 13.58 -3.15
C THR R 166 14.93 12.28 -3.13
N SER R 167 15.38 11.28 -2.42
CA SER R 167 14.86 9.94 -2.60
C SER R 167 14.39 9.34 -1.29
N ALA R 168 13.32 8.57 -1.38
CA ALA R 168 13.00 7.58 -0.36
C ALA R 168 13.88 6.36 -0.65
N ILE R 169 14.66 5.95 0.34
CA ILE R 169 15.55 4.80 0.20
C ILE R 169 14.90 3.60 0.88
N THR R 170 14.89 2.47 0.18
CA THR R 170 14.39 1.21 0.71
C THR R 170 15.55 0.24 0.79
N GLN R 171 15.68 -0.44 1.92
CA GLN R 171 16.72 -1.45 2.09
C GLN R 171 16.34 -2.73 1.36
N ALA R 172 17.25 -3.22 0.53
CA ALA R 172 17.03 -4.49 -0.15
C ALA R 172 16.99 -5.63 0.86
N CYS R 173 16.15 -6.59 0.59
CA CYS R 173 15.73 -7.52 1.61
C CYS R 173 16.81 -8.61 1.65
N PRO R 174 17.51 -8.82 2.77
CA PRO R 174 18.78 -9.55 2.72
C PRO R 174 18.66 -11.03 2.44
N LYS R 175 17.47 -11.59 2.47
CA LYS R 175 17.23 -12.96 2.05
C LYS R 175 16.91 -13.09 0.57
N VAL R 176 16.77 -11.99 -0.14
CA VAL R 176 16.40 -12.01 -1.54
C VAL R 176 17.65 -11.91 -2.40
N SER R 177 17.81 -12.83 -3.33
CA SER R 177 19.04 -12.96 -4.09
C SER R 177 18.99 -12.15 -5.38
N PHE R 178 20.10 -11.51 -5.69
CA PHE R 178 20.28 -10.78 -6.94
C PHE R 178 20.87 -11.62 -8.06
N GLU R 179 21.11 -12.89 -7.80
CA GLU R 179 21.76 -13.75 -8.79
C GLU R 179 20.85 -14.01 -9.98
N PRO R 180 21.30 -13.77 -11.21
CA PRO R 180 20.45 -13.97 -12.38
C PRO R 180 20.13 -15.44 -12.62
N ILE R 181 18.85 -15.75 -12.62
CA ILE R 181 18.33 -17.08 -12.92
C ILE R 181 17.90 -17.07 -14.39
N PRO R 182 18.22 -18.09 -15.18
CA PRO R 182 17.80 -18.10 -16.59
C PRO R 182 16.28 -18.16 -16.70
N ILE R 183 15.71 -17.21 -17.42
CA ILE R 183 14.29 -17.23 -17.69
C ILE R 183 14.09 -17.50 -19.18
N HIS R 184 12.94 -18.05 -19.50
CA HIS R 184 12.54 -18.38 -20.85
C HIS R 184 11.27 -17.60 -21.15
N TYR R 185 11.16 -17.07 -22.34
CA TYR R 185 10.01 -16.27 -22.74
C TYR R 185 9.17 -17.06 -23.71
N CYS R 186 7.98 -17.48 -23.29
CA CYS R 186 7.08 -18.29 -24.09
C CYS R 186 5.93 -17.47 -24.64
N ALA R 187 5.60 -17.72 -25.90
CA ALA R 187 4.51 -17.07 -26.60
C ALA R 187 3.19 -17.77 -26.31
N PRO R 188 2.09 -17.03 -26.21
CA PRO R 188 0.79 -17.66 -26.01
C PRO R 188 0.26 -18.38 -27.25
N ALA R 189 -0.90 -19.02 -27.13
CA ALA R 189 -1.46 -19.81 -28.22
C ALA R 189 -1.91 -18.91 -29.36
N GLY R 190 -1.66 -19.35 -30.59
CA GLY R 190 -1.87 -18.52 -31.75
C GLY R 190 -0.69 -17.64 -32.09
N PHE R 191 0.35 -17.68 -31.29
CA PHE R 191 1.60 -16.97 -31.53
C PHE R 191 2.72 -17.99 -31.53
N ALA R 192 3.79 -17.67 -32.25
CA ALA R 192 4.94 -18.54 -32.34
C ALA R 192 6.19 -17.70 -32.20
N ILE R 193 7.31 -18.33 -31.83
CA ILE R 193 8.57 -17.63 -31.78
C ILE R 193 9.45 -18.20 -32.87
N LEU R 194 9.77 -17.39 -33.85
CA LEU R 194 10.73 -17.77 -34.88
C LEU R 194 12.12 -17.48 -34.37
N LYS R 195 13.07 -18.32 -34.78
CA LYS R 195 14.43 -18.29 -34.30
C LYS R 195 15.37 -18.37 -35.49
N CYS R 196 16.23 -17.37 -35.64
CA CYS R 196 17.23 -17.39 -36.70
C CYS R 196 18.37 -18.31 -36.29
N LYS R 197 18.73 -19.24 -37.17
CA LYS R 197 19.82 -20.16 -36.90
C LYS R 197 21.04 -19.89 -37.78
N ASP R 198 21.00 -18.83 -38.57
CA ASP R 198 22.15 -18.37 -39.32
C ASP R 198 23.25 -17.93 -38.37
N LYS R 199 24.40 -18.60 -38.43
CA LYS R 199 25.45 -18.36 -37.45
C LYS R 199 26.30 -17.15 -37.77
N LYS R 200 26.10 -16.53 -38.92
CA LYS R 200 26.73 -15.26 -39.27
C LYS R 200 25.67 -14.17 -39.48
N PHE R 201 24.70 -14.12 -38.59
CA PHE R 201 23.60 -13.17 -38.69
C PHE R 201 23.98 -11.85 -38.00
N ASN R 202 23.84 -10.74 -38.71
CA ASN R 202 24.14 -9.44 -38.15
C ASN R 202 22.93 -8.78 -37.50
N GLY R 203 21.82 -9.50 -37.37
CA GLY R 203 20.69 -9.03 -36.63
C GLY R 203 19.70 -8.18 -37.39
N THR R 204 19.94 -7.90 -38.67
CA THR R 204 18.98 -7.16 -39.46
C THR R 204 18.96 -7.74 -40.87
N GLY R 205 17.76 -7.93 -41.41
CA GLY R 205 17.61 -8.39 -42.76
C GLY R 205 17.08 -9.80 -42.82
N PRO R 206 17.16 -10.42 -43.99
CA PRO R 206 16.68 -11.80 -44.13
C PRO R 206 17.60 -12.82 -43.50
N CYS R 207 16.98 -13.76 -42.79
CA CYS R 207 17.65 -14.94 -42.25
C CYS R 207 17.09 -16.14 -43.01
N PRO R 208 17.94 -16.96 -43.62
CA PRO R 208 17.46 -18.11 -44.39
C PRO R 208 17.47 -19.45 -43.66
N SER R 209 17.70 -19.48 -42.34
CA SER R 209 17.71 -20.71 -41.56
C SER R 209 16.83 -20.49 -40.33
N VAL R 210 15.53 -20.73 -40.48
CA VAL R 210 14.55 -20.37 -39.46
C VAL R 210 14.06 -21.63 -38.76
N SER R 211 13.85 -21.53 -37.47
CA SER R 211 13.21 -22.57 -36.70
C SER R 211 12.05 -21.96 -35.93
N THR R 212 11.21 -22.81 -35.38
CA THR R 212 10.05 -22.40 -34.59
C THR R 212 10.20 -23.00 -33.21
N VAL R 213 10.06 -22.18 -32.19
CA VAL R 213 10.06 -22.60 -30.81
C VAL R 213 8.83 -21.99 -30.13
N GLN R 214 8.47 -22.56 -29.00
CA GLN R 214 7.45 -21.92 -28.18
C GLN R 214 8.09 -21.04 -27.12
N CYS R 215 9.28 -21.38 -26.64
CA CYS R 215 10.07 -20.42 -25.89
C CYS R 215 11.56 -20.48 -26.16
N THR R 216 12.20 -19.38 -25.79
CA THR R 216 13.60 -19.07 -25.98
C THR R 216 14.45 -19.95 -25.07
N HIS R 217 15.75 -19.94 -25.32
CA HIS R 217 16.70 -20.51 -24.38
C HIS R 217 16.70 -19.71 -23.07
N GLY R 218 17.35 -20.25 -22.06
CA GLY R 218 17.46 -19.57 -20.79
C GLY R 218 18.29 -18.31 -20.90
N ILE R 219 17.67 -17.18 -20.66
CA ILE R 219 18.32 -15.88 -20.77
C ILE R 219 18.49 -15.35 -19.35
N LYS R 220 19.74 -15.19 -18.94
CA LYS R 220 20.02 -14.67 -17.62
C LYS R 220 19.98 -13.14 -17.65
N PRO R 221 19.13 -12.51 -16.88
CA PRO R 221 19.08 -11.04 -16.85
C PRO R 221 20.26 -10.46 -16.07
N VAL R 222 21.42 -10.41 -16.72
CA VAL R 222 22.65 -9.94 -16.09
C VAL R 222 22.76 -8.44 -16.35
N VAL R 223 22.66 -7.65 -15.28
CA VAL R 223 22.70 -6.20 -15.40
C VAL R 223 24.15 -5.76 -15.31
N SER R 224 24.70 -5.29 -16.41
CA SER R 224 26.05 -4.76 -16.39
C SER R 224 26.20 -3.70 -17.48
N THR R 225 27.22 -2.88 -17.33
CA THR R 225 27.60 -1.92 -18.35
C THR R 225 29.01 -2.21 -18.83
N GLN R 226 29.31 -1.74 -20.03
CA GLN R 226 30.59 -1.68 -20.73
C GLN R 226 31.10 -3.04 -21.19
N LEU R 227 30.55 -4.12 -20.65
CA LEU R 227 31.04 -5.47 -20.82
C LEU R 227 29.85 -6.38 -20.61
N LEU R 228 29.64 -7.30 -21.53
CA LEU R 228 28.56 -8.27 -21.40
C LEU R 228 29.12 -9.48 -20.66
N LEU R 229 28.40 -9.91 -19.64
CA LEU R 229 28.88 -10.96 -18.77
C LEU R 229 27.93 -12.14 -18.81
N ASN R 230 28.52 -13.34 -18.82
CA ASN R 230 27.82 -14.62 -18.62
C ASN R 230 26.78 -14.86 -19.71
N GLY R 231 27.05 -14.39 -20.92
CA GLY R 231 26.13 -14.49 -22.00
C GLY R 231 26.44 -15.65 -22.94
N SER R 232 25.83 -15.57 -24.11
CA SER R 232 26.05 -16.60 -25.12
C SER R 232 27.16 -16.16 -26.07
N LEU R 233 27.97 -17.12 -26.47
CA LEU R 233 29.08 -16.84 -27.36
C LEU R 233 28.65 -16.99 -28.81
N ALA R 234 29.35 -16.27 -29.68
CA ALA R 234 29.14 -16.44 -31.10
C ALA R 234 29.77 -17.74 -31.56
N GLU R 235 29.23 -18.29 -32.64
CA GLU R 235 29.53 -19.68 -32.98
C GLU R 235 30.90 -19.82 -33.62
N GLU R 236 31.20 -18.98 -34.61
CA GLU R 236 32.44 -19.18 -35.36
C GLU R 236 33.42 -18.03 -35.24
N GLU R 237 32.98 -16.79 -35.41
CA GLU R 237 33.88 -15.65 -35.34
C GLU R 237 33.31 -14.61 -34.38
N VAL R 238 34.07 -13.53 -34.18
CA VAL R 238 33.59 -12.40 -33.42
C VAL R 238 32.53 -11.67 -34.23
N MET R 239 31.38 -11.42 -33.62
CA MET R 239 30.28 -10.76 -34.30
C MET R 239 30.25 -9.28 -33.93
N ILE R 240 30.10 -8.43 -34.92
CA ILE R 240 29.98 -6.98 -34.76
C ILE R 240 28.60 -6.59 -35.28
N ARG R 241 27.75 -6.04 -34.42
CA ARG R 241 26.38 -5.72 -34.79
C ARG R 241 26.06 -4.28 -34.41
N SER R 242 25.75 -3.46 -35.40
CA SER R 242 25.23 -2.13 -35.19
C SER R 242 23.91 -2.03 -35.93
N GLU R 243 23.07 -1.09 -35.51
CA GLU R 243 21.89 -0.78 -36.29
C GLU R 243 22.28 -0.13 -37.61
N ASN R 244 23.30 0.70 -37.58
CA ASN R 244 23.91 1.26 -38.77
C ASN R 244 25.35 1.60 -38.37
N ILE R 245 26.31 0.88 -38.94
CA ILE R 245 27.71 1.07 -38.58
C ILE R 245 28.25 2.43 -39.01
N THR R 246 27.59 3.13 -39.94
CA THR R 246 28.00 4.45 -40.35
C THR R 246 27.41 5.56 -39.49
N ASN R 247 26.43 5.25 -38.66
CA ASN R 247 25.90 6.19 -37.68
C ASN R 247 26.65 5.96 -36.39
N ASN R 248 27.41 6.96 -35.96
CA ASN R 248 28.24 6.79 -34.77
C ASN R 248 27.48 7.04 -33.48
N ALA R 249 26.24 7.53 -33.55
CA ALA R 249 25.40 7.60 -32.37
C ALA R 249 24.77 6.25 -32.02
N LYS R 250 24.88 5.25 -32.88
CA LYS R 250 24.37 3.93 -32.60
C LYS R 250 25.44 3.09 -31.92
N ASN R 251 25.03 2.33 -30.92
CA ASN R 251 25.96 1.48 -30.21
C ASN R 251 26.38 0.29 -31.06
N ILE R 252 27.53 -0.27 -30.73
CA ILE R 252 28.07 -1.44 -31.40
C ILE R 252 28.09 -2.57 -30.40
N LEU R 253 27.31 -3.62 -30.64
CA LEU R 253 27.35 -4.80 -29.82
C LEU R 253 28.38 -5.75 -30.40
N VAL R 254 29.28 -6.21 -29.57
CA VAL R 254 30.32 -7.16 -29.95
C VAL R 254 30.05 -8.45 -29.21
N GLN R 255 29.93 -9.54 -29.95
CA GLN R 255 29.77 -10.86 -29.36
C GLN R 255 31.07 -11.62 -29.57
N PHE R 256 31.65 -12.11 -28.49
CA PHE R 256 32.85 -12.90 -28.55
C PHE R 256 32.51 -14.32 -28.97
N ASN R 257 33.49 -15.00 -29.56
CA ASN R 257 33.29 -16.42 -29.84
C ASN R 257 33.90 -17.29 -28.74
N THR R 258 34.97 -16.83 -28.10
CA THR R 258 35.51 -17.46 -26.91
C THR R 258 35.46 -16.47 -25.75
N PRO R 259 35.19 -16.91 -24.53
CA PRO R 259 35.03 -15.97 -23.42
C PRO R 259 36.36 -15.56 -22.84
N VAL R 260 36.37 -14.36 -22.27
CA VAL R 260 37.49 -13.87 -21.48
C VAL R 260 37.05 -13.91 -20.04
N GLN R 261 37.67 -14.72 -19.21
CA GLN R 261 37.18 -14.79 -17.85
C GLN R 261 37.79 -13.67 -17.01
N ILE R 262 36.98 -13.16 -16.08
CA ILE R 262 37.33 -12.01 -15.25
C ILE R 262 37.05 -12.38 -13.80
N ASN R 263 38.04 -12.17 -12.94
CA ASN R 263 37.97 -12.60 -11.54
C ASN R 263 37.91 -11.38 -10.64
N CYS R 264 36.81 -11.17 -9.96
CA CYS R 264 36.65 -9.99 -9.12
C CYS R 264 36.53 -10.38 -7.66
N THR R 265 36.95 -9.47 -6.79
CA THR R 265 36.90 -9.73 -5.36
C THR R 265 36.70 -8.42 -4.62
N ARG R 266 35.98 -8.52 -3.51
CA ARG R 266 36.04 -7.53 -2.43
C ARG R 266 36.78 -8.21 -1.29
N PRO R 267 38.06 -7.92 -1.10
CA PRO R 267 38.88 -8.72 -0.18
C PRO R 267 38.64 -8.43 1.29
N ASN R 268 37.94 -7.36 1.64
CA ASN R 268 37.65 -7.06 3.03
C ASN R 268 36.70 -8.09 3.61
N ASN R 269 37.02 -8.56 4.80
CA ASN R 269 36.16 -9.46 5.56
C ASN R 269 35.14 -8.61 6.31
N ASN R 270 33.97 -8.43 5.71
CA ASN R 270 32.95 -7.56 6.27
C ASN R 270 32.21 -8.25 7.40
N THR R 271 31.77 -7.45 8.36
CA THR R 271 30.93 -7.90 9.46
C THR R 271 29.58 -7.20 9.35
N ARG R 272 28.52 -7.97 9.30
CA ARG R 272 27.18 -7.40 9.28
C ARG R 272 26.66 -7.26 10.71
N LYS R 273 25.93 -6.19 10.96
CA LYS R 273 25.38 -5.90 12.27
C LYS R 273 23.92 -5.53 12.12
N SER R 274 23.05 -6.14 12.91
CA SER R 274 21.63 -5.84 12.83
C SER R 274 21.28 -4.79 13.86
N ILE R 275 20.56 -3.76 13.45
CA ILE R 275 20.07 -2.70 14.32
C ILE R 275 18.55 -2.73 14.30
N ARG R 276 17.94 -2.80 15.47
CA ARG R 276 16.49 -2.72 15.56
C ARG R 276 16.08 -1.25 15.51
N ILE R 277 15.50 -0.82 14.39
CA ILE R 277 15.19 0.59 14.21
C ILE R 277 13.71 0.91 14.39
N GLY R 278 12.88 -0.10 14.55
CA GLY R 278 11.47 0.07 14.75
C GLY R 278 10.88 -1.28 15.09
N PRO R 279 9.58 -1.35 15.36
CA PRO R 279 8.94 -2.65 15.59
C PRO R 279 8.93 -3.56 14.37
N GLY R 280 9.71 -4.63 14.45
CA GLY R 280 9.91 -5.53 13.35
C GLY R 280 10.85 -5.07 12.25
N GLN R 281 11.55 -3.94 12.42
CA GLN R 281 12.36 -3.36 11.37
C GLN R 281 13.84 -3.41 11.74
N ALA R 282 14.65 -3.99 10.87
CA ALA R 282 16.08 -4.16 11.12
C ALA R 282 16.87 -3.50 10.01
N PHE R 283 17.74 -2.58 10.38
CA PHE R 283 18.73 -2.02 9.48
C PHE R 283 19.99 -2.89 9.54
N TYR R 284 20.62 -3.11 8.41
CA TYR R 284 21.82 -3.92 8.35
C TYR R 284 23.01 -3.03 8.09
N ALA R 285 23.89 -2.93 9.09
CA ALA R 285 25.06 -2.08 9.08
C ALA R 285 26.30 -2.91 8.82
N THR R 286 27.36 -2.22 8.42
CA THR R 286 28.67 -2.81 8.40
C THR R 286 29.32 -2.59 9.76
N GLY R 287 29.85 -3.65 10.33
CA GLY R 287 30.41 -3.57 11.67
C GLY R 287 31.89 -3.30 11.61
N ASP R 288 32.71 -4.32 11.76
CA ASP R 288 34.14 -4.18 11.71
C ASP R 288 34.64 -4.70 10.36
N ILE R 289 35.87 -4.35 10.02
CA ILE R 289 36.62 -5.10 9.03
C ILE R 289 37.61 -5.95 9.81
N ILE R 290 37.63 -7.25 9.53
CA ILE R 290 38.52 -8.18 10.21
C ILE R 290 39.71 -8.39 9.30
N GLY R 291 40.89 -7.96 9.74
CA GLY R 291 42.12 -8.08 8.98
C GLY R 291 42.43 -6.79 8.23
N ASP R 292 43.04 -6.94 7.06
CA ASP R 292 43.51 -5.83 6.26
C ASP R 292 42.37 -5.10 5.55
N ILE R 293 42.58 -3.81 5.33
CA ILE R 293 41.75 -3.00 4.44
C ILE R 293 42.39 -3.05 3.07
N ARG R 294 41.66 -3.53 2.07
CA ARG R 294 42.17 -3.67 0.72
C ARG R 294 41.12 -3.17 -0.25
N GLN R 295 41.51 -3.00 -1.50
CA GLN R 295 40.59 -2.52 -2.53
C GLN R 295 39.94 -3.67 -3.25
N ALA R 296 38.66 -3.49 -3.59
CA ALA R 296 37.99 -4.40 -4.50
C ALA R 296 38.58 -4.26 -5.90
N HIS R 297 38.73 -5.37 -6.60
CA HIS R 297 39.33 -5.29 -7.94
C HIS R 297 38.94 -6.49 -8.77
N CYS R 298 39.18 -6.37 -10.06
CA CYS R 298 38.93 -7.41 -11.05
C CYS R 298 40.22 -7.71 -11.80
N ASN R 299 40.40 -8.96 -12.19
CA ASN R 299 41.57 -9.39 -12.94
C ASN R 299 41.15 -10.01 -14.26
N VAL R 300 41.80 -9.55 -15.33
CA VAL R 300 41.66 -10.14 -16.65
C VAL R 300 43.03 -10.64 -17.06
N SER R 301 43.10 -11.78 -17.73
CA SER R 301 44.35 -12.21 -18.32
C SER R 301 44.77 -11.27 -19.45
N LYS R 302 46.02 -10.80 -19.38
CA LYS R 302 46.50 -9.76 -20.28
C LYS R 302 46.63 -10.25 -21.71
N ALA R 303 47.19 -11.45 -21.89
CA ALA R 303 47.37 -12.01 -23.22
C ALA R 303 46.05 -12.42 -23.84
N THR R 304 45.14 -12.96 -23.02
CA THR R 304 43.82 -13.35 -23.51
C THR R 304 43.02 -12.14 -23.94
N TRP R 305 43.11 -11.06 -23.17
CA TRP R 305 42.40 -9.84 -23.53
C TRP R 305 42.98 -9.23 -24.78
N ASN R 306 44.31 -9.29 -24.95
CA ASN R 306 44.94 -8.74 -26.15
C ASN R 306 44.58 -9.54 -27.39
N GLU R 307 44.48 -10.87 -27.25
CA GLU R 307 44.11 -11.71 -28.37
C GLU R 307 42.66 -11.49 -28.77
N THR R 308 41.77 -11.31 -27.79
CA THR R 308 40.38 -10.98 -28.08
C THR R 308 40.24 -9.61 -28.72
N LEU R 309 41.05 -8.63 -28.28
CA LEU R 309 40.99 -7.31 -28.89
C LEU R 309 41.51 -7.33 -30.32
N GLY R 310 42.48 -8.20 -30.61
CA GLY R 310 42.91 -8.35 -31.98
C GLY R 310 41.85 -8.97 -32.88
N LYS R 311 41.10 -9.93 -32.35
CA LYS R 311 39.99 -10.49 -33.13
C LYS R 311 38.88 -9.47 -33.36
N VAL R 312 38.62 -8.63 -32.36
CA VAL R 312 37.65 -7.55 -32.51
C VAL R 312 38.13 -6.53 -33.53
N VAL R 313 39.41 -6.19 -33.52
CA VAL R 313 39.99 -5.25 -34.47
C VAL R 313 39.91 -5.80 -35.89
N LYS R 314 40.15 -7.10 -36.06
CA LYS R 314 40.05 -7.70 -37.38
C LYS R 314 38.61 -7.72 -37.89
N GLN R 315 37.65 -7.99 -37.03
CA GLN R 315 36.26 -7.90 -37.47
C GLN R 315 35.77 -6.47 -37.63
N LEU R 316 36.48 -5.50 -37.06
CA LEU R 316 36.11 -4.11 -37.13
C LEU R 316 36.67 -3.43 -38.37
N ARG R 317 37.72 -3.99 -38.96
CA ARG R 317 38.30 -3.46 -40.18
C ARG R 317 37.47 -3.77 -41.41
N LYS R 318 36.50 -4.70 -41.31
CA LYS R 318 35.63 -5.00 -42.43
C LYS R 318 34.56 -3.94 -42.65
N HIS R 319 34.46 -2.94 -41.78
CA HIS R 319 33.50 -1.87 -41.94
C HIS R 319 34.13 -0.51 -42.08
N PHE R 320 35.42 -0.38 -41.82
CA PHE R 320 36.07 0.92 -41.80
C PHE R 320 37.34 0.98 -42.62
N GLY R 321 37.70 -0.07 -43.33
CA GLY R 321 38.88 -0.03 -44.15
C GLY R 321 40.03 -0.80 -43.52
N ASN R 322 40.86 -1.39 -44.38
CA ASN R 322 42.02 -2.13 -43.91
C ASN R 322 43.11 -1.22 -43.39
N ASN R 323 43.31 -0.06 -44.02
CA ASN R 323 44.36 0.87 -43.62
C ASN R 323 43.93 1.82 -42.51
N THR R 324 42.81 1.55 -41.86
CA THR R 324 42.33 2.38 -40.77
C THR R 324 43.09 2.06 -39.49
N ILE R 325 43.56 3.10 -38.81
CA ILE R 325 44.07 2.94 -37.45
C ILE R 325 42.89 2.77 -36.49
N ILE R 326 42.91 1.71 -35.70
CA ILE R 326 41.83 1.44 -34.76
C ILE R 326 42.32 1.78 -33.37
N ARG R 327 41.66 2.72 -32.71
CA ARG R 327 42.03 3.11 -31.36
C ARG R 327 40.96 2.70 -30.36
N PHE R 328 41.39 2.22 -29.21
CA PHE R 328 40.52 1.97 -28.06
C PHE R 328 40.93 2.93 -26.95
N ALA R 329 40.02 3.80 -26.56
CA ALA R 329 40.20 4.75 -25.47
C ALA R 329 39.15 4.47 -24.40
N ASN R 330 39.19 5.22 -23.32
CA ASN R 330 38.29 4.95 -22.22
C ASN R 330 37.01 5.77 -22.37
N SER R 331 36.13 5.68 -21.37
CA SER R 331 34.77 6.16 -21.50
C SER R 331 34.69 7.69 -21.56
N SER R 332 33.77 8.17 -22.39
CA SER R 332 33.64 9.58 -22.74
C SER R 332 33.03 10.43 -21.61
N GLY R 333 32.32 9.82 -20.70
CA GLY R 333 31.71 10.57 -19.61
C GLY R 333 30.37 9.97 -19.25
N GLY R 334 29.68 10.67 -18.35
CA GLY R 334 28.41 10.19 -17.85
C GLY R 334 28.40 9.91 -16.36
N ASP R 335 27.35 9.24 -15.91
CA ASP R 335 27.29 8.74 -14.54
C ASP R 335 28.32 7.63 -14.34
N LEU R 336 28.60 7.32 -13.07
CA LEU R 336 29.60 6.33 -12.69
C LEU R 336 29.28 4.93 -13.21
N GLU R 337 28.00 4.62 -13.40
CA GLU R 337 27.59 3.33 -13.94
C GLU R 337 28.10 3.11 -15.36
N VAL R 338 28.27 4.18 -16.12
CA VAL R 338 28.64 4.06 -17.52
C VAL R 338 30.08 4.48 -17.79
N THR R 339 30.70 5.24 -16.89
CA THR R 339 32.13 5.50 -16.99
C THR R 339 32.96 4.36 -16.44
N THR R 340 32.35 3.43 -15.74
CA THR R 340 32.99 2.24 -15.22
C THR R 340 32.30 1.00 -15.76
N HIS R 341 32.92 -0.13 -15.57
CA HIS R 341 32.24 -1.41 -15.76
C HIS R 341 31.50 -1.68 -14.47
N SER R 342 30.19 -1.66 -14.53
CA SER R 342 29.35 -1.71 -13.36
C SER R 342 28.65 -3.05 -13.34
N PHE R 343 28.69 -3.74 -12.20
CA PHE R 343 28.05 -5.05 -12.12
C PHE R 343 27.74 -5.38 -10.68
N ASN R 344 27.21 -6.56 -10.48
CA ASN R 344 26.74 -7.03 -9.19
C ASN R 344 27.25 -8.44 -9.02
N CYS R 345 28.06 -8.67 -7.99
CA CYS R 345 28.44 -10.05 -7.71
C CYS R 345 28.46 -10.24 -6.21
N GLY R 346 27.81 -11.31 -5.77
CA GLY R 346 27.70 -11.61 -4.36
C GLY R 346 26.71 -10.75 -3.60
N GLY R 347 26.02 -9.83 -4.26
CA GLY R 347 25.19 -8.87 -3.58
C GLY R 347 25.78 -7.49 -3.45
N GLU R 348 27.07 -7.31 -3.73
CA GLU R 348 27.70 -5.99 -3.73
C GLU R 348 27.73 -5.42 -5.14
N PHE R 349 27.72 -4.10 -5.22
CA PHE R 349 27.67 -3.41 -6.49
C PHE R 349 29.02 -2.75 -6.75
N PHE R 350 29.63 -3.14 -7.87
CA PHE R 350 31.00 -2.88 -8.26
C PHE R 350 31.03 -1.90 -9.42
N TYR R 351 32.01 -1.00 -9.37
CA TYR R 351 32.20 0.07 -10.36
C TYR R 351 33.69 0.07 -10.66
N CYS R 352 34.09 -0.63 -11.70
CA CYS R 352 35.49 -0.92 -11.96
C CYS R 352 36.06 -0.06 -13.07
N ASN R 353 37.22 0.51 -12.82
CA ASN R 353 37.92 1.33 -13.79
C ASN R 353 38.52 0.43 -14.87
N THR R 354 37.97 0.50 -16.08
CA THR R 354 38.43 -0.29 -17.22
C THR R 354 39.36 0.49 -18.13
N SER R 355 40.10 1.47 -17.60
CA SER R 355 41.09 2.18 -18.40
C SER R 355 42.23 1.29 -18.85
N GLY R 356 42.55 0.25 -18.07
CA GLY R 356 43.56 -0.71 -18.47
C GLY R 356 43.09 -1.69 -19.51
N LEU R 357 41.80 -1.74 -19.79
CA LEU R 357 41.27 -2.62 -20.82
C LEU R 357 41.13 -1.94 -22.16
N PHE R 358 40.88 -0.64 -22.20
CA PHE R 358 40.67 0.08 -23.44
C PHE R 358 41.70 1.19 -23.52
N ASN R 359 42.92 0.82 -23.92
CA ASN R 359 44.02 1.78 -24.02
C ASN R 359 45.00 1.21 -25.05
N SER R 360 44.71 1.42 -26.33
CA SER R 360 45.51 0.72 -27.33
C SER R 360 45.27 1.30 -28.70
N THR R 361 46.26 1.14 -29.56
CA THR R 361 46.22 1.63 -30.92
C THR R 361 46.68 0.49 -31.82
N TRP R 362 45.98 0.28 -32.92
CA TRP R 362 46.17 -0.86 -33.78
C TRP R 362 46.35 -0.35 -35.21
N ILE R 363 47.56 -0.49 -35.72
CA ILE R 363 47.89 -0.17 -37.11
C ILE R 363 47.82 -1.46 -37.89
N SER R 364 47.44 -1.37 -39.16
CA SER R 364 47.45 -2.55 -40.02
C SER R 364 48.88 -2.97 -40.39
N ASN R 377 50.42 -15.32 -18.29
CA ASN R 377 50.65 -15.31 -16.85
C ASN R 377 50.21 -13.98 -16.21
N ASP R 378 50.54 -12.87 -16.87
CA ASP R 378 50.31 -11.56 -16.31
C ASP R 378 48.84 -11.16 -16.45
N SER R 379 48.38 -10.35 -15.51
CA SER R 379 47.00 -9.91 -15.49
C SER R 379 46.93 -8.40 -15.59
N ILE R 380 45.83 -7.93 -16.14
CA ILE R 380 45.39 -6.55 -16.02
C ILE R 380 44.51 -6.48 -14.78
N THR R 381 44.85 -5.58 -13.87
CA THR R 381 44.17 -5.44 -12.60
C THR R 381 43.39 -4.13 -12.59
N LEU R 382 42.08 -4.23 -12.47
CA LEU R 382 41.18 -3.09 -12.56
C LEU R 382 40.62 -2.77 -11.19
N PRO R 383 40.88 -1.60 -10.63
CA PRO R 383 40.34 -1.27 -9.31
C PRO R 383 38.85 -0.98 -9.38
N CYS R 384 38.14 -1.41 -8.36
CA CYS R 384 36.70 -1.25 -8.27
C CYS R 384 36.33 -0.47 -7.02
N ARG R 385 35.30 0.35 -7.15
CA ARG R 385 34.66 0.98 -6.01
C ARG R 385 33.33 0.30 -5.77
N ILE R 386 32.89 0.31 -4.52
CA ILE R 386 31.64 -0.33 -4.13
C ILE R 386 30.66 0.77 -3.76
N LYS R 387 29.43 0.63 -4.22
CA LYS R 387 28.35 1.49 -3.73
C LYS R 387 27.33 0.63 -3.01
N GLN R 388 26.63 1.23 -2.05
CA GLN R 388 25.53 0.57 -1.37
C GLN R 388 24.19 1.23 -1.60
N ILE R 389 24.17 2.51 -1.96
CA ILE R 389 22.94 3.21 -2.29
C ILE R 389 22.87 3.26 -3.81
N ILE R 390 21.94 2.51 -4.38
CA ILE R 390 21.85 2.23 -5.80
C ILE R 390 20.57 2.85 -6.31
N ASN R 391 20.64 3.55 -7.43
CA ASN R 391 19.42 3.89 -8.15
C ASN R 391 19.60 3.29 -9.53
N MET R 392 19.35 2.01 -9.68
CA MET R 392 19.56 1.23 -10.93
C MET R 392 18.68 1.63 -12.13
N TRP R 393 17.41 1.91 -11.97
CA TRP R 393 16.54 2.17 -13.13
C TRP R 393 16.27 3.65 -13.32
N GLN R 394 16.96 4.48 -12.58
CA GLN R 394 16.95 5.95 -12.59
C GLN R 394 15.59 6.54 -12.25
N ARG R 395 14.92 5.95 -11.29
CA ARG R 395 13.64 6.46 -10.84
C ARG R 395 13.85 7.71 -10.00
N ILE R 396 13.10 8.76 -10.31
CA ILE R 396 13.20 9.99 -9.53
C ILE R 396 12.57 9.74 -8.16
N GLY R 397 13.33 9.99 -7.11
CA GLY R 397 12.80 9.85 -5.77
C GLY R 397 12.79 8.47 -5.19
N GLN R 398 13.45 7.50 -5.81
CA GLN R 398 13.56 6.17 -5.24
C GLN R 398 15.02 5.75 -5.26
N ALA R 399 15.47 5.15 -4.16
CA ALA R 399 16.79 4.53 -4.16
C ALA R 399 16.73 3.28 -3.32
N MET R 400 17.70 2.40 -3.55
CA MET R 400 17.81 1.13 -2.86
C MET R 400 19.10 1.11 -2.05
N TYR R 401 19.02 0.63 -0.82
CA TYR R 401 20.18 0.35 0.00
C TYR R 401 20.46 -1.14 -0.10
N ALA R 402 21.60 -1.49 -0.66
CA ALA R 402 22.06 -2.85 -0.64
C ALA R 402 22.67 -3.16 0.71
N PRO R 403 22.18 -4.18 1.43
CA PRO R 403 22.76 -4.49 2.73
C PRO R 403 24.12 -5.13 2.57
N PRO R 404 24.99 -5.02 3.59
CA PRO R 404 26.35 -5.56 3.44
C PRO R 404 26.39 -7.07 3.47
N ILE R 405 27.29 -7.63 2.67
CA ILE R 405 27.47 -9.06 2.57
C ILE R 405 28.59 -9.47 3.52
N GLN R 406 28.30 -10.40 4.41
CA GLN R 406 29.27 -10.81 5.40
C GLN R 406 30.34 -11.71 4.79
N GLY R 407 31.59 -11.41 5.09
CA GLY R 407 32.70 -12.22 4.61
C GLY R 407 33.44 -11.58 3.47
N VAL R 408 34.02 -12.44 2.64
CA VAL R 408 34.82 -12.05 1.50
C VAL R 408 34.10 -12.49 0.24
N ILE R 409 34.09 -11.64 -0.78
CA ILE R 409 33.40 -11.91 -2.03
C ILE R 409 34.41 -12.16 -3.13
N ARG R 410 34.24 -13.28 -3.83
CA ARG R 410 34.92 -13.57 -5.08
C ARG R 410 33.89 -13.99 -6.11
N CYS R 411 34.08 -13.57 -7.34
CA CYS R 411 33.20 -13.99 -8.43
C CYS R 411 34.05 -14.19 -9.67
N VAL R 412 33.83 -15.28 -10.38
CA VAL R 412 34.51 -15.57 -11.63
C VAL R 412 33.45 -15.53 -12.72
N SER R 413 33.65 -14.66 -13.70
CA SER R 413 32.63 -14.41 -14.69
C SER R 413 33.26 -14.54 -16.07
N ASN R 414 32.43 -14.67 -17.09
CA ASN R 414 32.87 -14.64 -18.47
C ASN R 414 32.48 -13.32 -19.11
N ILE R 415 33.46 -12.54 -19.54
CA ILE R 415 33.22 -11.50 -20.53
C ILE R 415 32.92 -12.20 -21.85
N THR R 416 31.68 -12.04 -22.32
CA THR R 416 31.22 -12.62 -23.56
C THR R 416 30.91 -11.56 -24.61
N GLY R 417 31.20 -10.29 -24.37
CA GLY R 417 30.95 -9.28 -25.36
C GLY R 417 31.20 -7.89 -24.84
N LEU R 418 31.01 -6.93 -25.75
CA LEU R 418 31.24 -5.52 -25.46
C LEU R 418 30.09 -4.67 -26.00
N ILE R 419 29.97 -3.47 -25.43
CA ILE R 419 29.18 -2.39 -26.01
C ILE R 419 30.14 -1.24 -26.26
N LEU R 420 30.37 -0.93 -27.52
CA LEU R 420 31.26 0.13 -27.93
C LEU R 420 30.47 1.31 -28.51
N THR R 421 31.12 2.46 -28.51
CA THR R 421 30.65 3.66 -29.18
C THR R 421 31.80 4.19 -30.00
N ARG R 422 31.54 4.56 -31.24
CA ARG R 422 32.57 5.19 -32.05
C ARG R 422 32.50 6.70 -31.91
N ASP R 423 33.66 7.34 -31.82
CA ASP R 423 33.75 8.79 -31.86
C ASP R 423 33.44 9.31 -33.26
N GLY R 424 32.81 10.48 -33.31
CA GLY R 424 32.65 11.16 -34.57
C GLY R 424 33.97 11.74 -35.04
N GLY R 425 34.33 11.48 -36.28
CA GLY R 425 35.58 11.97 -36.81
C GLY R 425 35.41 13.16 -37.73
N SER R 426 36.54 13.69 -38.17
CA SER R 426 36.59 14.88 -38.99
C SER R 426 36.36 14.61 -40.47
N THR R 427 36.04 13.36 -40.85
CA THR R 427 35.75 12.76 -42.15
C THR R 427 36.93 12.73 -43.10
N ASN R 428 38.03 13.38 -42.73
CA ASN R 428 39.30 13.26 -43.44
C ASN R 428 40.30 12.50 -42.59
N SER R 429 39.82 11.66 -41.68
CA SER R 429 40.66 10.99 -40.70
C SER R 429 40.79 9.51 -41.02
N THR R 430 41.95 8.96 -40.72
CA THR R 430 42.20 7.53 -40.89
C THR R 430 42.19 6.78 -39.58
N THR R 431 41.71 7.40 -38.50
CA THR R 431 41.65 6.79 -37.18
C THR R 431 40.21 6.72 -36.72
N GLU R 432 39.78 5.56 -36.25
CA GLU R 432 38.49 5.38 -35.59
C GLU R 432 38.74 5.03 -34.14
N THR R 433 38.25 5.86 -33.23
CA THR R 433 38.35 5.61 -31.81
C THR R 433 37.05 4.98 -31.30
N PHE R 434 37.19 3.89 -30.56
CA PHE R 434 36.06 3.19 -29.97
C PHE R 434 36.19 3.25 -28.46
N ARG R 435 35.10 3.60 -27.79
CA ARG R 435 35.05 3.75 -26.35
C ARG R 435 34.00 2.81 -25.77
N PRO R 436 34.19 2.34 -24.55
CA PRO R 436 33.18 1.45 -23.95
C PRO R 436 31.90 2.20 -23.63
N GLY R 437 30.79 1.65 -24.07
CA GLY R 437 29.51 2.32 -23.92
C GLY R 437 28.56 1.57 -23.02
N GLY R 438 27.27 1.75 -23.25
CA GLY R 438 26.28 1.05 -22.47
C GLY R 438 25.40 1.99 -21.67
N GLY R 439 24.75 1.46 -20.65
CA GLY R 439 23.87 2.27 -19.85
C GLY R 439 22.42 2.04 -20.17
N ASP R 440 22.14 1.72 -21.43
CA ASP R 440 20.83 1.23 -21.83
C ASP R 440 20.85 -0.28 -21.71
N MET R 441 20.09 -0.82 -20.76
CA MET R 441 20.02 -2.25 -20.51
C MET R 441 19.32 -3.03 -21.62
N ARG R 442 18.63 -2.33 -22.52
CA ARG R 442 18.07 -2.97 -23.69
C ARG R 442 19.15 -3.49 -24.63
N ASP R 443 20.36 -2.94 -24.57
CA ASP R 443 21.47 -3.51 -25.32
C ASP R 443 22.01 -4.77 -24.67
N ASN R 444 21.88 -4.89 -23.35
CA ASN R 444 22.23 -6.14 -22.67
C ASN R 444 21.28 -7.25 -23.06
N TRP R 445 19.99 -6.93 -23.15
CA TRP R 445 19.03 -8.01 -23.39
C TRP R 445 18.79 -8.20 -24.86
N ARG R 446 19.17 -7.23 -25.67
CA ARG R 446 19.21 -7.36 -27.11
C ARG R 446 20.31 -8.31 -27.57
N SER R 447 21.36 -8.49 -26.78
CA SER R 447 22.45 -9.37 -27.17
C SER R 447 22.14 -10.84 -26.91
N GLU R 448 20.97 -11.15 -26.37
CA GLU R 448 20.49 -12.51 -26.23
C GLU R 448 19.21 -12.77 -27.00
N LEU R 449 18.47 -11.73 -27.38
CA LEU R 449 17.17 -11.86 -28.01
C LEU R 449 17.22 -11.45 -29.48
N TYR R 450 18.42 -11.29 -30.03
CA TYR R 450 18.58 -10.82 -31.40
C TYR R 450 18.10 -11.85 -32.41
N LYS R 451 18.19 -13.13 -32.08
CA LYS R 451 17.84 -14.20 -32.99
C LYS R 451 16.36 -14.56 -32.93
N TYR R 452 15.59 -13.95 -32.07
CA TYR R 452 14.22 -14.36 -31.82
C TYR R 452 13.24 -13.36 -32.41
N LYS R 453 12.01 -13.82 -32.58
CA LYS R 453 10.97 -13.02 -33.20
C LYS R 453 9.63 -13.59 -32.80
N VAL R 454 8.65 -12.73 -32.61
CA VAL R 454 7.29 -13.17 -32.30
C VAL R 454 6.42 -12.96 -33.53
N VAL R 455 5.69 -14.00 -33.93
CA VAL R 455 4.76 -13.90 -35.04
C VAL R 455 3.39 -14.40 -34.59
N LYS R 456 2.37 -13.91 -35.29
CA LYS R 456 0.98 -14.28 -35.07
C LYS R 456 0.54 -15.23 -36.17
N ILE R 457 0.00 -16.37 -35.78
CA ILE R 457 -0.43 -17.38 -36.72
C ILE R 457 -1.76 -16.98 -37.34
N GLU R 458 -1.83 -16.96 -38.66
CA GLU R 458 -3.00 -16.61 -39.44
C GLU R 458 -3.56 -17.86 -40.10
N PRO R 459 -4.40 -18.64 -39.43
CA PRO R 459 -4.67 -20.00 -39.89
C PRO R 459 -5.73 -20.10 -40.98
N LEU R 460 -6.42 -19.05 -41.34
CA LEU R 460 -7.59 -19.13 -42.20
C LEU R 460 -7.24 -18.60 -43.59
N GLY R 461 -7.25 -19.48 -44.58
CA GLY R 461 -6.87 -19.11 -45.93
C GLY R 461 -7.96 -19.41 -46.93
N VAL R 462 -7.93 -18.69 -48.05
CA VAL R 462 -8.87 -18.89 -49.14
C VAL R 462 -8.10 -19.08 -50.43
N ALA R 463 -8.57 -19.99 -51.28
CA ALA R 463 -7.83 -20.32 -52.49
C ALA R 463 -8.83 -20.74 -53.55
N PRO R 464 -8.42 -20.78 -54.83
CA PRO R 464 -9.28 -21.40 -55.84
C PRO R 464 -8.97 -22.87 -56.08
N THR R 465 -10.03 -23.67 -56.18
CA THR R 465 -9.91 -25.04 -56.68
C THR R 465 -11.04 -25.31 -57.65
N ARG R 466 -11.18 -26.59 -58.00
CA ARG R 466 -12.26 -27.07 -58.85
C ARG R 466 -13.42 -27.65 -58.07
N CYS R 467 -13.39 -27.54 -56.73
CA CYS R 467 -14.51 -27.91 -55.89
C CYS R 467 -15.73 -27.04 -56.15
N LYS R 468 -16.86 -27.53 -55.67
CA LYS R 468 -18.09 -26.75 -55.61
C LYS R 468 -18.94 -27.39 -54.53
N ARG R 469 -19.55 -26.56 -53.70
CA ARG R 469 -20.47 -27.08 -52.70
C ARG R 469 -21.74 -27.55 -53.38
N ARG R 470 -22.19 -28.76 -53.04
CA ARG R 470 -23.39 -29.31 -53.63
C ARG R 470 -24.65 -28.65 -53.08
#